data_6OVG
#
_entry.id   6OVG
#
_cell.length_a   113.558
_cell.length_b   164.330
_cell.length_c   181.696
_cell.angle_alpha   90.00
_cell.angle_beta   90.00
_cell.angle_gamma   90.00
#
_symmetry.space_group_name_H-M   'P 2 21 21'
#
loop_
_entity.id
_entity.type
_entity.pdbx_description
1 polymer 'Cystathionine gamma-lyase'
2 non-polymer 'SULFATE ION'
3 water water
#
_entity_poly.entity_id   1
_entity_poly.type   'polypeptide(L)'
_entity_poly.pdbx_seq_one_letter_code
;MGGHHHHHHGGQEKDASSQGFLPHFQHFATQAIHVGQDPEQWTSRAVVPPISLSTTFKQGAPGQHSGFIYSRLGNPTRNC
LEKAVAALDGAKYCLAFASGMAATVTITHLLKAGDQIICMDDVYGGTNAYFRQVASEFGLKISFVDCSKIKLLEAAITPE
TKLVWIETPTNPTQKVIDIEGCAHIVHKHGDIILVVDNTFMSPYFQRPLALGADISMYSAT(LLP)YMNGHSDVVMGLVS
VNCESLHNRLRFLQNSLGAVPSPIDCYLCNRGLKTLHVRMERHFKNGMAVAQFLESNPWVEKVIYPGLPSHPQHELVKRQ
CTGCGGMVTFYIKGTLQHAEIFLKNLKLFTLAVSLGGFESLAELPASMTHASVLKNDRDVLGISDTLIRLSVGLEDEEDL
LEDLDQALKAAHPPSGSHS
;
_entity_poly.pdbx_strand_id   A,B,C,D,E,F,G,H
#
loop_
_chem_comp.id
_chem_comp.type
_chem_comp.name
_chem_comp.formula
SO4 non-polymer 'SULFATE ION' 'O4 S -2'
#
# COMPACT_ATOMS: atom_id res chain seq x y z
N GLY A 20 71.09 -50.11 22.14
CA GLY A 20 70.01 -50.81 21.49
C GLY A 20 68.65 -50.15 21.65
N PHE A 21 68.51 -48.95 21.08
CA PHE A 21 67.21 -48.30 21.05
C PHE A 21 66.33 -48.91 19.96
N LEU A 22 65.07 -48.51 19.97
CA LEU A 22 64.17 -48.84 18.87
C LEU A 22 64.77 -48.37 17.56
N PRO A 23 64.64 -49.14 16.48
CA PRO A 23 65.15 -48.68 15.17
C PRO A 23 64.42 -47.42 14.76
N HIS A 24 65.13 -46.58 14.01
CA HIS A 24 64.57 -45.29 13.62
C HIS A 24 63.37 -45.48 12.69
N PHE A 25 62.41 -44.58 12.83
CA PHE A 25 61.21 -44.66 12.01
C PHE A 25 61.55 -44.48 10.55
N GLN A 26 61.03 -45.38 9.72
CA GLN A 26 61.34 -45.39 8.30
C GLN A 26 60.71 -44.18 7.61
N HIS A 27 61.46 -43.61 6.66
CA HIS A 27 61.01 -42.55 5.76
C HIS A 27 60.77 -41.22 6.46
N PHE A 28 61.25 -41.05 7.70
CA PHE A 28 60.96 -39.82 8.44
C PHE A 28 61.48 -38.60 7.71
N ALA A 29 62.76 -38.59 7.33
CA ALA A 29 63.33 -37.44 6.66
C ALA A 29 62.60 -37.12 5.36
N THR A 30 62.29 -38.17 4.58
CA THR A 30 61.62 -37.96 3.29
C THR A 30 60.22 -37.40 3.49
N GLN A 31 59.49 -37.89 4.51
CA GLN A 31 58.15 -37.39 4.75
C GLN A 31 58.18 -35.96 5.29
N ALA A 32 59.10 -35.67 6.21
CA ALA A 32 59.21 -34.33 6.78
C ALA A 32 59.41 -33.29 5.68
N ILE A 33 60.12 -33.66 4.62
CA ILE A 33 60.44 -32.71 3.57
C ILE A 33 59.38 -32.64 2.48
N HIS A 34 58.65 -33.73 2.22
CA HIS A 34 57.78 -33.79 1.06
C HIS A 34 56.29 -33.88 1.35
N VAL A 35 55.88 -34.48 2.48
CA VAL A 35 54.46 -34.63 2.76
C VAL A 35 53.82 -33.25 2.92
N GLY A 36 52.69 -33.04 2.23
CA GLY A 36 52.02 -31.77 2.22
C GLY A 36 52.66 -30.71 1.34
N GLN A 37 53.84 -30.99 0.78
CA GLN A 37 54.62 -30.01 0.05
C GLN A 37 54.54 -30.20 -1.47
N ASP A 38 53.52 -30.90 -1.95
CA ASP A 38 53.43 -31.24 -3.37
C ASP A 38 53.32 -29.98 -4.22
N PRO A 39 54.23 -29.77 -5.17
CA PRO A 39 54.17 -28.56 -6.01
C PRO A 39 52.91 -28.47 -6.87
N GLU A 40 52.21 -29.58 -7.10
CA GLU A 40 51.05 -29.58 -7.97
C GLU A 40 49.82 -28.96 -7.31
N GLN A 41 49.88 -28.65 -6.02
CA GLN A 41 48.77 -27.98 -5.36
C GLN A 41 48.57 -26.55 -5.83
N TRP A 42 49.60 -25.96 -6.45
CA TRP A 42 49.59 -24.54 -6.78
C TRP A 42 49.81 -24.36 -8.28
N THR A 43 49.11 -23.38 -8.84
CA THR A 43 49.21 -23.07 -10.27
C THR A 43 50.65 -22.82 -10.67
N SER A 44 51.42 -22.15 -9.81
CA SER A 44 52.82 -21.85 -10.12
C SER A 44 53.72 -23.08 -10.03
N ARG A 45 53.24 -24.17 -9.43
CA ARG A 45 54.04 -25.37 -9.21
C ARG A 45 55.27 -25.08 -8.36
N ALA A 46 55.12 -24.17 -7.39
CA ALA A 46 56.22 -23.83 -6.50
C ALA A 46 56.62 -25.02 -5.65
N VAL A 47 57.94 -25.17 -5.43
CA VAL A 47 58.43 -26.30 -4.64
C VAL A 47 58.18 -26.11 -3.15
N VAL A 48 58.00 -24.88 -2.70
CA VAL A 48 57.66 -24.57 -1.31
C VAL A 48 56.24 -23.99 -1.28
N PRO A 49 55.36 -24.50 -0.44
CA PRO A 49 53.98 -24.00 -0.42
C PRO A 49 53.91 -22.53 -0.09
N PRO A 50 53.06 -21.77 -0.77
CA PRO A 50 52.90 -20.35 -0.45
C PRO A 50 52.22 -20.15 0.90
N ILE A 51 52.41 -18.94 1.44
CA ILE A 51 51.77 -18.53 2.68
C ILE A 51 50.47 -17.81 2.33
N SER A 52 49.34 -18.47 2.59
CA SER A 52 48.03 -17.91 2.25
C SER A 52 47.47 -17.21 3.49
N LEU A 53 47.59 -15.88 3.52
CA LEU A 53 47.04 -15.11 4.62
C LEU A 53 45.56 -14.84 4.49
N SER A 54 45.02 -14.96 3.29
CA SER A 54 43.63 -14.59 3.01
C SER A 54 42.67 -15.22 4.01
N THR A 55 41.81 -14.39 4.59
CA THR A 55 40.83 -14.89 5.54
C THR A 55 39.64 -15.54 4.83
N THR A 56 39.40 -15.22 3.56
CA THR A 56 38.21 -15.67 2.88
C THR A 56 38.54 -16.05 1.44
N PHE A 57 37.59 -16.78 0.82
CA PHE A 57 37.82 -17.40 -0.47
C PHE A 57 36.58 -17.26 -1.34
N LYS A 58 36.81 -17.04 -2.64
CA LYS A 58 35.72 -16.83 -3.58
C LYS A 58 34.96 -18.14 -3.80
N GLN A 59 33.63 -18.07 -3.70
CA GLN A 59 32.74 -19.20 -3.90
C GLN A 59 31.96 -19.02 -5.19
N GLY A 60 31.44 -20.12 -5.72
CA GLY A 60 30.72 -20.09 -6.98
C GLY A 60 29.27 -20.54 -6.90
N GLY A 67 37.90 -25.83 -2.32
CA GLY A 67 37.08 -26.15 -1.17
C GLY A 67 37.52 -25.47 0.11
N PHE A 68 37.72 -24.16 0.04
CA PHE A 68 38.06 -23.35 1.21
C PHE A 68 36.99 -22.29 1.42
N ILE A 69 36.59 -22.11 2.67
CA ILE A 69 35.57 -21.13 3.04
C ILE A 69 36.16 -19.99 3.85
N TYR A 70 36.80 -20.30 4.97
CA TYR A 70 37.23 -19.31 5.95
C TYR A 70 38.52 -19.79 6.59
N SER A 71 39.47 -18.87 6.76
CA SER A 71 40.82 -19.24 7.19
C SER A 71 40.82 -20.02 8.50
N ARG A 72 40.03 -19.57 9.47
CA ARG A 72 39.86 -20.33 10.70
C ARG A 72 39.37 -21.74 10.41
N LEU A 73 38.53 -21.91 9.38
CA LEU A 73 38.01 -23.24 9.11
C LEU A 73 39.04 -24.16 8.48
N GLY A 74 39.98 -23.60 7.75
CA GLY A 74 40.93 -24.37 7.04
C GLY A 74 41.54 -23.46 6.01
N ASN A 75 42.84 -23.60 5.79
CA ASN A 75 43.53 -22.79 4.81
C ASN A 75 44.72 -23.57 4.33
N PRO A 76 45.17 -23.34 3.11
CA PRO A 76 46.24 -24.18 2.54
C PRO A 76 47.46 -24.37 3.43
N THR A 77 48.07 -23.28 3.86
CA THR A 77 49.34 -23.38 4.58
C THR A 77 49.18 -24.18 5.87
N ARG A 78 48.07 -24.00 6.57
CA ARG A 78 47.86 -24.79 7.78
C ARG A 78 47.59 -26.26 7.45
N ASN A 79 46.89 -26.51 6.35
CA ASN A 79 46.59 -27.89 5.99
C ASN A 79 47.84 -28.66 5.59
N CYS A 80 48.75 -28.00 4.86
CA CYS A 80 50.01 -28.65 4.49
C CYS A 80 50.81 -29.03 5.74
N LEU A 81 50.86 -28.12 6.72
CA LEU A 81 51.59 -28.42 7.95
C LEU A 81 50.93 -29.56 8.71
N GLU A 82 49.60 -29.56 8.79
CA GLU A 82 48.89 -30.63 9.50
C GLU A 82 49.12 -31.97 8.82
N LYS A 83 49.04 -32.01 7.49
CA LYS A 83 49.30 -33.24 6.76
C LYS A 83 50.71 -33.75 7.05
N ALA A 84 51.70 -32.84 7.06
CA ALA A 84 53.08 -33.25 7.26
C ALA A 84 53.31 -33.77 8.68
N VAL A 85 52.76 -33.08 9.68
CA VAL A 85 52.95 -33.52 11.07
C VAL A 85 52.32 -34.90 11.27
N ALA A 86 51.12 -35.10 10.73
CA ALA A 86 50.45 -36.39 10.84
C ALA A 86 51.33 -37.52 10.30
N ALA A 87 51.96 -37.28 9.15
CA ALA A 87 52.87 -38.28 8.60
C ALA A 87 54.01 -38.58 9.57
N LEU A 88 54.58 -37.54 10.19
CA LEU A 88 55.68 -37.73 11.11
C LEU A 88 55.25 -38.50 12.36
N ASP A 89 53.98 -38.39 12.74
CA ASP A 89 53.45 -39.10 13.89
C ASP A 89 52.93 -40.49 13.53
N GLY A 90 52.98 -40.87 12.27
CA GLY A 90 52.29 -42.09 11.86
C GLY A 90 50.80 -42.02 12.13
N ALA A 91 50.20 -40.86 11.91
CA ALA A 91 48.80 -40.62 12.18
C ALA A 91 48.04 -40.39 10.89
N LYS A 92 46.72 -40.59 10.95
CA LYS A 92 45.88 -40.27 9.82
C LYS A 92 45.49 -38.80 9.79
N TYR A 93 45.41 -38.16 10.96
CA TYR A 93 44.97 -36.78 11.04
C TYR A 93 45.86 -36.01 12.01
N CYS A 94 45.81 -34.69 11.88
CA CYS A 94 46.55 -33.79 12.75
C CYS A 94 45.90 -32.40 12.73
N LEU A 95 45.82 -31.78 13.90
CA LEU A 95 45.25 -30.45 14.04
C LEU A 95 46.27 -29.51 14.67
N ALA A 96 46.33 -28.28 14.15
CA ALA A 96 47.26 -27.27 14.62
C ALA A 96 46.53 -26.23 15.47
N PHE A 97 47.27 -25.62 16.40
CA PHE A 97 46.64 -24.75 17.39
C PHE A 97 47.57 -23.59 17.74
N ALA A 98 46.96 -22.54 18.31
CA ALA A 98 47.67 -21.31 18.62
C ALA A 98 48.81 -21.52 19.62
N SER A 99 48.81 -22.62 20.36
CA SER A 99 49.83 -22.91 21.35
C SER A 99 49.64 -24.33 21.83
N GLY A 100 50.68 -24.87 22.46
CA GLY A 100 50.53 -26.13 23.17
C GLY A 100 49.41 -26.06 24.19
N MET A 101 49.42 -24.99 24.99
CA MET A 101 48.37 -24.77 25.98
C MET A 101 46.99 -24.76 25.31
N ALA A 102 46.87 -24.08 24.18
CA ALA A 102 45.59 -24.04 23.48
C ALA A 102 45.17 -25.42 23.02
N ALA A 103 46.13 -26.23 22.54
CA ALA A 103 45.81 -27.59 22.14
C ALA A 103 45.25 -28.39 23.32
N THR A 104 45.86 -28.24 24.50
CA THR A 104 45.37 -28.93 25.68
C THR A 104 43.94 -28.51 26.00
N VAL A 105 43.67 -27.21 25.95
CA VAL A 105 42.33 -26.71 26.26
C VAL A 105 41.32 -27.29 25.28
N THR A 106 41.68 -27.37 24.00
CA THR A 106 40.78 -27.94 23.00
C THR A 106 40.53 -29.42 23.27
N ILE A 107 41.58 -30.17 23.61
CA ILE A 107 41.42 -31.58 23.93
C ILE A 107 40.49 -31.77 25.12
N THR A 108 40.63 -30.92 26.14
CA THR A 108 39.77 -31.04 27.31
C THR A 108 38.32 -30.69 26.97
N HIS A 109 38.10 -29.86 25.95
CA HIS A 109 36.74 -29.56 25.53
C HIS A 109 36.04 -30.76 24.90
N LEU A 110 36.75 -31.88 24.71
CA LEU A 110 36.11 -33.11 24.25
C LEU A 110 35.16 -33.70 25.29
N LEU A 111 35.27 -33.29 26.55
CA LEU A 111 34.57 -33.94 27.65
C LEU A 111 33.23 -33.25 27.89
N LYS A 112 32.69 -33.43 29.09
CA LYS A 112 31.41 -32.86 29.50
C LYS A 112 31.44 -32.73 31.02
N ALA A 113 30.49 -31.97 31.54
CA ALA A 113 30.36 -31.84 32.99
C ALA A 113 30.07 -33.20 33.61
N GLY A 114 30.78 -33.51 34.69
CA GLY A 114 30.67 -34.79 35.35
C GLY A 114 31.80 -35.75 35.07
N ASP A 115 32.59 -35.50 34.04
CA ASP A 115 33.70 -36.37 33.72
C ASP A 115 34.86 -36.16 34.69
N GLN A 116 35.79 -37.13 34.69
CA GLN A 116 36.96 -37.10 35.55
C GLN A 116 38.22 -37.17 34.70
N ILE A 117 39.27 -36.48 35.14
CA ILE A 117 40.53 -36.40 34.42
C ILE A 117 41.64 -36.89 35.34
N ILE A 118 42.45 -37.83 34.85
CA ILE A 118 43.62 -38.31 35.56
C ILE A 118 44.85 -37.70 34.89
N CYS A 119 45.65 -36.97 35.66
CA CYS A 119 46.82 -36.28 35.13
C CYS A 119 48.08 -36.73 35.88
N MET A 120 49.18 -36.85 35.13
CA MET A 120 50.48 -37.14 35.72
C MET A 120 50.81 -36.14 36.82
N ASP A 121 51.35 -36.64 37.93
CA ASP A 121 51.64 -35.76 39.05
C ASP A 121 52.75 -34.77 38.71
N ASP A 122 53.67 -35.14 37.84
CA ASP A 122 54.69 -34.21 37.34
C ASP A 122 54.35 -33.90 35.89
N VAL A 123 53.84 -32.69 35.66
CA VAL A 123 53.43 -32.24 34.34
C VAL A 123 53.89 -30.79 34.18
N TYR A 124 53.87 -30.32 32.93
CA TYR A 124 54.25 -28.93 32.67
C TYR A 124 53.36 -28.00 33.49
N GLY A 125 53.99 -26.99 34.10
CA GLY A 125 53.29 -26.15 35.06
C GLY A 125 51.97 -25.61 34.55
N GLY A 126 51.93 -25.20 33.28
CA GLY A 126 50.69 -24.68 32.73
C GLY A 126 49.61 -25.74 32.60
N THR A 127 50.00 -26.95 32.17
CA THR A 127 49.05 -28.06 32.16
C THR A 127 48.47 -28.28 33.55
N ASN A 128 49.36 -28.31 34.55
CA ASN A 128 48.94 -28.42 35.94
C ASN A 128 47.96 -27.30 36.31
N ALA A 129 48.32 -26.06 35.97
CA ALA A 129 47.52 -24.92 36.40
C ALA A 129 46.15 -24.90 35.74
N TYR A 130 46.08 -25.27 34.46
CA TYR A 130 44.81 -25.24 33.76
C TYR A 130 43.82 -26.24 34.33
N PHE A 131 44.28 -27.48 34.58
CA PHE A 131 43.40 -28.50 35.12
C PHE A 131 42.96 -28.16 36.55
N ARG A 132 43.89 -27.68 37.37
CA ARG A 132 43.61 -27.46 38.78
C ARG A 132 42.81 -26.19 39.02
N GLN A 133 43.00 -25.15 38.21
CA GLN A 133 42.39 -23.86 38.48
C GLN A 133 41.29 -23.45 37.51
N VAL A 134 41.20 -24.06 36.33
CA VAL A 134 40.22 -23.62 35.35
C VAL A 134 39.22 -24.73 35.04
N ALA A 135 39.73 -25.87 34.57
CA ALA A 135 38.82 -26.95 34.15
C ALA A 135 37.97 -27.45 35.30
N SER A 136 38.50 -27.42 36.54
CA SER A 136 37.73 -27.85 37.70
C SER A 136 36.53 -26.94 37.95
N GLU A 137 36.53 -25.73 37.41
CA GLU A 137 35.41 -24.81 37.58
C GLU A 137 34.19 -25.19 36.76
N PHE A 138 34.31 -26.16 35.86
CA PHE A 138 33.25 -26.45 34.90
C PHE A 138 32.81 -27.91 35.01
N GLY A 139 32.74 -28.42 36.23
CA GLY A 139 32.23 -29.75 36.47
C GLY A 139 33.13 -30.88 36.03
N LEU A 140 34.44 -30.68 36.06
CA LEU A 140 35.41 -31.73 35.75
C LEU A 140 36.20 -32.05 37.01
N LYS A 141 36.21 -33.33 37.38
CA LYS A 141 37.01 -33.80 38.50
C LYS A 141 38.43 -34.05 38.04
N ILE A 142 39.40 -33.51 38.77
CA ILE A 142 40.81 -33.61 38.42
C ILE A 142 41.53 -34.37 39.52
N SER A 143 42.24 -35.43 39.15
CA SER A 143 43.03 -36.23 40.08
C SER A 143 44.44 -36.35 39.55
N PHE A 144 45.42 -36.00 40.39
CA PHE A 144 46.83 -36.12 40.06
C PHE A 144 47.36 -37.43 40.63
N VAL A 145 47.91 -38.27 39.75
CA VAL A 145 48.29 -39.64 40.10
C VAL A 145 49.64 -39.95 39.49
N ASP A 146 50.49 -40.64 40.25
CA ASP A 146 51.76 -41.14 39.76
C ASP A 146 51.49 -42.30 38.79
N CYS A 147 51.43 -41.99 37.51
CA CYS A 147 51.23 -43.02 36.50
C CYS A 147 52.50 -43.77 36.14
N SER A 148 53.65 -43.37 36.70
CA SER A 148 54.85 -44.18 36.57
C SER A 148 54.67 -45.51 37.28
N LYS A 149 54.02 -45.50 38.44
CA LYS A 149 53.63 -46.72 39.12
C LYS A 149 52.29 -47.17 38.55
N ILE A 150 52.32 -48.27 37.80
CA ILE A 150 51.21 -48.70 36.96
C ILE A 150 49.99 -49.16 37.75
N LYS A 151 50.13 -49.39 39.05
CA LYS A 151 49.05 -49.89 39.90
C LYS A 151 48.33 -48.78 40.65
N LEU A 152 48.92 -47.58 40.74
CA LEU A 152 48.19 -46.41 41.22
C LEU A 152 47.22 -45.89 40.18
N LEU A 153 47.48 -46.19 38.90
CA LEU A 153 46.57 -45.77 37.84
C LEU A 153 45.29 -46.60 37.85
N GLU A 154 45.40 -47.92 38.03
CA GLU A 154 44.21 -48.76 38.09
C GLU A 154 43.32 -48.38 39.27
N ALA A 155 43.94 -48.05 40.41
CA ALA A 155 43.16 -47.61 41.56
C ALA A 155 42.46 -46.29 41.30
N ALA A 156 43.05 -45.43 40.48
CA ALA A 156 42.47 -44.13 40.19
C ALA A 156 41.37 -44.19 39.14
N ILE A 157 41.37 -45.20 38.27
CA ILE A 157 40.41 -45.26 37.18
C ILE A 157 39.01 -45.53 37.73
N THR A 158 38.06 -44.73 37.28
CA THR A 158 36.70 -44.60 37.78
C THR A 158 35.75 -44.73 36.60
N PRO A 159 34.52 -45.20 36.81
CA PRO A 159 33.57 -45.22 35.69
C PRO A 159 33.30 -43.84 35.08
N GLU A 160 33.58 -42.75 35.80
CA GLU A 160 33.45 -41.40 35.27
C GLU A 160 34.76 -40.86 34.70
N THR A 161 35.78 -41.70 34.56
CA THR A 161 37.03 -41.29 33.94
C THR A 161 36.91 -41.40 32.43
N LYS A 162 37.17 -40.30 31.73
CA LYS A 162 37.15 -40.31 30.27
C LYS A 162 38.43 -39.78 29.64
N LEU A 163 39.37 -39.25 30.42
CA LEU A 163 40.60 -38.70 29.87
C LEU A 163 41.75 -38.98 30.83
N VAL A 164 42.87 -39.46 30.28
CA VAL A 164 44.10 -39.68 31.04
C VAL A 164 45.21 -38.94 30.33
N TRP A 165 45.77 -37.93 31.00
CA TRP A 165 46.76 -37.04 30.42
C TRP A 165 48.13 -37.34 31.03
N ILE A 166 49.03 -37.90 30.24
CA ILE A 166 50.38 -38.20 30.72
C ILE A 166 51.40 -37.46 29.87
N GLU A 167 52.58 -37.30 30.46
CA GLU A 167 53.72 -36.64 29.84
C GLU A 167 54.93 -37.55 30.05
N THR A 168 55.59 -37.94 28.96
CA THR A 168 56.80 -38.71 29.22
C THR A 168 57.85 -38.43 28.16
N PRO A 169 59.07 -38.05 28.55
CA PRO A 169 59.47 -37.79 29.95
C PRO A 169 58.78 -36.56 30.54
N THR A 170 58.62 -36.55 31.87
CA THR A 170 57.92 -35.46 32.52
C THR A 170 58.79 -34.21 32.56
N ASN A 171 58.16 -33.08 32.86
CA ASN A 171 58.82 -31.79 32.93
C ASN A 171 58.70 -31.24 34.35
N PRO A 172 59.80 -31.05 35.10
CA PRO A 172 61.17 -31.24 34.62
C PRO A 172 61.92 -32.44 35.18
N THR A 173 61.29 -33.30 35.99
CA THR A 173 62.02 -34.40 36.59
C THR A 173 62.15 -35.61 35.68
N GLN A 174 61.49 -35.57 34.51
CA GLN A 174 61.72 -36.54 33.43
C GLN A 174 61.54 -37.99 33.90
N LYS A 175 60.46 -38.23 34.63
CA LYS A 175 60.00 -39.60 34.84
C LYS A 175 59.47 -40.16 33.52
N VAL A 176 59.73 -41.45 33.28
CA VAL A 176 59.32 -42.10 32.05
C VAL A 176 58.18 -43.05 32.34
N ILE A 177 57.19 -43.07 31.47
CA ILE A 177 55.99 -43.88 31.63
C ILE A 177 55.95 -44.92 30.52
N ASP A 178 55.65 -46.16 30.90
CA ASP A 178 55.38 -47.23 29.94
C ASP A 178 54.11 -46.88 29.19
N ILE A 179 54.24 -46.30 28.00
CA ILE A 179 53.07 -45.84 27.25
C ILE A 179 52.18 -47.01 26.86
N GLU A 180 52.78 -48.09 26.34
CA GLU A 180 51.99 -49.23 25.90
C GLU A 180 51.31 -49.92 27.07
N GLY A 181 52.03 -50.13 28.18
CA GLY A 181 51.39 -50.70 29.35
C GLY A 181 50.30 -49.82 29.91
N CYS A 182 50.58 -48.52 30.02
CA CYS A 182 49.57 -47.56 30.47
C CYS A 182 48.35 -47.58 29.56
N ALA A 183 48.57 -47.69 28.25
CA ALA A 183 47.46 -47.73 27.31
C ALA A 183 46.61 -48.98 27.50
N HIS A 184 47.26 -50.11 27.83
CA HIS A 184 46.50 -51.33 28.08
C HIS A 184 45.55 -51.16 29.26
N ILE A 185 46.03 -50.54 30.34
CA ILE A 185 45.19 -50.30 31.51
C ILE A 185 44.02 -49.40 31.16
N VAL A 186 44.32 -48.28 30.48
CA VAL A 186 43.30 -47.27 30.25
C VAL A 186 42.24 -47.76 29.27
N HIS A 187 42.64 -48.56 28.28
CA HIS A 187 41.73 -49.00 27.23
C HIS A 187 41.00 -50.30 27.54
N LYS A 188 41.24 -50.90 28.71
CA LYS A 188 40.63 -52.20 28.96
C LYS A 188 39.15 -52.09 29.28
N HIS A 189 38.69 -50.94 29.74
CA HIS A 189 37.29 -50.79 30.12
C HIS A 189 36.83 -49.37 29.85
N GLY A 190 35.83 -49.22 28.97
CA GLY A 190 35.18 -47.94 28.76
C GLY A 190 35.84 -47.10 27.69
N ASP A 191 35.20 -45.96 27.42
CA ASP A 191 35.69 -45.00 26.43
C ASP A 191 36.52 -43.95 27.15
N ILE A 192 37.83 -44.18 27.23
CA ILE A 192 38.76 -43.28 27.91
C ILE A 192 39.85 -42.88 26.93
N ILE A 193 40.06 -41.58 26.79
CA ILE A 193 41.11 -41.06 25.91
C ILE A 193 42.42 -41.02 26.68
N LEU A 194 43.47 -41.56 26.07
CA LEU A 194 44.83 -41.46 26.60
C LEU A 194 45.63 -40.51 25.73
N VAL A 195 46.07 -39.40 26.31
CA VAL A 195 46.85 -38.38 25.62
C VAL A 195 48.28 -38.44 26.14
N VAL A 196 49.25 -38.45 25.23
CA VAL A 196 50.66 -38.37 25.58
C VAL A 196 51.20 -37.06 25.05
N ASP A 197 51.61 -36.18 25.96
CA ASP A 197 52.31 -34.94 25.60
C ASP A 197 53.74 -35.33 25.25
N ASN A 198 54.03 -35.38 23.95
CA ASN A 198 55.31 -35.83 23.42
C ASN A 198 56.26 -34.68 23.11
N THR A 199 56.22 -33.61 23.90
CA THR A 199 57.02 -32.43 23.61
C THR A 199 58.52 -32.71 23.78
N PHE A 200 58.90 -33.40 24.86
CA PHE A 200 60.32 -33.53 25.17
C PHE A 200 61.06 -34.42 24.15
N MET A 201 60.36 -35.31 23.46
CA MET A 201 61.00 -36.29 22.59
C MET A 201 60.96 -35.93 21.11
N SER A 202 59.84 -35.36 20.63
CA SER A 202 59.52 -35.13 19.22
C SER A 202 59.23 -36.46 18.54
N PRO A 203 58.38 -36.48 17.50
CA PRO A 203 58.05 -37.74 16.85
C PRO A 203 59.23 -38.44 16.20
N TYR A 204 60.38 -37.78 16.12
CA TYR A 204 61.56 -38.44 15.59
C TYR A 204 62.13 -39.46 16.58
N PHE A 205 61.89 -39.27 17.87
CA PHE A 205 62.39 -40.16 18.89
C PHE A 205 61.31 -40.98 19.59
N GLN A 206 60.03 -40.68 19.39
CA GLN A 206 58.96 -41.39 20.09
C GLN A 206 57.65 -41.18 19.35
N ARG A 207 56.89 -42.27 19.16
CA ARG A 207 55.59 -42.23 18.48
C ARG A 207 54.51 -42.79 19.41
N PRO A 208 53.90 -41.94 20.24
CA PRO A 208 52.87 -42.45 21.18
C PRO A 208 51.71 -43.15 20.52
N LEU A 209 51.37 -42.81 19.27
CA LEU A 209 50.24 -43.47 18.61
C LEU A 209 50.58 -44.92 18.28
N ALA A 210 51.83 -45.18 17.89
CA ALA A 210 52.24 -46.56 17.63
C ALA A 210 52.29 -47.39 18.91
N LEU A 211 52.31 -46.74 20.08
CA LEU A 211 52.37 -47.43 21.35
C LEU A 211 51.00 -47.59 22.01
N GLY A 212 49.95 -47.05 21.40
CA GLY A 212 48.61 -47.25 21.91
C GLY A 212 47.93 -46.01 22.45
N ALA A 213 48.59 -44.85 22.44
CA ALA A 213 47.92 -43.62 22.85
C ALA A 213 46.84 -43.26 21.85
N ASP A 214 45.83 -42.54 22.32
CA ASP A 214 44.77 -42.08 21.42
C ASP A 214 45.16 -40.76 20.74
N ILE A 215 45.83 -39.88 21.46
CA ILE A 215 46.22 -38.56 20.96
C ILE A 215 47.70 -38.34 21.24
N SER A 216 48.44 -37.95 20.20
CA SER A 216 49.84 -37.56 20.34
C SER A 216 49.92 -36.04 20.21
N MET A 217 50.22 -35.37 21.32
CA MET A 217 50.14 -33.92 21.41
C MET A 217 51.52 -33.32 21.59
N TYR A 218 51.72 -32.12 21.06
CA TYR A 218 53.00 -31.42 21.09
C TYR A 218 52.78 -29.95 21.39
N SER A 219 53.64 -29.40 22.24
CA SER A 219 53.90 -27.96 22.19
C SER A 219 54.95 -27.76 21.09
N ALA A 220 54.47 -27.38 19.90
CA ALA A 220 55.38 -27.17 18.78
C ALA A 220 56.32 -25.99 19.01
N THR A 221 56.02 -25.14 19.99
CA THR A 221 56.90 -24.06 20.42
C THR A 221 58.31 -24.56 20.73
N1 LLP A 222 53.61 -28.99 27.49
C2 LLP A 222 54.91 -29.22 27.71
C2' LLP A 222 55.42 -30.64 28.09
C3 LLP A 222 55.85 -28.15 27.59
O3 LLP A 222 57.22 -28.39 27.82
C4 LLP A 222 55.42 -26.89 27.27
C4' LLP A 222 56.50 -25.70 27.11
C5 LLP A 222 54.10 -26.65 27.03
C6 LLP A 222 53.16 -27.71 27.15
C5' LLP A 222 53.61 -25.22 26.67
OP4 LLP A 222 53.06 -25.14 25.37
P LLP A 222 52.87 -23.73 24.79
OP1 LLP A 222 51.45 -23.24 25.10
OP2 LLP A 222 53.10 -23.74 23.33
OP3 LLP A 222 53.86 -22.83 25.43
N LLP A 222 58.43 -25.83 21.09
CA LLP A 222 59.72 -26.39 21.49
CB LLP A 222 59.50 -27.37 22.62
CG LLP A 222 58.57 -26.83 23.73
CD LLP A 222 58.93 -25.40 24.20
CE LLP A 222 58.28 -25.09 25.58
NZ LLP A 222 57.05 -25.87 25.79
C LLP A 222 60.42 -27.04 20.33
O LLP A 222 60.81 -26.32 19.41
N TYR A 223 60.57 -28.36 20.33
CA TYR A 223 61.42 -29.05 19.33
C TYR A 223 60.87 -29.06 17.90
N MET A 224 59.55 -29.16 17.75
CA MET A 224 58.94 -29.32 16.44
C MET A 224 59.35 -28.18 15.50
N ASN A 225 58.98 -26.95 15.85
CA ASN A 225 59.46 -25.79 15.11
C ASN A 225 60.96 -25.62 15.27
N GLY A 226 61.45 -25.67 16.51
CA GLY A 226 62.86 -25.76 16.81
C GLY A 226 63.66 -24.48 16.69
N HIS A 227 63.03 -23.35 16.36
CA HIS A 227 63.77 -22.13 16.08
C HIS A 227 63.36 -20.97 16.99
N SER A 228 62.69 -21.27 18.10
CA SER A 228 62.46 -20.31 19.18
C SER A 228 61.73 -19.05 18.70
N ASP A 229 60.91 -19.19 17.65
CA ASP A 229 60.22 -18.03 17.11
C ASP A 229 58.77 -18.30 16.76
N VAL A 230 58.18 -19.38 17.26
CA VAL A 230 56.78 -19.70 16.97
C VAL A 230 56.14 -20.27 18.23
N VAL A 231 54.96 -19.78 18.58
CA VAL A 231 54.11 -20.39 19.58
C VAL A 231 53.06 -21.22 18.85
N MET A 232 53.00 -22.52 19.16
CA MET A 232 52.09 -23.39 18.42
C MET A 232 51.91 -24.71 19.16
N GLY A 233 50.70 -25.25 19.05
CA GLY A 233 50.41 -26.61 19.50
C GLY A 233 50.03 -27.53 18.36
N LEU A 234 50.18 -28.84 18.55
CA LEU A 234 49.85 -29.82 17.52
C LEU A 234 49.19 -31.03 18.18
N VAL A 235 48.19 -31.57 17.51
CA VAL A 235 47.41 -32.71 18.02
C VAL A 235 47.26 -33.72 16.88
N SER A 236 47.83 -34.91 17.07
CA SER A 236 47.75 -35.98 16.09
C SER A 236 46.92 -37.14 16.66
N VAL A 237 46.14 -37.77 15.79
CA VAL A 237 45.15 -38.75 16.22
C VAL A 237 44.88 -39.71 15.07
N ASN A 238 44.42 -40.91 15.41
CA ASN A 238 44.06 -41.93 14.42
C ASN A 238 42.57 -42.24 14.37
N CYS A 239 41.91 -42.26 15.53
CA CYS A 239 40.47 -42.51 15.59
C CYS A 239 39.69 -41.46 14.81
N GLU A 240 38.85 -41.91 13.88
CA GLU A 240 38.16 -40.98 13.00
C GLU A 240 37.06 -40.23 13.75
N SER A 241 36.37 -40.89 14.68
CA SER A 241 35.36 -40.18 15.46
C SER A 241 36.01 -39.19 16.42
N LEU A 242 37.17 -39.55 16.98
CA LEU A 242 37.91 -38.59 17.80
C LEU A 242 38.36 -37.40 16.98
N HIS A 243 38.71 -37.62 15.71
CA HIS A 243 39.15 -36.51 14.86
C HIS A 243 38.00 -35.59 14.50
N ASN A 244 36.81 -36.15 14.22
CA ASN A 244 35.68 -35.32 13.86
C ASN A 244 35.29 -34.38 15.00
N ARG A 245 35.36 -34.88 16.24
CA ARG A 245 35.07 -34.01 17.39
C ARG A 245 36.15 -32.95 17.56
N LEU A 246 37.43 -33.34 17.43
CA LEU A 246 38.52 -32.37 17.57
C LEU A 246 38.46 -31.32 16.46
N ARG A 247 38.21 -31.74 15.22
CA ARG A 247 38.09 -30.79 14.13
C ARG A 247 36.95 -29.81 14.37
N PHE A 248 35.81 -30.30 14.86
CA PHE A 248 34.72 -29.40 15.22
C PHE A 248 35.18 -28.38 16.25
N LEU A 249 35.93 -28.82 17.26
CA LEU A 249 36.35 -27.91 18.32
C LEU A 249 37.42 -26.95 17.84
N GLN A 250 38.24 -27.35 16.87
CA GLN A 250 39.22 -26.43 16.30
C GLN A 250 38.53 -25.22 15.70
N ASN A 251 37.47 -25.47 14.94
CA ASN A 251 36.74 -24.38 14.31
C ASN A 251 35.83 -23.66 15.26
N SER A 252 35.30 -24.38 16.23
CA SER A 252 34.31 -23.79 17.11
C SER A 252 34.96 -22.93 18.16
N LEU A 253 36.10 -23.36 18.69
CA LEU A 253 36.78 -22.59 19.73
C LEU A 253 37.75 -21.57 19.18
N GLY A 254 38.37 -21.85 18.03
CA GLY A 254 39.12 -20.83 17.31
C GLY A 254 40.53 -20.57 17.79
N ALA A 255 41.09 -21.42 18.66
CA ALA A 255 42.49 -21.28 19.06
C ALA A 255 43.41 -21.75 17.94
N VAL A 256 43.32 -21.06 16.80
CA VAL A 256 43.97 -21.50 15.56
C VAL A 256 45.29 -20.75 15.39
N PRO A 257 46.25 -21.33 14.67
CA PRO A 257 47.54 -20.64 14.49
C PRO A 257 47.57 -19.80 13.23
N SER A 258 48.40 -18.76 13.21
CA SER A 258 48.53 -17.93 12.02
C SER A 258 49.13 -18.73 10.87
N PRO A 259 48.70 -18.49 9.63
CA PRO A 259 49.34 -19.15 8.49
C PRO A 259 50.84 -18.91 8.40
N ILE A 260 51.32 -17.72 8.78
CA ILE A 260 52.76 -17.47 8.71
C ILE A 260 53.48 -18.32 9.74
N ASP A 261 52.92 -18.46 10.93
CA ASP A 261 53.50 -19.36 11.93
C ASP A 261 53.47 -20.80 11.43
N CYS A 262 52.35 -21.20 10.82
CA CYS A 262 52.27 -22.52 10.21
C CYS A 262 53.40 -22.74 9.21
N TYR A 263 53.69 -21.71 8.39
CA TYR A 263 54.78 -21.83 7.44
C TYR A 263 56.10 -22.02 8.14
N LEU A 264 56.40 -21.18 9.14
CA LEU A 264 57.69 -21.25 9.83
C LEU A 264 57.85 -22.59 10.52
N CYS A 265 56.79 -23.09 11.16
CA CYS A 265 56.87 -24.41 11.78
C CYS A 265 57.12 -25.50 10.75
N ASN A 266 56.36 -25.48 9.66
CA ASN A 266 56.61 -26.43 8.59
C ASN A 266 58.02 -26.28 8.03
N ARG A 267 58.54 -25.05 8.02
CA ARG A 267 59.93 -24.83 7.64
C ARG A 267 60.88 -25.46 8.65
N GLY A 268 60.57 -25.33 9.94
CA GLY A 268 61.41 -25.96 10.94
C GLY A 268 61.44 -27.47 10.82
N LEU A 269 60.27 -28.07 10.55
CA LEU A 269 60.15 -29.52 10.45
C LEU A 269 61.17 -30.12 9.50
N LYS A 270 61.48 -29.42 8.40
CA LYS A 270 62.38 -29.98 7.39
C LYS A 270 63.76 -30.28 7.95
N THR A 271 64.13 -29.73 9.09
CA THR A 271 65.43 -30.04 9.69
C THR A 271 65.29 -30.78 11.01
N LEU A 272 64.09 -31.22 11.38
CA LEU A 272 63.87 -31.87 12.67
C LEU A 272 64.78 -33.08 12.84
N HIS A 273 64.87 -33.93 11.81
CA HIS A 273 65.69 -35.13 11.91
C HIS A 273 67.15 -34.80 12.20
N VAL A 274 67.71 -33.83 11.47
CA VAL A 274 69.14 -33.56 11.65
C VAL A 274 69.39 -32.75 12.92
N ARG A 275 68.41 -31.96 13.39
CA ARG A 275 68.58 -31.28 14.66
C ARG A 275 68.42 -32.23 15.83
N MET A 276 67.40 -33.08 15.79
CA MET A 276 67.16 -34.00 16.90
C MET A 276 68.33 -34.96 17.07
N GLU A 277 68.96 -35.36 15.96
CA GLU A 277 70.15 -36.19 16.04
C GLU A 277 71.29 -35.43 16.71
N ARG A 278 71.44 -34.14 16.39
CA ARG A 278 72.47 -33.34 17.05
C ARG A 278 72.09 -33.05 18.50
N HIS A 279 70.80 -32.84 18.76
CA HIS A 279 70.35 -32.67 20.14
C HIS A 279 70.70 -33.90 20.98
N PHE A 280 70.54 -35.09 20.39
CA PHE A 280 70.87 -36.33 21.10
C PHE A 280 72.36 -36.39 21.42
N LYS A 281 73.21 -36.20 20.41
CA LYS A 281 74.65 -36.30 20.61
C LYS A 281 75.13 -35.28 21.63
N ASN A 282 74.67 -34.03 21.52
CA ASN A 282 75.10 -33.00 22.46
C ASN A 282 74.53 -33.23 23.85
N GLY A 283 73.25 -33.65 23.93
CA GLY A 283 72.66 -33.90 25.22
C GLY A 283 73.34 -35.04 25.97
N MET A 284 73.67 -36.12 25.26
CA MET A 284 74.40 -37.22 25.89
C MET A 284 75.77 -36.77 26.36
N ALA A 285 76.44 -35.95 25.56
CA ALA A 285 77.73 -35.41 25.99
C ALA A 285 77.58 -34.60 27.28
N VAL A 286 76.58 -33.72 27.33
CA VAL A 286 76.36 -32.90 28.51
C VAL A 286 76.00 -33.77 29.71
N ALA A 287 75.09 -34.73 29.51
CA ALA A 287 74.65 -35.58 30.61
C ALA A 287 75.81 -36.41 31.16
N GLN A 288 76.68 -36.91 30.28
CA GLN A 288 77.81 -37.71 30.73
C GLN A 288 78.84 -36.84 31.45
N PHE A 289 79.09 -35.63 30.93
CA PHE A 289 79.99 -34.72 31.62
C PHE A 289 79.48 -34.40 33.01
N LEU A 290 78.21 -34.00 33.11
CA LEU A 290 77.66 -33.57 34.39
C LEU A 290 77.72 -34.69 35.42
N GLU A 291 77.51 -35.94 35.01
CA GLU A 291 77.45 -37.02 35.98
C GLU A 291 78.82 -37.32 36.58
N SER A 292 79.89 -37.17 35.81
CA SER A 292 81.23 -37.38 36.34
C SER A 292 81.82 -36.12 36.98
N ASN A 293 81.02 -35.04 37.13
CA ASN A 293 81.52 -33.78 37.65
C ASN A 293 81.33 -33.73 39.17
N PRO A 294 82.38 -33.44 39.93
CA PRO A 294 82.29 -33.56 41.40
C PRO A 294 81.36 -32.57 42.06
N TRP A 295 80.85 -31.57 41.34
CA TRP A 295 79.94 -30.59 41.90
C TRP A 295 78.48 -30.93 41.62
N VAL A 296 78.21 -32.10 41.06
CA VAL A 296 76.87 -32.50 40.63
C VAL A 296 76.45 -33.69 41.49
N GLU A 297 75.29 -33.54 42.14
CA GLU A 297 74.80 -34.57 43.04
C GLU A 297 74.04 -35.68 42.32
N LYS A 298 73.44 -35.39 41.16
CA LYS A 298 72.61 -36.36 40.47
C LYS A 298 72.25 -35.82 39.09
N VAL A 299 72.11 -36.73 38.13
CA VAL A 299 71.74 -36.39 36.76
C VAL A 299 70.54 -37.24 36.36
N ILE A 300 69.58 -36.62 35.67
CA ILE A 300 68.40 -37.31 35.15
C ILE A 300 68.40 -37.10 33.65
N TYR A 301 68.88 -38.11 32.90
CA TYR A 301 68.81 -38.07 31.45
C TYR A 301 68.40 -39.44 30.94
N PRO A 302 67.32 -39.53 30.16
CA PRO A 302 66.86 -40.84 29.68
C PRO A 302 67.92 -41.66 28.97
N GLY A 303 68.85 -41.01 28.28
CA GLY A 303 69.90 -41.73 27.58
C GLY A 303 70.97 -42.33 28.47
N LEU A 304 71.01 -41.95 29.76
CA LEU A 304 72.00 -42.49 30.68
C LEU A 304 71.48 -43.77 31.32
N PRO A 305 72.34 -44.79 31.46
CA PRO A 305 71.93 -46.00 32.20
C PRO A 305 71.55 -45.73 33.64
N SER A 306 72.01 -44.63 34.23
CA SER A 306 71.63 -44.28 35.59
C SER A 306 70.18 -43.85 35.71
N HIS A 307 69.50 -43.59 34.60
CA HIS A 307 68.10 -43.20 34.66
C HIS A 307 67.25 -44.39 35.11
N PRO A 308 66.34 -44.19 36.07
CA PRO A 308 65.57 -45.32 36.60
C PRO A 308 64.82 -46.12 35.56
N GLN A 309 64.44 -45.50 34.44
CA GLN A 309 63.66 -46.18 33.41
C GLN A 309 64.42 -46.25 32.08
N HIS A 310 65.75 -46.32 32.15
CA HIS A 310 66.56 -46.26 30.94
C HIS A 310 66.24 -47.42 30.00
N GLU A 311 66.08 -48.62 30.53
CA GLU A 311 65.77 -49.77 29.68
C GLU A 311 64.37 -49.63 29.09
N LEU A 312 63.42 -49.08 29.85
CA LEU A 312 62.11 -48.77 29.30
C LEU A 312 62.23 -47.78 28.15
N VAL A 313 63.10 -46.78 28.30
CA VAL A 313 63.26 -45.77 27.26
C VAL A 313 63.75 -46.42 25.97
N LYS A 314 64.78 -47.27 26.07
CA LYS A 314 65.31 -47.93 24.87
C LYS A 314 64.28 -48.84 24.23
N ARG A 315 63.36 -49.38 25.01
CA ARG A 315 62.28 -50.21 24.48
C ARG A 315 61.21 -49.39 23.79
N GLN A 316 61.14 -48.09 24.10
CA GLN A 316 60.03 -47.22 23.74
C GLN A 316 60.43 -46.10 22.79
N CYS A 317 61.72 -45.89 22.56
CA CYS A 317 62.20 -44.69 21.88
C CYS A 317 63.37 -45.04 20.98
N THR A 318 63.54 -44.26 19.92
CA THR A 318 64.66 -44.43 18.99
C THR A 318 65.88 -43.63 19.40
N GLY A 319 65.81 -42.92 20.51
CA GLY A 319 66.87 -42.04 20.94
C GLY A 319 66.33 -41.09 21.99
N CYS A 320 67.11 -40.05 22.28
CA CYS A 320 66.71 -39.10 23.31
C CYS A 320 67.01 -37.67 22.84
N GLY A 321 66.29 -36.73 23.44
CA GLY A 321 66.42 -35.33 23.11
C GLY A 321 67.57 -34.67 23.84
N GLY A 322 67.51 -33.33 23.88
CA GLY A 322 68.53 -32.52 24.50
C GLY A 322 68.19 -32.01 25.90
N MET A 323 67.13 -32.51 26.51
CA MET A 323 66.70 -32.06 27.83
C MET A 323 67.47 -32.83 28.90
N VAL A 324 68.34 -32.14 29.63
CA VAL A 324 69.13 -32.72 30.71
C VAL A 324 68.82 -31.95 31.99
N THR A 325 68.34 -32.66 33.00
CA THR A 325 68.14 -32.06 34.31
C THR A 325 69.09 -32.70 35.31
N PHE A 326 69.57 -31.89 36.25
CA PHE A 326 70.52 -32.35 37.24
C PHE A 326 70.34 -31.57 38.53
N TYR A 327 70.89 -32.11 39.60
CA TYR A 327 70.93 -31.46 40.90
C TYR A 327 72.35 -31.00 41.15
N ILE A 328 72.52 -29.71 41.40
CA ILE A 328 73.83 -29.17 41.76
C ILE A 328 74.05 -29.39 43.25
N LYS A 329 75.29 -29.66 43.63
CA LYS A 329 75.63 -29.77 45.04
C LYS A 329 75.56 -28.40 45.70
N GLY A 330 74.97 -28.36 46.89
CA GLY A 330 74.92 -27.15 47.70
C GLY A 330 73.48 -26.71 47.94
N THR A 331 73.28 -25.40 47.89
CA THR A 331 72.00 -24.77 48.19
C THR A 331 71.54 -23.95 46.98
N LEU A 332 70.41 -23.26 47.17
CA LEU A 332 69.92 -22.32 46.16
C LEU A 332 70.99 -21.31 45.78
N GLN A 333 71.92 -21.01 46.70
CA GLN A 333 72.97 -20.05 46.40
C GLN A 333 73.91 -20.57 45.32
N HIS A 334 74.26 -21.86 45.37
CA HIS A 334 75.17 -22.40 44.37
C HIS A 334 74.48 -22.57 43.02
N ALA A 335 73.21 -22.98 43.04
CA ALA A 335 72.43 -23.04 41.80
C ALA A 335 72.43 -21.69 41.09
N GLU A 336 72.28 -20.61 41.85
CA GLU A 336 72.22 -19.28 41.24
C GLU A 336 73.58 -18.85 40.70
N ILE A 337 74.64 -19.03 41.49
CA ILE A 337 75.96 -18.67 41.01
C ILE A 337 76.30 -19.43 39.74
N PHE A 338 75.95 -20.72 39.69
CA PHE A 338 76.17 -21.49 38.48
C PHE A 338 75.43 -20.88 37.29
N LEU A 339 74.16 -20.52 37.49
CA LEU A 339 73.35 -20.04 36.39
C LEU A 339 73.77 -18.64 35.94
N LYS A 340 74.32 -17.83 36.84
CA LYS A 340 74.73 -16.48 36.49
C LYS A 340 76.11 -16.44 35.83
N ASN A 341 76.89 -17.51 35.93
CA ASN A 341 78.21 -17.57 35.31
C ASN A 341 78.19 -18.25 33.95
N LEU A 342 77.07 -18.84 33.57
CA LEU A 342 76.96 -19.39 32.22
C LEU A 342 77.10 -18.27 31.19
N LYS A 343 77.82 -18.57 30.11
CA LYS A 343 78.03 -17.62 29.04
C LYS A 343 77.52 -18.11 27.69
N LEU A 344 77.31 -19.41 27.54
CA LEU A 344 76.76 -19.98 26.32
C LEU A 344 75.32 -20.40 26.51
N PHE A 345 75.04 -21.25 27.49
CA PHE A 345 73.67 -21.45 27.93
C PHE A 345 73.09 -20.10 28.36
N THR A 346 71.86 -19.84 27.95
CA THR A 346 71.19 -18.59 28.30
C THR A 346 70.17 -18.86 29.39
N LEU A 347 70.18 -18.01 30.42
CA LEU A 347 69.20 -18.11 31.50
C LEU A 347 67.86 -17.66 30.95
N ALA A 348 67.00 -18.61 30.61
CA ALA A 348 65.75 -18.28 29.95
C ALA A 348 64.79 -19.46 30.07
N VAL A 349 63.51 -19.16 29.91
CA VAL A 349 62.43 -20.14 29.96
C VAL A 349 62.37 -20.81 28.59
N SER A 350 61.59 -21.91 28.48
CA SER A 350 61.34 -22.63 27.24
C SER A 350 62.48 -23.58 26.89
N LEU A 351 62.34 -24.29 25.78
CA LEU A 351 63.22 -25.40 25.46
C LEU A 351 63.02 -25.78 24.00
N GLY A 352 63.96 -26.59 23.48
CA GLY A 352 63.80 -27.19 22.19
C GLY A 352 64.31 -26.39 21.01
N GLY A 353 64.96 -25.25 21.25
CA GLY A 353 65.53 -24.46 20.17
C GLY A 353 66.94 -24.91 19.83
N PHE A 354 67.52 -24.22 18.86
CA PHE A 354 68.92 -24.46 18.53
C PHE A 354 69.86 -23.88 19.57
N GLU A 355 69.36 -22.96 20.39
CA GLU A 355 70.16 -22.32 21.43
C GLU A 355 70.09 -23.13 22.72
N SER A 356 71.20 -23.21 23.43
CA SER A 356 71.21 -23.89 24.71
C SER A 356 70.65 -22.97 25.78
N LEU A 357 69.74 -23.49 26.59
CA LEU A 357 69.06 -22.72 27.63
C LEU A 357 69.25 -23.38 28.99
N ALA A 358 69.14 -22.58 30.04
CA ALA A 358 69.28 -23.05 31.41
C ALA A 358 68.24 -22.37 32.28
N GLU A 359 67.79 -23.08 33.32
CA GLU A 359 66.69 -22.57 34.13
C GLU A 359 66.62 -23.30 35.46
N LEU A 360 66.17 -22.57 36.49
CA LEU A 360 65.87 -23.09 37.83
C LEU A 360 64.36 -23.26 37.97
N PRO A 361 63.82 -24.46 37.78
CA PRO A 361 62.34 -24.60 37.67
C PRO A 361 61.56 -24.15 38.90
N ALA A 362 62.13 -24.24 40.10
CA ALA A 362 61.36 -23.89 41.29
C ALA A 362 61.07 -22.39 41.34
N SER A 363 61.92 -21.57 40.72
CA SER A 363 61.71 -20.14 40.66
C SER A 363 61.07 -19.67 39.35
N MET A 364 61.13 -20.47 38.29
CA MET A 364 60.78 -19.96 36.97
C MET A 364 59.57 -20.67 36.37
N THR A 365 59.73 -21.87 35.80
CA THR A 365 58.60 -22.50 35.11
C THR A 365 57.66 -23.24 36.04
N HIS A 366 58.09 -23.62 37.23
CA HIS A 366 57.23 -24.39 38.11
C HIS A 366 57.04 -23.70 39.46
N ALA A 367 57.11 -22.36 39.46
CA ALA A 367 56.67 -21.60 40.62
C ALA A 367 55.15 -21.56 40.75
N SER A 368 54.44 -21.84 39.66
CA SER A 368 52.99 -21.98 39.71
C SER A 368 52.56 -23.28 40.40
N VAL A 369 53.44 -24.28 40.43
CA VAL A 369 53.16 -25.51 41.16
C VAL A 369 53.42 -25.28 42.65
N LEU A 370 52.56 -25.85 43.48
CA LEU A 370 52.62 -25.65 44.92
C LEU A 370 53.93 -26.16 45.50
N LYS A 371 54.39 -25.52 46.57
CA LYS A 371 55.71 -25.82 47.11
C LYS A 371 55.78 -27.26 47.64
N ASN A 372 54.80 -27.66 48.45
CA ASN A 372 54.82 -29.02 48.95
C ASN A 372 54.31 -30.02 47.91
N ASP A 373 53.86 -29.55 46.76
CA ASP A 373 53.84 -30.42 45.59
C ASP A 373 55.18 -30.44 44.88
N ARG A 374 56.00 -29.40 45.05
CA ARG A 374 57.31 -29.38 44.40
C ARG A 374 58.30 -30.31 45.09
N ASP A 375 58.23 -30.39 46.43
CA ASP A 375 59.20 -31.18 47.19
C ASP A 375 58.86 -32.66 47.20
N VAL A 376 57.62 -33.03 46.85
CA VAL A 376 57.31 -34.43 46.62
C VAL A 376 57.61 -34.81 45.18
N LEU A 377 57.52 -33.86 44.26
CA LEU A 377 57.96 -34.08 42.89
C LEU A 377 59.48 -34.15 42.76
N GLY A 378 60.22 -33.58 43.70
CA GLY A 378 61.66 -33.49 43.61
C GLY A 378 62.18 -32.17 43.07
N ILE A 379 61.30 -31.22 42.78
CA ILE A 379 61.70 -29.92 42.23
C ILE A 379 62.23 -29.03 43.35
N SER A 380 63.45 -29.30 43.79
CA SER A 380 64.04 -28.62 44.94
C SER A 380 64.73 -27.32 44.49
N ASP A 381 65.42 -26.67 45.42
CA ASP A 381 66.15 -25.43 45.13
C ASP A 381 67.41 -25.66 44.32
N THR A 382 67.84 -26.90 44.14
CA THR A 382 69.05 -27.21 43.40
C THR A 382 68.77 -27.95 42.10
N LEU A 383 67.51 -28.22 41.78
CA LEU A 383 67.17 -28.87 40.52
C LEU A 383 67.30 -27.87 39.39
N ILE A 384 68.16 -28.18 38.43
CA ILE A 384 68.42 -27.32 37.28
C ILE A 384 68.05 -28.10 36.03
N ARG A 385 67.33 -27.47 35.12
CA ARG A 385 66.98 -28.07 33.84
C ARG A 385 67.74 -27.38 32.72
N LEU A 386 68.36 -28.17 31.84
CA LEU A 386 69.11 -27.67 30.71
C LEU A 386 68.42 -28.10 29.43
N SER A 387 68.39 -27.20 28.45
CA SER A 387 67.92 -27.50 27.10
C SER A 387 69.15 -27.40 26.21
N VAL A 388 69.80 -28.53 25.98
CA VAL A 388 71.06 -28.54 25.24
C VAL A 388 70.79 -28.26 23.77
N GLY A 389 71.41 -27.22 23.24
CA GLY A 389 71.21 -26.80 21.86
C GLY A 389 72.16 -27.47 20.90
N LEU A 390 72.40 -26.81 19.77
CA LEU A 390 73.19 -27.36 18.68
C LEU A 390 74.55 -26.69 18.55
N GLU A 391 74.99 -25.94 19.56
CA GLU A 391 76.33 -25.38 19.54
C GLU A 391 77.38 -26.49 19.57
N ASP A 392 78.64 -26.09 19.45
CA ASP A 392 79.73 -27.06 19.49
C ASP A 392 79.77 -27.72 20.86
N GLU A 393 79.83 -29.05 20.87
CA GLU A 393 79.90 -29.82 22.11
C GLU A 393 81.06 -29.35 22.99
N GLU A 394 82.20 -29.06 22.37
CA GLU A 394 83.36 -28.53 23.09
C GLU A 394 82.98 -27.29 23.89
N ASP A 395 82.40 -26.31 23.21
CA ASP A 395 82.05 -25.05 23.86
C ASP A 395 81.01 -25.25 24.95
N LEU A 396 80.02 -26.12 24.72
CA LEU A 396 78.99 -26.37 25.72
C LEU A 396 79.58 -26.99 26.98
N LEU A 397 80.48 -27.96 26.81
CA LEU A 397 81.06 -28.63 27.96
C LEU A 397 81.93 -27.67 28.78
N GLU A 398 82.73 -26.85 28.11
CA GLU A 398 83.57 -25.91 28.84
C GLU A 398 82.74 -24.84 29.56
N ASP A 399 81.63 -24.41 28.96
CA ASP A 399 80.76 -23.46 29.63
C ASP A 399 80.22 -24.03 30.93
N LEU A 400 79.76 -25.29 30.90
CA LEU A 400 79.29 -25.93 32.12
C LEU A 400 80.40 -26.09 33.14
N ASP A 401 81.59 -26.47 32.67
CA ASP A 401 82.74 -26.66 33.55
C ASP A 401 83.09 -25.38 34.29
N GLN A 402 83.30 -24.28 33.54
CA GLN A 402 83.70 -23.02 34.16
C GLN A 402 82.62 -22.51 35.12
N ALA A 403 81.35 -22.74 34.79
CA ALA A 403 80.28 -22.23 35.64
C ALA A 403 80.15 -23.05 36.93
N LEU A 404 80.36 -24.36 36.85
CA LEU A 404 80.36 -25.18 38.05
C LEU A 404 81.55 -24.81 38.95
N LYS A 405 82.72 -24.59 38.35
CA LYS A 405 83.88 -24.15 39.12
C LYS A 405 83.60 -22.82 39.82
N ALA A 406 82.88 -21.93 39.14
CA ALA A 406 82.55 -20.64 39.75
C ALA A 406 81.65 -20.81 40.96
N ALA A 407 80.66 -21.71 40.86
CA ALA A 407 79.73 -21.95 41.96
C ALA A 407 80.40 -22.59 43.16
N HIS A 408 81.50 -23.30 42.95
CA HIS A 408 82.20 -24.01 44.03
C HIS A 408 83.68 -23.69 43.92
N PRO A 409 84.10 -22.50 44.36
CA PRO A 409 85.49 -22.04 44.27
C PRO A 409 86.40 -22.75 45.26
N GLY B 20 22.44 14.35 13.06
CA GLY B 20 23.38 14.65 14.12
C GLY B 20 23.83 13.42 14.90
N PHE B 21 24.84 12.73 14.37
CA PHE B 21 25.47 11.63 15.09
C PHE B 21 26.25 12.17 16.30
N LEU B 22 26.73 11.26 17.12
CA LEU B 22 27.68 11.62 18.15
C LEU B 22 28.89 12.30 17.50
N PRO B 23 29.40 13.39 18.07
CA PRO B 23 30.64 13.98 17.56
C PRO B 23 31.77 12.96 17.60
N HIS B 24 32.62 12.99 16.57
CA HIS B 24 33.70 12.02 16.45
C HIS B 24 34.62 12.07 17.67
N PHE B 25 35.17 10.91 18.01
CA PHE B 25 36.00 10.79 19.21
C PHE B 25 37.32 11.53 19.02
N GLN B 26 37.67 12.35 20.00
CA GLN B 26 38.84 13.20 19.88
C GLN B 26 40.13 12.38 19.94
N HIS B 27 41.11 12.80 19.14
CA HIS B 27 42.47 12.24 19.10
C HIS B 27 42.52 10.81 18.58
N PHE B 28 41.44 10.29 18.01
CA PHE B 28 41.42 8.90 17.55
C PHE B 28 42.54 8.63 16.56
N ALA B 29 42.59 9.42 15.48
CA ALA B 29 43.61 9.22 14.46
C ALA B 29 45.01 9.35 15.03
N THR B 30 45.20 10.31 15.95
CA THR B 30 46.52 10.48 16.55
C THR B 30 46.88 9.28 17.41
N GLN B 31 45.96 8.84 18.26
CA GLN B 31 46.24 7.72 19.14
C GLN B 31 46.44 6.43 18.34
N ALA B 32 45.62 6.22 17.31
CA ALA B 32 45.74 5.02 16.49
C ALA B 32 47.10 4.91 15.84
N ILE B 33 47.74 6.05 15.55
CA ILE B 33 49.03 6.05 14.86
C ILE B 33 50.21 5.99 15.82
N HIS B 34 50.05 6.43 17.07
CA HIS B 34 51.18 6.65 17.97
C HIS B 34 51.14 5.84 19.27
N VAL B 35 49.96 5.47 19.77
CA VAL B 35 49.90 4.80 21.06
C VAL B 35 50.49 3.40 20.94
N GLY B 36 51.46 3.09 21.81
CA GLY B 36 52.21 1.86 21.72
C GLY B 36 53.37 1.88 20.75
N GLN B 37 53.52 2.94 19.95
CA GLN B 37 54.53 3.00 18.91
C GLN B 37 55.68 3.94 19.26
N ASP B 38 55.84 4.29 20.53
CA ASP B 38 56.90 5.19 20.96
C ASP B 38 58.26 4.61 20.63
N PRO B 39 59.08 5.30 19.81
CA PRO B 39 60.40 4.75 19.46
C PRO B 39 61.37 4.63 20.62
N GLU B 40 61.06 5.20 21.78
CA GLU B 40 61.96 5.08 22.93
C GLU B 40 61.95 3.67 23.51
N GLN B 41 61.01 2.81 23.11
CA GLN B 41 60.99 1.43 23.58
C GLN B 41 62.13 0.60 23.04
N TRP B 42 62.72 1.00 21.91
CA TRP B 42 63.69 0.18 21.21
C TRP B 42 65.03 0.89 21.16
N THR B 43 66.12 0.11 21.32
CA THR B 43 67.45 0.69 21.27
C THR B 43 67.72 1.36 19.93
N SER B 44 67.06 0.90 18.86
CA SER B 44 67.22 1.51 17.56
C SER B 44 66.42 2.79 17.41
N ARG B 45 65.42 3.00 18.27
CA ARG B 45 64.48 4.11 18.15
C ARG B 45 63.74 4.05 16.81
N ALA B 46 63.35 2.83 16.43
CA ALA B 46 62.61 2.63 15.19
C ALA B 46 61.24 3.30 15.27
N VAL B 47 60.86 3.96 14.18
CA VAL B 47 59.56 4.62 14.12
C VAL B 47 58.43 3.59 14.11
N VAL B 48 58.69 2.41 13.58
CA VAL B 48 57.73 1.30 13.57
C VAL B 48 58.24 0.24 14.55
N PRO B 49 57.42 -0.23 15.47
CA PRO B 49 57.86 -1.26 16.43
C PRO B 49 58.29 -2.52 15.71
N PRO B 50 59.41 -3.12 16.09
CA PRO B 50 59.85 -4.34 15.42
C PRO B 50 58.96 -5.53 15.75
N ILE B 51 58.95 -6.49 14.83
CA ILE B 51 58.24 -7.75 15.02
C ILE B 51 59.14 -8.69 15.83
N SER B 52 58.75 -8.95 17.08
CA SER B 52 59.53 -9.82 17.96
C SER B 52 58.93 -11.23 17.94
N LEU B 53 59.59 -12.14 17.22
CA LEU B 53 59.15 -13.53 17.17
C LEU B 53 59.66 -14.36 18.33
N SER B 54 60.66 -13.88 19.07
CA SER B 54 61.31 -14.68 20.11
C SER B 54 60.29 -15.22 21.11
N THR B 55 60.35 -16.53 21.34
CA THR B 55 59.44 -17.14 22.30
C THR B 55 59.87 -16.91 23.74
N THR B 56 61.17 -16.72 23.95
CA THR B 56 61.71 -16.57 25.30
C THR B 56 62.65 -15.38 25.35
N PHE B 57 63.08 -15.05 26.57
CA PHE B 57 63.83 -13.84 26.84
C PHE B 57 64.84 -14.13 27.93
N LYS B 58 66.01 -13.50 27.83
CA LYS B 58 67.07 -13.72 28.80
C LYS B 58 66.75 -12.99 30.11
N GLN B 59 66.94 -13.68 31.23
CA GLN B 59 66.61 -13.15 32.54
C GLN B 59 67.84 -13.01 33.42
N GLY B 60 67.63 -12.33 34.55
CA GLY B 60 68.46 -12.47 35.74
C GLY B 60 69.92 -12.12 35.60
N ALA B 61 70.24 -11.05 34.88
CA ALA B 61 71.63 -10.67 34.68
C ALA B 61 72.05 -9.56 35.63
N SER B 66 64.09 -5.91 30.00
CA SER B 66 62.90 -5.53 30.75
C SER B 66 62.07 -6.75 31.17
N GLY B 67 60.80 -6.53 31.47
CA GLY B 67 59.96 -7.57 32.02
C GLY B 67 59.26 -8.45 31.01
N PHE B 68 60.03 -9.28 30.31
CA PHE B 68 59.47 -10.30 29.42
C PHE B 68 60.02 -11.66 29.81
N ILE B 69 59.15 -12.67 29.82
CA ILE B 69 59.52 -14.01 30.27
C ILE B 69 59.29 -14.99 29.12
N TYR B 70 58.05 -15.03 28.64
CA TYR B 70 57.63 -16.03 27.66
C TYR B 70 56.60 -15.42 26.74
N SER B 71 56.76 -15.67 25.44
CA SER B 71 55.95 -14.99 24.42
C SER B 71 54.47 -15.07 24.71
N ARG B 72 53.98 -16.26 25.03
CA ARG B 72 52.54 -16.45 25.27
C ARG B 72 52.06 -15.57 26.42
N LEU B 73 52.84 -15.46 27.49
CA LEU B 73 52.45 -14.64 28.63
C LEU B 73 52.52 -13.15 28.32
N GLY B 74 53.25 -12.77 27.28
CA GLY B 74 53.40 -11.38 26.92
C GLY B 74 54.62 -11.20 26.04
N ASN B 75 54.51 -10.35 25.03
CA ASN B 75 55.64 -10.11 24.13
C ASN B 75 55.47 -8.73 23.53
N PRO B 76 56.57 -8.06 23.17
CA PRO B 76 56.49 -6.64 22.80
C PRO B 76 55.48 -6.30 21.71
N THR B 77 55.51 -7.01 20.58
CA THR B 77 54.63 -6.63 19.47
C THR B 77 53.17 -6.77 19.86
N ARG B 78 52.81 -7.82 20.58
CA ARG B 78 51.42 -7.96 21.00
C ARG B 78 51.05 -6.87 22.00
N ASN B 79 51.92 -6.61 22.98
CA ASN B 79 51.64 -5.59 23.99
C ASN B 79 51.43 -4.23 23.33
N CYS B 80 52.22 -3.90 22.31
CA CYS B 80 52.06 -2.63 21.61
C CYS B 80 50.67 -2.52 20.98
N LEU B 81 50.24 -3.59 20.29
CA LEU B 81 48.91 -3.58 19.70
C LEU B 81 47.82 -3.46 20.77
N GLU B 82 48.03 -4.12 21.92
CA GLU B 82 47.04 -4.08 22.99
C GLU B 82 46.91 -2.67 23.55
N LYS B 83 48.03 -1.98 23.77
CA LYS B 83 47.98 -0.61 24.25
C LYS B 83 47.24 0.30 23.27
N ALA B 84 47.43 0.07 21.97
CA ALA B 84 46.79 0.91 20.96
C ALA B 84 45.29 0.66 20.93
N VAL B 85 44.87 -0.62 20.87
CA VAL B 85 43.45 -0.93 20.75
C VAL B 85 42.70 -0.41 21.97
N ALA B 86 43.32 -0.52 23.16
CA ALA B 86 42.71 0.04 24.36
C ALA B 86 42.41 1.53 24.19
N ALA B 87 43.40 2.28 23.71
CA ALA B 87 43.22 3.72 23.50
C ALA B 87 42.07 3.99 22.53
N LEU B 88 41.98 3.22 21.45
CA LEU B 88 40.90 3.42 20.49
C LEU B 88 39.54 3.15 21.12
N ASP B 89 39.47 2.20 22.05
CA ASP B 89 38.23 1.94 22.78
C ASP B 89 38.03 2.90 23.94
N GLY B 90 39.01 3.73 24.27
CA GLY B 90 38.94 4.49 25.50
C GLY B 90 38.93 3.59 26.71
N ALA B 91 39.71 2.51 26.68
CA ALA B 91 39.77 1.53 27.75
C ALA B 91 41.12 1.57 28.44
N LYS B 92 41.17 1.00 29.63
CA LYS B 92 42.43 0.91 30.36
C LYS B 92 43.27 -0.27 29.88
N TYR B 93 42.63 -1.36 29.45
CA TYR B 93 43.36 -2.56 29.08
C TYR B 93 42.74 -3.20 27.84
N CYS B 94 43.57 -3.96 27.12
CA CYS B 94 43.12 -4.73 25.97
C CYS B 94 43.90 -6.05 25.93
N LEU B 95 43.22 -7.09 25.46
CA LEU B 95 43.81 -8.42 25.32
C LEU B 95 43.58 -8.92 23.91
N ALA B 96 44.62 -9.45 23.29
CA ALA B 96 44.54 -9.97 21.93
C ALA B 96 44.42 -11.48 21.95
N PHE B 97 43.77 -12.04 20.93
CA PHE B 97 43.47 -13.46 20.89
C PHE B 97 43.60 -13.98 19.47
N ALA B 98 43.76 -15.31 19.37
CA ALA B 98 43.98 -15.97 18.09
C ALA B 98 42.82 -15.78 17.11
N SER B 99 41.66 -15.32 17.58
CA SER B 99 40.49 -15.08 16.75
C SER B 99 39.43 -14.45 17.62
N GLY B 100 38.38 -13.91 16.98
CA GLY B 100 37.22 -13.47 17.72
C GLY B 100 36.56 -14.61 18.47
N MET B 101 36.39 -15.75 17.79
CA MET B 101 35.89 -16.96 18.41
C MET B 101 36.67 -17.29 19.68
N ALA B 102 38.00 -17.31 19.59
CA ALA B 102 38.82 -17.59 20.77
C ALA B 102 38.67 -16.50 21.82
N ALA B 103 38.43 -15.26 21.41
CA ALA B 103 38.15 -14.21 22.38
C ALA B 103 36.83 -14.47 23.09
N THR B 104 35.82 -14.94 22.36
CA THR B 104 34.55 -15.28 22.98
C THR B 104 34.70 -16.44 23.96
N VAL B 105 35.45 -17.47 23.56
CA VAL B 105 35.62 -18.65 24.42
C VAL B 105 36.36 -18.28 25.69
N THR B 106 37.35 -17.38 25.58
CA THR B 106 38.11 -17.00 26.77
C THR B 106 37.23 -16.24 27.77
N ILE B 107 36.39 -15.34 27.27
CA ILE B 107 35.48 -14.61 28.16
C ILE B 107 34.56 -15.58 28.90
N THR B 108 34.01 -16.56 28.17
CA THR B 108 33.12 -17.53 28.81
C THR B 108 33.81 -18.27 29.94
N HIS B 109 35.12 -18.49 29.83
CA HIS B 109 35.88 -19.16 30.88
C HIS B 109 35.97 -18.32 32.14
N LEU B 110 35.41 -17.11 32.12
CA LEU B 110 35.31 -16.30 33.33
C LEU B 110 34.29 -16.84 34.31
N LEU B 111 33.43 -17.74 33.87
CA LEU B 111 32.30 -18.20 34.66
C LEU B 111 32.65 -19.52 35.34
N LYS B 112 31.63 -20.18 35.89
CA LYS B 112 31.77 -21.50 36.49
C LYS B 112 30.50 -22.28 36.20
N ALA B 113 30.53 -23.57 36.53
CA ALA B 113 29.36 -24.41 36.33
C ALA B 113 28.20 -23.92 37.18
N GLY B 114 27.01 -23.90 36.59
CA GLY B 114 25.82 -23.40 37.24
C GLY B 114 25.43 -22.00 36.83
N ASP B 115 26.38 -21.20 36.34
CA ASP B 115 26.06 -19.86 35.90
C ASP B 115 25.21 -19.87 34.63
N GLN B 116 24.57 -18.75 34.37
CA GLN B 116 23.65 -18.61 33.25
C GLN B 116 24.12 -17.50 32.33
N ILE B 117 24.00 -17.73 31.02
CA ILE B 117 24.41 -16.77 29.99
C ILE B 117 23.18 -16.37 29.19
N ILE B 118 22.94 -15.06 29.10
CA ILE B 118 21.92 -14.52 28.21
C ILE B 118 22.62 -14.02 26.94
N CYS B 119 22.12 -14.46 25.79
CA CYS B 119 22.72 -14.12 24.51
C CYS B 119 21.67 -13.54 23.58
N MET B 120 22.07 -12.53 22.82
CA MET B 120 21.20 -11.94 21.81
C MET B 120 20.75 -13.02 20.83
N ASP B 121 19.49 -12.93 20.40
CA ASP B 121 18.91 -14.00 19.59
C ASP B 121 19.54 -14.07 18.20
N ASP B 122 19.92 -12.92 17.62
CA ASP B 122 20.61 -12.88 16.34
C ASP B 122 22.05 -12.46 16.58
N VAL B 123 22.97 -13.41 16.49
CA VAL B 123 24.39 -13.16 16.63
C VAL B 123 25.13 -13.86 15.49
N TYR B 124 26.45 -13.71 15.51
CA TYR B 124 27.30 -14.46 14.59
C TYR B 124 27.08 -15.96 14.77
N GLY B 125 27.09 -16.69 13.66
CA GLY B 125 26.76 -18.11 13.71
C GLY B 125 27.61 -18.89 14.70
N GLY B 126 28.93 -18.69 14.65
CA GLY B 126 29.81 -19.42 15.54
C GLY B 126 29.63 -19.09 17.00
N THR B 127 29.32 -17.82 17.31
CA THR B 127 29.02 -17.47 18.70
C THR B 127 27.80 -18.25 19.18
N ASN B 128 26.76 -18.24 18.37
CA ASN B 128 25.54 -18.96 18.69
C ASN B 128 25.79 -20.47 18.70
N ALA B 129 26.62 -20.95 17.77
CA ALA B 129 26.96 -22.38 17.75
C ALA B 129 27.79 -22.78 18.96
N TYR B 130 28.68 -21.90 19.44
CA TYR B 130 29.52 -22.23 20.59
C TYR B 130 28.70 -22.36 21.86
N PHE B 131 27.82 -21.39 22.12
CA PHE B 131 27.05 -21.40 23.36
C PHE B 131 26.15 -22.63 23.43
N ARG B 132 25.46 -22.95 22.34
CA ARG B 132 24.44 -23.99 22.42
C ARG B 132 25.04 -25.39 22.35
N GLN B 133 26.14 -25.57 21.60
CA GLN B 133 26.71 -26.89 21.42
C GLN B 133 27.86 -27.22 22.37
N VAL B 134 28.63 -26.23 22.81
CA VAL B 134 29.84 -26.45 23.60
C VAL B 134 29.65 -25.98 25.05
N ALA B 135 29.38 -24.68 25.23
CA ALA B 135 29.32 -24.13 26.58
C ALA B 135 28.23 -24.81 27.42
N SER B 136 27.15 -25.26 26.78
CA SER B 136 26.07 -25.92 27.49
C SER B 136 26.46 -27.27 28.06
N GLU B 137 27.52 -27.90 27.53
CA GLU B 137 27.95 -29.20 28.00
C GLU B 137 28.71 -29.13 29.31
N PHE B 138 28.96 -27.93 29.85
CA PHE B 138 29.84 -27.77 31.00
C PHE B 138 29.15 -26.98 32.11
N GLY B 139 27.88 -27.29 32.35
CA GLY B 139 27.17 -26.69 33.46
C GLY B 139 26.78 -25.23 33.27
N LEU B 140 26.82 -24.73 32.04
CA LEU B 140 26.40 -23.37 31.74
C LEU B 140 25.04 -23.43 31.05
N LYS B 141 24.07 -22.70 31.62
CA LYS B 141 22.75 -22.57 31.00
C LYS B 141 22.73 -21.33 30.13
N ILE B 142 22.21 -21.47 28.92
CA ILE B 142 22.27 -20.40 27.92
C ILE B 142 20.85 -20.14 27.39
N SER B 143 20.40 -18.89 27.49
CA SER B 143 19.09 -18.48 27.00
C SER B 143 19.28 -17.42 25.92
N PHE B 144 18.67 -17.65 24.75
CA PHE B 144 18.72 -16.70 23.64
C PHE B 144 17.51 -15.79 23.72
N VAL B 145 17.75 -14.49 23.89
CA VAL B 145 16.71 -13.51 24.16
C VAL B 145 16.85 -12.34 23.20
N ASP B 146 15.72 -11.82 22.72
CA ASP B 146 15.69 -10.58 21.96
C ASP B 146 15.93 -9.42 22.93
N CYS B 147 17.19 -9.00 23.06
CA CYS B 147 17.55 -7.93 23.98
C CYS B 147 17.27 -6.54 23.42
N SER B 148 16.79 -6.45 22.18
CA SER B 148 16.32 -5.15 21.70
C SER B 148 15.07 -4.74 22.45
N LYS B 149 14.26 -5.71 22.84
CA LYS B 149 12.97 -5.43 23.48
C LYS B 149 13.15 -5.42 24.98
N ILE B 150 12.70 -4.32 25.60
CA ILE B 150 13.34 -3.76 26.79
C ILE B 150 13.38 -4.78 27.92
N LYS B 151 12.23 -5.32 28.30
CA LYS B 151 12.13 -6.18 29.47
C LYS B 151 11.70 -7.60 29.12
N LEU B 152 11.93 -8.01 27.87
CA LEU B 152 12.13 -9.43 27.62
C LEU B 152 13.47 -9.87 28.17
N LEU B 153 14.40 -8.92 28.30
CA LEU B 153 15.71 -9.18 28.86
C LEU B 153 15.62 -9.43 30.37
N GLU B 154 15.01 -8.49 31.11
CA GLU B 154 14.89 -8.63 32.55
C GLU B 154 13.98 -9.77 32.95
N ALA B 155 13.09 -10.22 32.06
CA ALA B 155 12.34 -11.45 32.33
C ALA B 155 13.25 -12.67 32.26
N ALA B 156 14.33 -12.59 31.48
CA ALA B 156 15.27 -13.70 31.35
C ALA B 156 16.40 -13.65 32.36
N ILE B 157 16.60 -12.54 33.06
CA ILE B 157 17.66 -12.46 34.04
C ILE B 157 17.20 -13.10 35.34
N THR B 158 18.08 -13.92 35.92
CA THR B 158 17.87 -14.59 37.20
C THR B 158 19.05 -14.27 38.09
N PRO B 159 18.98 -14.63 39.38
CA PRO B 159 20.16 -14.44 40.26
C PRO B 159 21.39 -15.21 39.82
N GLU B 160 21.26 -16.17 38.90
CA GLU B 160 22.38 -16.97 38.45
C GLU B 160 22.88 -16.54 37.07
N THR B 161 22.43 -15.38 36.57
CA THR B 161 22.97 -14.81 35.35
C THR B 161 24.29 -14.11 35.66
N LYS B 162 25.32 -14.42 34.88
CA LYS B 162 26.63 -13.84 35.08
C LYS B 162 27.18 -13.11 33.86
N LEU B 163 26.62 -13.38 32.68
CA LEU B 163 27.15 -12.80 31.44
C LEU B 163 25.98 -12.53 30.49
N VAL B 164 25.95 -11.33 29.93
CA VAL B 164 24.98 -10.95 28.90
C VAL B 164 25.78 -10.58 27.64
N TRP B 165 25.50 -11.28 26.55
CA TRP B 165 26.28 -11.16 25.32
C TRP B 165 25.40 -10.57 24.22
N ILE B 166 25.57 -9.27 23.96
CA ILE B 166 24.81 -8.57 22.94
C ILE B 166 25.74 -8.18 21.80
N GLU B 167 25.13 -7.88 20.66
CA GLU B 167 25.86 -7.60 19.43
C GLU B 167 25.03 -6.60 18.63
N THR B 168 25.49 -5.35 18.57
CA THR B 168 24.72 -4.28 17.92
C THR B 168 25.62 -3.50 16.98
N PRO B 169 25.27 -3.37 15.69
CA PRO B 169 24.13 -4.06 15.06
C PRO B 169 24.32 -5.57 14.96
N THR B 170 23.23 -6.31 14.78
CA THR B 170 23.29 -7.76 14.78
C THR B 170 23.77 -8.29 13.43
N ASN B 171 24.18 -9.55 13.42
CA ASN B 171 24.63 -10.23 12.22
C ASN B 171 23.62 -11.31 11.85
N PRO B 172 22.96 -11.23 10.68
CA PRO B 172 23.11 -10.17 9.69
C PRO B 172 21.95 -9.20 9.59
N THR B 173 20.87 -9.40 10.35
CA THR B 173 19.69 -8.55 10.23
C THR B 173 19.89 -7.17 10.84
N GLN B 174 21.00 -6.96 11.56
CA GLN B 174 21.43 -5.62 11.98
C GLN B 174 20.38 -4.91 12.83
N LYS B 175 19.85 -5.63 13.82
CA LYS B 175 19.06 -4.99 14.85
C LYS B 175 19.99 -4.24 15.80
N VAL B 176 19.52 -3.10 16.29
CA VAL B 176 20.33 -2.23 17.13
C VAL B 176 19.81 -2.26 18.55
N ILE B 177 20.73 -2.36 19.50
CA ILE B 177 20.41 -2.41 20.92
C ILE B 177 20.88 -1.11 21.57
N ASP B 178 20.03 -0.54 22.42
CA ASP B 178 20.44 0.59 23.25
C ASP B 178 21.44 0.07 24.29
N ILE B 179 22.73 0.33 24.05
CA ILE B 179 23.76 -0.20 24.93
C ILE B 179 23.64 0.40 26.33
N GLU B 180 23.49 1.72 26.41
CA GLU B 180 23.40 2.39 27.71
C GLU B 180 22.17 1.92 28.48
N GLY B 181 21.04 1.74 27.79
CA GLY B 181 19.85 1.23 28.44
C GLY B 181 19.98 -0.23 28.81
N CYS B 182 20.46 -1.05 27.88
CA CYS B 182 20.66 -2.47 28.17
C CYS B 182 21.68 -2.66 29.28
N ALA B 183 22.72 -1.81 29.30
CA ALA B 183 23.66 -1.84 30.42
C ALA B 183 22.96 -1.50 31.73
N HIS B 184 22.08 -0.50 31.70
CA HIS B 184 21.35 -0.14 32.90
C HIS B 184 20.51 -1.31 33.40
N ILE B 185 19.80 -1.99 32.51
CA ILE B 185 19.02 -3.15 32.93
C ILE B 185 19.94 -4.18 33.57
N VAL B 186 21.12 -4.39 32.97
CA VAL B 186 21.96 -5.53 33.34
C VAL B 186 22.65 -5.30 34.68
N HIS B 187 23.10 -4.07 34.96
CA HIS B 187 23.97 -3.83 36.11
C HIS B 187 23.20 -3.65 37.41
N LYS B 188 21.89 -3.85 37.39
CA LYS B 188 21.06 -3.65 38.56
C LYS B 188 20.72 -4.97 39.25
N HIS B 189 21.31 -6.07 38.77
CA HIS B 189 21.04 -7.43 39.25
C HIS B 189 22.29 -8.06 39.84
N GLY B 190 23.12 -7.28 40.52
CA GLY B 190 24.35 -7.84 41.07
C GLY B 190 25.49 -7.81 40.05
N ASP B 191 26.38 -8.80 40.14
CA ASP B 191 27.56 -8.84 39.26
C ASP B 191 27.17 -9.56 37.96
N ILE B 192 26.98 -8.78 36.91
CA ILE B 192 26.77 -9.36 35.58
C ILE B 192 27.63 -8.60 34.58
N ILE B 193 28.37 -9.36 33.80
CA ILE B 193 29.28 -8.82 32.79
C ILE B 193 28.46 -8.61 31.52
N LEU B 194 28.37 -7.36 31.08
CA LEU B 194 27.77 -7.05 29.80
C LEU B 194 28.87 -6.96 28.75
N VAL B 195 28.75 -7.77 27.70
CA VAL B 195 29.70 -7.77 26.59
C VAL B 195 29.02 -7.21 25.36
N VAL B 196 29.67 -6.26 24.70
CA VAL B 196 29.23 -5.78 23.41
C VAL B 196 30.23 -6.24 22.36
N ASP B 197 29.77 -7.07 21.45
CA ASP B 197 30.53 -7.44 20.26
C ASP B 197 30.43 -6.28 19.28
N ASN B 198 31.50 -5.49 19.19
CA ASN B 198 31.52 -4.26 18.40
C ASN B 198 32.09 -4.47 17.00
N THR B 199 32.05 -5.71 16.50
CA THR B 199 32.72 -6.04 15.24
C THR B 199 32.22 -5.18 14.08
N PHE B 200 30.90 -5.00 13.96
CA PHE B 200 30.34 -4.36 12.78
C PHE B 200 30.63 -2.86 12.71
N MET B 201 30.90 -2.19 13.83
CA MET B 201 31.02 -0.74 13.85
C MET B 201 32.44 -0.22 14.01
N SER B 202 33.30 -0.95 14.73
CA SER B 202 34.67 -0.55 15.08
C SER B 202 34.63 0.57 16.10
N PRO B 203 35.66 0.71 16.96
CA PRO B 203 35.62 1.76 17.99
C PRO B 203 35.64 3.16 17.41
N TYR B 204 35.94 3.32 16.12
CA TYR B 204 35.88 4.62 15.49
C TYR B 204 34.45 5.15 15.44
N PHE B 205 33.46 4.25 15.34
CA PHE B 205 32.07 4.67 15.25
C PHE B 205 31.26 4.43 16.51
N GLN B 206 31.72 3.56 17.41
CA GLN B 206 30.93 3.20 18.58
C GLN B 206 31.87 2.72 19.69
N ARG B 207 31.68 3.27 20.89
CA ARG B 207 32.53 2.98 22.05
C ARG B 207 31.68 2.36 23.15
N PRO B 208 31.43 1.05 23.09
CA PRO B 208 30.51 0.41 24.06
C PRO B 208 30.92 0.61 25.51
N LEU B 209 32.21 0.79 25.80
CA LEU B 209 32.62 1.00 27.19
C LEU B 209 32.17 2.36 27.71
N ALA B 210 32.14 3.37 26.84
CA ALA B 210 31.62 4.68 27.24
C ALA B 210 30.12 4.64 27.50
N LEU B 211 29.43 3.63 26.98
CA LEU B 211 27.99 3.49 27.15
C LEU B 211 27.62 2.56 28.30
N GLY B 212 28.58 2.14 29.11
CA GLY B 212 28.30 1.36 30.30
C GLY B 212 28.63 -0.12 30.18
N ALA B 213 28.88 -0.63 28.98
CA ALA B 213 29.24 -2.03 28.84
C ALA B 213 30.54 -2.32 29.59
N ASP B 214 30.68 -3.59 29.99
CA ASP B 214 31.85 -4.01 30.75
C ASP B 214 33.00 -4.44 29.86
N ILE B 215 32.70 -4.94 28.66
CA ILE B 215 33.70 -5.49 27.76
C ILE B 215 33.33 -5.13 26.33
N SER B 216 34.25 -4.47 25.62
CA SER B 216 34.12 -4.23 24.20
C SER B 216 34.99 -5.26 23.48
N MET B 217 34.36 -6.10 22.66
CA MET B 217 35.01 -7.24 22.05
C MET B 217 34.90 -7.15 20.53
N TYR B 218 35.97 -7.54 19.83
CA TYR B 218 36.00 -7.48 18.38
C TYR B 218 36.50 -8.79 17.80
N SER B 219 35.96 -9.14 16.63
CA SER B 219 36.66 -9.99 15.69
C SER B 219 37.52 -9.06 14.84
N ALA B 220 38.79 -8.89 15.25
CA ALA B 220 39.72 -8.05 14.50
C ALA B 220 39.90 -8.54 13.07
N THR B 221 39.48 -9.76 12.79
CA THR B 221 39.49 -10.31 11.44
C THR B 221 38.79 -9.40 10.44
N1 LLP B 222 31.81 -12.12 15.82
C2 LLP B 222 31.24 -11.33 14.88
C2' LLP B 222 30.16 -10.29 15.30
C3 LLP B 222 31.61 -11.45 13.52
O3 LLP B 222 31.01 -10.63 12.57
C4 LLP B 222 32.55 -12.38 13.14
C4' LLP B 222 32.98 -12.49 11.57
C5 LLP B 222 33.14 -13.18 14.08
C6 LLP B 222 32.78 -13.06 15.43
C5' LLP B 222 34.22 -14.22 13.66
OP4 LLP B 222 35.23 -14.29 14.63
P LLP B 222 36.61 -14.86 14.22
OP1 LLP B 222 36.85 -16.17 14.99
OP2 LLP B 222 37.67 -13.89 14.55
OP3 LLP B 222 36.62 -15.13 12.76
N LLP B 222 37.81 -8.64 10.93
CA LLP B 222 37.01 -7.78 10.05
CB LLP B 222 35.60 -7.74 10.56
CG LLP B 222 35.12 -9.15 10.92
CD LLP B 222 35.19 -10.11 9.72
CE LLP B 222 34.23 -11.30 9.92
NZ LLP B 222 34.03 -11.54 11.35
C LLP B 222 37.60 -6.39 9.93
O LLP B 222 38.70 -6.26 9.42
N TYR B 223 36.89 -5.38 10.42
CA TYR B 223 37.27 -3.99 10.18
C TYR B 223 38.60 -3.56 10.83
N MET B 224 38.89 -4.10 12.02
CA MET B 224 40.07 -3.66 12.78
C MET B 224 41.33 -3.78 11.94
N ASN B 225 41.71 -5.01 11.58
CA ASN B 225 42.83 -5.20 10.66
C ASN B 225 42.49 -4.66 9.27
N GLY B 226 41.29 -4.98 8.77
CA GLY B 226 40.77 -4.37 7.58
C GLY B 226 41.35 -4.84 6.26
N HIS B 227 42.26 -5.81 6.27
CA HIS B 227 42.97 -6.18 5.04
C HIS B 227 42.83 -7.66 4.70
N SER B 228 41.85 -8.35 5.28
CA SER B 228 41.46 -9.71 4.88
C SER B 228 42.62 -10.69 4.93
N ASP B 229 43.57 -10.47 5.86
CA ASP B 229 44.74 -11.35 5.91
C ASP B 229 45.15 -11.67 7.35
N VAL B 230 44.29 -11.43 8.33
CA VAL B 230 44.60 -11.70 9.73
C VAL B 230 43.34 -12.20 10.42
N VAL B 231 43.45 -13.36 11.08
CA VAL B 231 42.40 -13.86 11.96
C VAL B 231 42.81 -13.49 13.38
N MET B 232 41.99 -12.68 14.04
CA MET B 232 42.37 -12.15 15.35
C MET B 232 41.13 -11.66 16.10
N GLY B 233 41.18 -11.79 17.43
CA GLY B 233 40.16 -11.23 18.29
C GLY B 233 40.72 -10.21 19.28
N LEU B 234 39.87 -9.33 19.79
CA LEU B 234 40.31 -8.26 20.69
C LEU B 234 39.30 -8.09 21.81
N VAL B 235 39.79 -7.82 23.02
CA VAL B 235 38.94 -7.65 24.20
C VAL B 235 39.45 -6.44 25.00
N SER B 236 38.65 -5.38 25.03
CA SER B 236 38.98 -4.18 25.79
C SER B 236 38.10 -4.11 27.04
N VAL B 237 38.66 -3.58 28.11
CA VAL B 237 38.01 -3.65 29.42
C VAL B 237 38.58 -2.56 30.32
N ASN B 238 37.76 -2.09 31.27
CA ASN B 238 38.15 -1.07 32.22
C ASN B 238 38.29 -1.59 33.65
N CYS B 239 37.47 -2.56 34.05
CA CYS B 239 37.43 -3.01 35.43
C CYS B 239 38.68 -3.83 35.77
N GLU B 240 39.29 -3.53 36.93
CA GLU B 240 40.57 -4.13 37.30
C GLU B 240 40.45 -5.64 37.47
N SER B 241 39.54 -6.09 38.33
CA SER B 241 39.40 -7.52 38.55
C SER B 241 39.02 -8.24 37.27
N LEU B 242 38.10 -7.65 36.49
CA LEU B 242 37.74 -8.23 35.20
C LEU B 242 38.96 -8.37 34.31
N HIS B 243 39.88 -7.41 34.38
CA HIS B 243 41.09 -7.49 33.55
C HIS B 243 42.02 -8.58 34.07
N ASN B 244 42.29 -8.58 35.39
CA ASN B 244 43.18 -9.57 35.97
C ASN B 244 42.72 -11.00 35.67
N ARG B 245 41.40 -11.24 35.76
CA ARG B 245 40.87 -12.56 35.45
C ARG B 245 41.02 -12.87 33.97
N LEU B 246 40.67 -11.91 33.10
CA LEU B 246 40.88 -12.09 31.67
C LEU B 246 42.36 -12.28 31.35
N ARG B 247 43.22 -11.50 31.99
CA ARG B 247 44.66 -11.60 31.73
C ARG B 247 45.19 -12.96 32.16
N PHE B 248 44.73 -13.47 33.31
CA PHE B 248 45.10 -14.83 33.70
C PHE B 248 44.67 -15.84 32.64
N LEU B 249 43.44 -15.69 32.13
CA LEU B 249 42.93 -16.67 31.18
C LEU B 249 43.62 -16.58 29.83
N GLN B 250 44.12 -15.40 29.45
CA GLN B 250 44.86 -15.28 28.21
C GLN B 250 46.11 -16.16 28.24
N ASN B 251 46.82 -16.16 29.36
CA ASN B 251 48.02 -16.99 29.48
C ASN B 251 47.66 -18.45 29.71
N SER B 252 46.61 -18.71 30.50
CA SER B 252 46.31 -20.08 30.92
C SER B 252 45.64 -20.90 29.82
N LEU B 253 44.85 -20.27 28.95
CA LEU B 253 44.23 -20.99 27.85
C LEU B 253 45.05 -20.97 26.58
N GLY B 254 45.96 -20.00 26.45
CA GLY B 254 46.91 -20.00 25.35
C GLY B 254 46.35 -19.71 23.98
N ALA B 255 45.17 -19.10 23.89
CA ALA B 255 44.59 -18.76 22.59
C ALA B 255 45.07 -17.37 22.14
N VAL B 256 46.38 -17.27 21.94
CA VAL B 256 47.04 -15.99 21.69
C VAL B 256 47.43 -15.86 20.23
N PRO B 257 47.56 -14.64 19.71
CA PRO B 257 47.90 -14.47 18.29
C PRO B 257 49.41 -14.44 18.04
N SER B 258 49.77 -14.72 16.79
CA SER B 258 51.15 -14.60 16.37
C SER B 258 51.61 -13.15 16.47
N PRO B 259 52.86 -12.90 16.87
CA PRO B 259 53.38 -11.53 16.83
C PRO B 259 53.35 -10.93 15.43
N ILE B 260 53.58 -11.73 14.38
CA ILE B 260 53.45 -11.21 13.03
C ILE B 260 52.03 -10.74 12.76
N ASP B 261 51.04 -11.51 13.21
CA ASP B 261 49.65 -11.10 13.03
C ASP B 261 49.36 -9.84 13.85
N CYS B 262 49.93 -9.75 15.06
CA CYS B 262 49.78 -8.54 15.85
C CYS B 262 50.36 -7.34 15.13
N TYR B 263 51.50 -7.53 14.48
CA TYR B 263 52.08 -6.44 13.70
C TYR B 263 51.18 -6.06 12.54
N LEU B 264 50.69 -7.06 11.80
CA LEU B 264 49.86 -6.80 10.63
C LEU B 264 48.57 -6.09 11.03
N CYS B 265 48.01 -6.45 12.20
CA CYS B 265 46.79 -5.80 12.66
C CYS B 265 47.06 -4.38 13.12
N ASN B 266 48.15 -4.16 13.86
CA ASN B 266 48.55 -2.82 14.23
C ASN B 266 48.74 -1.94 13.01
N ARG B 267 49.34 -2.52 11.96
CA ARG B 267 49.49 -1.81 10.70
C ARG B 267 48.14 -1.41 10.12
N GLY B 268 47.20 -2.34 10.09
CA GLY B 268 45.87 -2.03 9.61
C GLY B 268 45.20 -0.94 10.42
N LEU B 269 45.47 -0.91 11.73
CA LEU B 269 44.88 0.10 12.60
C LEU B 269 45.26 1.51 12.17
N LYS B 270 46.49 1.69 11.67
CA LYS B 270 46.97 3.03 11.33
C LYS B 270 46.10 3.70 10.27
N THR B 271 45.30 2.94 9.52
CA THR B 271 44.39 3.51 8.52
C THR B 271 42.94 3.28 8.87
N LEU B 272 42.63 2.79 10.07
CA LEU B 272 41.25 2.50 10.43
C LEU B 272 40.35 3.72 10.26
N HIS B 273 40.85 4.90 10.61
CA HIS B 273 40.00 6.09 10.56
C HIS B 273 39.65 6.49 9.13
N VAL B 274 40.62 6.45 8.20
CA VAL B 274 40.30 6.82 6.83
C VAL B 274 39.54 5.69 6.13
N ARG B 275 39.72 4.45 6.56
CA ARG B 275 38.98 3.34 5.98
C ARG B 275 37.51 3.37 6.41
N MET B 276 37.27 3.54 7.71
CA MET B 276 35.90 3.52 8.20
C MET B 276 35.09 4.69 7.65
N GLU B 277 35.74 5.84 7.44
CA GLU B 277 35.02 6.97 6.85
C GLU B 277 34.68 6.69 5.39
N ARG B 278 35.56 6.00 4.67
CA ARG B 278 35.25 5.64 3.29
C ARG B 278 34.21 4.53 3.24
N HIS B 279 34.28 3.57 4.17
CA HIS B 279 33.22 2.57 4.30
C HIS B 279 31.88 3.26 4.54
N PHE B 280 31.86 4.26 5.42
CA PHE B 280 30.64 5.01 5.72
C PHE B 280 30.08 5.66 4.45
N LYS B 281 30.94 6.29 3.66
CA LYS B 281 30.46 7.05 2.50
C LYS B 281 29.98 6.11 1.40
N ASN B 282 30.73 5.04 1.14
CA ASN B 282 30.30 4.08 0.14
C ASN B 282 29.09 3.27 0.61
N GLY B 283 29.09 2.86 1.87
CA GLY B 283 27.96 2.09 2.38
C GLY B 283 26.66 2.87 2.31
N MET B 284 26.69 4.15 2.69
CA MET B 284 25.50 5.00 2.60
C MET B 284 25.03 5.10 1.15
N ALA B 285 25.95 5.33 0.22
CA ALA B 285 25.58 5.43 -1.19
C ALA B 285 24.93 4.14 -1.68
N VAL B 286 25.52 3.00 -1.32
CA VAL B 286 24.94 1.72 -1.71
C VAL B 286 23.56 1.54 -1.09
N ALA B 287 23.43 1.87 0.20
CA ALA B 287 22.16 1.69 0.89
C ALA B 287 21.06 2.56 0.30
N GLN B 288 21.40 3.81 -0.04
CA GLN B 288 20.40 4.69 -0.64
C GLN B 288 20.02 4.20 -2.04
N PHE B 289 20.99 3.71 -2.81
CA PHE B 289 20.70 3.19 -4.14
C PHE B 289 19.77 1.99 -4.06
N LEU B 290 20.02 1.08 -3.12
CA LEU B 290 19.19 -0.11 -3.01
C LEU B 290 17.77 0.24 -2.60
N GLU B 291 17.59 1.26 -1.76
CA GLU B 291 16.26 1.58 -1.24
C GLU B 291 15.36 2.17 -2.32
N SER B 292 15.90 2.99 -3.21
CA SER B 292 15.13 3.56 -4.31
C SER B 292 15.15 2.67 -5.55
N ASN B 293 15.50 1.40 -5.40
CA ASN B 293 15.60 0.50 -6.54
C ASN B 293 14.34 -0.33 -6.69
N PRO B 294 13.80 -0.46 -7.90
CA PRO B 294 12.52 -1.14 -8.08
C PRO B 294 12.55 -2.64 -7.78
N TRP B 295 13.74 -3.22 -7.57
CA TRP B 295 13.85 -4.66 -7.39
C TRP B 295 14.35 -5.04 -6.00
N VAL B 296 14.25 -4.12 -5.04
CA VAL B 296 14.65 -4.36 -3.66
C VAL B 296 13.42 -4.20 -2.78
N GLU B 297 13.13 -5.25 -1.99
CA GLU B 297 11.97 -5.19 -1.10
C GLU B 297 12.22 -4.25 0.07
N LYS B 298 13.40 -4.33 0.68
CA LYS B 298 13.66 -3.64 1.93
C LYS B 298 15.17 -3.52 2.12
N VAL B 299 15.61 -2.40 2.70
CA VAL B 299 17.01 -2.17 3.01
C VAL B 299 17.14 -1.93 4.50
N ILE B 300 18.13 -2.56 5.11
CA ILE B 300 18.44 -2.39 6.52
C ILE B 300 19.83 -1.79 6.61
N TYR B 301 19.89 -0.51 6.96
CA TYR B 301 21.16 0.17 7.13
C TYR B 301 21.04 1.22 8.24
N PRO B 302 21.80 1.08 9.32
CA PRO B 302 21.67 2.00 10.45
C PRO B 302 21.83 3.47 10.09
N GLY B 303 22.50 3.78 8.98
CA GLY B 303 22.63 5.17 8.57
C GLY B 303 21.42 5.72 7.84
N LEU B 304 20.54 4.84 7.38
CA LEU B 304 19.33 5.25 6.67
C LEU B 304 18.24 5.62 7.67
N PRO B 305 17.47 6.69 7.40
CA PRO B 305 16.35 7.02 8.29
C PRO B 305 15.30 5.92 8.38
N SER B 306 15.18 5.09 7.34
CA SER B 306 14.20 4.02 7.33
C SER B 306 14.55 2.88 8.28
N HIS B 307 15.72 2.91 8.91
CA HIS B 307 16.07 1.87 9.85
C HIS B 307 15.26 2.05 11.14
N PRO B 308 14.71 0.97 11.69
CA PRO B 308 13.84 1.09 12.88
C PRO B 308 14.50 1.80 14.06
N GLN B 309 15.82 1.71 14.21
CA GLN B 309 16.52 2.33 15.32
C GLN B 309 17.47 3.44 14.86
N HIS B 310 17.18 4.09 13.72
CA HIS B 310 18.10 5.06 13.16
C HIS B 310 18.37 6.20 14.14
N GLU B 311 17.36 6.62 14.89
CA GLU B 311 17.56 7.69 15.86
C GLU B 311 18.40 7.21 17.05
N LEU B 312 18.28 5.94 17.40
CA LEU B 312 19.14 5.38 18.44
C LEU B 312 20.59 5.31 17.96
N VAL B 313 20.80 4.98 16.69
CA VAL B 313 22.15 4.90 16.15
C VAL B 313 22.85 6.25 16.25
N LYS B 314 22.16 7.32 15.84
CA LYS B 314 22.78 8.65 15.86
C LYS B 314 23.08 9.13 17.26
N ARG B 315 22.29 8.71 18.25
CA ARG B 315 22.56 9.04 19.64
C ARG B 315 23.68 8.19 20.22
N GLN B 316 23.96 7.06 19.60
CA GLN B 316 24.85 6.04 20.13
C GLN B 316 26.13 5.87 19.33
N CYS B 317 26.20 6.41 18.12
CA CYS B 317 27.36 6.23 17.25
C CYS B 317 27.73 7.57 16.61
N THR B 318 28.95 7.60 16.07
CA THR B 318 29.45 8.76 15.34
C THR B 318 29.34 8.58 13.83
N GLY B 319 28.80 7.46 13.37
CA GLY B 319 28.74 7.15 11.96
C GLY B 319 28.33 5.69 11.80
N CYS B 320 28.65 5.13 10.64
CA CYS B 320 28.26 3.75 10.39
C CYS B 320 29.21 3.10 9.41
N GLY B 321 29.41 1.78 9.59
CA GLY B 321 30.28 1.01 8.71
C GLY B 321 29.68 0.75 7.35
N GLY B 322 30.24 -0.21 6.61
CA GLY B 322 29.77 -0.50 5.27
C GLY B 322 28.99 -1.79 5.16
N MET B 323 28.42 -2.25 6.27
CA MET B 323 27.59 -3.45 6.26
C MET B 323 26.17 -3.04 5.89
N VAL B 324 25.72 -3.46 4.71
CA VAL B 324 24.39 -3.14 4.19
C VAL B 324 23.65 -4.45 3.97
N THR B 325 22.52 -4.60 4.65
CA THR B 325 21.68 -5.78 4.51
C THR B 325 20.38 -5.39 3.82
N PHE B 326 19.91 -6.23 2.90
CA PHE B 326 18.68 -5.93 2.18
C PHE B 326 18.01 -7.22 1.74
N TYR B 327 16.71 -7.12 1.47
CA TYR B 327 15.90 -8.20 0.93
C TYR B 327 15.62 -7.95 -0.54
N ILE B 328 15.90 -8.94 -1.37
CA ILE B 328 15.63 -8.83 -2.80
C ILE B 328 14.22 -9.35 -3.07
N LYS B 329 13.55 -8.72 -4.02
CA LYS B 329 12.23 -9.18 -4.43
C LYS B 329 12.33 -10.53 -5.14
N GLY B 330 11.30 -11.35 -4.97
CA GLY B 330 11.28 -12.66 -5.59
C GLY B 330 11.60 -13.79 -4.62
N THR B 331 12.25 -14.83 -5.12
CA THR B 331 12.64 -15.98 -4.32
C THR B 331 14.16 -16.15 -4.36
N LEU B 332 14.63 -17.28 -3.83
CA LEU B 332 16.06 -17.57 -3.83
C LEU B 332 16.61 -17.65 -5.26
N GLN B 333 15.78 -18.04 -6.22
CA GLN B 333 16.23 -18.07 -7.61
C GLN B 333 16.71 -16.71 -8.06
N HIS B 334 16.05 -15.64 -7.61
CA HIS B 334 16.47 -14.30 -7.96
C HIS B 334 17.64 -13.84 -7.09
N ALA B 335 17.69 -14.27 -5.83
CA ALA B 335 18.80 -13.92 -4.97
C ALA B 335 20.10 -14.52 -5.48
N GLU B 336 20.04 -15.73 -6.04
CA GLU B 336 21.24 -16.41 -6.51
C GLU B 336 21.69 -15.96 -7.88
N ILE B 337 20.75 -15.59 -8.77
CA ILE B 337 21.15 -15.00 -10.04
C ILE B 337 21.82 -13.65 -9.82
N PHE B 338 21.34 -12.90 -8.82
CA PHE B 338 21.95 -11.62 -8.49
C PHE B 338 23.40 -11.79 -8.07
N LEU B 339 23.66 -12.71 -7.13
CA LEU B 339 25.01 -12.91 -6.63
C LEU B 339 25.94 -13.40 -7.74
N LYS B 340 25.46 -14.32 -8.58
CA LYS B 340 26.28 -14.89 -9.64
C LYS B 340 26.65 -13.87 -10.70
N ASN B 341 25.84 -12.82 -10.87
CA ASN B 341 26.10 -11.83 -11.91
C ASN B 341 26.98 -10.67 -11.43
N LEU B 342 27.27 -10.59 -10.13
CA LEU B 342 28.17 -9.56 -9.64
C LEU B 342 29.55 -9.74 -10.25
N LYS B 343 30.11 -8.64 -10.77
CA LYS B 343 31.44 -8.65 -11.36
C LYS B 343 32.50 -7.98 -10.50
N LEU B 344 32.08 -7.14 -9.55
CA LEU B 344 33.00 -6.41 -8.68
C LEU B 344 32.93 -6.92 -7.25
N PHE B 345 31.75 -6.95 -6.65
CA PHE B 345 31.56 -7.65 -5.39
C PHE B 345 32.00 -9.10 -5.55
N THR B 346 32.63 -9.63 -4.52
CA THR B 346 33.07 -11.01 -4.53
C THR B 346 32.12 -11.85 -3.68
N LEU B 347 31.62 -12.94 -4.26
CA LEU B 347 30.78 -13.87 -3.51
C LEU B 347 31.65 -14.63 -2.53
N ALA B 348 31.65 -14.21 -1.27
CA ALA B 348 32.50 -14.85 -0.28
C ALA B 348 31.96 -14.57 1.12
N VAL B 349 32.52 -15.30 2.08
CA VAL B 349 32.19 -15.19 3.50
C VAL B 349 33.08 -14.09 4.07
N SER B 350 32.80 -13.65 5.31
CA SER B 350 33.57 -12.65 6.06
C SER B 350 33.20 -11.24 5.62
N LEU B 351 33.83 -10.23 6.22
CA LEU B 351 33.42 -8.85 5.98
C LEU B 351 34.51 -7.90 6.48
N GLY B 352 34.33 -6.63 6.16
CA GLY B 352 35.10 -5.56 6.78
C GLY B 352 36.42 -5.22 6.13
N GLY B 353 36.74 -5.79 4.98
CA GLY B 353 37.98 -5.50 4.29
C GLY B 353 37.81 -4.45 3.20
N PHE B 354 38.95 -4.09 2.60
CA PHE B 354 38.94 -3.07 1.56
C PHE B 354 38.14 -3.49 0.34
N GLU B 355 37.95 -4.79 0.12
CA GLU B 355 37.22 -5.29 -1.03
C GLU B 355 35.76 -5.53 -0.67
N SER B 356 34.89 -5.33 -1.65
CA SER B 356 33.46 -5.50 -1.45
C SER B 356 33.10 -6.98 -1.51
N LEU B 357 32.36 -7.44 -0.51
CA LEU B 357 31.92 -8.84 -0.43
C LEU B 357 30.40 -8.89 -0.43
N ALA B 358 29.86 -9.94 -1.06
CA ALA B 358 28.44 -10.23 -1.03
C ALA B 358 28.24 -11.68 -0.63
N GLU B 359 27.11 -11.96 0.00
CA GLU B 359 26.90 -13.28 0.58
C GLU B 359 25.43 -13.47 0.90
N LEU B 360 24.96 -14.72 0.77
CA LEU B 360 23.61 -15.10 1.13
C LEU B 360 23.64 -15.90 2.44
N PRO B 361 23.24 -15.31 3.57
CA PRO B 361 23.41 -15.98 4.87
C PRO B 361 22.64 -17.28 5.02
N ALA B 362 21.59 -17.52 4.23
CA ALA B 362 20.83 -18.75 4.37
C ALA B 362 21.69 -19.97 4.04
N SER B 363 22.58 -19.84 3.06
CA SER B 363 23.42 -20.94 2.61
C SER B 363 24.82 -20.91 3.20
N MET B 364 25.26 -19.78 3.76
CA MET B 364 26.69 -19.57 3.96
C MET B 364 27.05 -19.27 5.42
N THR B 365 26.93 -18.01 5.86
CA THR B 365 27.43 -17.65 7.18
C THR B 365 26.50 -18.09 8.30
N HIS B 366 25.19 -18.08 8.07
CA HIS B 366 24.23 -18.47 9.11
C HIS B 366 23.50 -19.75 8.71
N ALA B 367 24.16 -20.60 7.93
CA ALA B 367 23.63 -21.92 7.63
C ALA B 367 23.76 -22.87 8.81
N SER B 368 24.56 -22.51 9.81
CA SER B 368 24.71 -23.37 10.99
C SER B 368 23.55 -23.20 11.96
N VAL B 369 22.90 -22.04 11.95
CA VAL B 369 21.66 -21.84 12.71
C VAL B 369 20.54 -22.57 12.01
N LEU B 370 19.71 -23.28 12.78
CA LEU B 370 18.65 -24.07 12.16
C LEU B 370 17.45 -23.18 11.83
N LYS B 371 16.62 -23.68 10.91
CA LYS B 371 15.72 -22.81 10.15
C LYS B 371 14.59 -22.23 11.00
N ASN B 372 14.08 -22.97 12.00
CA ASN B 372 13.06 -22.38 12.85
C ASN B 372 13.60 -21.17 13.62
N ASP B 373 14.91 -21.13 13.86
CA ASP B 373 15.54 -19.92 14.36
C ASP B 373 15.84 -18.93 13.23
N ARG B 374 15.87 -19.40 11.98
CA ARG B 374 16.04 -18.49 10.84
C ARG B 374 14.76 -17.70 10.59
N ASP B 375 13.60 -18.34 10.73
CA ASP B 375 12.32 -17.68 10.45
C ASP B 375 11.98 -16.63 11.48
N VAL B 376 12.43 -16.79 12.73
CA VAL B 376 12.05 -15.86 13.78
C VAL B 376 12.94 -14.62 13.75
N LEU B 377 14.21 -14.79 13.34
CA LEU B 377 15.13 -13.66 13.27
C LEU B 377 15.05 -12.92 11.94
N GLY B 378 14.50 -13.53 10.92
CA GLY B 378 14.30 -12.90 9.64
C GLY B 378 15.27 -13.30 8.55
N ILE B 379 16.09 -14.31 8.77
CA ILE B 379 17.12 -14.72 7.81
C ILE B 379 16.50 -15.58 6.73
N SER B 380 15.66 -14.96 5.90
CA SER B 380 14.98 -15.66 4.82
C SER B 380 15.95 -15.94 3.67
N ASP B 381 15.45 -16.61 2.63
CA ASP B 381 16.25 -16.94 1.47
C ASP B 381 16.41 -15.77 0.50
N THR B 382 15.79 -14.63 0.78
CA THR B 382 15.97 -13.43 -0.02
C THR B 382 16.79 -12.38 0.70
N LEU B 383 17.33 -12.71 1.87
CA LEU B 383 18.13 -11.79 2.66
C LEU B 383 19.59 -11.84 2.20
N ILE B 384 20.08 -10.74 1.63
CA ILE B 384 21.44 -10.65 1.15
C ILE B 384 22.23 -9.71 2.06
N ARG B 385 23.45 -10.09 2.41
CA ARG B 385 24.33 -9.23 3.19
C ARG B 385 25.45 -8.72 2.31
N LEU B 386 25.69 -7.41 2.36
CA LEU B 386 26.74 -6.75 1.60
C LEU B 386 27.79 -6.21 2.56
N SER B 387 29.05 -6.44 2.24
CA SER B 387 30.17 -5.75 2.87
C SER B 387 30.71 -4.77 1.83
N VAL B 388 30.39 -3.49 2.01
CA VAL B 388 30.74 -2.47 1.03
C VAL B 388 32.20 -2.08 1.24
N GLY B 389 33.01 -2.23 0.19
CA GLY B 389 34.43 -2.01 0.26
C GLY B 389 34.86 -0.59 -0.09
N LEU B 390 36.15 -0.44 -0.38
CA LEU B 390 36.75 0.86 -0.61
C LEU B 390 36.96 1.17 -2.08
N GLU B 391 36.33 0.42 -2.97
CA GLU B 391 36.41 0.72 -4.39
C GLU B 391 35.56 1.95 -4.72
N ASP B 392 35.70 2.45 -5.95
CA ASP B 392 35.00 3.66 -6.34
C ASP B 392 33.49 3.48 -6.30
N GLU B 393 32.80 4.43 -5.67
CA GLU B 393 31.35 4.36 -5.51
C GLU B 393 30.64 4.15 -6.84
N GLU B 394 31.11 4.82 -7.90
CA GLU B 394 30.62 4.58 -9.25
C GLU B 394 30.56 3.10 -9.57
N ASP B 395 31.69 2.41 -9.45
CA ASP B 395 31.79 1.02 -9.87
C ASP B 395 30.97 0.09 -8.99
N LEU B 396 30.82 0.42 -7.71
CA LEU B 396 30.02 -0.42 -6.81
C LEU B 396 28.54 -0.35 -7.18
N LEU B 397 28.04 0.84 -7.49
CA LEU B 397 26.63 0.99 -7.84
C LEU B 397 26.33 0.33 -9.17
N GLU B 398 27.22 0.51 -10.16
CA GLU B 398 26.96 -0.02 -11.50
C GLU B 398 26.91 -1.54 -11.51
N ASP B 399 27.72 -2.19 -10.68
CA ASP B 399 27.70 -3.65 -10.61
C ASP B 399 26.47 -4.14 -9.86
N LEU B 400 26.02 -3.41 -8.84
CA LEU B 400 24.75 -3.72 -8.21
C LEU B 400 23.58 -3.48 -9.17
N ASP B 401 23.67 -2.40 -9.95
CA ASP B 401 22.64 -2.13 -10.96
C ASP B 401 22.57 -3.26 -11.98
N GLN B 402 23.70 -3.54 -12.65
CA GLN B 402 23.73 -4.57 -13.69
C GLN B 402 23.30 -5.92 -13.14
N ALA B 403 23.73 -6.26 -11.92
CA ALA B 403 23.41 -7.58 -11.37
C ALA B 403 21.97 -7.70 -10.92
N LEU B 404 21.33 -6.59 -10.53
CA LEU B 404 19.91 -6.65 -10.20
C LEU B 404 19.07 -6.75 -11.47
N LYS B 405 19.50 -6.09 -12.55
CA LYS B 405 18.76 -6.18 -13.81
C LYS B 405 18.82 -7.58 -14.40
N ALA B 406 19.90 -8.32 -14.16
CA ALA B 406 19.99 -9.70 -14.64
C ALA B 406 19.13 -10.63 -13.81
N ALA B 407 18.87 -10.29 -12.54
CA ALA B 407 18.07 -11.15 -11.68
C ALA B 407 16.58 -10.93 -11.89
N HIS B 408 16.17 -9.69 -12.15
CA HIS B 408 14.77 -9.33 -12.36
C HIS B 408 14.67 -8.61 -13.70
N PRO B 409 14.73 -9.35 -14.82
CA PRO B 409 14.78 -8.79 -16.16
C PRO B 409 13.41 -8.68 -16.82
N GLY C 20 40.42 23.74 -8.32
CA GLY C 20 40.16 23.25 -9.65
C GLY C 20 41.29 22.42 -10.24
N PHE C 21 41.60 21.30 -9.59
CA PHE C 21 42.62 20.40 -10.09
C PHE C 21 42.07 19.54 -11.22
N LEU C 22 42.97 18.79 -11.84
CA LEU C 22 42.59 17.77 -12.81
C LEU C 22 41.58 16.82 -12.17
N PRO C 23 40.54 16.40 -12.91
CA PRO C 23 39.58 15.45 -12.36
C PRO C 23 40.28 14.16 -11.97
N HIS C 24 39.84 13.58 -10.85
CA HIS C 24 40.48 12.37 -10.33
C HIS C 24 40.44 11.25 -11.35
N PHE C 25 41.54 10.52 -11.44
CA PHE C 25 41.63 9.38 -12.35
C PHE C 25 40.50 8.39 -12.07
N GLN C 26 39.89 7.89 -13.14
CA GLN C 26 38.71 7.06 -13.03
C GLN C 26 39.10 5.61 -12.74
N HIS C 27 38.40 5.00 -11.78
CA HIS C 27 38.57 3.61 -11.36
C HIS C 27 39.86 3.36 -10.59
N PHE C 28 40.47 4.41 -10.01
CA PHE C 28 41.75 4.20 -9.32
C PHE C 28 41.59 3.25 -8.15
N ALA C 29 40.65 3.55 -7.24
CA ALA C 29 40.45 2.70 -6.08
C ALA C 29 40.11 1.27 -6.48
N THR C 30 39.21 1.11 -7.45
CA THR C 30 38.81 -0.22 -7.88
C THR C 30 39.99 -1.00 -8.44
N GLN C 31 40.86 -0.33 -9.22
CA GLN C 31 42.01 -1.03 -9.79
C GLN C 31 43.05 -1.33 -8.72
N ALA C 32 43.30 -0.39 -7.81
CA ALA C 32 44.27 -0.61 -6.74
C ALA C 32 43.88 -1.79 -5.87
N ILE C 33 42.59 -2.05 -5.71
CA ILE C 33 42.15 -3.14 -4.85
C ILE C 33 42.08 -4.47 -5.60
N HIS C 34 41.83 -4.45 -6.91
CA HIS C 34 41.50 -5.67 -7.63
C HIS C 34 42.51 -6.10 -8.69
N VAL C 35 43.30 -5.18 -9.26
CA VAL C 35 44.18 -5.56 -10.35
C VAL C 35 45.32 -6.41 -9.82
N GLY C 36 45.58 -7.54 -10.49
CA GLY C 36 46.54 -8.52 -10.02
C GLY C 36 46.06 -9.38 -8.88
N GLN C 37 44.85 -9.16 -8.39
CA GLN C 37 44.34 -9.79 -7.17
C GLN C 37 43.20 -10.76 -7.46
N ASP C 38 43.09 -11.21 -8.70
CA ASP C 38 42.02 -12.09 -9.14
C ASP C 38 42.10 -13.44 -8.43
N PRO C 39 41.07 -13.84 -7.68
CA PRO C 39 41.13 -15.12 -6.96
C PRO C 39 41.36 -16.33 -7.86
N GLU C 40 41.01 -16.25 -9.14
CA GLU C 40 41.09 -17.40 -10.02
C GLU C 40 42.51 -17.85 -10.31
N GLN C 41 43.52 -17.05 -9.93
CA GLN C 41 44.91 -17.45 -10.13
C GLN C 41 45.34 -18.60 -9.22
N TRP C 42 44.61 -18.84 -8.14
CA TRP C 42 45.04 -19.77 -7.10
C TRP C 42 44.02 -20.89 -6.98
N THR C 43 44.52 -22.11 -6.72
CA THR C 43 43.63 -23.26 -6.60
C THR C 43 42.64 -23.10 -5.45
N SER C 44 43.02 -22.32 -4.43
CA SER C 44 42.13 -22.07 -3.30
C SER C 44 41.12 -20.97 -3.60
N ARG C 45 41.34 -20.17 -4.64
CA ARG C 45 40.50 -19.02 -4.95
C ARG C 45 40.49 -18.02 -3.79
N ALA C 46 41.67 -17.79 -3.21
CA ALA C 46 41.79 -16.88 -2.09
C ALA C 46 41.60 -15.43 -2.55
N VAL C 47 40.91 -14.64 -1.74
CA VAL C 47 40.60 -13.26 -2.11
C VAL C 47 41.87 -12.41 -2.14
N VAL C 48 42.82 -12.71 -1.27
CA VAL C 48 44.11 -12.03 -1.22
C VAL C 48 45.18 -12.98 -1.75
N PRO C 49 46.02 -12.56 -2.69
CA PRO C 49 47.02 -13.46 -3.26
C PRO C 49 47.98 -13.97 -2.18
N PRO C 50 48.30 -15.26 -2.20
CA PRO C 50 49.25 -15.79 -1.22
C PRO C 50 50.65 -15.23 -1.44
N ILE C 51 51.46 -15.32 -0.39
CA ILE C 51 52.85 -14.90 -0.44
C ILE C 51 53.67 -16.12 -0.83
N SER C 52 54.20 -16.13 -2.05
CA SER C 52 55.00 -17.24 -2.55
C SER C 52 56.47 -16.93 -2.32
N LEU C 53 57.05 -17.60 -1.32
CA LEU C 53 58.48 -17.43 -1.02
C LEU C 53 59.36 -18.29 -1.90
N SER C 54 58.80 -19.29 -2.56
CA SER C 54 59.61 -20.33 -3.20
C SER C 54 60.57 -19.76 -4.22
N THR C 55 61.84 -20.14 -4.08
CA THR C 55 62.88 -19.67 -5.00
C THR C 55 62.75 -20.31 -6.38
N THR C 56 62.25 -21.53 -6.45
CA THR C 56 62.21 -22.28 -7.69
C THR C 56 60.88 -23.02 -7.82
N PHE C 57 60.66 -23.61 -9.00
CA PHE C 57 59.36 -24.17 -9.36
C PHE C 57 59.55 -25.47 -10.11
N LYS C 58 58.59 -26.38 -9.94
CA LYS C 58 58.63 -27.67 -10.62
C LYS C 58 58.37 -27.50 -12.11
N GLN C 59 59.17 -28.18 -12.93
CA GLN C 59 59.12 -28.03 -14.38
C GLN C 59 58.68 -29.33 -15.05
N GLY C 60 58.29 -29.20 -16.31
CA GLY C 60 58.20 -30.35 -17.20
C GLY C 60 57.29 -31.46 -16.74
N ALA C 61 56.14 -31.11 -16.17
CA ALA C 61 55.22 -32.12 -15.64
C ALA C 61 54.67 -33.01 -16.75
N SER C 66 51.72 -22.17 -15.51
CA SER C 66 52.99 -21.90 -14.85
C SER C 66 54.06 -21.45 -15.84
N GLY C 67 54.49 -20.21 -15.69
CA GLY C 67 55.62 -19.69 -16.44
C GLY C 67 56.67 -19.20 -15.48
N PHE C 68 56.89 -19.96 -14.41
CA PHE C 68 57.85 -19.59 -13.37
C PHE C 68 59.00 -20.58 -13.36
N ILE C 69 60.22 -20.05 -13.46
CA ILE C 69 61.44 -20.85 -13.43
C ILE C 69 62.19 -20.64 -12.13
N TYR C 70 62.41 -19.38 -11.77
CA TYR C 70 63.30 -18.99 -10.68
C TYR C 70 62.81 -17.67 -10.12
N SER C 71 62.78 -17.57 -8.79
CA SER C 71 62.13 -16.44 -8.13
C SER C 71 62.59 -15.10 -8.68
N ARG C 72 63.88 -14.97 -8.98
CA ARG C 72 64.42 -13.66 -9.37
C ARG C 72 63.89 -13.22 -10.73
N LEU C 73 63.76 -14.13 -11.70
CA LEU C 73 63.22 -13.73 -12.99
C LEU C 73 61.74 -13.35 -12.88
N GLY C 74 61.03 -13.95 -11.95
CA GLY C 74 59.64 -13.64 -11.75
C GLY C 74 58.98 -14.59 -10.78
N ASN C 75 57.98 -14.10 -10.05
CA ASN C 75 57.30 -14.93 -9.07
C ASN C 75 55.91 -14.37 -8.87
N PRO C 76 54.96 -15.19 -8.40
CA PRO C 76 53.56 -14.75 -8.36
C PRO C 76 53.33 -13.46 -7.58
N THR C 77 53.83 -13.38 -6.34
CA THR C 77 53.52 -12.23 -5.50
C THR C 77 54.05 -10.94 -6.12
N ARG C 78 55.24 -10.99 -6.70
CA ARG C 78 55.81 -9.79 -7.32
C ARG C 78 55.03 -9.42 -8.59
N ASN C 79 54.63 -10.42 -9.38
CA ASN C 79 53.92 -10.12 -10.62
C ASN C 79 52.59 -9.45 -10.34
N CYS C 80 51.85 -9.94 -9.34
CA CYS C 80 50.60 -9.31 -8.95
C CYS C 80 50.81 -7.85 -8.61
N LEU C 81 51.87 -7.54 -7.86
CA LEU C 81 52.15 -6.16 -7.49
C LEU C 81 52.47 -5.32 -8.73
N GLU C 82 53.31 -5.85 -9.62
CA GLU C 82 53.70 -5.09 -10.81
C GLU C 82 52.48 -4.80 -11.70
N LYS C 83 51.55 -5.75 -11.78
CA LYS C 83 50.36 -5.54 -12.61
C LYS C 83 49.48 -4.45 -12.02
N ALA C 84 49.38 -4.37 -10.69
CA ALA C 84 48.53 -3.39 -10.04
C ALA C 84 49.13 -1.99 -10.12
N VAL C 85 50.44 -1.86 -9.88
CA VAL C 85 51.09 -0.56 -9.98
C VAL C 85 50.94 -0.01 -11.39
N ALA C 86 51.14 -0.87 -12.39
CA ALA C 86 50.99 -0.44 -13.79
C ALA C 86 49.60 0.13 -14.04
N ALA C 87 48.57 -0.58 -13.54
CA ALA C 87 47.21 -0.07 -13.68
C ALA C 87 47.06 1.30 -13.03
N LEU C 88 47.67 1.48 -11.85
CA LEU C 88 47.60 2.78 -11.19
C LEU C 88 48.34 3.86 -11.96
N ASP C 89 49.42 3.51 -12.63
CA ASP C 89 50.16 4.46 -13.46
C ASP C 89 49.55 4.65 -14.84
N GLY C 90 48.46 3.93 -15.16
CA GLY C 90 47.98 3.93 -16.53
C GLY C 90 48.98 3.36 -17.51
N ALA C 91 49.80 2.41 -17.06
CA ALA C 91 50.88 1.85 -17.86
C ALA C 91 50.52 0.44 -18.30
N LYS C 92 51.28 -0.04 -19.29
CA LYS C 92 51.17 -1.42 -19.72
C LYS C 92 52.10 -2.35 -18.94
N TYR C 93 53.19 -1.82 -18.38
CA TYR C 93 54.17 -2.64 -17.69
C TYR C 93 54.70 -1.92 -16.45
N CYS C 94 55.16 -2.72 -15.48
CA CYS C 94 55.83 -2.21 -14.29
C CYS C 94 56.88 -3.22 -13.82
N LEU C 95 57.91 -2.71 -13.16
CA LEU C 95 58.99 -3.53 -12.64
C LEU C 95 59.31 -3.10 -11.21
N ALA C 96 59.32 -4.06 -10.29
CA ALA C 96 59.59 -3.80 -8.88
C ALA C 96 61.07 -4.05 -8.58
N PHE C 97 61.60 -3.29 -7.61
CA PHE C 97 63.03 -3.35 -7.30
C PHE C 97 63.23 -3.26 -5.80
N ALA C 98 64.44 -3.63 -5.37
CA ALA C 98 64.77 -3.70 -3.95
C ALA C 98 64.74 -2.34 -3.26
N SER C 99 64.88 -1.25 -4.03
CA SER C 99 64.80 0.08 -3.45
C SER C 99 64.56 1.08 -4.59
N GLY C 100 64.09 2.27 -4.21
CA GLY C 100 64.03 3.35 -5.17
C GLY C 100 65.40 3.65 -5.76
N MET C 101 66.43 3.61 -4.91
CA MET C 101 67.81 3.72 -5.38
C MET C 101 68.12 2.65 -6.41
N ALA C 102 67.73 1.40 -6.13
CA ALA C 102 68.03 0.31 -7.05
C ALA C 102 67.30 0.45 -8.37
N ALA C 103 66.08 1.01 -8.35
CA ALA C 103 65.38 1.29 -9.60
C ALA C 103 66.18 2.25 -10.46
N THR C 104 66.65 3.36 -9.86
CA THR C 104 67.47 4.33 -10.57
C THR C 104 68.69 3.68 -11.20
N VAL C 105 69.44 2.93 -10.41
CA VAL C 105 70.65 2.27 -10.91
C VAL C 105 70.32 1.38 -12.10
N THR C 106 69.22 0.63 -12.02
CA THR C 106 68.83 -0.24 -13.12
C THR C 106 68.50 0.56 -14.38
N ILE C 107 67.79 1.68 -14.22
CA ILE C 107 67.42 2.50 -15.37
C ILE C 107 68.66 3.02 -16.08
N THR C 108 69.67 3.43 -15.31
CA THR C 108 70.89 3.96 -15.91
C THR C 108 71.66 2.90 -16.70
N HIS C 109 71.54 1.63 -16.29
CA HIS C 109 72.17 0.55 -17.04
C HIS C 109 71.59 0.39 -18.44
N LEU C 110 70.52 1.11 -18.78
CA LEU C 110 70.02 1.12 -20.15
C LEU C 110 71.02 1.77 -21.11
N LEU C 111 71.90 2.60 -20.59
CA LEU C 111 72.79 3.40 -21.43
C LEU C 111 74.07 2.61 -21.71
N LYS C 112 75.13 3.32 -22.08
CA LYS C 112 76.41 2.73 -22.44
C LYS C 112 77.47 3.82 -22.32
N ALA C 113 78.73 3.42 -22.44
CA ALA C 113 79.83 4.37 -22.35
C ALA C 113 79.72 5.40 -23.46
N GLY C 114 79.85 6.68 -23.09
CA GLY C 114 79.78 7.78 -24.03
C GLY C 114 78.50 8.59 -23.94
N ASP C 115 77.44 8.03 -23.38
CA ASP C 115 76.17 8.74 -23.28
C ASP C 115 76.24 9.84 -22.23
N GLN C 116 75.28 10.76 -22.31
CA GLN C 116 75.17 11.88 -21.37
C GLN C 116 73.82 11.82 -20.66
N ILE C 117 73.82 12.18 -19.39
CA ILE C 117 72.62 12.20 -18.57
C ILE C 117 72.38 13.64 -18.10
N ILE C 118 71.16 14.12 -18.29
CA ILE C 118 70.74 15.42 -17.77
C ILE C 118 69.86 15.17 -16.55
N CYS C 119 70.29 15.68 -15.40
CA CYS C 119 69.57 15.49 -14.15
C CYS C 119 69.07 16.83 -13.62
N MET C 120 67.84 16.83 -13.11
CA MET C 120 67.30 17.99 -12.43
C MET C 120 68.23 18.43 -11.32
N ASP C 121 68.33 19.74 -11.10
CA ASP C 121 69.34 20.26 -10.18
C ASP C 121 68.97 20.01 -8.72
N ASP C 122 67.69 19.96 -8.39
CA ASP C 122 67.23 19.65 -7.03
C ASP C 122 66.64 18.25 -7.05
N VAL C 123 67.40 17.27 -6.56
CA VAL C 123 66.96 15.88 -6.51
C VAL C 123 67.21 15.32 -5.12
N TYR C 124 66.66 14.14 -4.88
CA TYR C 124 67.03 13.36 -3.70
C TYR C 124 68.53 13.22 -3.62
N GLY C 125 69.07 13.37 -2.40
CA GLY C 125 70.52 13.36 -2.23
C GLY C 125 71.17 12.17 -2.89
N GLY C 126 70.61 10.98 -2.68
CA GLY C 126 71.20 9.76 -3.21
C GLY C 126 71.20 9.69 -4.73
N THR C 127 70.16 10.21 -5.38
CA THR C 127 70.18 10.29 -6.83
C THR C 127 71.31 11.17 -7.31
N ASN C 128 71.48 12.34 -6.67
CA ASN C 128 72.58 13.23 -6.95
C ASN C 128 73.93 12.53 -6.81
N ALA C 129 74.11 11.83 -5.70
CA ALA C 129 75.42 11.24 -5.39
C ALA C 129 75.74 10.07 -6.33
N TYR C 130 74.74 9.27 -6.71
CA TYR C 130 75.01 8.13 -7.58
C TYR C 130 75.49 8.59 -8.95
N PHE C 131 74.79 9.55 -9.56
CA PHE C 131 75.23 10.08 -10.85
C PHE C 131 76.62 10.69 -10.75
N ARG C 132 76.85 11.48 -9.71
CA ARG C 132 78.08 12.26 -9.60
C ARG C 132 79.27 11.42 -9.13
N GLN C 133 79.04 10.43 -8.27
CA GLN C 133 80.14 9.67 -7.69
C GLN C 133 80.33 8.29 -8.30
N VAL C 134 79.32 7.71 -8.95
CA VAL C 134 79.41 6.32 -9.39
C VAL C 134 79.24 6.20 -10.90
N ALA C 135 78.11 6.69 -11.43
CA ALA C 135 77.85 6.57 -12.86
C ALA C 135 78.89 7.30 -13.70
N SER C 136 79.40 8.43 -13.19
CA SER C 136 80.38 9.20 -13.94
C SER C 136 81.68 8.44 -14.13
N GLU C 137 81.95 7.45 -13.28
CA GLU C 137 83.18 6.68 -13.36
C GLU C 137 83.15 5.61 -14.46
N PHE C 138 82.02 5.43 -15.14
CA PHE C 138 81.86 4.37 -16.12
C PHE C 138 81.47 4.94 -17.48
N GLY C 139 82.17 6.00 -17.91
CA GLY C 139 81.96 6.55 -19.23
C GLY C 139 80.64 7.28 -19.42
N LEU C 140 80.01 7.71 -18.34
CA LEU C 140 78.76 8.45 -18.39
C LEU C 140 79.03 9.90 -18.03
N LYS C 141 78.47 10.83 -18.81
CA LYS C 141 78.62 12.24 -18.52
C LYS C 141 77.34 12.75 -17.85
N ILE C 142 77.52 13.50 -16.75
CA ILE C 142 76.41 13.95 -15.93
C ILE C 142 76.39 15.47 -15.91
N SER C 143 75.24 16.05 -16.24
CA SER C 143 75.06 17.50 -16.22
C SER C 143 73.82 17.81 -15.39
N PHE C 144 74.00 18.61 -14.35
CA PHE C 144 72.89 19.02 -13.48
C PHE C 144 72.34 20.35 -14.00
N VAL C 145 71.05 20.35 -14.34
CA VAL C 145 70.43 21.44 -15.10
C VAL C 145 69.07 21.75 -14.50
N ASP C 146 68.74 23.04 -14.43
CA ASP C 146 67.42 23.49 -13.98
C ASP C 146 66.44 23.28 -15.13
N CYS C 147 65.76 22.14 -15.12
CA CYS C 147 64.82 21.80 -16.17
C CYS C 147 63.48 22.50 -16.03
N SER C 148 63.28 23.31 -14.98
CA SER C 148 62.09 24.15 -14.94
C SER C 148 62.20 25.32 -15.91
N LYS C 149 63.42 25.78 -16.18
CA LYS C 149 63.68 26.82 -17.18
C LYS C 149 63.89 26.12 -18.51
N ILE C 150 62.89 26.18 -19.39
CA ILE C 150 62.75 25.18 -20.45
C ILE C 150 63.78 25.29 -21.56
N LYS C 151 64.62 26.32 -21.57
CA LYS C 151 66.02 26.12 -21.95
C LYS C 151 66.88 26.93 -20.98
N LEU C 152 67.19 26.27 -19.88
CA LEU C 152 68.54 25.88 -19.65
C LEU C 152 68.70 24.42 -20.06
N LEU C 153 67.64 23.84 -20.61
CA LEU C 153 67.50 22.43 -20.96
C LEU C 153 67.85 22.10 -22.42
N GLU C 154 67.60 23.00 -23.38
CA GLU C 154 67.52 22.61 -24.80
C GLU C 154 68.88 22.32 -25.44
N ALA C 155 69.89 23.14 -25.19
CA ALA C 155 71.24 22.88 -25.70
C ALA C 155 72.20 22.43 -24.63
N ALA C 156 71.73 22.23 -23.39
CA ALA C 156 72.35 21.22 -22.57
C ALA C 156 72.20 19.85 -23.22
N ILE C 157 71.13 19.68 -23.98
CA ILE C 157 70.94 18.49 -24.81
C ILE C 157 72.00 18.48 -25.90
N THR C 158 72.72 17.37 -26.00
CA THR C 158 73.70 17.13 -27.03
C THR C 158 73.26 15.89 -27.82
N PRO C 159 73.88 15.57 -28.95
CA PRO C 159 73.58 14.29 -29.61
C PRO C 159 73.89 13.07 -28.75
N GLU C 160 74.63 13.24 -27.66
CA GLU C 160 74.98 12.15 -26.76
C GLU C 160 73.99 12.03 -25.59
N THR C 161 72.97 12.86 -25.54
CA THR C 161 72.00 12.83 -24.45
C THR C 161 71.05 11.66 -24.66
N LYS C 162 71.08 10.70 -23.73
CA LYS C 162 70.24 9.51 -23.82
C LYS C 162 69.18 9.45 -22.73
N LEU C 163 69.27 10.30 -21.70
CA LEU C 163 68.43 10.18 -20.52
C LEU C 163 68.26 11.55 -19.88
N VAL C 164 67.01 11.95 -19.67
CA VAL C 164 66.69 13.15 -18.90
C VAL C 164 65.96 12.70 -17.65
N TRP C 165 66.54 12.98 -16.49
CA TRP C 165 66.02 12.54 -15.20
C TRP C 165 65.50 13.74 -14.43
N ILE C 166 64.17 13.86 -14.33
CA ILE C 166 63.56 14.95 -13.58
C ILE C 166 62.73 14.37 -12.44
N GLU C 167 62.36 15.26 -11.52
CA GLU C 167 61.73 14.87 -10.27
C GLU C 167 60.87 16.06 -9.85
N THR C 168 59.55 15.94 -9.98
CA THR C 168 58.65 17.05 -9.70
C THR C 168 57.49 16.61 -8.83
N PRO C 169 57.21 17.30 -7.72
CA PRO C 169 58.02 18.40 -7.18
C PRO C 169 59.40 17.94 -6.71
N THR C 170 60.36 18.86 -6.65
CA THR C 170 61.71 18.46 -6.29
C THR C 170 61.84 18.25 -4.79
N ASN C 171 62.91 17.56 -4.41
CA ASN C 171 63.18 17.23 -3.02
C ASN C 171 64.43 17.98 -2.57
N PRO C 172 64.32 18.95 -1.65
CA PRO C 172 63.10 19.32 -0.92
C PRO C 172 62.49 20.69 -1.24
N THR C 173 63.05 21.43 -2.19
CA THR C 173 62.53 22.77 -2.45
C THR C 173 61.25 22.77 -3.28
N GLN C 174 60.82 21.58 -3.73
CA GLN C 174 59.51 21.37 -4.35
C GLN C 174 59.24 22.34 -5.50
N LYS C 175 60.22 22.43 -6.40
CA LYS C 175 60.01 23.09 -7.67
C LYS C 175 59.27 22.14 -8.61
N VAL C 176 58.41 22.71 -9.45
CA VAL C 176 57.50 21.93 -10.30
C VAL C 176 57.92 22.11 -11.74
N ILE C 177 57.96 21.01 -12.49
CA ILE C 177 58.30 21.02 -13.92
C ILE C 177 57.05 20.69 -14.71
N ASP C 178 56.84 21.41 -15.80
CA ASP C 178 55.84 21.07 -16.81
C ASP C 178 56.30 19.79 -17.51
N ILE C 179 55.70 18.65 -17.15
CA ILE C 179 56.14 17.38 -17.69
C ILE C 179 55.85 17.31 -19.19
N GLU C 180 54.61 17.63 -19.58
CA GLU C 180 54.23 17.60 -20.99
C GLU C 180 55.08 18.56 -21.81
N GLY C 181 55.38 19.73 -21.26
CA GLY C 181 56.28 20.65 -21.95
C GLY C 181 57.70 20.12 -22.00
N CYS C 182 58.19 19.60 -20.87
CA CYS C 182 59.52 18.99 -20.85
C CYS C 182 59.58 17.79 -21.79
N ALA C 183 58.59 16.89 -21.70
CA ALA C 183 58.52 15.78 -22.64
C ALA C 183 58.52 16.28 -24.08
N HIS C 184 57.79 17.37 -24.34
CA HIS C 184 57.77 17.93 -25.69
C HIS C 184 59.18 18.28 -26.17
N ILE C 185 59.98 18.93 -25.32
CA ILE C 185 61.34 19.30 -25.73
C ILE C 185 62.18 18.05 -25.95
N VAL C 186 62.11 17.10 -25.02
CA VAL C 186 63.07 16.00 -25.00
C VAL C 186 62.89 15.07 -26.19
N HIS C 187 61.65 14.86 -26.64
CA HIS C 187 61.39 13.87 -27.69
C HIS C 187 61.54 14.42 -29.10
N LYS C 188 61.97 15.68 -29.25
CA LYS C 188 62.23 16.23 -30.58
C LYS C 188 63.65 15.97 -31.04
N HIS C 189 64.52 15.55 -30.13
CA HIS C 189 65.94 15.35 -30.37
C HIS C 189 66.30 13.87 -30.46
N GLY C 190 65.42 13.06 -31.05
CA GLY C 190 65.74 11.67 -31.26
C GLY C 190 65.39 10.75 -30.12
N ASP C 191 66.24 9.75 -29.86
CA ASP C 191 65.94 8.67 -28.91
C ASP C 191 66.52 9.03 -27.54
N ILE C 192 65.74 9.81 -26.79
CA ILE C 192 66.10 10.23 -25.44
C ILE C 192 64.98 9.79 -24.50
N ILE C 193 65.36 9.30 -23.32
CA ILE C 193 64.42 8.79 -22.33
C ILE C 193 64.19 9.86 -21.26
N LEU C 194 62.92 10.21 -21.04
CA LEU C 194 62.53 11.13 -19.97
C LEU C 194 61.92 10.34 -18.81
N VAL C 195 62.58 10.38 -17.65
CA VAL C 195 62.14 9.68 -16.45
C VAL C 195 61.62 10.71 -15.46
N VAL C 196 60.47 10.43 -14.86
CA VAL C 196 59.90 11.28 -13.83
C VAL C 196 59.84 10.50 -12.53
N ASP C 197 60.65 10.90 -11.56
CA ASP C 197 60.55 10.39 -10.19
C ASP C 197 59.29 10.97 -9.57
N ASN C 198 58.22 10.15 -9.54
CA ASN C 198 56.91 10.59 -9.07
C ASN C 198 56.69 10.28 -7.58
N THR C 199 57.76 10.21 -6.79
CA THR C 199 57.64 9.76 -5.41
C THR C 199 56.73 10.68 -4.60
N PHE C 200 56.97 11.99 -4.67
CA PHE C 200 56.26 12.92 -3.79
C PHE C 200 54.76 13.00 -4.07
N MET C 201 54.32 12.59 -5.26
CA MET C 201 52.92 12.74 -5.63
C MET C 201 52.13 11.43 -5.59
N SER C 202 52.76 10.31 -5.95
CA SER C 202 52.12 9.01 -6.14
C SER C 202 51.23 9.07 -7.38
N PRO C 203 50.87 7.92 -7.97
CA PRO C 203 50.01 7.95 -9.17
C PRO C 203 48.58 8.37 -8.89
N TYR C 204 48.16 8.46 -7.62
CA TYR C 204 46.84 8.98 -7.34
C TYR C 204 46.73 10.46 -7.69
N PHE C 205 47.85 11.18 -7.63
CA PHE C 205 47.85 12.62 -7.87
C PHE C 205 48.52 13.04 -9.17
N GLN C 206 49.37 12.20 -9.78
CA GLN C 206 50.11 12.61 -10.97
C GLN C 206 50.49 11.38 -11.77
N ARG C 207 50.28 11.43 -13.09
CA ARG C 207 50.54 10.31 -14.00
C ARG C 207 51.51 10.76 -15.08
N PRO C 208 52.81 10.73 -14.80
CA PRO C 208 53.80 11.21 -15.78
C PRO C 208 53.69 10.56 -17.16
N LEU C 209 53.30 9.28 -17.24
CA LEU C 209 53.17 8.65 -18.55
C LEU C 209 52.05 9.27 -19.36
N ALA C 210 50.93 9.60 -18.70
CA ALA C 210 49.85 10.31 -19.37
C ALA C 210 50.27 11.69 -19.85
N LEU C 211 51.40 12.20 -19.35
CA LEU C 211 51.88 13.53 -19.70
C LEU C 211 53.10 13.50 -20.61
N GLY C 212 53.50 12.32 -21.09
CA GLY C 212 54.53 12.21 -22.10
C GLY C 212 55.86 11.67 -21.61
N ALA C 213 56.03 11.43 -20.32
CA ALA C 213 57.25 10.81 -19.84
C ALA C 213 57.33 9.38 -20.36
N ASP C 214 58.56 8.89 -20.50
CA ASP C 214 58.76 7.51 -20.94
C ASP C 214 58.71 6.54 -19.76
N ILE C 215 59.08 7.01 -18.56
CA ILE C 215 59.17 6.16 -17.38
C ILE C 215 58.59 6.90 -16.19
N SER C 216 57.71 6.23 -15.45
CA SER C 216 57.23 6.71 -14.16
C SER C 216 57.91 5.88 -13.07
N MET C 217 58.82 6.51 -12.34
CA MET C 217 59.65 5.83 -11.34
C MET C 217 59.25 6.27 -9.94
N TYR C 218 59.34 5.35 -9.00
CA TYR C 218 58.95 5.61 -7.62
C TYR C 218 59.96 5.04 -6.64
N SER C 219 60.14 5.75 -5.53
CA SER C 219 60.65 5.15 -4.30
C SER C 219 59.41 4.68 -3.56
N ALA C 220 59.04 3.41 -3.79
CA ALA C 220 57.86 2.85 -3.12
C ALA C 220 57.98 2.89 -1.61
N THR C 221 59.20 3.06 -1.10
CA THR C 221 59.47 3.25 0.32
C THR C 221 58.63 4.36 0.95
N1 LLP C 222 63.86 9.33 -4.86
C2 LLP C 222 63.15 10.23 -4.16
C2' LLP C 222 62.47 11.44 -4.89
C3 LLP C 222 63.01 10.10 -2.75
O3 LLP C 222 62.26 11.05 -2.04
C4 LLP C 222 63.60 9.05 -2.10
C4' LLP C 222 63.42 8.90 -0.49
C5 LLP C 222 64.32 8.13 -2.79
C6 LLP C 222 64.47 8.26 -4.18
C5' LLP C 222 65.00 6.95 -2.01
OP4 LLP C 222 64.74 5.68 -2.57
P LLP C 222 64.92 4.48 -1.61
OP1 LLP C 222 66.09 3.60 -2.08
OP2 LLP C 222 63.68 3.69 -1.59
OP3 LLP C 222 65.20 4.97 -0.23
N LLP C 222 58.24 5.34 0.15
CA LLP C 222 57.52 6.51 0.66
CB LLP C 222 58.00 7.73 -0.11
CG LLP C 222 59.54 7.73 -0.23
CD LLP C 222 60.23 7.74 1.14
CE LLP C 222 61.65 8.32 1.05
NZ LLP C 222 62.26 8.08 -0.27
C LLP C 222 56.04 6.33 0.59
O LLP C 222 55.51 5.51 1.33
N TYR C 223 55.34 7.07 -0.27
CA TYR C 223 53.87 7.06 -0.28
C TYR C 223 53.24 5.76 -0.80
N MET C 224 53.87 5.14 -1.80
CA MET C 224 53.32 3.93 -2.41
C MET C 224 52.97 2.89 -1.36
N ASN C 225 53.97 2.41 -0.63
CA ASN C 225 53.69 1.50 0.48
C ASN C 225 53.03 2.26 1.63
N GLY C 226 53.64 3.36 2.06
CA GLY C 226 53.02 4.28 2.99
C GLY C 226 53.01 3.87 4.43
N HIS C 227 53.62 2.74 4.80
CA HIS C 227 53.53 2.26 6.18
C HIS C 227 54.90 2.13 6.84
N SER C 228 55.94 2.77 6.27
CA SER C 228 57.24 2.92 6.90
C SER C 228 57.93 1.60 7.21
N ASP C 229 57.56 0.52 6.51
CA ASP C 229 58.09 -0.80 6.84
C ASP C 229 58.54 -1.59 5.61
N VAL C 230 58.73 -0.91 4.48
CA VAL C 230 59.14 -1.56 3.23
C VAL C 230 60.06 -0.60 2.48
N VAL C 231 61.21 -1.10 2.06
CA VAL C 231 62.11 -0.40 1.15
C VAL C 231 61.94 -1.01 -0.23
N MET C 232 61.53 -0.20 -1.22
CA MET C 232 61.23 -0.75 -2.53
C MET C 232 61.17 0.38 -3.57
N GLY C 233 61.53 0.03 -4.81
CA GLY C 233 61.39 0.93 -5.93
C GLY C 233 60.48 0.35 -7.00
N LEU C 234 59.82 1.23 -7.75
CA LEU C 234 58.90 0.82 -8.81
C LEU C 234 59.18 1.62 -10.07
N VAL C 235 59.09 0.95 -11.21
CA VAL C 235 59.36 1.55 -12.52
C VAL C 235 58.23 1.15 -13.46
N SER C 236 57.47 2.14 -13.94
CA SER C 236 56.37 1.90 -14.86
C SER C 236 56.71 2.51 -16.22
N VAL C 237 56.31 1.81 -17.28
CA VAL C 237 56.73 2.15 -18.63
C VAL C 237 55.66 1.70 -19.62
N ASN C 238 55.63 2.37 -20.77
CA ASN C 238 54.74 2.01 -21.88
C ASN C 238 55.47 1.43 -23.07
N CYS C 239 56.60 2.02 -23.47
CA CYS C 239 57.27 1.61 -24.69
C CYS C 239 57.68 0.14 -24.63
N GLU C 240 57.39 -0.59 -25.71
CA GLU C 240 57.61 -2.04 -25.73
C GLU C 240 59.09 -2.38 -25.68
N SER C 241 59.90 -1.74 -26.53
CA SER C 241 61.34 -2.02 -26.53
C SER C 241 61.99 -1.53 -25.25
N LEU C 242 61.53 -0.39 -24.73
CA LEU C 242 62.05 0.11 -23.46
C LEU C 242 61.78 -0.90 -22.34
N HIS C 243 60.59 -1.48 -22.33
CA HIS C 243 60.24 -2.47 -21.31
C HIS C 243 61.15 -3.68 -21.41
N ASN C 244 61.35 -4.20 -22.63
CA ASN C 244 62.16 -5.40 -22.83
C ASN C 244 63.57 -5.21 -22.31
N ARG C 245 64.15 -4.02 -22.54
CA ARG C 245 65.49 -3.75 -22.02
C ARG C 245 65.49 -3.66 -20.50
N LEU C 246 64.46 -3.04 -19.92
CA LEU C 246 64.37 -2.98 -18.47
C LEU C 246 64.11 -4.36 -17.87
N ARG C 247 63.22 -5.14 -18.49
CA ARG C 247 62.93 -6.47 -17.97
C ARG C 247 64.17 -7.36 -18.03
N PHE C 248 64.97 -7.21 -19.08
CA PHE C 248 66.24 -7.94 -19.13
C PHE C 248 67.14 -7.55 -17.97
N LEU C 249 67.19 -6.26 -17.63
CA LEU C 249 68.12 -5.79 -16.61
C LEU C 249 67.66 -6.14 -15.21
N GLN C 250 66.34 -6.16 -14.97
CA GLN C 250 65.83 -6.59 -13.67
C GLN C 250 66.31 -8.00 -13.35
N ASN C 251 66.21 -8.91 -14.32
CA ASN C 251 66.71 -10.27 -14.10
C ASN C 251 68.23 -10.30 -14.09
N SER C 252 68.88 -9.51 -14.94
CA SER C 252 70.32 -9.61 -15.11
C SER C 252 71.09 -9.00 -13.94
N LEU C 253 70.59 -7.91 -13.36
CA LEU C 253 71.28 -7.26 -12.25
C LEU C 253 70.81 -7.76 -10.89
N GLY C 254 69.59 -8.28 -10.80
CA GLY C 254 69.15 -8.95 -9.59
C GLY C 254 68.78 -8.06 -8.43
N ALA C 255 68.53 -6.77 -8.66
CA ALA C 255 68.12 -5.88 -7.58
C ALA C 255 66.64 -6.04 -7.27
N VAL C 256 66.20 -7.28 -7.06
CA VAL C 256 64.78 -7.61 -6.98
C VAL C 256 64.29 -7.50 -5.55
N PRO C 257 63.00 -7.21 -5.33
CA PRO C 257 62.47 -7.10 -3.98
C PRO C 257 62.01 -8.45 -3.44
N SER C 258 61.89 -8.52 -2.12
CA SER C 258 61.42 -9.74 -1.49
C SER C 258 59.93 -9.93 -1.78
N PRO C 259 59.50 -11.18 -2.01
CA PRO C 259 58.06 -11.42 -2.17
C PRO C 259 57.22 -10.90 -1.02
N ILE C 260 57.73 -11.01 0.22
CA ILE C 260 56.99 -10.49 1.37
C ILE C 260 56.88 -8.99 1.31
N ASP C 261 57.97 -8.31 0.93
CA ASP C 261 57.88 -6.86 0.74
C ASP C 261 56.94 -6.52 -0.40
N CYS C 262 56.95 -7.32 -1.47
CA CYS C 262 55.98 -7.13 -2.55
C CYS C 262 54.56 -7.25 -2.02
N TYR C 263 54.32 -8.22 -1.14
CA TYR C 263 52.99 -8.38 -0.56
C TYR C 263 52.63 -7.18 0.30
N LEU C 264 53.55 -6.77 1.18
CA LEU C 264 53.25 -5.65 2.07
C LEU C 264 53.00 -4.36 1.30
N CYS C 265 53.78 -4.12 0.25
CA CYS C 265 53.58 -2.91 -0.56
C CYS C 265 52.21 -2.96 -1.25
N ASN C 266 51.85 -4.11 -1.82
CA ASN C 266 50.53 -4.26 -2.42
C ASN C 266 49.43 -4.05 -1.39
N ARG C 267 49.68 -4.42 -0.14
CA ARG C 267 48.71 -4.20 0.92
C ARG C 267 48.55 -2.72 1.23
N GLY C 268 49.66 -1.98 1.25
CA GLY C 268 49.58 -0.55 1.45
C GLY C 268 48.89 0.16 0.29
N LEU C 269 49.08 -0.37 -0.93
CA LEU C 269 48.44 0.21 -2.11
C LEU C 269 46.93 0.23 -1.97
N LYS C 270 46.34 -0.77 -1.28
CA LYS C 270 44.89 -0.84 -1.16
C LYS C 270 44.31 0.38 -0.45
N THR C 271 45.10 1.10 0.33
CA THR C 271 44.63 2.30 1.01
C THR C 271 45.27 3.57 0.46
N LEU C 272 45.95 3.48 -0.68
CA LEU C 272 46.66 4.65 -1.21
C LEU C 272 45.69 5.81 -1.45
N HIS C 273 44.51 5.54 -2.00
CA HIS C 273 43.59 6.63 -2.33
C HIS C 273 43.06 7.31 -1.06
N VAL C 274 42.64 6.52 -0.06
CA VAL C 274 42.18 7.16 1.17
C VAL C 274 43.34 7.79 1.93
N ARG C 275 44.54 7.22 1.81
CA ARG C 275 45.70 7.81 2.48
C ARG C 275 46.09 9.15 1.85
N MET C 276 46.24 9.17 0.51
CA MET C 276 46.65 10.41 -0.16
C MET C 276 45.65 11.53 0.08
N GLU C 277 44.35 11.21 0.12
CA GLU C 277 43.34 12.22 0.32
C GLU C 277 43.48 12.88 1.69
N ARG C 278 43.82 12.10 2.71
CA ARG C 278 44.04 12.67 4.04
C ARG C 278 45.36 13.42 4.11
N HIS C 279 46.39 12.92 3.43
CA HIS C 279 47.64 13.66 3.30
C HIS C 279 47.39 15.04 2.68
N PHE C 280 46.51 15.10 1.67
CA PHE C 280 46.22 16.37 1.02
C PHE C 280 45.52 17.34 1.97
N LYS C 281 44.53 16.85 2.72
CA LYS C 281 43.77 17.72 3.61
C LYS C 281 44.61 18.17 4.79
N ASN C 282 45.38 17.24 5.38
CA ASN C 282 46.26 17.62 6.47
C ASN C 282 47.41 18.51 5.99
N GLY C 283 48.02 18.14 4.85
CA GLY C 283 49.11 18.94 4.32
C GLY C 283 48.69 20.35 3.97
N MET C 284 47.50 20.49 3.38
CA MET C 284 46.95 21.81 3.12
C MET C 284 46.79 22.61 4.41
N ALA C 285 46.24 21.97 5.44
CA ALA C 285 46.01 22.67 6.70
C ALA C 285 47.33 23.09 7.35
N VAL C 286 48.32 22.19 7.34
CA VAL C 286 49.63 22.51 7.90
C VAL C 286 50.25 23.68 7.13
N ALA C 287 50.17 23.63 5.80
CA ALA C 287 50.77 24.67 4.99
C ALA C 287 50.11 26.02 5.22
N GLN C 288 48.78 26.03 5.32
CA GLN C 288 48.06 27.28 5.57
C GLN C 288 48.41 27.84 6.94
N PHE C 289 48.38 26.99 7.98
CA PHE C 289 48.76 27.44 9.32
C PHE C 289 50.14 28.09 9.31
N LEU C 290 51.10 27.43 8.65
CA LEU C 290 52.47 27.94 8.65
C LEU C 290 52.59 29.27 7.91
N GLU C 291 51.83 29.45 6.83
CA GLU C 291 52.03 30.65 6.01
C GLU C 291 51.55 31.91 6.71
N SER C 292 50.51 31.81 7.52
CA SER C 292 50.04 32.95 8.31
C SER C 292 50.72 33.03 9.67
N ASN C 293 51.70 32.17 9.93
CA ASN C 293 52.34 32.15 11.24
C ASN C 293 53.47 33.18 11.29
N PRO C 294 53.55 33.97 12.37
CA PRO C 294 54.51 35.09 12.39
C PRO C 294 55.97 34.67 12.48
N TRP C 295 56.25 33.40 12.72
CA TRP C 295 57.63 32.94 12.87
C TRP C 295 58.09 32.13 11.68
N VAL C 296 57.34 32.14 10.59
CA VAL C 296 57.67 31.42 9.37
C VAL C 296 57.95 32.44 8.28
N GLU C 297 59.12 32.32 7.64
CA GLU C 297 59.50 33.28 6.60
C GLU C 297 58.79 33.01 5.28
N LYS C 298 58.62 31.73 4.93
CA LYS C 298 58.13 31.36 3.62
C LYS C 298 57.72 29.89 3.63
N VAL C 299 56.59 29.59 3.00
CA VAL C 299 56.09 28.23 2.88
C VAL C 299 56.12 27.83 1.41
N ILE C 300 56.51 26.58 1.15
CA ILE C 300 56.54 26.04 -0.21
C ILE C 300 55.65 24.80 -0.22
N TYR C 301 54.43 24.95 -0.71
CA TYR C 301 53.49 23.83 -0.82
C TYR C 301 52.69 23.97 -2.12
N PRO C 302 52.74 22.98 -3.00
CA PRO C 302 52.07 23.12 -4.31
C PRO C 302 50.60 23.42 -4.23
N GLY C 303 49.92 23.02 -3.14
CA GLY C 303 48.51 23.32 -2.99
C GLY C 303 48.20 24.74 -2.61
N LEU C 304 49.20 25.50 -2.15
CA LEU C 304 48.95 26.88 -1.76
C LEU C 304 49.02 27.80 -2.98
N PRO C 305 48.12 28.79 -3.07
CA PRO C 305 48.20 29.76 -4.17
C PRO C 305 49.52 30.53 -4.22
N SER C 306 50.28 30.54 -3.13
CA SER C 306 51.56 31.25 -3.09
C SER C 306 52.69 30.49 -3.77
N HIS C 307 52.47 29.22 -4.12
CA HIS C 307 53.51 28.47 -4.80
C HIS C 307 53.70 29.00 -6.21
N PRO C 308 54.94 29.16 -6.68
CA PRO C 308 55.18 29.72 -8.02
C PRO C 308 54.54 28.94 -9.15
N GLN C 309 54.40 27.61 -9.02
CA GLN C 309 53.81 26.81 -10.09
C GLN C 309 52.46 26.21 -9.67
N HIS C 310 51.78 26.85 -8.71
CA HIS C 310 50.51 26.33 -8.20
C HIS C 310 49.52 26.08 -9.33
N GLU C 311 49.44 26.98 -10.30
CA GLU C 311 48.49 26.81 -11.39
C GLU C 311 48.91 25.67 -12.31
N LEU C 312 50.20 25.57 -12.62
CA LEU C 312 50.70 24.43 -13.38
C LEU C 312 50.41 23.13 -12.65
N VAL C 313 50.46 23.15 -11.32
CA VAL C 313 50.17 21.95 -10.53
C VAL C 313 48.73 21.51 -10.76
N LYS C 314 47.78 22.44 -10.66
CA LYS C 314 46.37 22.09 -10.81
C LYS C 314 46.02 21.62 -12.21
N ARG C 315 46.84 21.95 -13.21
CA ARG C 315 46.63 21.49 -14.57
C ARG C 315 47.31 20.16 -14.85
N GLN C 316 48.22 19.76 -13.98
CA GLN C 316 49.06 18.58 -14.15
C GLN C 316 48.72 17.49 -13.15
N CYS C 317 47.98 17.81 -12.09
CA CYS C 317 47.77 16.91 -10.97
C CYS C 317 46.32 16.97 -10.52
N THR C 318 45.89 15.95 -9.79
CA THR C 318 44.54 15.88 -9.23
C THR C 318 44.50 16.33 -7.78
N GLY C 319 45.63 16.75 -7.22
CA GLY C 319 45.72 17.13 -5.83
C GLY C 319 47.19 17.17 -5.42
N CYS C 320 47.42 17.12 -4.10
CA CYS C 320 48.78 17.26 -3.60
C CYS C 320 49.00 16.35 -2.40
N GLY C 321 50.26 15.93 -2.23
CA GLY C 321 50.64 15.11 -1.11
C GLY C 321 50.78 15.88 0.18
N GLY C 322 51.44 15.28 1.15
CA GLY C 322 51.63 15.87 2.45
C GLY C 322 52.95 16.56 2.68
N MET C 323 53.81 16.64 1.66
CA MET C 323 55.12 17.27 1.82
C MET C 323 54.97 18.78 1.89
N VAL C 324 55.29 19.36 3.04
CA VAL C 324 55.25 20.81 3.24
C VAL C 324 56.65 21.26 3.60
N THR C 325 57.18 22.21 2.83
CA THR C 325 58.49 22.77 3.06
C THR C 325 58.34 24.24 3.45
N PHE C 326 59.10 24.68 4.45
CA PHE C 326 59.01 26.07 4.87
C PHE C 326 60.36 26.56 5.36
N TYR C 327 60.43 27.88 5.57
CA TYR C 327 61.61 28.55 6.10
C TYR C 327 61.24 29.21 7.42
N ILE C 328 61.98 28.89 8.45
CA ILE C 328 61.74 29.45 9.78
C ILE C 328 62.49 30.76 9.91
N LYS C 329 61.90 31.70 10.62
CA LYS C 329 62.59 32.95 10.91
C LYS C 329 63.75 32.68 11.84
N GLY C 330 64.87 33.36 11.58
CA GLY C 330 66.04 33.21 12.42
C GLY C 330 67.17 32.44 11.79
N THR C 331 67.88 31.64 12.60
CA THR C 331 69.09 30.96 12.20
C THR C 331 68.97 29.47 12.50
N LEU C 332 70.07 28.75 12.29
CA LEU C 332 70.09 27.31 12.52
C LEU C 332 69.64 26.98 13.94
N GLN C 333 70.00 27.83 14.91
CA GLN C 333 69.58 27.59 16.29
C GLN C 333 68.07 27.48 16.41
N HIS C 334 67.33 28.37 15.74
CA HIS C 334 65.88 28.30 15.80
C HIS C 334 65.35 27.05 15.12
N ALA C 335 65.95 26.66 13.99
CA ALA C 335 65.52 25.44 13.33
C ALA C 335 65.71 24.23 14.24
N GLU C 336 66.82 24.18 14.97
CA GLU C 336 67.04 23.06 15.89
C GLU C 336 66.10 23.13 17.09
N ILE C 337 65.92 24.32 17.67
CA ILE C 337 65.02 24.43 18.81
C ILE C 337 63.62 24.00 18.41
N PHE C 338 63.15 24.47 17.26
CA PHE C 338 61.87 24.03 16.72
C PHE C 338 61.82 22.52 16.61
N LEU C 339 62.81 21.95 15.92
CA LEU C 339 62.80 20.51 15.65
C LEU C 339 62.86 19.69 16.94
N LYS C 340 63.69 20.10 17.89
CA LYS C 340 63.81 19.35 19.13
C LYS C 340 62.55 19.43 19.98
N ASN C 341 61.68 20.40 19.73
CA ASN C 341 60.50 20.59 20.56
C ASN C 341 59.24 19.96 20.00
N LEU C 342 59.29 19.40 18.79
CA LEU C 342 58.14 18.70 18.27
C LEU C 342 57.87 17.44 19.09
N LYS C 343 56.61 17.25 19.46
CA LYS C 343 56.21 16.09 20.25
C LYS C 343 55.38 15.08 19.47
N LEU C 344 54.79 15.49 18.35
CA LEU C 344 54.04 14.61 17.48
C LEU C 344 54.83 14.28 16.22
N PHE C 345 55.26 15.31 15.48
CA PHE C 345 56.21 15.11 14.41
C PHE C 345 57.46 14.47 14.96
N THR C 346 57.98 13.47 14.25
CA THR C 346 59.19 12.77 14.67
C THR C 346 60.38 13.31 13.88
N LEU C 347 61.41 13.73 14.60
CA LEU C 347 62.66 14.14 13.97
C LEU C 347 63.30 12.92 13.34
N ALA C 348 63.14 12.77 12.03
CA ALA C 348 63.65 11.58 11.35
C ALA C 348 63.66 11.82 9.85
N VAL C 349 64.35 10.92 9.15
CA VAL C 349 64.57 10.94 7.70
C VAL C 349 63.40 10.20 7.03
N SER C 350 63.29 10.32 5.71
CA SER C 350 62.26 9.66 4.89
C SER C 350 60.92 10.38 4.98
N LEU C 351 59.89 9.84 4.33
CA LEU C 351 58.65 10.58 4.13
C LEU C 351 57.58 9.63 3.59
N GLY C 352 56.34 10.12 3.63
CA GLY C 352 55.24 9.46 2.93
C GLY C 352 54.50 8.40 3.71
N GLY C 353 54.77 8.25 5.01
CA GLY C 353 54.09 7.28 5.83
C GLY C 353 52.92 7.91 6.59
N PHE C 354 52.26 7.07 7.39
CA PHE C 354 51.11 7.55 8.14
C PHE C 354 51.48 8.46 9.30
N GLU C 355 52.75 8.46 9.72
CA GLU C 355 53.20 9.29 10.82
C GLU C 355 53.85 10.56 10.29
N SER C 356 53.62 11.67 10.99
CA SER C 356 54.22 12.94 10.59
C SER C 356 55.71 12.93 10.90
N LEU C 357 56.51 13.41 9.95
CA LEU C 357 57.95 13.48 10.10
C LEU C 357 58.43 14.90 9.85
N ALA C 358 59.59 15.22 10.42
CA ALA C 358 60.21 16.53 10.26
C ALA C 358 61.72 16.31 10.18
N GLU C 359 62.39 17.20 9.45
CA GLU C 359 63.82 17.02 9.23
C GLU C 359 64.40 18.29 8.64
N LEU C 360 65.71 18.46 8.82
CA LEU C 360 66.45 19.62 8.31
C LEU C 360 67.36 19.15 7.18
N PRO C 361 66.96 19.31 5.92
CA PRO C 361 67.73 18.72 4.80
C PRO C 361 69.21 19.07 4.77
N ALA C 362 69.58 20.30 5.15
CA ALA C 362 70.98 20.69 5.07
C ALA C 362 71.87 19.78 5.90
N SER C 363 71.39 19.35 7.06
CA SER C 363 72.18 18.52 7.97
C SER C 363 71.90 17.04 7.83
N MET C 364 70.81 16.64 7.17
CA MET C 364 70.41 15.25 7.22
C MET C 364 70.30 14.60 5.83
N THR C 365 69.21 14.85 5.09
CA THR C 365 69.01 14.14 3.84
C THR C 365 69.85 14.66 2.69
N HIS C 366 70.19 15.94 2.69
CA HIS C 366 70.93 16.53 1.59
C HIS C 366 72.27 17.07 2.06
N ALA C 367 72.82 16.47 3.12
CA ALA C 367 74.20 16.74 3.49
C ALA C 367 75.18 16.14 2.49
N SER C 368 74.72 15.18 1.68
CA SER C 368 75.58 14.55 0.68
C SER C 368 75.80 15.42 -0.55
N VAL C 369 74.90 16.35 -0.85
CA VAL C 369 75.13 17.26 -1.95
C VAL C 369 75.95 18.44 -1.43
N LEU C 370 76.85 18.96 -2.28
CA LEU C 370 77.86 19.90 -1.84
C LEU C 370 77.24 21.19 -1.32
N LYS C 371 77.97 21.87 -0.43
CA LYS C 371 77.39 23.00 0.29
C LYS C 371 77.11 24.19 -0.63
N ASN C 372 77.93 24.39 -1.65
CA ASN C 372 77.67 25.49 -2.59
C ASN C 372 76.55 25.16 -3.57
N ASP C 373 76.21 23.88 -3.73
CA ASP C 373 75.06 23.51 -4.54
C ASP C 373 73.75 23.62 -3.77
N ARG C 374 73.79 23.71 -2.43
CA ARG C 374 72.58 23.88 -1.63
C ARG C 374 72.22 25.34 -1.40
N ASP C 375 73.21 26.23 -1.42
CA ASP C 375 72.91 27.65 -1.34
C ASP C 375 72.37 28.19 -2.66
N VAL C 376 72.65 27.50 -3.76
CA VAL C 376 72.09 27.89 -5.05
C VAL C 376 70.66 27.37 -5.18
N LEU C 377 70.39 26.17 -4.67
CA LEU C 377 69.05 25.62 -4.67
C LEU C 377 68.18 26.20 -3.55
N GLY C 378 68.78 26.88 -2.57
CA GLY C 378 68.03 27.43 -1.45
C GLY C 378 67.93 26.53 -0.24
N ILE C 379 68.67 25.41 -0.22
CA ILE C 379 68.64 24.47 0.89
C ILE C 379 69.47 25.04 2.03
N SER C 380 68.95 26.07 2.68
CA SER C 380 69.67 26.81 3.71
C SER C 380 69.55 26.11 5.06
N ASP C 381 70.21 26.67 6.07
CA ASP C 381 70.13 26.15 7.43
C ASP C 381 68.80 26.43 8.11
N THR C 382 67.92 27.22 7.49
CA THR C 382 66.60 27.47 8.02
C THR C 382 65.51 26.73 7.25
N LEU C 383 65.87 25.95 6.24
CA LEU C 383 64.90 25.19 5.48
C LEU C 383 64.51 23.93 6.24
N ILE C 384 63.20 23.75 6.44
CA ILE C 384 62.66 22.60 7.16
C ILE C 384 61.66 21.89 6.27
N ARG C 385 61.74 20.57 6.22
CA ARG C 385 60.86 19.75 5.40
C ARG C 385 59.99 18.87 6.29
N LEU C 386 58.67 18.96 6.10
CA LEU C 386 57.69 18.20 6.85
C LEU C 386 57.05 17.18 5.94
N SER C 387 56.91 15.94 6.44
CA SER C 387 56.10 14.92 5.80
C SER C 387 54.87 14.76 6.69
N VAL C 388 53.78 15.43 6.32
CA VAL C 388 52.59 15.46 7.15
C VAL C 388 51.85 14.13 7.03
N GLY C 389 51.60 13.49 8.16
CA GLY C 389 50.96 12.19 8.21
C GLY C 389 49.45 12.26 8.31
N LEU C 390 48.87 11.23 8.92
CA LEU C 390 47.42 11.07 8.96
C LEU C 390 46.83 11.27 10.36
N GLU C 391 47.57 11.88 11.28
CA GLU C 391 47.03 12.16 12.61
C GLU C 391 45.96 13.24 12.53
N ASP C 392 45.39 13.58 13.68
CA ASP C 392 44.35 14.60 13.74
C ASP C 392 44.95 15.98 13.45
N GLU C 393 44.30 16.69 12.51
CA GLU C 393 44.78 18.01 12.09
C GLU C 393 45.00 18.94 13.28
N GLU C 394 44.00 19.05 14.16
CA GLU C 394 44.11 19.81 15.40
C GLU C 394 45.42 19.54 16.12
N ASP C 395 45.75 18.26 16.34
CA ASP C 395 46.94 17.91 17.10
C ASP C 395 48.21 18.26 16.34
N LEU C 396 48.18 18.16 15.01
CA LEU C 396 49.34 18.52 14.21
C LEU C 396 49.61 20.01 14.29
N LEU C 397 48.56 20.83 14.12
CA LEU C 397 48.75 22.27 14.17
C LEU C 397 49.22 22.72 15.54
N GLU C 398 48.74 22.08 16.61
CA GLU C 398 49.14 22.51 17.94
C GLU C 398 50.57 22.08 18.25
N ASP C 399 51.03 20.97 17.68
CA ASP C 399 52.44 20.61 17.81
C ASP C 399 53.33 21.64 17.12
N LEU C 400 52.99 21.99 15.88
CA LEU C 400 53.73 23.02 15.15
C LEU C 400 53.67 24.35 15.88
N ASP C 401 52.49 24.72 16.38
CA ASP C 401 52.35 25.97 17.09
C ASP C 401 53.26 26.01 18.31
N GLN C 402 53.13 25.01 19.19
CA GLN C 402 53.92 24.99 20.42
C GLN C 402 55.41 24.97 20.12
N ALA C 403 55.83 24.20 19.11
CA ALA C 403 57.25 24.10 18.81
C ALA C 403 57.82 25.38 18.23
N LEU C 404 57.00 26.15 17.50
CA LEU C 404 57.46 27.45 17.00
C LEU C 404 57.55 28.47 18.14
N LYS C 405 56.60 28.47 19.07
CA LYS C 405 56.69 29.37 20.21
C LYS C 405 57.92 29.09 21.07
N ALA C 406 58.32 27.81 21.17
CA ALA C 406 59.53 27.49 21.92
C ALA C 406 60.75 28.12 21.26
N ALA C 407 60.81 28.09 19.93
CA ALA C 407 61.91 28.71 19.21
C ALA C 407 61.82 30.22 19.21
N HIS C 408 60.61 30.77 19.32
CA HIS C 408 60.39 32.21 19.23
C HIS C 408 59.34 32.61 20.26
N PRO C 409 59.73 32.69 21.52
CA PRO C 409 58.76 32.94 22.59
C PRO C 409 58.42 34.42 22.69
N PRO C 410 57.23 34.75 23.22
CA PRO C 410 56.82 36.13 23.54
C PRO C 410 57.82 36.86 24.43
N GLY D 20 91.78 -37.40 4.19
CA GLY D 20 92.22 -36.29 5.00
C GLY D 20 91.80 -34.93 4.48
N PHE D 21 90.56 -34.54 4.78
CA PHE D 21 90.14 -33.18 4.48
C PHE D 21 90.75 -32.22 5.50
N LEU D 22 90.59 -30.93 5.22
CA LEU D 22 90.96 -29.93 6.21
C LEU D 22 90.15 -30.15 7.49
N PRO D 23 90.77 -30.01 8.66
CA PRO D 23 90.00 -30.10 9.90
C PRO D 23 88.88 -29.08 9.92
N HIS D 24 87.74 -29.48 10.49
CA HIS D 24 86.58 -28.61 10.50
C HIS D 24 86.86 -27.32 11.25
N PHE D 25 86.29 -26.22 10.76
CA PHE D 25 86.46 -24.92 11.41
C PHE D 25 85.91 -24.97 12.83
N GLN D 26 86.59 -24.25 13.74
CA GLN D 26 86.63 -24.65 15.14
C GLN D 26 85.40 -24.26 15.95
N HIS D 27 84.79 -23.10 15.68
CA HIS D 27 83.64 -22.67 16.46
C HIS D 27 82.43 -22.38 15.58
N PHE D 28 82.32 -23.11 14.47
CA PHE D 28 81.34 -22.77 13.45
C PHE D 28 79.93 -22.82 14.00
N ALA D 29 79.54 -23.93 14.61
CA ALA D 29 78.17 -24.10 15.09
C ALA D 29 77.84 -23.07 16.17
N THR D 30 78.72 -22.92 17.15
CA THR D 30 78.50 -21.93 18.21
C THR D 30 78.32 -20.53 17.63
N GLN D 31 79.20 -20.13 16.72
CA GLN D 31 79.13 -18.78 16.18
C GLN D 31 77.94 -18.60 15.24
N ALA D 32 77.62 -19.64 14.46
CA ALA D 32 76.43 -19.58 13.63
C ALA D 32 75.17 -19.37 14.45
N ILE D 33 75.18 -19.76 15.72
CA ILE D 33 73.99 -19.65 16.54
C ILE D 33 73.98 -18.37 17.39
N HIS D 34 75.13 -17.85 17.81
CA HIS D 34 75.17 -16.75 18.78
C HIS D 34 75.73 -15.43 18.23
N VAL D 35 76.52 -15.45 17.15
CA VAL D 35 77.21 -14.24 16.71
C VAL D 35 76.21 -13.29 16.05
N GLY D 36 76.06 -12.11 16.64
CA GLY D 36 75.08 -11.14 16.20
C GLY D 36 73.72 -11.34 16.82
N GLN D 37 73.57 -12.37 17.64
CA GLN D 37 72.30 -12.71 18.28
C GLN D 37 72.21 -12.28 19.73
N ASP D 38 73.12 -11.45 20.20
CA ASP D 38 73.20 -11.14 21.63
C ASP D 38 71.92 -10.44 22.10
N PRO D 39 71.21 -11.01 23.10
CA PRO D 39 69.96 -10.38 23.56
C PRO D 39 70.14 -9.04 24.24
N GLU D 40 71.36 -8.65 24.61
CA GLU D 40 71.59 -7.34 25.20
C GLU D 40 71.38 -6.21 24.21
N GLN D 41 71.29 -6.51 22.91
CA GLN D 41 70.99 -5.48 21.92
C GLN D 41 69.59 -4.93 22.06
N TRP D 42 68.68 -5.67 22.69
CA TRP D 42 67.26 -5.34 22.71
C TRP D 42 66.80 -5.07 24.14
N THR D 43 65.93 -4.06 24.27
CA THR D 43 65.34 -3.75 25.57
C THR D 43 64.66 -4.96 26.18
N SER D 44 64.08 -5.83 25.34
CA SER D 44 63.37 -7.00 25.81
C SER D 44 64.27 -8.16 26.19
N ARG D 45 65.55 -8.12 25.80
CA ARG D 45 66.47 -9.23 25.99
C ARG D 45 65.96 -10.50 25.29
N ALA D 46 65.28 -10.31 24.17
CA ALA D 46 64.84 -11.42 23.34
C ALA D 46 66.05 -12.25 22.89
N VAL D 47 65.91 -13.57 22.95
CA VAL D 47 67.03 -14.42 22.56
C VAL D 47 67.13 -14.56 21.04
N VAL D 48 66.06 -14.31 20.31
CA VAL D 48 66.09 -14.22 18.85
C VAL D 48 65.90 -12.76 18.47
N PRO D 49 66.73 -12.21 17.58
CA PRO D 49 66.62 -10.79 17.24
C PRO D 49 65.27 -10.48 16.60
N PRO D 50 64.64 -9.39 17.01
CA PRO D 50 63.39 -8.98 16.36
C PRO D 50 63.64 -8.61 14.89
N ILE D 51 62.61 -8.78 14.09
CA ILE D 51 62.61 -8.29 12.70
C ILE D 51 62.21 -6.83 12.72
N SER D 52 63.12 -5.95 12.32
CA SER D 52 62.85 -4.51 12.30
C SER D 52 62.55 -4.07 10.87
N LEU D 53 61.27 -3.80 10.62
CA LEU D 53 60.85 -3.37 9.29
C LEU D 53 61.02 -1.88 9.09
N SER D 54 61.02 -1.12 10.18
CA SER D 54 60.99 0.34 10.13
C SER D 54 62.01 0.90 9.16
N THR D 55 61.54 1.74 8.25
CA THR D 55 62.42 2.36 7.27
C THR D 55 63.27 3.46 7.86
N THR D 56 62.84 4.09 8.96
CA THR D 56 63.51 5.25 9.49
C THR D 56 63.47 5.23 11.00
N PHE D 57 64.36 6.02 11.61
CA PHE D 57 64.60 5.99 13.04
C PHE D 57 64.62 7.39 13.60
N LYS D 58 64.02 7.54 14.79
CA LYS D 58 64.05 8.81 15.50
C LYS D 58 65.48 9.28 15.74
N GLN D 59 65.71 10.57 15.56
CA GLN D 59 67.02 11.17 15.76
C GLN D 59 66.91 12.33 16.74
N GLY D 60 68.04 12.70 17.32
CA GLY D 60 68.15 13.91 18.12
C GLY D 60 67.30 13.93 19.37
N ALA D 61 67.34 12.87 20.14
CA ALA D 61 66.69 12.83 21.43
C ALA D 61 67.70 13.15 22.54
N PRO D 62 67.23 13.55 23.73
CA PRO D 62 68.16 13.76 24.86
C PRO D 62 69.03 12.54 25.10
N GLY D 63 70.34 12.74 25.06
CA GLY D 63 71.28 11.65 25.27
C GLY D 63 71.57 10.81 24.05
N GLN D 64 71.23 11.30 22.86
CA GLN D 64 71.43 10.53 21.65
C GLN D 64 72.63 11.04 20.85
N SER D 66 74.97 8.39 15.86
CA SER D 66 74.64 7.73 17.12
C SER D 66 73.40 6.86 16.99
N GLY D 67 73.50 5.81 16.18
CA GLY D 67 72.40 4.87 16.05
C GLY D 67 72.13 4.46 14.61
N PHE D 68 70.87 4.57 14.21
CA PHE D 68 70.44 4.24 12.86
C PHE D 68 69.81 5.47 12.22
N ILE D 69 69.99 5.60 10.90
CA ILE D 69 69.43 6.70 10.14
C ILE D 69 68.31 6.22 9.21
N TYR D 70 68.63 5.27 8.33
CA TYR D 70 67.72 4.89 7.28
C TYR D 70 67.95 3.43 6.92
N SER D 71 66.86 2.69 6.75
CA SER D 71 66.95 1.23 6.70
C SER D 71 67.90 0.75 5.61
N ARG D 72 67.89 1.39 4.45
CA ARG D 72 68.78 0.99 3.36
C ARG D 72 70.24 1.13 3.74
N LEU D 73 70.57 2.19 4.50
CA LEU D 73 71.96 2.39 4.94
C LEU D 73 72.38 1.33 5.94
N GLY D 74 71.43 0.79 6.70
CA GLY D 74 71.71 -0.18 7.73
C GLY D 74 70.50 -0.32 8.62
N ASN D 75 70.32 -1.50 9.21
CA ASN D 75 69.17 -1.77 10.06
C ASN D 75 69.49 -2.96 10.94
N PRO D 76 68.86 -3.07 12.11
CA PRO D 76 69.28 -4.12 13.07
C PRO D 76 69.29 -5.53 12.50
N THR D 77 68.19 -5.97 11.91
CA THR D 77 68.10 -7.36 11.48
C THR D 77 69.14 -7.69 10.41
N ARG D 78 69.38 -6.76 9.47
CA ARG D 78 70.41 -7.01 8.48
C ARG D 78 71.80 -7.02 9.12
N ASN D 79 72.04 -6.13 10.08
CA ASN D 79 73.36 -6.04 10.69
C ASN D 79 73.69 -7.32 11.46
N CYS D 80 72.71 -7.87 12.19
CA CYS D 80 72.94 -9.11 12.91
C CYS D 80 73.31 -10.24 11.94
N LEU D 81 72.66 -10.28 10.78
CA LEU D 81 72.98 -11.30 9.78
C LEU D 81 74.38 -11.10 9.22
N GLU D 82 74.75 -9.85 8.93
CA GLU D 82 76.06 -9.59 8.36
C GLU D 82 77.17 -9.92 9.36
N LYS D 83 76.93 -9.66 10.64
CA LYS D 83 77.91 -10.04 11.66
C LYS D 83 78.06 -11.55 11.73
N ALA D 84 76.96 -12.29 11.63
CA ALA D 84 77.01 -13.74 11.73
C ALA D 84 77.75 -14.36 10.55
N VAL D 85 77.39 -13.96 9.33
CA VAL D 85 78.01 -14.54 8.14
C VAL D 85 79.51 -14.25 8.14
N ALA D 86 79.90 -13.03 8.50
CA ALA D 86 81.32 -12.68 8.56
C ALA D 86 82.07 -13.64 9.47
N ALA D 87 81.50 -13.96 10.62
CA ALA D 87 82.13 -14.91 11.53
C ALA D 87 82.24 -16.29 10.88
N LEU D 88 81.24 -16.68 10.10
CA LEU D 88 81.28 -18.01 9.47
C LEU D 88 82.33 -18.07 8.37
N ASP D 89 82.60 -16.94 7.73
CA ASP D 89 83.65 -16.86 6.71
C ASP D 89 85.03 -16.61 7.30
N GLY D 90 85.14 -16.48 8.62
CA GLY D 90 86.38 -15.99 9.20
C GLY D 90 86.73 -14.61 8.73
N ALA D 91 85.74 -13.77 8.48
CA ALA D 91 85.92 -12.44 7.90
C ALA D 91 85.65 -11.35 8.94
N LYS D 92 86.21 -10.18 8.68
CA LYS D 92 85.94 -9.02 9.53
C LYS D 92 84.61 -8.35 9.18
N TYR D 93 84.16 -8.47 7.94
CA TYR D 93 83.00 -7.74 7.46
C TYR D 93 82.19 -8.60 6.50
N CYS D 94 80.89 -8.32 6.44
CA CYS D 94 80.01 -8.92 5.45
C CYS D 94 78.96 -7.90 5.03
N LEU D 95 78.49 -8.05 3.79
CA LEU D 95 77.46 -7.19 3.23
C LEU D 95 76.42 -8.06 2.55
N ALA D 96 75.15 -7.89 2.91
CA ALA D 96 74.05 -8.65 2.34
C ALA D 96 73.42 -7.88 1.19
N PHE D 97 72.84 -8.61 0.24
CA PHE D 97 72.32 -8.02 -0.98
C PHE D 97 71.04 -8.73 -1.39
N ALA D 98 70.26 -8.03 -2.22
CA ALA D 98 68.98 -8.54 -2.70
C ALA D 98 69.09 -9.90 -3.38
N SER D 99 70.27 -10.22 -3.91
CA SER D 99 70.48 -11.48 -4.62
C SER D 99 71.97 -11.68 -4.80
N GLY D 100 72.36 -12.92 -5.12
CA GLY D 100 73.74 -13.16 -5.50
C GLY D 100 74.15 -12.33 -6.70
N MET D 101 73.23 -12.20 -7.67
CA MET D 101 73.47 -11.36 -8.84
C MET D 101 73.77 -9.92 -8.43
N ALA D 102 72.97 -9.37 -7.51
CA ALA D 102 73.19 -8.00 -7.07
C ALA D 102 74.53 -7.84 -6.38
N ALA D 103 74.98 -8.86 -5.66
CA ALA D 103 76.31 -8.83 -5.06
C ALA D 103 77.38 -8.76 -6.14
N THR D 104 77.22 -9.56 -7.20
CA THR D 104 78.17 -9.52 -8.31
C THR D 104 78.21 -8.14 -8.94
N VAL D 105 77.03 -7.57 -9.24
CA VAL D 105 76.96 -6.26 -9.86
C VAL D 105 77.57 -5.19 -8.95
N THR D 106 77.31 -5.29 -7.65
CA THR D 106 77.88 -4.32 -6.71
C THR D 106 79.40 -4.43 -6.65
N ILE D 107 79.92 -5.66 -6.68
CA ILE D 107 81.37 -5.85 -6.60
C ILE D 107 82.06 -5.20 -7.79
N THR D 108 81.51 -5.38 -9.00
CA THR D 108 82.18 -4.81 -10.16
C THR D 108 82.02 -3.29 -10.24
N HIS D 109 81.09 -2.71 -9.47
CA HIS D 109 81.06 -1.26 -9.35
C HIS D 109 82.25 -0.71 -8.58
N LEU D 110 83.13 -1.59 -8.07
CA LEU D 110 84.38 -1.13 -7.47
C LEU D 110 85.37 -0.65 -8.52
N LEU D 111 85.18 -1.02 -9.78
CA LEU D 111 86.13 -0.69 -10.83
C LEU D 111 85.75 0.63 -11.49
N LYS D 112 86.30 0.90 -12.66
CA LYS D 112 86.01 2.12 -13.41
C LYS D 112 86.21 1.82 -14.89
N ALA D 113 85.81 2.76 -15.73
CA ALA D 113 85.99 2.62 -17.17
C ALA D 113 87.48 2.46 -17.49
N GLY D 114 87.82 1.38 -18.20
CA GLY D 114 89.18 1.08 -18.58
C GLY D 114 89.79 -0.11 -17.89
N ASP D 115 89.26 -0.50 -16.73
CA ASP D 115 89.76 -1.68 -16.04
C ASP D 115 89.35 -2.95 -16.77
N GLN D 116 90.06 -4.04 -16.47
CA GLN D 116 89.83 -5.33 -17.10
C GLN D 116 89.40 -6.35 -16.04
N ILE D 117 88.52 -7.26 -16.44
CA ILE D 117 88.05 -8.34 -15.59
C ILE D 117 88.45 -9.66 -16.22
N ILE D 118 89.06 -10.54 -15.41
CA ILE D 118 89.29 -11.93 -15.79
C ILE D 118 88.25 -12.79 -15.08
N CYS D 119 87.55 -13.62 -15.83
CA CYS D 119 86.48 -14.45 -15.29
C CYS D 119 86.70 -15.90 -15.71
N MET D 120 86.32 -16.82 -14.83
CA MET D 120 86.47 -18.24 -15.10
C MET D 120 85.74 -18.63 -16.39
N ASP D 121 86.30 -19.61 -17.09
CA ASP D 121 85.69 -20.12 -18.32
C ASP D 121 84.29 -20.65 -18.07
N ASP D 122 84.11 -21.37 -16.96
CA ASP D 122 82.86 -22.02 -16.62
C ASP D 122 82.34 -21.39 -15.32
N VAL D 123 81.36 -20.49 -15.44
CA VAL D 123 80.73 -19.86 -14.29
C VAL D 123 79.21 -20.00 -14.41
N TYR D 124 78.52 -19.48 -13.40
CA TYR D 124 77.07 -19.38 -13.44
C TYR D 124 76.64 -18.53 -14.63
N GLY D 125 75.57 -18.96 -15.30
CA GLY D 125 75.16 -18.30 -16.53
C GLY D 125 74.90 -16.82 -16.34
N GLY D 126 74.31 -16.44 -15.20
CA GLY D 126 74.04 -15.04 -14.95
C GLY D 126 75.30 -14.21 -14.76
N THR D 127 76.27 -14.75 -14.03
CA THR D 127 77.57 -14.09 -13.92
C THR D 127 78.20 -13.91 -15.29
N ASN D 128 78.13 -14.97 -16.10
CA ASN D 128 78.68 -14.94 -17.45
C ASN D 128 77.96 -13.92 -18.32
N ALA D 129 76.63 -13.92 -18.28
CA ALA D 129 75.86 -13.00 -19.12
C ALA D 129 76.07 -11.55 -18.69
N TYR D 130 76.16 -11.30 -17.38
CA TYR D 130 76.27 -9.92 -16.90
C TYR D 130 77.55 -9.26 -17.41
N PHE D 131 78.67 -9.99 -17.36
CA PHE D 131 79.94 -9.43 -17.82
C PHE D 131 79.93 -9.17 -19.33
N ARG D 132 79.37 -10.09 -20.11
CA ARG D 132 79.43 -9.97 -21.57
C ARG D 132 78.46 -8.91 -22.09
N GLN D 133 77.23 -8.91 -21.58
CA GLN D 133 76.15 -8.13 -22.17
C GLN D 133 75.88 -6.81 -21.48
N VAL D 134 76.44 -6.58 -20.29
CA VAL D 134 76.12 -5.36 -19.55
C VAL D 134 77.41 -4.64 -19.17
N ALA D 135 78.26 -5.29 -18.37
CA ALA D 135 79.46 -4.62 -17.86
C ALA D 135 80.41 -4.21 -18.97
N SER D 136 80.44 -4.95 -20.08
CA SER D 136 81.33 -4.59 -21.18
C SER D 136 80.90 -3.28 -21.84
N GLU D 137 79.62 -2.94 -21.77
CA GLU D 137 79.12 -1.71 -22.39
C GLU D 137 79.54 -0.45 -21.63
N PHE D 138 80.29 -0.56 -20.54
CA PHE D 138 80.60 0.59 -19.71
C PHE D 138 82.10 0.70 -19.48
N GLY D 139 82.89 0.54 -20.55
CA GLY D 139 84.33 0.73 -20.45
C GLY D 139 85.06 -0.35 -19.70
N LEU D 140 84.47 -1.54 -19.57
CA LEU D 140 85.11 -2.66 -18.90
C LEU D 140 85.39 -3.76 -19.92
N LYS D 141 86.62 -4.26 -19.92
CA LYS D 141 87.04 -5.31 -20.83
C LYS D 141 86.96 -6.67 -20.12
N ILE D 142 86.30 -7.63 -20.75
CA ILE D 142 86.06 -8.94 -20.18
C ILE D 142 86.84 -9.99 -20.97
N SER D 143 87.61 -10.81 -20.26
CA SER D 143 88.32 -11.93 -20.85
C SER D 143 87.97 -13.19 -20.07
N PHE D 144 87.54 -14.23 -20.79
CA PHE D 144 87.23 -15.52 -20.18
C PHE D 144 88.43 -16.44 -20.31
N VAL D 145 88.94 -16.93 -19.18
CA VAL D 145 90.19 -17.67 -19.13
C VAL D 145 89.99 -18.94 -18.31
N ASP D 146 90.56 -20.05 -18.78
CA ASP D 146 90.59 -21.27 -17.97
C ASP D 146 91.58 -21.10 -16.83
N CYS D 147 91.11 -20.66 -15.67
CA CYS D 147 91.98 -20.38 -14.54
C CYS D 147 92.42 -21.63 -13.80
N SER D 148 91.90 -22.81 -14.17
CA SER D 148 92.45 -24.04 -13.62
C SER D 148 93.85 -24.33 -14.16
N LYS D 149 94.10 -24.02 -15.43
CA LYS D 149 95.41 -24.24 -16.05
C LYS D 149 96.24 -23.02 -15.68
N ILE D 150 97.30 -23.25 -14.88
CA ILE D 150 97.94 -22.16 -14.16
C ILE D 150 98.17 -20.96 -15.08
N LYS D 151 98.86 -21.16 -16.21
CA LYS D 151 99.42 -19.98 -16.90
C LYS D 151 98.86 -19.71 -18.29
N LEU D 152 97.54 -19.72 -18.41
CA LEU D 152 96.81 -18.78 -19.25
C LEU D 152 96.34 -17.56 -18.46
N LEU D 153 96.67 -17.48 -17.18
CA LEU D 153 96.11 -16.44 -16.31
C LEU D 153 96.91 -15.14 -16.34
N GLU D 154 98.19 -15.22 -15.96
CA GLU D 154 99.11 -14.10 -16.13
C GLU D 154 99.42 -13.84 -17.59
N ALA D 155 99.23 -14.83 -18.46
CA ALA D 155 99.16 -14.52 -19.88
C ALA D 155 98.00 -13.59 -20.15
N ALA D 156 96.94 -13.70 -19.34
CA ALA D 156 95.81 -12.80 -19.41
C ALA D 156 95.94 -11.59 -18.51
N ILE D 157 96.78 -11.65 -17.47
CA ILE D 157 96.93 -10.50 -16.57
C ILE D 157 97.65 -9.38 -17.30
N THR D 158 97.03 -8.20 -17.32
CA THR D 158 97.64 -6.99 -17.87
C THR D 158 97.78 -5.97 -16.74
N PRO D 159 98.49 -4.85 -16.97
CA PRO D 159 98.46 -3.77 -15.96
C PRO D 159 97.08 -3.16 -15.77
N GLU D 160 96.11 -3.49 -16.63
CA GLU D 160 94.76 -2.94 -16.53
C GLU D 160 93.79 -3.91 -15.89
N THR D 161 94.26 -5.05 -15.39
CA THR D 161 93.40 -6.03 -14.72
C THR D 161 93.22 -5.61 -13.27
N LYS D 162 91.97 -5.47 -12.85
CA LYS D 162 91.64 -5.03 -11.49
C LYS D 162 90.80 -6.01 -10.72
N LEU D 163 90.22 -7.02 -11.37
CA LEU D 163 89.33 -7.96 -10.72
C LEU D 163 89.41 -9.32 -11.40
N VAL D 164 89.64 -10.36 -10.61
CA VAL D 164 89.67 -11.74 -11.10
C VAL D 164 88.53 -12.49 -10.40
N TRP D 165 87.64 -13.06 -11.20
CA TRP D 165 86.43 -13.72 -10.70
C TRP D 165 86.52 -15.21 -10.95
N ILE D 166 86.67 -15.99 -9.88
CA ILE D 166 86.67 -17.44 -10.00
C ILE D 166 85.50 -18.00 -9.20
N GLU D 167 85.18 -19.25 -9.50
CA GLU D 167 84.07 -19.97 -8.88
C GLU D 167 84.48 -21.43 -8.79
N THR D 168 84.64 -21.95 -7.56
CA THR D 168 85.15 -23.30 -7.41
C THR D 168 84.43 -24.03 -6.27
N PRO D 169 83.93 -25.26 -6.51
CA PRO D 169 83.90 -25.90 -7.83
C PRO D 169 82.92 -25.21 -8.79
N THR D 170 83.04 -25.50 -10.09
CA THR D 170 82.31 -24.75 -11.08
C THR D 170 80.90 -25.31 -11.27
N ASN D 171 80.04 -24.48 -11.86
CA ASN D 171 78.66 -24.84 -12.13
C ASN D 171 78.46 -25.01 -13.62
N PRO D 172 78.18 -26.23 -14.12
CA PRO D 172 77.94 -27.45 -13.36
C PRO D 172 78.97 -28.57 -13.56
N THR D 173 80.02 -28.35 -14.36
CA THR D 173 81.01 -29.40 -14.57
C THR D 173 81.92 -29.60 -13.36
N GLN D 174 81.86 -28.70 -12.39
CA GLN D 174 82.53 -28.84 -11.10
C GLN D 174 84.03 -29.08 -11.26
N LYS D 175 84.67 -28.22 -12.06
CA LYS D 175 86.11 -28.10 -12.02
C LYS D 175 86.51 -27.39 -10.72
N VAL D 176 87.66 -27.78 -10.17
CA VAL D 176 88.14 -27.25 -8.90
C VAL D 176 89.40 -26.43 -9.14
N ILE D 177 89.45 -25.24 -8.56
CA ILE D 177 90.56 -24.30 -8.75
C ILE D 177 91.32 -24.19 -7.44
N ASP D 178 92.65 -24.25 -7.53
CA ASP D 178 93.54 -24.01 -6.39
C ASP D 178 93.41 -22.55 -5.99
N ILE D 179 92.65 -22.28 -4.92
CA ILE D 179 92.39 -20.89 -4.52
C ILE D 179 93.67 -20.23 -4.03
N GLU D 180 94.41 -20.93 -3.16
CA GLU D 180 95.64 -20.33 -2.62
C GLU D 180 96.66 -20.12 -3.73
N GLY D 181 96.86 -21.12 -4.59
CA GLY D 181 97.75 -20.94 -5.72
C GLY D 181 97.31 -19.79 -6.61
N CYS D 182 96.02 -19.77 -6.97
CA CYS D 182 95.50 -18.70 -7.82
C CYS D 182 95.59 -17.34 -7.15
N ALA D 183 95.39 -17.29 -5.83
CA ALA D 183 95.53 -16.02 -5.12
C ALA D 183 96.98 -15.56 -5.08
N HIS D 184 97.91 -16.50 -4.88
CA HIS D 184 99.33 -16.16 -4.87
C HIS D 184 99.74 -15.55 -6.20
N ILE D 185 99.38 -16.20 -7.30
CA ILE D 185 99.69 -15.67 -8.63
C ILE D 185 99.11 -14.27 -8.80
N VAL D 186 97.81 -14.12 -8.48
CA VAL D 186 97.11 -12.87 -8.74
C VAL D 186 97.73 -11.72 -7.94
N HIS D 187 98.01 -11.97 -6.66
CA HIS D 187 98.51 -10.90 -5.79
C HIS D 187 99.94 -10.50 -6.10
N LYS D 188 100.57 -11.07 -7.12
CA LYS D 188 101.90 -10.65 -7.54
C LYS D 188 101.89 -9.40 -8.41
N HIS D 189 100.71 -8.95 -8.84
CA HIS D 189 100.57 -7.87 -9.82
C HIS D 189 99.97 -6.60 -9.21
N GLY D 190 100.23 -6.34 -7.94
CA GLY D 190 99.82 -5.07 -7.35
C GLY D 190 98.36 -5.06 -6.93
N ASP D 191 97.63 -4.05 -7.40
CA ASP D 191 96.25 -3.74 -7.00
C ASP D 191 95.33 -4.60 -7.85
N ILE D 192 94.91 -5.75 -7.32
CA ILE D 192 94.02 -6.64 -8.07
C ILE D 192 93.25 -7.52 -7.09
N ILE D 193 91.94 -7.61 -7.32
CA ILE D 193 91.01 -8.25 -6.41
C ILE D 193 90.72 -9.66 -6.91
N LEU D 194 90.83 -10.65 -6.02
CA LEU D 194 90.43 -12.01 -6.33
C LEU D 194 89.13 -12.33 -5.59
N VAL D 195 88.13 -12.75 -6.34
CA VAL D 195 86.80 -13.04 -5.81
C VAL D 195 86.49 -14.51 -6.09
N VAL D 196 86.06 -15.23 -5.05
CA VAL D 196 85.68 -16.62 -5.16
C VAL D 196 84.19 -16.73 -4.86
N ASP D 197 83.42 -17.21 -5.84
CA ASP D 197 82.02 -17.53 -5.63
C ASP D 197 81.93 -18.86 -4.87
N ASN D 198 81.70 -18.78 -3.56
CA ASN D 198 81.70 -19.95 -2.70
C ASN D 198 80.32 -20.58 -2.55
N THR D 199 79.44 -20.39 -3.53
CA THR D 199 78.06 -20.89 -3.41
C THR D 199 78.03 -22.39 -3.20
N PHE D 200 78.75 -23.15 -4.03
CA PHE D 200 78.58 -24.60 -4.05
C PHE D 200 79.05 -25.26 -2.76
N MET D 201 80.00 -24.67 -2.04
CA MET D 201 80.56 -25.32 -0.86
C MET D 201 79.99 -24.81 0.45
N SER D 202 79.68 -23.51 0.54
CA SER D 202 79.25 -22.81 1.75
C SER D 202 80.44 -22.68 2.70
N PRO D 203 80.46 -21.67 3.59
CA PRO D 203 81.64 -21.48 4.45
C PRO D 203 81.83 -22.63 5.43
N TYR D 204 80.89 -23.57 5.45
CA TYR D 204 81.08 -24.74 6.30
C TYR D 204 82.16 -25.66 5.73
N PHE D 205 82.32 -25.68 4.41
CA PHE D 205 83.27 -26.59 3.78
C PHE D 205 84.47 -25.89 3.15
N GLN D 206 84.42 -24.58 2.95
CA GLN D 206 85.48 -23.89 2.23
C GLN D 206 85.51 -22.42 2.64
N ARG D 207 86.68 -21.94 3.07
CA ARG D 207 86.88 -20.55 3.46
C ARG D 207 87.84 -19.87 2.49
N PRO D 208 87.35 -19.29 1.40
CA PRO D 208 88.24 -18.60 0.45
C PRO D 208 89.15 -17.55 1.09
N LEU D 209 88.66 -16.82 2.09
CA LEU D 209 89.48 -15.74 2.66
C LEU D 209 90.70 -16.28 3.38
N ALA D 210 90.54 -17.38 4.13
CA ALA D 210 91.70 -18.02 4.76
C ALA D 210 92.66 -18.59 3.72
N LEU D 211 92.20 -18.76 2.48
CA LEU D 211 93.02 -19.29 1.41
C LEU D 211 93.67 -18.21 0.55
N GLY D 212 93.50 -16.94 0.89
CA GLY D 212 94.17 -15.85 0.20
C GLY D 212 93.27 -14.99 -0.66
N ALA D 213 92.01 -15.38 -0.86
CA ALA D 213 91.10 -14.54 -1.63
C ALA D 213 90.82 -13.24 -0.89
N ASP D 214 90.42 -12.22 -1.65
CA ASP D 214 90.11 -10.92 -1.08
C ASP D 214 88.63 -10.75 -0.76
N ILE D 215 87.76 -11.40 -1.52
CA ILE D 215 86.31 -11.35 -1.31
C ILE D 215 85.77 -12.77 -1.39
N SER D 216 84.93 -13.14 -0.43
CA SER D 216 84.19 -14.40 -0.48
C SER D 216 82.73 -14.08 -0.71
N MET D 217 82.20 -14.51 -1.86
CA MET D 217 80.87 -14.13 -2.30
C MET D 217 79.98 -15.37 -2.38
N TYR D 218 78.71 -15.20 -2.00
CA TYR D 218 77.73 -16.28 -2.02
C TYR D 218 76.45 -15.83 -2.70
N SER D 219 75.79 -16.78 -3.34
CA SER D 219 74.35 -16.70 -3.56
C SER D 219 73.71 -17.38 -2.34
N ALA D 220 73.35 -16.57 -1.34
CA ALA D 220 72.73 -17.10 -0.14
C ALA D 220 71.42 -17.80 -0.43
N THR D 221 70.83 -17.53 -1.60
CA THR D 221 69.67 -18.24 -2.12
C THR D 221 69.81 -19.75 -2.04
N1 LLP D 222 76.29 -17.72 -8.42
C2 LLP D 222 76.28 -19.06 -8.44
C2' LLP D 222 77.62 -19.87 -8.46
C3 LLP D 222 75.04 -19.77 -8.46
O3 LLP D 222 75.03 -21.17 -8.49
C4 LLP D 222 73.86 -19.07 -8.46
C4' LLP D 222 72.45 -19.88 -8.47
C5 LLP D 222 73.86 -17.72 -8.42
C6 LLP D 222 75.09 -17.01 -8.40
C5' LLP D 222 72.51 -16.96 -8.41
OP4 LLP D 222 72.57 -15.80 -7.62
P LLP D 222 71.21 -15.20 -7.18
OP1 LLP D 222 71.04 -13.83 -7.84
OP2 LLP D 222 71.16 -15.07 -5.71
OP3 LLP D 222 70.10 -16.10 -7.63
N LLP D 222 71.06 -20.23 -2.06
CA LLP D 222 71.31 -21.66 -2.17
CB LLP D 222 72.48 -21.89 -3.09
CG LLP D 222 72.04 -21.98 -4.55
CD LLP D 222 71.54 -20.63 -5.10
CE LLP D 222 71.21 -20.73 -6.61
NZ LLP D 222 72.48 -20.80 -7.38
C LLP D 222 71.52 -22.29 -0.81
O LLP D 222 70.56 -22.39 -0.06
N TYR D 223 72.74 -22.69 -0.50
CA TYR D 223 73.00 -23.45 0.73
C TYR D 223 72.86 -22.63 2.01
N MET D 224 73.36 -21.39 2.00
CA MET D 224 73.35 -20.54 3.19
C MET D 224 71.98 -20.52 3.84
N ASN D 225 70.97 -20.06 3.11
CA ASN D 225 69.60 -20.13 3.61
C ASN D 225 69.11 -21.58 3.64
N GLY D 226 69.33 -22.31 2.56
CA GLY D 226 69.08 -23.74 2.53
C GLY D 226 67.63 -24.16 2.61
N HIS D 227 66.69 -23.23 2.43
CA HIS D 227 65.27 -23.57 2.55
C HIS D 227 64.44 -23.15 1.35
N SER D 228 65.08 -22.70 0.27
CA SER D 228 64.44 -22.44 -1.02
C SER D 228 63.33 -21.40 -0.91
N ASP D 229 63.43 -20.47 0.03
CA ASP D 229 62.41 -19.46 0.21
C ASP D 229 62.99 -18.06 0.33
N VAL D 230 64.26 -17.88 -0.02
CA VAL D 230 64.92 -16.58 0.10
C VAL D 230 65.91 -16.41 -1.05
N VAL D 231 65.77 -15.31 -1.78
CA VAL D 231 66.78 -14.87 -2.75
C VAL D 231 67.68 -13.86 -2.06
N MET D 232 68.99 -14.10 -2.09
CA MET D 232 69.90 -13.24 -1.34
C MET D 232 71.34 -13.51 -1.76
N GLY D 233 72.15 -12.46 -1.72
CA GLY D 233 73.59 -12.57 -1.89
C GLY D 233 74.36 -12.08 -0.67
N LEU D 234 75.60 -12.56 -0.52
CA LEU D 234 76.47 -12.19 0.60
C LEU D 234 77.89 -12.02 0.09
N VAL D 235 78.59 -11.01 0.60
CA VAL D 235 80.01 -10.86 0.29
C VAL D 235 80.73 -10.58 1.61
N SER D 236 81.77 -11.36 1.91
CA SER D 236 82.55 -11.25 3.13
C SER D 236 83.97 -10.82 2.79
N VAL D 237 84.59 -10.00 3.65
CA VAL D 237 85.83 -9.31 3.30
C VAL D 237 86.62 -9.02 4.57
N ASN D 238 87.93 -8.83 4.40
CA ASN D 238 88.85 -8.49 5.47
C ASN D 238 89.48 -7.12 5.30
N CYS D 239 89.85 -6.75 4.07
CA CYS D 239 90.57 -5.51 3.83
C CYS D 239 89.70 -4.31 4.15
N GLU D 240 90.26 -3.36 4.91
CA GLU D 240 89.51 -2.20 5.36
C GLU D 240 89.02 -1.35 4.19
N SER D 241 89.93 -1.00 3.27
CA SER D 241 89.55 -0.11 2.17
C SER D 241 88.58 -0.80 1.22
N LEU D 242 88.79 -2.07 0.94
CA LEU D 242 87.84 -2.83 0.13
C LEU D 242 86.45 -2.82 0.76
N HIS D 243 86.39 -2.98 2.07
CA HIS D 243 85.10 -2.97 2.76
C HIS D 243 84.46 -1.59 2.69
N ASN D 244 85.24 -0.53 2.92
CA ASN D 244 84.69 0.82 2.91
C ASN D 244 84.10 1.18 1.56
N ARG D 245 84.81 0.85 0.48
CA ARG D 245 84.27 1.05 -0.85
C ARG D 245 83.01 0.21 -1.06
N LEU D 246 83.08 -1.07 -0.72
CA LEU D 246 81.94 -1.98 -0.85
C LEU D 246 80.74 -1.47 -0.05
N ARG D 247 80.99 -0.99 1.17
CA ARG D 247 79.89 -0.51 2.00
C ARG D 247 79.25 0.73 1.41
N PHE D 248 80.07 1.62 0.82
CA PHE D 248 79.52 2.79 0.13
C PHE D 248 78.61 2.36 -1.01
N LEU D 249 79.05 1.38 -1.80
CA LEU D 249 78.26 0.93 -2.95
C LEU D 249 76.98 0.23 -2.53
N GLN D 250 76.98 -0.41 -1.36
CA GLN D 250 75.76 -1.03 -0.85
C GLN D 250 74.67 0.03 -0.67
N ASN D 251 75.00 1.14 -0.02
CA ASN D 251 74.02 2.20 0.21
C ASN D 251 73.73 2.98 -1.06
N SER D 252 74.74 3.17 -1.92
CA SER D 252 74.57 3.99 -3.11
C SER D 252 73.74 3.30 -4.18
N LEU D 253 73.98 2.00 -4.42
CA LEU D 253 73.20 1.29 -5.42
C LEU D 253 71.89 0.76 -4.85
N GLY D 254 71.85 0.48 -3.55
CA GLY D 254 70.61 0.12 -2.90
C GLY D 254 70.03 -1.21 -3.29
N ALA D 255 70.87 -2.18 -3.67
CA ALA D 255 70.40 -3.53 -3.97
C ALA D 255 70.42 -4.35 -2.68
N VAL D 256 69.56 -3.94 -1.75
CA VAL D 256 69.59 -4.44 -0.37
C VAL D 256 68.48 -5.46 -0.16
N PRO D 257 68.64 -6.40 0.77
CA PRO D 257 67.60 -7.39 1.03
C PRO D 257 66.61 -6.90 2.09
N SER D 258 65.44 -7.53 2.09
CA SER D 258 64.44 -7.24 3.10
C SER D 258 64.91 -7.70 4.48
N PRO D 259 64.59 -6.94 5.53
CA PRO D 259 64.87 -7.44 6.89
C PRO D 259 64.21 -8.77 7.17
N ILE D 260 63.03 -9.02 6.59
CA ILE D 260 62.41 -10.34 6.77
C ILE D 260 63.27 -11.41 6.12
N ASP D 261 63.74 -11.16 4.90
CA ASP D 261 64.65 -12.12 4.26
C ASP D 261 65.93 -12.25 5.07
N CYS D 262 66.44 -11.14 5.60
CA CYS D 262 67.61 -11.20 6.47
C CYS D 262 67.34 -12.06 7.68
N TYR D 263 66.13 -11.95 8.26
CA TYR D 263 65.77 -12.80 9.37
C TYR D 263 65.69 -14.26 8.94
N LEU D 264 64.95 -14.54 7.88
CA LEU D 264 64.80 -15.92 7.42
C LEU D 264 66.13 -16.54 7.07
N CYS D 265 67.04 -15.76 6.47
CA CYS D 265 68.34 -16.30 6.10
C CYS D 265 69.17 -16.62 7.34
N ASN D 266 69.13 -15.73 8.34
CA ASN D 266 69.85 -15.97 9.58
C ASN D 266 69.25 -17.14 10.35
N ARG D 267 67.93 -17.27 10.30
CA ARG D 267 67.27 -18.46 10.82
C ARG D 267 67.81 -19.71 10.14
N GLY D 268 68.02 -19.64 8.82
CA GLY D 268 68.53 -20.80 8.10
C GLY D 268 69.97 -21.15 8.47
N LEU D 269 70.77 -20.14 8.79
CA LEU D 269 72.17 -20.38 9.16
C LEU D 269 72.28 -21.24 10.40
N LYS D 270 71.30 -21.15 11.31
CA LYS D 270 71.42 -21.85 12.59
C LYS D 270 71.52 -23.36 12.40
N THR D 271 71.01 -23.89 11.29
CA THR D 271 71.11 -25.32 10.99
C THR D 271 72.09 -25.60 9.86
N LEU D 272 72.89 -24.62 9.44
CA LEU D 272 73.78 -24.82 8.31
C LEU D 272 74.75 -25.97 8.55
N HIS D 273 75.26 -26.10 9.78
CA HIS D 273 76.27 -27.12 10.05
C HIS D 273 75.68 -28.53 9.98
N VAL D 274 74.48 -28.74 10.53
CA VAL D 274 73.88 -30.06 10.46
C VAL D 274 73.26 -30.32 9.09
N ARG D 275 72.88 -29.28 8.35
CA ARG D 275 72.39 -29.49 6.99
C ARG D 275 73.52 -29.94 6.08
N MET D 276 74.62 -29.18 6.06
CA MET D 276 75.76 -29.51 5.19
C MET D 276 76.33 -30.89 5.50
N GLU D 277 76.28 -31.31 6.77
CA GLU D 277 76.78 -32.64 7.11
C GLU D 277 75.90 -33.74 6.54
N ARG D 278 74.59 -33.52 6.50
CA ARG D 278 73.71 -34.49 5.86
C ARG D 278 73.76 -34.39 4.34
N HIS D 279 74.03 -33.19 3.81
CA HIS D 279 74.26 -33.04 2.37
C HIS D 279 75.49 -33.83 1.95
N PHE D 280 76.60 -33.68 2.71
CA PHE D 280 77.81 -34.45 2.45
C PHE D 280 77.53 -35.94 2.49
N LYS D 281 76.85 -36.39 3.54
CA LYS D 281 76.60 -37.83 3.70
C LYS D 281 75.75 -38.37 2.56
N ASN D 282 74.67 -37.67 2.21
CA ASN D 282 73.80 -38.14 1.13
C ASN D 282 74.45 -37.95 -0.23
N GLY D 283 75.14 -36.83 -0.43
CA GLY D 283 75.82 -36.62 -1.70
C GLY D 283 76.87 -37.67 -1.98
N MET D 284 77.63 -38.05 -0.95
CA MET D 284 78.63 -39.11 -1.10
C MET D 284 77.97 -40.41 -1.53
N ALA D 285 76.93 -40.84 -0.79
CA ALA D 285 76.22 -42.06 -1.13
C ALA D 285 75.67 -42.00 -2.55
N VAL D 286 75.11 -40.85 -2.94
CA VAL D 286 74.55 -40.72 -4.29
C VAL D 286 75.65 -40.78 -5.33
N ALA D 287 76.77 -40.11 -5.08
CA ALA D 287 77.88 -40.13 -6.03
C ALA D 287 78.45 -41.54 -6.19
N GLN D 288 78.55 -42.28 -5.08
CA GLN D 288 79.13 -43.62 -5.13
C GLN D 288 78.18 -44.61 -5.78
N PHE D 289 76.88 -44.49 -5.51
CA PHE D 289 75.91 -45.36 -6.16
C PHE D 289 75.90 -45.12 -7.67
N LEU D 290 75.97 -43.86 -8.09
CA LEU D 290 75.91 -43.56 -9.52
C LEU D 290 77.14 -44.10 -10.24
N GLU D 291 78.31 -44.05 -9.62
CA GLU D 291 79.54 -44.37 -10.34
C GLU D 291 79.62 -45.84 -10.69
N SER D 292 79.15 -46.72 -9.80
CA SER D 292 79.12 -48.15 -10.06
C SER D 292 77.81 -48.61 -10.69
N ASN D 293 77.07 -47.70 -11.27
CA ASN D 293 75.83 -48.08 -11.96
C ASN D 293 76.12 -48.34 -13.43
N PRO D 294 75.60 -49.41 -14.01
CA PRO D 294 75.94 -49.75 -15.40
C PRO D 294 75.47 -48.72 -16.42
N TRP D 295 74.55 -47.84 -16.06
CA TRP D 295 73.98 -46.89 -17.01
C TRP D 295 74.55 -45.48 -16.82
N VAL D 296 75.68 -45.35 -16.14
CA VAL D 296 76.32 -44.07 -15.89
C VAL D 296 77.73 -44.12 -16.48
N GLU D 297 78.04 -43.15 -17.33
CA GLU D 297 79.34 -43.11 -17.98
C GLU D 297 80.39 -42.54 -17.04
N LYS D 298 80.09 -41.43 -16.37
CA LYS D 298 81.09 -40.71 -15.60
C LYS D 298 80.38 -39.87 -14.56
N VAL D 299 80.95 -39.84 -13.36
CA VAL D 299 80.45 -39.03 -12.25
C VAL D 299 81.51 -38.00 -11.89
N ILE D 300 81.10 -36.75 -11.72
CA ILE D 300 81.97 -35.69 -11.23
C ILE D 300 81.49 -35.33 -9.83
N TYR D 301 82.31 -35.65 -8.83
CA TYR D 301 82.00 -35.30 -7.46
C TYR D 301 83.30 -35.12 -6.67
N PRO D 302 83.54 -33.92 -6.12
CA PRO D 302 84.82 -33.67 -5.44
C PRO D 302 85.11 -34.62 -4.29
N GLY D 303 84.10 -35.29 -3.74
CA GLY D 303 84.35 -36.23 -2.66
C GLY D 303 84.89 -37.57 -3.12
N LEU D 304 84.69 -37.92 -4.37
CA LEU D 304 85.16 -39.22 -4.81
C LEU D 304 86.61 -39.14 -5.32
N PRO D 305 87.38 -40.20 -5.10
CA PRO D 305 88.78 -40.18 -5.58
C PRO D 305 88.91 -40.09 -7.09
N SER D 306 87.86 -40.43 -7.84
CA SER D 306 87.91 -40.36 -9.30
C SER D 306 87.92 -38.93 -9.82
N HIS D 307 87.64 -37.95 -8.96
CA HIS D 307 87.62 -36.56 -9.40
C HIS D 307 89.04 -36.09 -9.75
N PRO D 308 89.21 -35.37 -10.85
CA PRO D 308 90.57 -34.94 -11.26
C PRO D 308 91.30 -34.16 -10.18
N GLN D 309 90.59 -33.37 -9.37
CA GLN D 309 91.22 -32.55 -8.34
C GLN D 309 90.88 -33.01 -6.94
N HIS D 310 90.58 -34.31 -6.77
CA HIS D 310 90.18 -34.82 -5.46
C HIS D 310 91.23 -34.51 -4.39
N GLU D 311 92.51 -34.62 -4.74
CA GLU D 311 93.56 -34.34 -3.76
C GLU D 311 93.61 -32.85 -3.41
N LEU D 312 93.32 -31.98 -4.38
CA LEU D 312 93.26 -30.56 -4.09
C LEU D 312 92.05 -30.22 -3.22
N VAL D 313 90.93 -30.90 -3.44
CA VAL D 313 89.72 -30.66 -2.66
C VAL D 313 90.00 -30.88 -1.17
N LYS D 314 90.59 -32.02 -0.84
CA LYS D 314 90.90 -32.32 0.56
C LYS D 314 91.91 -31.34 1.16
N ARG D 315 92.69 -30.65 0.32
CA ARG D 315 93.69 -29.73 0.83
C ARG D 315 93.11 -28.35 1.14
N GLN D 316 92.02 -27.97 0.47
CA GLN D 316 91.42 -26.67 0.67
C GLN D 316 89.99 -26.72 1.20
N CYS D 317 89.47 -27.90 1.50
CA CYS D 317 88.09 -28.03 1.96
C CYS D 317 88.02 -28.99 3.14
N THR D 318 86.99 -28.79 3.99
CA THR D 318 86.73 -29.64 5.14
C THR D 318 85.72 -30.73 4.84
N GLY D 319 85.23 -30.81 3.61
CA GLY D 319 84.19 -31.75 3.23
C GLY D 319 83.61 -31.33 1.89
N CYS D 320 82.41 -31.82 1.59
CA CYS D 320 81.80 -31.53 0.30
C CYS D 320 80.29 -31.40 0.44
N GLY D 321 79.71 -30.54 -0.39
CA GLY D 321 78.28 -30.37 -0.43
C GLY D 321 77.60 -31.52 -1.15
N GLY D 322 76.33 -31.29 -1.48
CA GLY D 322 75.49 -32.29 -2.11
C GLY D 322 75.31 -32.15 -3.60
N MET D 323 76.09 -31.31 -4.26
CA MET D 323 76.03 -31.16 -5.72
C MET D 323 76.75 -32.33 -6.36
N VAL D 324 76.02 -33.20 -7.05
CA VAL D 324 76.58 -34.34 -7.75
C VAL D 324 76.24 -34.21 -9.23
N THR D 325 77.27 -34.20 -10.07
CA THR D 325 77.11 -34.11 -11.52
C THR D 325 77.56 -35.42 -12.16
N PHE D 326 76.80 -35.88 -13.15
CA PHE D 326 77.15 -37.12 -13.84
C PHE D 326 76.64 -37.07 -15.27
N TYR D 327 77.27 -37.89 -16.12
CA TYR D 327 76.83 -38.09 -17.50
C TYR D 327 76.11 -39.42 -17.61
N ILE D 328 74.93 -39.40 -18.18
CA ILE D 328 74.16 -40.63 -18.42
C ILE D 328 74.56 -41.19 -19.78
N LYS D 329 74.56 -42.51 -19.88
CA LYS D 329 74.96 -43.17 -21.12
C LYS D 329 73.78 -43.26 -22.09
N GLY D 330 74.12 -43.28 -23.38
CA GLY D 330 73.17 -43.00 -24.43
C GLY D 330 73.26 -41.54 -24.76
N THR D 331 72.15 -40.93 -25.16
CA THR D 331 72.08 -39.46 -25.20
C THR D 331 70.61 -39.07 -25.14
N LEU D 332 70.30 -37.84 -25.61
CA LEU D 332 69.19 -37.03 -25.08
C LEU D 332 67.97 -37.83 -24.64
N GLN D 333 67.31 -38.50 -25.60
CA GLN D 333 66.02 -39.10 -25.29
C GLN D 333 66.12 -40.02 -24.07
N HIS D 334 67.28 -40.64 -23.87
CA HIS D 334 67.48 -41.47 -22.68
C HIS D 334 67.84 -40.63 -21.47
N ALA D 335 68.44 -39.46 -21.70
CA ALA D 335 68.85 -38.60 -20.59
C ALA D 335 67.64 -38.03 -19.86
N GLU D 336 66.60 -37.64 -20.60
CA GLU D 336 65.47 -36.99 -19.96
C GLU D 336 64.40 -37.97 -19.45
N ILE D 337 64.21 -39.11 -20.10
CA ILE D 337 63.24 -40.07 -19.57
C ILE D 337 63.67 -40.54 -18.18
N PHE D 338 64.96 -40.45 -17.87
CA PHE D 338 65.42 -40.66 -16.49
C PHE D 338 64.85 -39.58 -15.57
N LEU D 339 64.85 -38.33 -16.05
CA LEU D 339 64.33 -37.22 -15.26
C LEU D 339 62.82 -37.32 -15.04
N LYS D 340 62.10 -37.93 -15.99
CA LYS D 340 60.66 -38.06 -15.85
C LYS D 340 60.25 -39.17 -14.87
N ASN D 341 61.12 -40.15 -14.65
CA ASN D 341 60.82 -41.23 -13.73
C ASN D 341 61.31 -40.98 -12.31
N LEU D 342 62.10 -39.92 -12.11
CA LEU D 342 62.39 -39.46 -10.76
C LEU D 342 61.09 -38.98 -10.10
N LYS D 343 60.83 -39.49 -8.91
CA LYS D 343 59.65 -39.10 -8.15
C LYS D 343 59.97 -38.55 -6.77
N LEU D 344 61.22 -38.62 -6.34
CA LEU D 344 61.69 -37.87 -5.18
C LEU D 344 62.48 -36.63 -5.59
N PHE D 345 63.44 -36.79 -6.50
CA PHE D 345 64.10 -35.65 -7.10
C PHE D 345 63.10 -34.85 -7.92
N THR D 346 63.11 -33.53 -7.75
CA THR D 346 62.19 -32.65 -8.43
C THR D 346 62.90 -32.00 -9.61
N LEU D 347 62.28 -32.07 -10.79
CA LEU D 347 62.81 -31.40 -11.96
C LEU D 347 62.60 -29.89 -11.80
N ALA D 348 63.69 -29.17 -11.54
CA ALA D 348 63.61 -27.76 -11.21
C ALA D 348 65.01 -27.17 -11.25
N VAL D 349 65.06 -25.83 -11.34
CA VAL D 349 66.30 -25.07 -11.39
C VAL D 349 66.70 -24.76 -9.95
N SER D 350 67.93 -24.25 -9.75
CA SER D 350 68.48 -23.87 -8.45
C SER D 350 68.95 -25.10 -7.67
N LEU D 351 69.45 -24.89 -6.46
CA LEU D 351 70.14 -25.94 -5.71
C LEU D 351 70.31 -25.47 -4.27
N GLY D 352 70.77 -26.40 -3.43
CA GLY D 352 71.18 -26.07 -2.08
C GLY D 352 70.11 -26.10 -1.01
N GLY D 353 68.93 -26.64 -1.29
CA GLY D 353 67.87 -26.73 -0.33
C GLY D 353 67.80 -28.09 0.34
N PHE D 354 66.89 -28.19 1.31
CA PHE D 354 66.60 -29.49 1.91
C PHE D 354 66.01 -30.47 0.91
N GLU D 355 65.48 -29.95 -0.20
CA GLU D 355 64.83 -30.74 -1.23
C GLU D 355 65.85 -31.28 -2.22
N SER D 356 65.60 -32.48 -2.73
CA SER D 356 66.43 -33.04 -3.78
C SER D 356 65.93 -32.55 -5.14
N LEU D 357 66.82 -31.93 -5.90
CA LEU D 357 66.49 -31.37 -7.21
C LEU D 357 67.37 -32.00 -8.29
N ALA D 358 66.79 -32.22 -9.46
CA ALA D 358 67.49 -32.75 -10.62
C ALA D 358 67.20 -31.85 -11.82
N GLU D 359 68.14 -31.81 -12.77
CA GLU D 359 68.02 -30.86 -13.86
C GLU D 359 69.07 -31.14 -14.93
N LEU D 360 68.72 -30.83 -16.19
CA LEU D 360 69.63 -30.99 -17.32
C LEU D 360 70.13 -29.62 -17.78
N PRO D 361 71.38 -29.27 -17.48
CA PRO D 361 71.85 -27.89 -17.70
C PRO D 361 71.85 -27.43 -19.16
N ALA D 362 71.93 -28.33 -20.13
CA ALA D 362 71.94 -27.88 -21.52
C ALA D 362 70.63 -27.17 -21.88
N SER D 363 69.52 -27.58 -21.27
CA SER D 363 68.23 -26.96 -21.53
C SER D 363 67.84 -25.90 -20.49
N MET D 364 68.50 -25.87 -19.34
CA MET D 364 67.94 -25.13 -18.20
C MET D 364 68.88 -24.09 -17.61
N THR D 365 69.99 -24.51 -16.99
CA THR D 365 70.87 -23.50 -16.38
C THR D 365 71.76 -22.83 -17.41
N HIS D 366 72.25 -23.58 -18.39
CA HIS D 366 73.20 -23.03 -19.35
C HIS D 366 72.65 -23.13 -20.77
N ALA D 367 71.34 -22.97 -20.92
CA ALA D 367 70.74 -22.75 -22.23
C ALA D 367 70.85 -21.29 -22.66
N SER D 368 71.19 -20.41 -21.73
CA SER D 368 71.43 -19.00 -22.04
C SER D 368 72.67 -18.86 -22.91
N ASN D 372 79.61 -21.57 -29.74
CA ASN D 372 79.27 -22.91 -29.31
C ASN D 372 80.09 -23.37 -28.11
N ASP D 373 80.02 -22.60 -27.02
CA ASP D 373 80.71 -22.97 -25.79
C ASP D 373 79.94 -24.01 -24.97
N ARG D 374 79.38 -25.01 -25.64
CA ARG D 374 78.74 -26.12 -24.94
C ARG D 374 79.77 -27.15 -24.53
N ASP D 375 80.78 -27.38 -25.37
CA ASP D 375 81.80 -28.39 -25.06
C ASP D 375 83.23 -27.85 -25.15
N VAL D 376 83.41 -26.52 -25.19
CA VAL D 376 84.67 -26.01 -24.68
C VAL D 376 84.63 -26.05 -23.17
N LEU D 377 83.44 -25.90 -22.59
CA LEU D 377 83.17 -26.10 -21.18
C LEU D 377 82.96 -27.56 -20.81
N GLY D 378 82.54 -28.39 -21.75
CA GLY D 378 82.17 -29.76 -21.45
C GLY D 378 80.72 -29.97 -21.08
N ILE D 379 79.89 -28.92 -21.15
CA ILE D 379 78.49 -29.00 -20.77
C ILE D 379 77.69 -29.64 -21.90
N SER D 380 77.82 -30.95 -22.02
CA SER D 380 77.23 -31.65 -23.16
C SER D 380 75.72 -31.75 -22.99
N ASP D 381 75.09 -32.43 -23.93
CA ASP D 381 73.68 -32.72 -23.95
C ASP D 381 73.28 -33.75 -22.90
N THR D 382 74.20 -34.61 -22.47
CA THR D 382 73.94 -35.73 -21.58
C THR D 382 74.33 -35.44 -20.14
N LEU D 383 74.77 -34.22 -19.85
CA LEU D 383 75.20 -33.85 -18.51
C LEU D 383 73.99 -33.57 -17.64
N ILE D 384 73.94 -34.20 -16.47
CA ILE D 384 72.84 -34.05 -15.53
C ILE D 384 73.40 -33.56 -14.20
N ARG D 385 72.76 -32.55 -13.62
CA ARG D 385 73.16 -32.00 -12.34
C ARG D 385 72.13 -32.37 -11.27
N LEU D 386 72.60 -32.97 -10.19
CA LEU D 386 71.77 -33.30 -9.05
C LEU D 386 72.12 -32.40 -7.88
N SER D 387 71.09 -31.88 -7.21
CA SER D 387 71.24 -31.25 -5.89
C SER D 387 70.65 -32.23 -4.89
N VAL D 388 71.51 -32.93 -4.17
CA VAL D 388 71.08 -34.00 -3.28
C VAL D 388 70.58 -33.38 -1.98
N GLY D 389 69.32 -33.64 -1.65
CA GLY D 389 68.68 -33.05 -0.49
C GLY D 389 68.97 -33.80 0.80
N LEU D 390 68.10 -33.57 1.79
CA LEU D 390 68.25 -34.15 3.12
C LEU D 390 67.24 -35.27 3.37
N GLU D 391 66.64 -35.81 2.32
CA GLU D 391 65.73 -36.94 2.46
C GLU D 391 66.52 -38.18 2.89
N ASP D 392 65.80 -39.28 3.11
CA ASP D 392 66.44 -40.53 3.48
C ASP D 392 67.30 -41.04 2.33
N GLU D 393 68.56 -41.33 2.64
CA GLU D 393 69.49 -41.87 1.65
C GLU D 393 68.91 -43.09 0.95
N GLU D 394 68.23 -43.95 1.70
CA GLU D 394 67.61 -45.15 1.14
C GLU D 394 66.63 -44.78 0.02
N ASP D 395 65.75 -43.82 0.28
CA ASP D 395 64.75 -43.44 -0.72
C ASP D 395 65.40 -42.76 -1.92
N LEU D 396 66.46 -41.97 -1.69
CA LEU D 396 67.08 -41.24 -2.78
C LEU D 396 67.79 -42.18 -3.75
N LEU D 397 68.48 -43.20 -3.23
CA LEU D 397 69.14 -44.16 -4.11
C LEU D 397 68.13 -45.04 -4.83
N GLU D 398 67.07 -45.47 -4.13
CA GLU D 398 66.03 -46.25 -4.77
C GLU D 398 65.34 -45.45 -5.87
N ASP D 399 65.14 -44.15 -5.65
CA ASP D 399 64.58 -43.29 -6.69
C ASP D 399 65.52 -43.21 -7.89
N LEU D 400 66.83 -43.11 -7.64
CA LEU D 400 67.80 -43.09 -8.72
C LEU D 400 67.86 -44.44 -9.43
N ASP D 401 67.84 -45.53 -8.66
CA ASP D 401 67.90 -46.86 -9.27
C ASP D 401 66.71 -47.10 -10.19
N GLN D 402 65.50 -46.88 -9.68
CA GLN D 402 64.29 -47.10 -10.48
C GLN D 402 64.30 -46.25 -11.73
N ALA D 403 64.70 -44.98 -11.61
CA ALA D 403 64.70 -44.08 -12.76
C ALA D 403 65.75 -44.44 -13.80
N LEU D 404 66.83 -45.12 -13.40
CA LEU D 404 67.80 -45.62 -14.37
C LEU D 404 67.37 -46.95 -14.96
N LYS D 405 66.64 -47.78 -14.19
CA LYS D 405 66.07 -48.99 -14.76
C LYS D 405 65.01 -48.65 -15.80
N ALA D 406 64.22 -47.61 -15.54
CA ALA D 406 63.32 -47.09 -16.56
C ALA D 406 64.08 -46.46 -17.71
N ALA D 407 65.34 -46.08 -17.48
CA ALA D 407 66.12 -45.42 -18.51
C ALA D 407 66.53 -46.37 -19.62
N HIS D 408 66.95 -47.56 -19.27
CA HIS D 408 67.40 -48.56 -20.22
C HIS D 408 66.74 -49.88 -19.83
N PRO D 409 65.46 -50.06 -20.17
CA PRO D 409 64.68 -51.21 -19.70
C PRO D 409 64.98 -52.49 -20.47
N GLY E 20 -42.97 -25.28 8.78
CA GLY E 20 -43.96 -25.94 7.94
C GLY E 20 -45.35 -25.36 8.06
N PHE E 21 -45.54 -24.17 7.47
CA PHE E 21 -46.85 -23.54 7.43
C PHE E 21 -47.73 -24.22 6.38
N LEU E 22 -48.92 -23.67 6.17
CA LEU E 22 -49.70 -24.04 5.01
C LEU E 22 -48.92 -23.65 3.75
N PRO E 23 -48.99 -24.46 2.69
CA PRO E 23 -48.36 -24.04 1.43
C PRO E 23 -48.99 -22.77 0.92
N HIS E 24 -48.17 -21.91 0.31
CA HIS E 24 -48.64 -20.62 -0.17
C HIS E 24 -49.74 -20.79 -1.21
N PHE E 25 -50.75 -19.92 -1.14
CA PHE E 25 -51.85 -19.97 -2.09
C PHE E 25 -51.33 -19.76 -3.51
N GLN E 26 -51.89 -20.54 -4.45
CA GLN E 26 -51.39 -20.60 -5.80
C GLN E 26 -52.02 -19.52 -6.67
N HIS E 27 -51.23 -19.01 -7.62
CA HIS E 27 -51.62 -17.95 -8.55
C HIS E 27 -51.92 -16.64 -7.84
N PHE E 28 -51.47 -16.47 -6.60
CA PHE E 28 -51.83 -15.28 -5.83
C PHE E 28 -51.29 -14.02 -6.50
N ALA E 29 -49.99 -14.02 -6.83
CA ALA E 29 -49.39 -12.84 -7.47
C ALA E 29 -50.00 -12.59 -8.83
N THR E 30 -50.25 -13.65 -9.60
CA THR E 30 -50.78 -13.48 -10.96
C THR E 30 -52.20 -12.92 -10.91
N GLN E 31 -53.02 -13.36 -9.95
CA GLN E 31 -54.39 -12.87 -9.85
C GLN E 31 -54.42 -11.45 -9.29
N ALA E 32 -53.57 -11.16 -8.31
CA ALA E 32 -53.53 -9.82 -7.74
C ALA E 32 -53.13 -8.78 -8.77
N ILE E 33 -52.50 -9.18 -9.86
CA ILE E 33 -52.06 -8.26 -10.90
C ILE E 33 -53.03 -8.22 -12.08
N HIS E 34 -53.67 -9.35 -12.41
CA HIS E 34 -54.45 -9.43 -13.63
C HIS E 34 -55.94 -9.54 -13.44
N VAL E 35 -56.41 -10.10 -12.32
CA VAL E 35 -57.86 -10.30 -12.16
C VAL E 35 -58.53 -8.95 -11.98
N GLY E 36 -59.46 -8.63 -12.88
CA GLY E 36 -60.16 -7.36 -12.85
C GLY E 36 -59.52 -6.27 -13.68
N GLN E 37 -58.33 -6.53 -14.24
CA GLN E 37 -57.57 -5.53 -14.99
C GLN E 37 -57.53 -5.81 -16.49
N ASP E 38 -58.52 -6.53 -17.01
CA ASP E 38 -58.51 -6.90 -18.43
C ASP E 38 -58.58 -5.66 -19.30
N PRO E 39 -57.62 -5.44 -20.19
CA PRO E 39 -57.66 -4.25 -21.05
C PRO E 39 -58.86 -4.21 -21.97
N GLU E 40 -59.50 -5.35 -22.24
CA GLU E 40 -60.64 -5.40 -23.15
C GLU E 40 -61.85 -4.68 -22.60
N GLN E 41 -61.86 -4.33 -21.31
CA GLN E 41 -62.97 -3.58 -20.73
C GLN E 41 -63.04 -2.16 -21.30
N TRP E 42 -61.95 -1.64 -21.83
CA TRP E 42 -61.84 -0.25 -22.23
C TRP E 42 -61.54 -0.14 -23.72
N THR E 43 -62.16 0.85 -24.37
CA THR E 43 -61.95 1.06 -25.79
C THR E 43 -60.49 1.38 -26.10
N SER E 44 -59.79 1.99 -25.14
CA SER E 44 -58.36 2.25 -25.30
C SER E 44 -57.51 1.01 -25.10
N ARG E 45 -58.07 -0.03 -24.47
CA ARG E 45 -57.32 -1.23 -24.12
C ARG E 45 -56.11 -0.89 -23.26
N ALA E 46 -56.31 0.03 -22.33
CA ALA E 46 -55.27 0.42 -21.40
C ALA E 46 -54.92 -0.74 -20.46
N VAL E 47 -53.64 -0.84 -20.12
CA VAL E 47 -53.20 -1.95 -19.28
C VAL E 47 -53.60 -1.73 -17.82
N VAL E 48 -53.75 -0.49 -17.39
CA VAL E 48 -54.21 -0.16 -16.04
C VAL E 48 -55.61 0.41 -16.15
N PRO E 49 -56.58 -0.11 -15.40
CA PRO E 49 -57.96 0.40 -15.48
C PRO E 49 -58.01 1.88 -15.15
N PRO E 50 -58.73 2.66 -15.95
CA PRO E 50 -58.88 4.09 -15.66
C PRO E 50 -59.67 4.34 -14.38
N ILE E 51 -59.48 5.54 -13.85
CA ILE E 51 -60.23 6.01 -12.68
C ILE E 51 -61.47 6.73 -13.22
N SER E 52 -62.62 6.08 -13.13
CA SER E 52 -63.88 6.65 -13.59
C SER E 52 -64.55 7.36 -12.41
N LEU E 53 -64.51 8.69 -12.43
CA LEU E 53 -65.11 9.47 -11.36
C LEU E 53 -66.61 9.67 -11.54
N SER E 54 -67.10 9.58 -12.78
CA SER E 54 -68.45 9.95 -13.14
C SER E 54 -69.49 9.37 -12.18
N THR E 55 -70.38 10.22 -11.69
CA THR E 55 -71.43 9.76 -10.78
C THR E 55 -72.53 9.02 -11.52
N THR E 56 -72.74 9.33 -12.80
CA THR E 56 -73.85 8.77 -13.55
C THR E 56 -73.40 8.46 -14.97
N PHE E 57 -74.24 7.71 -15.68
CA PHE E 57 -73.88 7.13 -16.96
C PHE E 57 -75.05 7.27 -17.93
N LYS E 58 -74.72 7.47 -19.21
CA LYS E 58 -75.76 7.59 -20.22
C LYS E 58 -76.52 6.27 -20.37
N GLN E 59 -77.84 6.36 -20.48
CA GLN E 59 -78.70 5.20 -20.65
C GLN E 59 -79.44 5.30 -21.97
N GLY E 60 -80.05 4.17 -22.36
CA GLY E 60 -81.03 4.13 -23.43
C GLY E 60 -80.56 4.54 -24.80
N ALA E 61 -79.41 4.06 -25.23
CA ALA E 61 -78.91 4.35 -26.56
C ALA E 61 -79.13 3.16 -27.49
N PRO E 62 -79.09 3.37 -28.81
CA PRO E 62 -79.18 2.24 -29.75
C PRO E 62 -78.17 1.14 -29.46
N GLY E 63 -78.65 -0.07 -29.22
CA GLY E 63 -77.79 -1.21 -28.93
C GLY E 63 -77.14 -1.12 -27.57
N SER E 66 -74.12 -1.16 -21.21
CA SER E 66 -75.50 -0.82 -20.87
C SER E 66 -75.82 -1.21 -19.42
N GLY E 67 -74.81 -1.14 -18.55
CA GLY E 67 -74.97 -1.74 -17.24
C GLY E 67 -74.58 -0.90 -16.04
N PHE E 68 -74.25 0.37 -16.24
CA PHE E 68 -73.97 1.27 -15.14
C PHE E 68 -75.06 2.34 -15.04
N ILE E 69 -75.54 2.57 -13.83
CA ILE E 69 -76.62 3.52 -13.56
C ILE E 69 -76.11 4.68 -12.71
N TYR E 70 -75.66 4.39 -11.50
CA TYR E 70 -75.29 5.40 -10.51
C TYR E 70 -74.05 4.89 -9.79
N SER E 71 -73.03 5.76 -9.69
CA SER E 71 -71.73 5.33 -9.18
C SER E 71 -71.84 4.58 -7.86
N ARG E 72 -72.75 5.02 -6.99
CA ARG E 72 -72.89 4.38 -5.68
C ARG E 72 -73.39 2.95 -5.82
N LEU E 73 -74.31 2.69 -6.76
CA LEU E 73 -74.77 1.34 -7.00
C LEU E 73 -73.67 0.48 -7.61
N GLY E 74 -72.73 1.10 -8.30
CA GLY E 74 -71.64 0.38 -8.93
C GLY E 74 -70.93 1.28 -9.93
N ASN E 75 -69.62 1.10 -10.08
CA ASN E 75 -68.84 1.86 -11.04
C ASN E 75 -67.65 1.01 -11.45
N PRO E 76 -67.05 1.29 -12.62
CA PRO E 76 -65.99 0.39 -13.13
C PRO E 76 -64.83 0.22 -12.17
N THR E 77 -64.27 1.30 -11.64
CA THR E 77 -63.03 1.20 -10.87
C THR E 77 -63.25 0.40 -9.59
N ARG E 78 -64.34 0.67 -8.87
CA ARG E 78 -64.63 -0.13 -7.68
C ARG E 78 -64.85 -1.59 -8.05
N ASN E 79 -65.55 -1.83 -9.16
CA ASN E 79 -65.88 -3.20 -9.56
C ASN E 79 -64.62 -4.00 -9.88
N CYS E 80 -63.66 -3.38 -10.58
CA CYS E 80 -62.40 -4.05 -10.86
C CYS E 80 -61.71 -4.47 -9.56
N LEU E 81 -61.68 -3.58 -8.58
CA LEU E 81 -61.08 -3.89 -7.28
C LEU E 81 -61.79 -5.06 -6.62
N GLU E 82 -63.11 -4.96 -6.46
CA GLU E 82 -63.87 -6.03 -5.82
C GLU E 82 -63.62 -7.38 -6.48
N LYS E 83 -63.59 -7.41 -7.82
CA LYS E 83 -63.30 -8.65 -8.52
C LYS E 83 -61.91 -9.17 -8.17
N ALA E 84 -60.94 -8.27 -8.02
CA ALA E 84 -59.58 -8.69 -7.68
C ALA E 84 -59.51 -9.24 -6.27
N VAL E 85 -60.11 -8.54 -5.30
CA VAL E 85 -60.02 -8.95 -3.90
C VAL E 85 -60.68 -10.30 -3.70
N ALA E 86 -61.84 -10.52 -4.34
CA ALA E 86 -62.50 -11.81 -4.26
C ALA E 86 -61.58 -12.93 -4.71
N ALA E 87 -60.79 -12.70 -5.76
CA ALA E 87 -59.84 -13.69 -6.22
C ALA E 87 -58.78 -13.97 -5.14
N LEU E 88 -58.30 -12.93 -4.47
CA LEU E 88 -57.27 -13.12 -3.46
C LEU E 88 -57.81 -13.82 -2.21
N ASP E 89 -59.10 -13.72 -1.94
CA ASP E 89 -59.72 -14.36 -0.80
C ASP E 89 -60.26 -15.75 -1.10
N GLY E 90 -60.13 -16.22 -2.34
CA GLY E 90 -60.84 -17.42 -2.74
C GLY E 90 -62.35 -17.24 -2.66
N ALA E 91 -62.82 -16.03 -2.97
CA ALA E 91 -64.22 -15.67 -2.84
C ALA E 91 -64.86 -15.53 -4.21
N LYS E 92 -66.17 -15.82 -4.27
CA LYS E 92 -66.93 -15.55 -5.47
C LYS E 92 -67.27 -14.07 -5.60
N TYR E 93 -67.47 -13.39 -4.48
CA TYR E 93 -67.93 -12.00 -4.47
C TYR E 93 -67.15 -11.19 -3.44
N CYS E 94 -67.09 -9.88 -3.67
CA CYS E 94 -66.46 -8.97 -2.73
C CYS E 94 -67.12 -7.61 -2.83
N LEU E 95 -67.19 -6.91 -1.69
CA LEU E 95 -67.78 -5.58 -1.61
C LEU E 95 -66.80 -4.63 -0.95
N ALA E 96 -66.57 -3.48 -1.59
CA ALA E 96 -65.71 -2.45 -1.03
C ALA E 96 -66.55 -1.43 -0.26
N PHE E 97 -65.93 -0.82 0.75
CA PHE E 97 -66.63 0.09 1.65
C PHE E 97 -65.75 1.26 2.01
N ALA E 98 -66.38 2.30 2.56
CA ALA E 98 -65.68 3.54 2.90
C ALA E 98 -64.63 3.32 3.98
N SER E 99 -64.76 2.27 4.79
CA SER E 99 -63.84 1.99 5.88
C SER E 99 -64.12 0.59 6.38
N GLY E 100 -63.17 0.06 7.16
CA GLY E 100 -63.42 -1.21 7.84
C GLY E 100 -64.61 -1.14 8.76
N MET E 101 -64.70 -0.05 9.53
CA MET E 101 -65.82 0.15 10.44
C MET E 101 -67.15 0.11 9.67
N ALA E 102 -67.22 0.83 8.54
CA ALA E 102 -68.43 0.83 7.75
C ALA E 102 -68.76 -0.57 7.26
N ALA E 103 -67.75 -1.37 6.93
CA ALA E 103 -68.00 -2.76 6.57
C ALA E 103 -68.64 -3.52 7.72
N THR E 104 -68.12 -3.34 8.94
CA THR E 104 -68.71 -3.97 10.12
C THR E 104 -70.16 -3.56 10.30
N VAL E 105 -70.44 -2.26 10.17
CA VAL E 105 -71.80 -1.76 10.31
C VAL E 105 -72.70 -2.38 9.25
N THR E 106 -72.22 -2.43 8.00
CA THR E 106 -73.03 -2.95 6.90
C THR E 106 -73.35 -4.43 7.10
N ILE E 107 -72.39 -5.19 7.62
CA ILE E 107 -72.65 -6.60 7.91
C ILE E 107 -73.72 -6.72 8.99
N THR E 108 -73.68 -5.85 9.99
CA THR E 108 -74.62 -5.93 11.10
C THR E 108 -76.04 -5.61 10.65
N HIS E 109 -76.21 -4.83 9.59
CA HIS E 109 -77.55 -4.57 9.05
C HIS E 109 -78.18 -5.79 8.41
N LEU E 110 -77.45 -6.91 8.31
CA LEU E 110 -78.04 -8.15 7.83
C LEU E 110 -79.11 -8.67 8.78
N LEU E 111 -79.09 -8.23 10.03
CA LEU E 111 -79.89 -8.85 11.08
C LEU E 111 -81.25 -8.13 11.17
N LYS E 112 -81.90 -8.24 12.34
CA LYS E 112 -83.19 -7.62 12.58
C LYS E 112 -83.31 -7.42 14.08
N ALA E 113 -84.33 -6.67 14.50
CA ALA E 113 -84.55 -6.43 15.91
C ALA E 113 -84.85 -7.74 16.63
N GLY E 114 -84.11 -8.00 17.71
CA GLY E 114 -84.28 -9.18 18.53
C GLY E 114 -83.11 -10.13 18.49
N ASP E 115 -82.30 -10.09 17.42
CA ASP E 115 -81.25 -11.08 17.24
C ASP E 115 -80.13 -10.90 18.26
N GLN E 116 -79.27 -11.91 18.32
CA GLN E 116 -78.15 -11.96 19.24
C GLN E 116 -76.85 -11.98 18.47
N ILE E 117 -75.87 -11.21 18.95
CA ILE E 117 -74.54 -11.17 18.37
C ILE E 117 -73.55 -11.63 19.43
N ILE E 118 -72.72 -12.61 19.06
CA ILE E 118 -71.60 -13.05 19.91
C ILE E 118 -70.32 -12.47 19.33
N CYS E 119 -69.56 -11.77 20.16
CA CYS E 119 -68.35 -11.10 19.72
C CYS E 119 -67.17 -11.56 20.53
N MET E 120 -66.03 -11.74 19.87
CA MET E 120 -64.78 -12.06 20.54
C MET E 120 -64.48 -11.02 21.61
N ASP E 121 -64.02 -11.49 22.77
CA ASP E 121 -63.79 -10.58 23.90
C ASP E 121 -62.71 -9.55 23.59
N ASP E 122 -61.72 -9.92 22.78
CA ASP E 122 -60.62 -9.03 22.40
C ASP E 122 -60.79 -8.67 20.93
N VAL E 123 -61.33 -7.47 20.67
CA VAL E 123 -61.54 -6.98 19.31
C VAL E 123 -60.86 -5.61 19.19
N TYR E 124 -60.82 -5.10 17.96
CA TYR E 124 -60.45 -3.71 17.75
C TYR E 124 -61.43 -2.81 18.48
N GLY E 125 -60.92 -1.72 19.04
CA GLY E 125 -61.73 -0.88 19.91
C GLY E 125 -63.03 -0.41 19.26
N GLY E 126 -62.98 -0.10 17.97
CA GLY E 126 -64.16 0.42 17.30
C GLY E 126 -65.25 -0.64 17.14
N THR E 127 -64.86 -1.87 16.80
CA THR E 127 -65.84 -2.95 16.74
C THR E 127 -66.48 -3.18 18.10
N ASN E 128 -65.67 -3.14 19.16
CA ASN E 128 -66.19 -3.23 20.52
C ASN E 128 -67.17 -2.10 20.80
N ALA E 129 -66.80 -0.87 20.40
CA ALA E 129 -67.62 0.29 20.72
C ALA E 129 -68.92 0.30 19.92
N TYR E 130 -68.88 -0.12 18.65
CA TYR E 130 -70.08 -0.08 17.83
C TYR E 130 -71.14 -1.05 18.35
N PHE E 131 -70.73 -2.26 18.74
CA PHE E 131 -71.69 -3.25 19.23
C PHE E 131 -72.29 -2.84 20.56
N ARG E 132 -71.45 -2.32 21.47
CA ARG E 132 -71.90 -2.05 22.84
C ARG E 132 -72.75 -0.79 22.92
N GLN E 133 -72.37 0.27 22.22
CA GLN E 133 -73.01 1.57 22.39
C GLN E 133 -74.05 1.89 21.32
N VAL E 134 -73.94 1.31 20.13
CA VAL E 134 -74.79 1.66 18.99
C VAL E 134 -75.74 0.52 18.62
N ALA E 135 -75.19 -0.65 18.30
CA ALA E 135 -76.04 -1.75 17.86
C ALA E 135 -77.01 -2.20 18.96
N SER E 136 -76.58 -2.14 20.22
CA SER E 136 -77.42 -2.55 21.33
C SER E 136 -78.67 -1.68 21.46
N GLU E 137 -78.63 -0.45 20.98
CA GLU E 137 -79.76 0.46 21.10
C GLU E 137 -80.90 0.13 20.13
N PHE E 138 -80.73 -0.87 19.27
CA PHE E 138 -81.73 -1.18 18.24
C PHE E 138 -82.19 -2.63 18.31
N GLY E 139 -82.35 -3.15 19.53
CA GLY E 139 -82.86 -4.49 19.70
C GLY E 139 -81.89 -5.61 19.40
N LEU E 140 -80.59 -5.36 19.53
CA LEU E 140 -79.57 -6.37 19.31
C LEU E 140 -78.87 -6.66 20.63
N LYS E 141 -78.84 -7.94 21.02
CA LYS E 141 -78.16 -8.37 22.23
C LYS E 141 -76.72 -8.76 21.90
N ILE E 142 -75.77 -8.16 22.62
CA ILE E 142 -74.35 -8.38 22.38
C ILE E 142 -73.77 -9.15 23.56
N SER E 143 -73.11 -10.27 23.27
CA SER E 143 -72.43 -11.08 24.27
C SER E 143 -70.96 -11.21 23.89
N PHE E 144 -70.07 -10.85 24.81
CA PHE E 144 -68.64 -11.00 24.59
C PHE E 144 -68.20 -12.35 25.17
N VAL E 145 -67.58 -13.16 24.33
CA VAL E 145 -67.19 -14.52 24.65
C VAL E 145 -65.74 -14.71 24.26
N ASP E 146 -64.97 -15.41 25.09
CA ASP E 146 -63.61 -15.78 24.70
C ASP E 146 -63.70 -16.99 23.80
N CYS E 147 -63.54 -16.79 22.50
CA CYS E 147 -63.63 -17.87 21.53
C CYS E 147 -62.34 -18.64 21.38
N SER E 148 -61.26 -18.22 22.05
CA SER E 148 -60.02 -18.98 22.02
C SER E 148 -60.18 -20.29 22.76
N LYS E 149 -60.73 -20.24 23.96
CA LYS E 149 -61.29 -21.43 24.57
C LYS E 149 -62.63 -21.68 23.89
N ILE E 150 -62.65 -22.66 22.99
CA ILE E 150 -63.70 -22.76 21.99
C ILE E 150 -64.97 -23.41 22.52
N LYS E 151 -65.03 -23.77 23.81
CA LYS E 151 -66.23 -24.43 24.34
C LYS E 151 -67.04 -23.55 25.30
N LEU E 152 -66.73 -22.26 25.40
CA LEU E 152 -67.65 -21.31 26.00
C LEU E 152 -68.52 -20.64 24.95
N LEU E 153 -68.14 -20.79 23.68
CA LEU E 153 -68.96 -20.30 22.57
C LEU E 153 -70.29 -21.05 22.51
N GLU E 154 -70.24 -22.39 22.49
CA GLU E 154 -71.50 -23.15 22.36
C GLU E 154 -72.40 -22.96 23.56
N ALA E 155 -71.85 -22.70 24.75
CA ALA E 155 -72.72 -22.35 25.87
C ALA E 155 -73.36 -20.98 25.65
N ALA E 156 -72.69 -20.10 24.91
CA ALA E 156 -73.23 -18.78 24.62
C ALA E 156 -74.19 -18.78 23.43
N ILE E 157 -74.13 -19.81 22.58
CA ILE E 157 -75.02 -19.86 21.42
C ILE E 157 -76.43 -20.17 21.89
N THR E 158 -77.39 -19.39 21.42
CA THR E 158 -78.81 -19.56 21.74
C THR E 158 -79.58 -19.76 20.44
N PRO E 159 -80.87 -20.15 20.50
CA PRO E 159 -81.65 -20.29 19.26
C PRO E 159 -81.89 -18.98 18.52
N GLU E 160 -81.40 -17.86 19.06
CA GLU E 160 -81.57 -16.56 18.43
C GLU E 160 -80.25 -15.92 18.03
N THR E 161 -79.14 -16.65 18.13
CA THR E 161 -77.86 -16.12 17.67
C THR E 161 -77.77 -16.20 16.15
N LYS E 162 -77.50 -15.05 15.52
CA LYS E 162 -77.47 -14.96 14.07
C LYS E 162 -76.13 -14.52 13.51
N LEU E 163 -75.19 -14.07 14.36
CA LEU E 163 -73.91 -13.59 13.89
C LEU E 163 -72.85 -13.81 14.95
N VAL E 164 -71.75 -14.46 14.55
CA VAL E 164 -70.56 -14.61 15.38
C VAL E 164 -69.44 -13.81 14.72
N TRP E 165 -68.90 -12.83 15.44
CA TRP E 165 -67.86 -11.95 14.92
C TRP E 165 -66.57 -12.25 15.68
N ILE E 166 -65.65 -12.94 15.01
CA ILE E 166 -64.34 -13.23 15.59
C ILE E 166 -63.27 -12.47 14.82
N GLU E 167 -62.07 -12.45 15.39
CA GLU E 167 -60.94 -11.73 14.80
C GLU E 167 -59.67 -12.42 15.25
N THR E 168 -58.92 -12.97 14.31
CA THR E 168 -57.71 -13.72 14.66
C THR E 168 -56.56 -13.36 13.73
N PRO E 169 -55.39 -12.96 14.28
CA PRO E 169 -55.17 -12.75 15.71
C PRO E 169 -55.90 -11.52 16.23
N THR E 170 -56.23 -11.51 17.52
CA THR E 170 -56.95 -10.39 18.12
C THR E 170 -56.05 -9.16 18.17
N ASN E 171 -56.70 -8.00 18.30
CA ASN E 171 -56.01 -6.73 18.42
C ASN E 171 -56.23 -6.18 19.83
N PRO E 172 -55.18 -6.04 20.66
CA PRO E 172 -53.78 -6.28 20.30
C PRO E 172 -53.10 -7.49 20.95
N THR E 173 -53.80 -8.23 21.81
CA THR E 173 -53.15 -9.34 22.51
C THR E 173 -52.85 -10.52 21.60
N GLN E 174 -53.45 -10.56 20.41
CA GLN E 174 -53.10 -11.52 19.36
C GLN E 174 -53.32 -12.96 19.80
N LYS E 175 -54.49 -13.22 20.38
CA LYS E 175 -54.95 -14.59 20.58
C LYS E 175 -55.45 -15.16 19.26
N VAL E 176 -55.10 -16.42 19.00
CA VAL E 176 -55.43 -17.09 17.74
C VAL E 176 -56.61 -18.01 17.98
N ILE E 177 -57.56 -18.00 17.04
CA ILE E 177 -58.81 -18.76 17.17
C ILE E 177 -58.85 -19.81 16.08
N ASP E 178 -59.15 -21.05 16.47
CA ASP E 178 -59.37 -22.13 15.51
C ASP E 178 -60.54 -21.77 14.60
N ILE E 179 -60.25 -21.23 13.41
CA ILE E 179 -61.31 -20.79 12.51
C ILE E 179 -62.15 -22.00 12.07
N GLU E 180 -61.50 -23.03 11.53
CA GLU E 180 -62.22 -24.20 11.06
C GLU E 180 -62.99 -24.85 12.21
N GLY E 181 -62.37 -24.97 13.37
CA GLY E 181 -63.06 -25.46 14.54
C GLY E 181 -64.27 -24.60 14.86
N CYS E 182 -64.04 -23.30 15.06
CA CYS E 182 -65.11 -22.38 15.43
C CYS E 182 -66.24 -22.41 14.40
N ALA E 183 -65.90 -22.55 13.11
CA ALA E 183 -66.92 -22.61 12.08
C ALA E 183 -67.80 -23.84 12.26
N HIS E 184 -67.19 -24.99 12.58
CA HIS E 184 -67.95 -26.22 12.74
C HIS E 184 -68.96 -26.09 13.88
N ILE E 185 -68.56 -25.48 14.99
CA ILE E 185 -69.47 -25.22 16.09
C ILE E 185 -70.62 -24.34 15.64
N VAL E 186 -70.30 -23.23 15.00
CA VAL E 186 -71.31 -22.24 14.62
C VAL E 186 -72.29 -22.84 13.61
N HIS E 187 -71.79 -23.58 12.64
CA HIS E 187 -72.59 -24.00 11.49
C HIS E 187 -73.47 -25.21 11.78
N LYS E 188 -73.31 -25.86 12.93
CA LYS E 188 -74.19 -26.98 13.28
C LYS E 188 -75.59 -26.49 13.61
N HIS E 189 -75.71 -25.26 14.11
CA HIS E 189 -76.96 -24.74 14.67
C HIS E 189 -77.83 -24.03 13.65
N GLY E 190 -77.88 -24.49 12.41
CA GLY E 190 -78.77 -23.89 11.44
C GLY E 190 -78.23 -22.64 10.77
N ASP E 191 -79.01 -21.55 10.82
CA ASP E 191 -78.79 -20.36 10.00
C ASP E 191 -78.10 -19.29 10.85
N ILE E 192 -76.77 -19.26 10.81
CA ILE E 192 -75.99 -18.33 11.62
C ILE E 192 -74.69 -17.99 10.89
N ILE E 193 -74.33 -16.71 10.91
CA ILE E 193 -73.25 -16.18 10.09
C ILE E 193 -71.98 -16.05 10.93
N LEU E 194 -70.89 -16.64 10.45
CA LEU E 194 -69.58 -16.52 11.09
C LEU E 194 -68.72 -15.55 10.28
N VAL E 195 -68.24 -14.49 10.94
CA VAL E 195 -67.43 -13.46 10.31
C VAL E 195 -66.05 -13.47 10.96
N VAL E 196 -65.01 -13.52 10.12
CA VAL E 196 -63.63 -13.42 10.56
C VAL E 196 -63.05 -12.10 10.05
N ASP E 197 -62.52 -11.29 10.96
CA ASP E 197 -61.78 -10.09 10.58
C ASP E 197 -60.32 -10.47 10.36
N ASN E 198 -59.91 -10.46 9.10
CA ASN E 198 -58.60 -10.94 8.68
C ASN E 198 -57.62 -9.79 8.44
N THR E 199 -57.74 -8.70 9.20
CA THR E 199 -56.91 -7.53 8.95
C THR E 199 -55.44 -7.82 9.23
N PHE E 200 -55.15 -8.51 10.33
CA PHE E 200 -53.77 -8.66 10.78
C PHE E 200 -52.96 -9.61 9.88
N MET E 201 -53.63 -10.53 9.19
CA MET E 201 -52.91 -11.53 8.43
C MET E 201 -52.85 -11.25 6.93
N SER E 202 -53.90 -10.63 6.37
CA SER E 202 -54.09 -10.40 4.93
C SER E 202 -54.45 -11.71 4.26
N PRO E 203 -55.12 -11.68 3.10
CA PRO E 203 -55.44 -12.92 2.39
C PRO E 203 -54.22 -13.67 1.89
N TYR E 204 -53.05 -13.03 1.90
CA TYR E 204 -51.84 -13.73 1.49
C TYR E 204 -51.43 -14.79 2.52
N PHE E 205 -51.75 -14.57 3.79
CA PHE E 205 -51.36 -15.48 4.85
C PHE E 205 -52.52 -16.26 5.46
N GLN E 206 -53.77 -15.86 5.20
CA GLN E 206 -54.90 -16.55 5.81
C GLN E 206 -56.13 -16.41 4.94
N ARG E 207 -56.84 -17.51 4.74
CA ARG E 207 -58.05 -17.57 3.90
C ARG E 207 -59.20 -18.07 4.76
N PRO E 208 -59.87 -17.18 5.49
CA PRO E 208 -60.99 -17.64 6.35
C PRO E 208 -62.10 -18.35 5.58
N LEU E 209 -62.37 -17.97 4.33
CA LEU E 209 -63.43 -18.62 3.58
C LEU E 209 -63.07 -20.07 3.25
N ALA E 210 -61.79 -20.38 3.10
CA ALA E 210 -61.36 -21.76 2.91
C ALA E 210 -61.43 -22.57 4.20
N LEU E 211 -61.53 -21.90 5.33
CA LEU E 211 -61.56 -22.57 6.64
C LEU E 211 -62.96 -22.64 7.22
N GLY E 212 -63.99 -22.35 6.44
CA GLY E 212 -65.35 -22.50 6.88
C GLY E 212 -66.05 -21.23 7.31
N ALA E 213 -65.34 -20.10 7.35
CA ALA E 213 -66.01 -18.83 7.60
C ALA E 213 -67.02 -18.53 6.51
N ASP E 214 -68.03 -17.74 6.85
CA ASP E 214 -68.97 -17.28 5.83
C ASP E 214 -68.60 -15.91 5.29
N ILE E 215 -67.89 -15.10 6.06
CA ILE E 215 -67.44 -13.79 5.62
C ILE E 215 -66.00 -13.59 6.04
N SER E 216 -65.16 -13.16 5.11
CA SER E 216 -63.81 -12.69 5.40
C SER E 216 -63.80 -11.17 5.22
N MET E 217 -63.54 -10.46 6.30
CA MET E 217 -63.66 -9.01 6.33
C MET E 217 -62.31 -8.38 6.64
N TYR E 218 -62.00 -7.28 5.97
CA TYR E 218 -60.74 -6.57 6.18
C TYR E 218 -60.99 -5.10 6.47
N SER E 219 -60.08 -4.52 7.24
CA SER E 219 -59.82 -3.09 7.17
C SER E 219 -58.71 -2.93 6.13
N ALA E 220 -59.10 -2.63 4.89
CA ALA E 220 -58.10 -2.43 3.84
C ALA E 220 -57.20 -1.25 4.13
N THR E 221 -57.60 -0.37 5.05
CA THR E 221 -56.78 0.74 5.52
C THR E 221 -55.36 0.32 5.88
N1 LLP E 222 -60.49 -3.87 12.36
C2 LLP E 222 -59.26 -4.18 12.77
C2' LLP E 222 -58.87 -5.61 13.23
C3 LLP E 222 -58.24 -3.18 12.81
O3 LLP E 222 -56.96 -3.52 13.24
C4 LLP E 222 -58.53 -1.90 12.42
C4' LLP E 222 -57.36 -0.77 12.46
C5 LLP E 222 -59.77 -1.57 12.00
C6 LLP E 222 -60.78 -2.55 11.95
C5' LLP E 222 -60.06 -0.10 11.56
OP4 LLP E 222 -61.06 -0.07 10.57
P LLP E 222 -61.12 1.17 9.64
OP1 LLP E 222 -62.57 1.64 9.54
OP2 LLP E 222 -60.61 0.80 8.30
OP3 LLP E 222 -60.27 2.25 10.20
N LLP E 222 -55.23 -0.98 6.16
CA LLP E 222 -54.01 -1.53 6.78
CB LLP E 222 -54.46 -2.46 7.86
CG LLP E 222 -54.69 -1.66 9.15
CD LLP E 222 -56.02 -0.91 9.17
CE LLP E 222 -56.16 -0.18 10.52
NZ LLP E 222 -56.30 -1.18 11.58
C LLP E 222 -53.14 -2.19 5.76
O LLP E 222 -52.45 -1.51 5.02
N TYR E 223 -53.15 -3.52 5.73
CA TYR E 223 -52.23 -4.27 4.88
C TYR E 223 -52.61 -4.27 3.39
N MET E 224 -53.90 -4.44 3.11
CA MET E 224 -54.37 -4.55 1.73
C MET E 224 -53.83 -3.41 0.88
N ASN E 225 -54.22 -2.18 1.20
CA ASN E 225 -53.65 -1.02 0.52
C ASN E 225 -52.16 -0.90 0.80
N GLY E 226 -51.78 -0.94 2.08
CA GLY E 226 -50.40 -1.03 2.50
C GLY E 226 -49.59 0.24 2.42
N HIS E 227 -50.20 1.37 2.06
CA HIS E 227 -49.45 2.60 1.82
C HIS E 227 -49.92 3.78 2.69
N SER E 228 -50.75 3.53 3.70
CA SER E 228 -51.10 4.53 4.72
C SER E 228 -51.78 5.76 4.13
N ASP E 229 -52.44 5.61 2.98
CA ASP E 229 -53.07 6.74 2.31
C ASP E 229 -54.51 6.47 1.90
N VAL E 230 -55.12 5.37 2.36
CA VAL E 230 -56.48 5.01 1.99
C VAL E 230 -57.16 4.43 3.22
N VAL E 231 -58.38 4.89 3.48
CA VAL E 231 -59.28 4.29 4.47
C VAL E 231 -60.35 3.53 3.69
N MET E 232 -60.45 2.22 3.94
CA MET E 232 -61.31 1.39 3.11
C MET E 232 -61.62 0.07 3.81
N GLY E 233 -62.84 -0.42 3.61
CA GLY E 233 -63.26 -1.71 4.10
C GLY E 233 -63.53 -2.67 2.96
N LEU E 234 -63.39 -3.96 3.23
CA LEU E 234 -63.60 -5.01 2.23
C LEU E 234 -64.32 -6.18 2.87
N VAL E 235 -65.28 -6.74 2.15
CA VAL E 235 -66.06 -7.89 2.61
C VAL E 235 -66.14 -8.89 1.48
N SER E 236 -65.66 -10.11 1.71
CA SER E 236 -65.64 -11.17 0.72
C SER E 236 -66.52 -12.32 1.21
N VAL E 237 -67.25 -12.94 0.27
CA VAL E 237 -68.32 -13.87 0.60
C VAL E 237 -68.44 -14.92 -0.50
N ASN E 238 -69.02 -16.06 -0.14
CA ASN E 238 -69.31 -17.15 -1.07
C ASN E 238 -70.80 -17.43 -1.20
N CYS E 239 -71.54 -17.39 -0.10
CA CYS E 239 -72.97 -17.70 -0.11
C CYS E 239 -73.71 -16.73 -1.04
N GLU E 240 -74.44 -17.30 -2.00
CA GLU E 240 -75.20 -16.50 -2.94
C GLU E 240 -76.22 -15.63 -2.23
N SER E 241 -77.00 -16.23 -1.33
CA SER E 241 -78.00 -15.48 -0.58
C SER E 241 -77.34 -14.38 0.24
N LEU E 242 -76.22 -14.68 0.91
CA LEU E 242 -75.56 -13.72 1.78
C LEU E 242 -75.05 -12.53 0.98
N HIS E 243 -74.59 -12.76 -0.24
CA HIS E 243 -74.05 -11.69 -1.07
C HIS E 243 -75.16 -10.74 -1.51
N ASN E 244 -76.31 -11.27 -1.92
CA ASN E 244 -77.40 -10.43 -2.41
C ASN E 244 -77.90 -9.49 -1.31
N ARG E 245 -77.92 -9.96 -0.07
CA ARG E 245 -78.33 -9.09 1.03
C ARG E 245 -77.25 -8.07 1.35
N LEU E 246 -75.98 -8.49 1.31
CA LEU E 246 -74.89 -7.55 1.51
C LEU E 246 -74.85 -6.52 0.38
N ARG E 247 -74.98 -6.98 -0.87
CA ARG E 247 -74.95 -6.08 -2.01
C ARG E 247 -76.11 -5.08 -1.94
N PHE E 248 -77.29 -5.54 -1.52
CA PHE E 248 -78.40 -4.61 -1.32
C PHE E 248 -78.06 -3.55 -0.29
N LEU E 249 -77.33 -3.93 0.76
CA LEU E 249 -76.99 -2.97 1.81
C LEU E 249 -75.87 -2.03 1.39
N GLN E 250 -74.97 -2.48 0.50
CA GLN E 250 -73.92 -1.59 0.02
C GLN E 250 -74.51 -0.38 -0.70
N ASN E 251 -75.48 -0.62 -1.59
CA ASN E 251 -76.11 0.49 -2.28
C ASN E 251 -77.09 1.24 -1.39
N SER E 252 -77.77 0.52 -0.47
CA SER E 252 -78.84 1.16 0.29
C SER E 252 -78.32 2.03 1.42
N LEU E 253 -77.24 1.60 2.09
CA LEU E 253 -76.68 2.42 3.16
C LEU E 253 -75.66 3.43 2.65
N GLY E 254 -75.01 3.14 1.53
CA GLY E 254 -74.18 4.13 0.87
C GLY E 254 -72.82 4.38 1.50
N ALA E 255 -72.32 3.45 2.30
CA ALA E 255 -70.98 3.59 2.88
C ALA E 255 -69.92 3.11 1.89
N VAL E 256 -69.92 3.74 0.72
CA VAL E 256 -69.12 3.29 -0.42
C VAL E 256 -67.79 4.03 -0.44
N PRO E 257 -66.74 3.44 -1.02
CA PRO E 257 -65.46 4.13 -1.12
C PRO E 257 -65.35 4.94 -2.41
N SER E 258 -64.40 5.88 -2.39
CA SER E 258 -64.16 6.70 -3.56
C SER E 258 -63.55 5.86 -4.68
N PRO E 259 -63.93 6.10 -5.95
CA PRO E 259 -63.24 5.44 -7.05
C PRO E 259 -61.75 5.73 -7.10
N ILE E 260 -61.32 6.91 -6.65
CA ILE E 260 -59.89 7.19 -6.57
C ILE E 260 -59.24 6.32 -5.50
N ASP E 261 -59.92 6.16 -4.36
CA ASP E 261 -59.41 5.27 -3.32
C ASP E 261 -59.42 3.82 -3.77
N CYS E 262 -60.47 3.42 -4.48
CA CYS E 262 -60.54 2.07 -5.02
C CYS E 262 -59.36 1.79 -5.94
N TYR E 263 -59.01 2.76 -6.80
CA TYR E 263 -57.88 2.56 -7.68
C TYR E 263 -56.58 2.42 -6.89
N LEU E 264 -56.40 3.26 -5.87
CA LEU E 264 -55.16 3.23 -5.10
C LEU E 264 -55.01 1.93 -4.34
N CYS E 265 -56.10 1.44 -3.74
CA CYS E 265 -56.04 0.18 -3.00
C CYS E 265 -55.71 -0.98 -3.95
N ASN E 266 -56.32 -0.99 -5.13
CA ASN E 266 -55.96 -1.97 -6.14
C ASN E 266 -54.49 -1.85 -6.53
N ARG E 267 -53.96 -0.63 -6.54
CA ARG E 267 -52.55 -0.42 -6.85
C ARG E 267 -51.66 -1.01 -5.76
N GLY E 268 -52.04 -0.83 -4.50
CA GLY E 268 -51.30 -1.47 -3.43
C GLY E 268 -51.41 -2.98 -3.45
N LEU E 269 -52.55 -3.49 -3.94
CA LEU E 269 -52.73 -4.93 -4.06
C LEU E 269 -51.69 -5.55 -4.99
N LYS E 270 -51.22 -4.79 -5.98
CA LYS E 270 -50.28 -5.33 -6.95
C LYS E 270 -48.95 -5.75 -6.32
N THR E 271 -48.62 -5.21 -5.15
CA THR E 271 -47.38 -5.56 -4.47
C THR E 271 -47.63 -6.26 -3.13
N LEU E 272 -48.88 -6.64 -2.84
CA LEU E 272 -49.19 -7.25 -1.54
C LEU E 272 -48.29 -8.43 -1.25
N HIS E 273 -48.03 -9.28 -2.26
CA HIS E 273 -47.29 -10.51 -2.03
C HIS E 273 -45.84 -10.23 -1.64
N VAL E 274 -45.18 -9.29 -2.32
CA VAL E 274 -43.79 -9.01 -1.96
C VAL E 274 -43.72 -8.19 -0.67
N ARG E 275 -44.78 -7.44 -0.36
CA ARG E 275 -44.82 -6.69 0.89
C ARG E 275 -45.08 -7.60 2.08
N MET E 276 -46.08 -8.48 1.98
CA MET E 276 -46.38 -9.39 3.07
C MET E 276 -45.23 -10.36 3.33
N GLU E 277 -44.47 -10.71 2.28
CA GLU E 277 -43.28 -11.53 2.48
C GLU E 277 -42.24 -10.80 3.32
N ARG E 278 -42.02 -9.52 3.03
CA ARG E 278 -41.06 -8.75 3.80
C ARG E 278 -41.56 -8.44 5.20
N HIS E 279 -42.87 -8.16 5.34
CA HIS E 279 -43.46 -7.99 6.65
C HIS E 279 -43.17 -9.19 7.55
N PHE E 280 -43.26 -10.39 6.97
CA PHE E 280 -42.95 -11.62 7.69
C PHE E 280 -41.48 -11.65 8.10
N LYS E 281 -40.59 -11.40 7.14
CA LYS E 281 -39.15 -11.48 7.40
C LYS E 281 -38.73 -10.49 8.48
N ASN E 282 -39.15 -9.23 8.35
CA ASN E 282 -38.86 -8.24 9.37
C ASN E 282 -39.59 -8.54 10.68
N GLY E 283 -40.81 -9.10 10.59
CA GLY E 283 -41.59 -9.31 11.79
C GLY E 283 -41.01 -10.36 12.70
N MET E 284 -40.50 -11.44 12.14
CA MET E 284 -39.91 -12.51 12.95
C MET E 284 -38.61 -12.05 13.60
N ALA E 285 -37.78 -11.33 12.85
CA ALA E 285 -36.55 -10.80 13.42
C ALA E 285 -36.82 -9.89 14.61
N VAL E 286 -37.79 -8.97 14.45
CA VAL E 286 -38.15 -8.07 15.54
C VAL E 286 -38.67 -8.86 16.74
N ALA E 287 -39.48 -9.90 16.48
CA ALA E 287 -40.05 -10.68 17.57
C ALA E 287 -38.98 -11.54 18.25
N GLN E 288 -38.08 -12.13 17.47
CA GLN E 288 -37.00 -12.92 18.05
C GLN E 288 -36.04 -12.04 18.84
N PHE E 289 -35.73 -10.85 18.31
CA PHE E 289 -34.86 -9.93 19.03
C PHE E 289 -35.48 -9.49 20.34
N LEU E 290 -36.78 -9.17 20.32
CA LEU E 290 -37.44 -8.65 21.51
C LEU E 290 -37.50 -9.70 22.62
N GLU E 291 -37.73 -10.96 22.26
CA GLU E 291 -37.93 -11.98 23.29
C GLU E 291 -36.63 -12.31 24.02
N SER E 292 -35.51 -12.34 23.30
CA SER E 292 -34.21 -12.56 23.91
C SER E 292 -33.58 -11.28 24.43
N ASN E 293 -34.34 -10.19 24.51
CA ASN E 293 -33.80 -8.92 24.98
C ASN E 293 -33.97 -8.80 26.48
N PRO E 294 -32.93 -8.39 27.21
CA PRO E 294 -32.98 -8.43 28.69
C PRO E 294 -33.99 -7.49 29.32
N TRP E 295 -34.60 -6.58 28.57
CA TRP E 295 -35.52 -5.61 29.13
C TRP E 295 -36.95 -5.82 28.66
N VAL E 296 -37.25 -6.97 28.07
CA VAL E 296 -38.60 -7.32 27.61
C VAL E 296 -39.07 -8.53 28.41
N GLU E 297 -40.26 -8.41 29.01
CA GLU E 297 -40.79 -9.46 29.87
C GLU E 297 -41.50 -10.57 29.10
N LYS E 298 -42.19 -10.25 28.01
CA LYS E 298 -43.00 -11.24 27.31
C LYS E 298 -43.28 -10.74 25.90
N VAL E 299 -43.30 -11.67 24.95
CA VAL E 299 -43.57 -11.36 23.55
C VAL E 299 -44.74 -12.22 23.07
N ILE E 300 -45.59 -11.64 22.24
CA ILE E 300 -46.69 -12.35 21.59
C ILE E 300 -46.46 -12.22 20.09
N TYR E 301 -46.13 -13.33 19.43
CA TYR E 301 -46.01 -13.29 17.99
C TYR E 301 -46.32 -14.65 17.38
N PRO E 302 -47.30 -14.73 16.48
CA PRO E 302 -47.72 -16.03 15.92
C PRO E 302 -46.60 -16.82 15.29
N GLY E 303 -45.55 -16.16 14.80
CA GLY E 303 -44.41 -16.90 14.28
C GLY E 303 -43.65 -17.64 15.36
N LEU E 304 -43.59 -17.08 16.56
CA LEU E 304 -42.72 -17.60 17.60
C LEU E 304 -43.29 -18.89 18.19
N PRO E 305 -42.46 -19.91 18.40
CA PRO E 305 -42.95 -21.13 19.08
C PRO E 305 -43.48 -20.85 20.48
N SER E 306 -43.10 -19.73 21.09
CA SER E 306 -43.60 -19.38 22.41
C SER E 306 -45.05 -18.93 22.39
N HIS E 307 -45.63 -18.70 21.22
CA HIS E 307 -47.03 -18.32 21.16
C HIS E 307 -47.90 -19.52 21.56
N PRO E 308 -48.87 -19.32 22.46
CA PRO E 308 -49.70 -20.45 22.90
C PRO E 308 -50.36 -21.23 21.77
N GLN E 309 -50.67 -20.57 20.66
CA GLN E 309 -51.35 -21.20 19.53
C GLN E 309 -50.44 -21.30 18.30
N HIS E 310 -49.13 -21.38 18.50
CA HIS E 310 -48.20 -21.35 17.37
C HIS E 310 -48.39 -22.55 16.44
N GLU E 311 -48.76 -23.71 16.97
CA GLU E 311 -48.98 -24.87 16.12
C GLU E 311 -50.26 -24.73 15.32
N LEU E 312 -51.31 -24.16 15.92
CA LEU E 312 -52.52 -23.86 15.18
C LEU E 312 -52.27 -22.85 14.07
N VAL E 313 -51.34 -21.92 14.29
CA VAL E 313 -51.06 -20.89 13.29
C VAL E 313 -50.45 -21.53 12.04
N LYS E 314 -49.46 -22.41 12.21
CA LYS E 314 -48.86 -23.09 11.07
C LYS E 314 -49.88 -23.98 10.37
N ARG E 315 -50.85 -24.52 11.11
CA ARG E 315 -51.85 -25.40 10.53
C ARG E 315 -52.93 -24.64 9.76
N GLN E 316 -53.09 -23.33 9.99
CA GLN E 316 -54.13 -22.55 9.35
C GLN E 316 -53.65 -21.31 8.61
N CYS E 317 -52.36 -20.99 8.65
CA CYS E 317 -51.84 -19.85 7.93
C CYS E 317 -50.60 -20.27 7.14
N THR E 318 -50.25 -19.46 6.13
CA THR E 318 -49.07 -19.68 5.30
C THR E 318 -47.86 -18.91 5.78
N GLY E 319 -48.04 -18.06 6.79
CA GLY E 319 -46.98 -17.18 7.26
C GLY E 319 -47.59 -16.21 8.25
N CYS E 320 -46.88 -15.12 8.52
CA CYS E 320 -47.38 -14.14 9.48
C CYS E 320 -47.01 -12.73 9.04
N GLY E 321 -47.80 -11.76 9.48
CA GLY E 321 -47.58 -10.37 9.15
C GLY E 321 -46.49 -9.74 10.01
N GLY E 322 -46.51 -8.41 10.06
CA GLY E 322 -45.55 -7.64 10.82
C GLY E 322 -46.04 -7.12 12.15
N MET E 323 -47.15 -7.62 12.68
CA MET E 323 -47.67 -7.18 13.96
C MET E 323 -47.00 -7.94 15.09
N VAL E 324 -46.26 -7.22 15.93
CA VAL E 324 -45.51 -7.81 17.04
C VAL E 324 -45.93 -7.12 18.32
N THR E 325 -46.39 -7.91 19.29
CA THR E 325 -46.81 -7.39 20.59
C THR E 325 -45.86 -7.89 21.67
N PHE E 326 -45.52 -7.00 22.61
CA PHE E 326 -44.60 -7.36 23.68
C PHE E 326 -44.93 -6.54 24.92
N TYR E 327 -44.34 -6.95 26.04
CA TYR E 327 -44.48 -6.26 27.32
C TYR E 327 -43.13 -5.72 27.76
N ILE E 328 -43.12 -4.47 28.20
CA ILE E 328 -41.91 -3.85 28.74
C ILE E 328 -41.87 -4.10 30.24
N LYS E 329 -40.65 -4.19 30.79
CA LYS E 329 -40.49 -4.36 32.22
C LYS E 329 -40.68 -3.03 32.95
N GLY E 330 -41.36 -3.08 34.08
CA GLY E 330 -41.59 -1.88 34.87
C GLY E 330 -43.04 -1.43 34.82
N THR E 331 -43.25 -0.12 34.70
CA THR E 331 -44.60 0.42 34.70
C THR E 331 -44.84 1.29 33.47
N LEU E 332 -45.93 2.07 33.49
CA LEU E 332 -46.23 3.00 32.42
C LEU E 332 -45.05 3.94 32.13
N GLN E 333 -44.25 4.28 33.15
CA GLN E 333 -43.18 5.25 32.97
C GLN E 333 -42.10 4.73 32.04
N HIS E 334 -41.79 3.44 32.11
CA HIS E 334 -40.76 2.88 31.23
C HIS E 334 -41.27 2.68 29.82
N ALA E 335 -42.55 2.33 29.70
CA ALA E 335 -43.16 2.18 28.38
C ALA E 335 -43.16 3.51 27.64
N GLU E 336 -43.35 4.62 28.36
CA GLU E 336 -43.38 5.93 27.72
C GLU E 336 -41.99 6.41 27.33
N ILE E 337 -40.97 6.13 28.15
CA ILE E 337 -39.61 6.50 27.79
C ILE E 337 -39.16 5.72 26.57
N PHE E 338 -39.56 4.45 26.48
CA PHE E 338 -39.19 3.64 25.33
C PHE E 338 -39.76 4.21 24.04
N LEU E 339 -41.05 4.60 24.06
CA LEU E 339 -41.71 5.02 22.83
C LEU E 339 -41.10 6.29 22.27
N LYS E 340 -40.78 7.26 23.14
CA LYS E 340 -40.28 8.55 22.67
C LYS E 340 -38.82 8.53 22.27
N ASN E 341 -38.10 7.46 22.59
CA ASN E 341 -36.70 7.35 22.18
C ASN E 341 -36.51 6.68 20.83
N LEU E 342 -37.55 6.04 20.30
CA LEU E 342 -37.44 5.45 18.97
C LEU E 342 -37.39 6.56 17.91
N LYS E 343 -36.48 6.39 16.95
CA LYS E 343 -36.29 7.37 15.88
C LYS E 343 -36.63 6.83 14.50
N LEU E 344 -36.80 5.52 14.34
CA LEU E 344 -37.27 4.93 13.09
C LEU E 344 -38.74 4.57 13.17
N PHE E 345 -39.10 3.69 14.10
CA PHE E 345 -40.51 3.45 14.41
C PHE E 345 -41.16 4.78 14.78
N THR E 346 -42.34 5.03 14.22
CA THR E 346 -43.09 6.24 14.49
C THR E 346 -44.18 5.93 15.51
N LEU E 347 -44.27 6.75 16.55
CA LEU E 347 -45.30 6.58 17.57
C LEU E 347 -46.61 7.11 16.99
N ALA E 348 -47.46 6.19 16.53
CA ALA E 348 -48.69 6.57 15.87
C ALA E 348 -49.64 5.38 15.88
N VAL E 349 -50.90 5.67 15.56
CA VAL E 349 -51.99 4.68 15.56
C VAL E 349 -51.97 3.99 14.19
N SER E 350 -52.74 2.91 14.05
CA SER E 350 -52.92 2.17 12.80
C SER E 350 -51.71 1.29 12.52
N LEU E 351 -51.74 0.56 11.41
CA LEU E 351 -50.78 -0.52 11.18
C LEU E 351 -50.81 -0.92 9.71
N GLY E 352 -49.82 -1.71 9.33
CA GLY E 352 -49.85 -2.40 8.05
C GLY E 352 -49.26 -1.66 6.88
N GLY E 353 -48.65 -0.50 7.10
CA GLY E 353 -48.01 0.23 6.02
C GLY E 353 -46.57 -0.21 5.80
N PHE E 354 -45.92 0.42 4.83
CA PHE E 354 -44.51 0.16 4.59
C PHE E 354 -43.63 0.72 5.68
N GLU E 355 -44.14 1.67 6.46
CA GLU E 355 -43.40 2.28 7.55
C GLU E 355 -43.72 1.59 8.87
N SER E 356 -42.72 1.51 9.73
CA SER E 356 -42.90 0.85 11.02
C SER E 356 -43.56 1.80 12.02
N LEU E 357 -44.50 1.27 12.80
CA LEU E 357 -45.27 2.06 13.75
C LEU E 357 -45.23 1.41 15.13
N ALA E 358 -45.30 2.26 16.16
CA ALA E 358 -45.27 1.82 17.55
C ALA E 358 -46.35 2.56 18.32
N GLU E 359 -46.83 1.94 19.40
CA GLU E 359 -48.04 2.44 20.03
C GLU E 359 -48.29 1.72 21.36
N LEU E 360 -48.81 2.46 22.35
CA LEU E 360 -49.25 1.86 23.59
C LEU E 360 -50.77 1.80 23.61
N PRO E 361 -51.38 0.63 23.36
CA PRO E 361 -52.83 0.58 23.15
C PRO E 361 -53.66 1.05 24.33
N ALA E 362 -53.17 0.89 25.57
CA ALA E 362 -53.95 1.30 26.73
C ALA E 362 -54.17 2.81 26.76
N SER E 363 -53.22 3.58 26.22
CA SER E 363 -53.35 5.02 26.15
C SER E 363 -53.96 5.49 24.85
N MET E 364 -54.01 4.65 23.82
CA MET E 364 -54.24 5.11 22.46
C MET E 364 -55.41 4.44 21.77
N THR E 365 -55.28 3.17 21.39
CA THR E 365 -56.37 2.52 20.65
C THR E 365 -57.41 1.87 21.53
N HIS E 366 -57.05 1.41 22.73
CA HIS E 366 -57.99 0.67 23.56
C HIS E 366 -58.27 1.40 24.88
N ALA E 367 -58.19 2.73 24.86
CA ALA E 367 -58.82 3.52 25.90
C ALA E 367 -60.32 3.60 25.71
N SER E 368 -60.81 3.19 24.55
CA SER E 368 -62.25 3.20 24.29
C SER E 368 -62.96 2.03 24.96
N VAL E 369 -62.26 0.91 25.17
CA VAL E 369 -62.84 -0.23 25.85
C VAL E 369 -62.64 -0.05 27.35
N LEU E 370 -63.62 -0.53 28.12
CA LEU E 370 -63.61 -0.35 29.56
C LEU E 370 -62.31 -0.89 30.17
N LYS E 371 -61.84 -0.23 31.21
CA LYS E 371 -60.60 -0.62 31.86
C LYS E 371 -60.83 -1.55 33.04
N ASN E 372 -62.06 -2.04 33.22
CA ASN E 372 -62.25 -3.30 33.92
C ASN E 372 -62.07 -4.48 32.98
N ASP E 373 -62.25 -4.25 31.68
CA ASP E 373 -61.89 -5.20 30.65
C ASP E 373 -60.44 -5.04 30.20
N ARG E 374 -59.72 -4.05 30.73
CA ARG E 374 -58.31 -3.89 30.40
C ARG E 374 -57.47 -4.99 31.05
N ASP E 375 -57.82 -5.40 32.27
CA ASP E 375 -57.02 -6.36 33.02
C ASP E 375 -57.45 -7.78 32.74
N VAL E 376 -58.66 -7.97 32.24
CA VAL E 376 -59.13 -9.31 31.91
C VAL E 376 -58.55 -9.77 30.57
N LEU E 377 -58.41 -8.84 29.62
CA LEU E 377 -57.86 -9.19 28.31
C LEU E 377 -56.34 -9.21 28.31
N GLY E 378 -55.70 -8.63 29.33
CA GLY E 378 -54.27 -8.50 29.36
C GLY E 378 -53.72 -7.20 28.82
N ILE E 379 -54.58 -6.22 28.54
CA ILE E 379 -54.16 -4.93 28.03
C ILE E 379 -53.63 -4.10 29.20
N SER E 380 -52.38 -4.33 29.58
CA SER E 380 -51.78 -3.62 30.70
C SER E 380 -51.10 -2.35 30.20
N ASP E 381 -50.59 -1.54 31.12
CA ASP E 381 -49.87 -0.31 30.77
C ASP E 381 -48.48 -0.57 30.24
N THR E 382 -48.01 -1.82 30.26
CA THR E 382 -46.70 -2.17 29.74
C THR E 382 -46.78 -2.88 28.40
N LEU E 383 -47.98 -3.18 27.92
CA LEU E 383 -48.18 -3.82 26.63
C LEU E 383 -47.96 -2.80 25.52
N ILE E 384 -47.07 -3.12 24.58
CA ILE E 384 -46.76 -2.26 23.45
C ILE E 384 -46.99 -3.05 22.17
N ARG E 385 -47.67 -2.43 21.21
CA ARG E 385 -47.92 -3.06 19.91
C ARG E 385 -47.07 -2.40 18.83
N LEU E 386 -46.34 -3.24 18.08
CA LEU E 386 -45.51 -2.78 16.98
C LEU E 386 -46.10 -3.25 15.66
N SER E 387 -45.98 -2.39 14.65
CA SER E 387 -46.34 -2.72 13.27
C SER E 387 -45.05 -2.63 12.46
N VAL E 388 -44.38 -3.76 12.26
CA VAL E 388 -43.07 -3.75 11.65
C VAL E 388 -43.21 -3.51 10.14
N GLY E 389 -42.52 -2.50 9.63
CA GLY E 389 -42.60 -2.09 8.25
C GLY E 389 -41.62 -2.80 7.34
N LEU E 390 -41.32 -2.16 6.22
CA LEU E 390 -40.44 -2.72 5.19
C LEU E 390 -39.07 -2.06 5.18
N GLU E 391 -38.67 -1.44 6.28
CA GLU E 391 -37.35 -0.85 6.37
C GLU E 391 -36.30 -1.94 6.57
N ASP E 392 -35.03 -1.53 6.54
CA ASP E 392 -33.95 -2.49 6.67
C ASP E 392 -33.98 -3.15 8.05
N GLU E 393 -33.91 -4.49 8.04
CA GLU E 393 -33.84 -5.31 9.24
C GLU E 393 -32.94 -4.72 10.32
N GLU E 394 -31.66 -4.56 9.98
CA GLU E 394 -30.68 -3.88 10.81
C GLU E 394 -31.25 -2.66 11.53
N ASP E 395 -31.75 -1.68 10.76
CA ASP E 395 -32.08 -0.38 11.30
C ASP E 395 -33.26 -0.46 12.26
N LEU E 396 -34.24 -1.30 11.96
CA LEU E 396 -35.34 -1.50 12.91
C LEU E 396 -34.82 -2.03 14.23
N LEU E 397 -34.08 -3.14 14.19
CA LEU E 397 -33.55 -3.75 15.41
C LEU E 397 -32.73 -2.76 16.22
N GLU E 398 -31.87 -1.96 15.56
CA GLU E 398 -31.14 -0.93 16.29
C GLU E 398 -32.10 0.02 17.00
N ASP E 399 -33.13 0.49 16.28
CA ASP E 399 -34.03 1.48 16.86
C ASP E 399 -34.60 0.99 18.18
N LEU E 400 -35.12 -0.24 18.21
CA LEU E 400 -35.67 -0.76 19.47
C LEU E 400 -34.60 -1.04 20.50
N ASP E 401 -33.41 -1.51 20.08
CA ASP E 401 -32.32 -1.71 21.02
C ASP E 401 -31.93 -0.39 21.70
N GLN E 402 -31.78 0.67 20.89
CA GLN E 402 -31.45 1.98 21.42
C GLN E 402 -32.48 2.44 22.44
N ALA E 403 -33.76 2.33 22.11
CA ALA E 403 -34.83 2.83 22.97
C ALA E 403 -35.03 1.97 24.22
N LEU E 404 -34.69 0.69 24.16
CA LEU E 404 -34.76 -0.13 25.37
C LEU E 404 -33.65 0.24 26.35
N LYS E 405 -32.44 0.48 25.85
CA LYS E 405 -31.35 0.92 26.71
C LYS E 405 -31.65 2.28 27.32
N ALA E 406 -32.33 3.15 26.58
CA ALA E 406 -32.64 4.48 27.09
C ALA E 406 -33.75 4.45 28.13
N ALA E 407 -34.69 3.51 28.00
CA ALA E 407 -35.74 3.36 29.00
C ALA E 407 -35.25 2.65 30.26
N HIS E 408 -34.12 1.98 30.18
CA HIS E 408 -33.61 1.15 31.29
C HIS E 408 -32.10 1.33 31.38
N PRO E 409 -31.63 2.48 31.88
CA PRO E 409 -30.21 2.80 31.93
C PRO E 409 -29.48 2.11 33.07
N GLY F 20 -89.60 39.32 -5.92
CA GLY F 20 -88.81 39.62 -4.73
C GLY F 20 -88.58 38.41 -3.84
N PHE F 21 -87.45 37.75 -4.05
CA PHE F 21 -87.06 36.64 -3.19
C PHE F 21 -86.45 37.16 -1.90
N LEU F 22 -85.99 36.24 -1.05
CA LEU F 22 -85.19 36.64 0.10
C LEU F 22 -83.91 37.30 -0.39
N PRO F 23 -83.43 38.35 0.28
CA PRO F 23 -82.14 38.94 -0.10
C PRO F 23 -81.03 37.91 0.01
N HIS F 24 -80.09 37.96 -0.92
CA HIS F 24 -79.03 36.96 -0.97
C HIS F 24 -78.18 36.99 0.29
N PHE F 25 -77.70 35.82 0.68
CA PHE F 25 -76.97 35.67 1.93
C PHE F 25 -75.63 36.38 1.86
N GLN F 26 -75.29 37.11 2.92
CA GLN F 26 -74.12 37.97 2.94
C GLN F 26 -72.84 37.15 3.10
N HIS F 27 -71.82 37.51 2.32
CA HIS F 27 -70.47 36.94 2.36
C HIS F 27 -70.39 35.50 1.87
N PHE F 28 -71.42 35.02 1.16
CA PHE F 28 -71.43 33.63 0.73
C PHE F 28 -70.23 33.29 -0.13
N ALA F 29 -70.00 34.09 -1.19
CA ALA F 29 -68.87 33.83 -2.08
C ALA F 29 -67.55 33.92 -1.33
N THR F 30 -67.39 34.93 -0.49
CA THR F 30 -66.15 35.10 0.27
C THR F 30 -65.89 33.90 1.18
N GLN F 31 -66.92 33.48 1.92
CA GLN F 31 -66.78 32.33 2.81
C GLN F 31 -66.53 31.05 2.03
N ALA F 32 -67.26 30.84 0.94
CA ALA F 32 -67.09 29.63 0.14
C ALA F 32 -65.67 29.49 -0.39
N ILE F 33 -64.96 30.60 -0.52
CA ILE F 33 -63.63 30.58 -1.12
C ILE F 33 -62.55 30.55 -0.05
N HIS F 34 -62.82 31.13 1.13
CA HIS F 34 -61.79 31.33 2.12
C HIS F 34 -61.98 30.58 3.43
N VAL F 35 -63.22 30.21 3.80
CA VAL F 35 -63.43 29.58 5.10
C VAL F 35 -62.79 28.18 5.09
N GLY F 36 -61.94 27.93 6.07
CA GLY F 36 -61.16 26.71 6.11
C GLY F 36 -59.97 26.68 5.18
N GLN F 37 -59.81 27.69 4.32
CA GLN F 37 -58.76 27.72 3.32
C GLN F 37 -57.58 28.61 3.71
N ASP F 38 -57.41 28.86 5.01
CA ASP F 38 -56.38 29.78 5.48
C ASP F 38 -54.99 29.24 5.17
N PRO F 39 -54.16 29.96 4.41
CA PRO F 39 -52.81 29.45 4.13
C PRO F 39 -51.94 29.26 5.37
N GLU F 40 -52.31 29.90 6.49
CA GLU F 40 -51.48 29.83 7.69
C GLU F 40 -51.52 28.48 8.38
N GLN F 41 -52.40 27.57 7.96
CA GLN F 41 -52.45 26.23 8.55
C GLN F 41 -51.32 25.35 8.05
N TRP F 42 -50.65 25.72 6.97
CA TRP F 42 -49.65 24.89 6.32
C TRP F 42 -48.29 25.54 6.43
N THR F 43 -47.25 24.71 6.63
CA THR F 43 -45.90 25.26 6.71
C THR F 43 -45.45 25.84 5.38
N SER F 44 -46.01 25.35 4.27
CA SER F 44 -45.74 25.95 2.97
C SER F 44 -46.50 27.24 2.76
N ARG F 45 -47.54 27.49 3.55
CA ARG F 45 -48.43 28.65 3.39
C ARG F 45 -49.13 28.63 2.03
N ALA F 46 -49.43 27.42 1.54
CA ALA F 46 -50.06 27.27 0.24
C ALA F 46 -51.45 27.89 0.23
N VAL F 47 -51.79 28.52 -0.90
CA VAL F 47 -53.09 29.19 -1.02
C VAL F 47 -54.21 28.17 -1.07
N VAL F 48 -53.97 27.02 -1.68
CA VAL F 48 -54.93 25.92 -1.72
C VAL F 48 -54.48 24.86 -0.73
N PRO F 49 -55.34 24.44 0.21
CA PRO F 49 -54.96 23.40 1.17
C PRO F 49 -54.55 22.12 0.46
N PRO F 50 -53.49 21.46 0.94
CA PRO F 50 -53.07 20.19 0.33
C PRO F 50 -54.07 19.06 0.61
N ILE F 51 -53.92 18.00 -0.17
CA ILE F 51 -54.69 16.78 0.00
C ILE F 51 -53.89 15.85 0.90
N SER F 52 -54.39 15.63 2.12
CA SER F 52 -53.69 14.81 3.10
C SER F 52 -54.28 13.39 3.06
N LEU F 53 -53.61 12.50 2.33
CA LEU F 53 -54.07 11.12 2.23
C LEU F 53 -53.77 10.32 3.49
N SER F 54 -52.80 10.77 4.29
CA SER F 54 -52.27 9.97 5.39
C SER F 54 -53.37 9.47 6.31
N THR F 55 -53.34 8.16 6.59
CA THR F 55 -54.31 7.58 7.50
C THR F 55 -54.00 7.87 8.96
N THR F 56 -52.72 7.95 9.32
CA THR F 56 -52.32 8.13 10.70
C THR F 56 -51.32 9.27 10.80
N PHE F 57 -51.06 9.71 12.03
CA PHE F 57 -50.28 10.90 12.28
C PHE F 57 -49.33 10.68 13.45
N LYS F 58 -48.11 11.22 13.32
CA LYS F 58 -47.13 11.12 14.39
C LYS F 58 -47.62 11.83 15.64
N GLN F 59 -47.33 11.24 16.79
CA GLN F 59 -47.69 11.85 18.07
C GLN F 59 -46.44 12.03 18.92
N GLY F 60 -46.42 13.10 19.70
CA GLY F 60 -45.27 13.47 20.48
C GLY F 60 -45.32 12.98 21.90
N ALA F 61 -44.62 13.69 22.78
CA ALA F 61 -43.87 14.88 22.39
C ALA F 61 -42.37 14.61 22.35
N SER F 66 -51.83 16.85 17.02
CA SER F 66 -52.74 17.90 17.42
C SER F 66 -54.11 17.35 17.77
N GLY F 67 -55.13 17.82 17.06
CA GLY F 67 -56.46 17.28 17.15
C GLY F 67 -56.72 16.27 16.06
N PHE F 68 -55.65 15.73 15.47
CA PHE F 68 -55.73 14.63 14.52
C PHE F 68 -55.03 13.42 15.10
N ILE F 69 -55.73 12.28 15.10
CA ILE F 69 -55.14 10.99 15.48
C ILE F 69 -55.14 10.04 14.29
N TYR F 70 -56.30 9.82 13.68
CA TYR F 70 -56.53 8.80 12.68
C TYR F 70 -57.47 9.40 11.64
N SER F 71 -57.17 9.17 10.36
CA SER F 71 -57.87 9.86 9.28
C SER F 71 -59.38 9.75 9.43
N ARG F 72 -59.87 8.58 9.85
CA ARG F 72 -61.31 8.38 9.98
C ARG F 72 -61.91 9.28 11.05
N LEU F 73 -61.17 9.51 12.15
CA LEU F 73 -61.66 10.38 13.22
C LEU F 73 -61.71 11.83 12.77
N GLY F 74 -60.79 12.23 11.88
CA GLY F 74 -60.68 13.60 11.43
C GLY F 74 -59.34 13.79 10.74
N ASN F 75 -59.32 14.53 9.64
CA ASN F 75 -58.10 14.76 8.91
C ASN F 75 -58.15 16.16 8.32
N PRO F 76 -57.00 16.76 7.98
CA PRO F 76 -56.98 18.16 7.53
C PRO F 76 -57.96 18.48 6.41
N THR F 77 -57.89 17.77 5.29
CA THR F 77 -58.68 18.15 4.13
C THR F 77 -60.18 18.04 4.39
N ARG F 78 -60.61 16.95 5.05
CA ARG F 78 -62.02 16.83 5.39
C ARG F 78 -62.45 17.94 6.34
N ASN F 79 -61.59 18.29 7.30
CA ASN F 79 -61.94 19.33 8.26
C ASN F 79 -62.08 20.68 7.59
N CYS F 80 -61.19 21.00 6.64
CA CYS F 80 -61.30 22.26 5.90
C CYS F 80 -62.64 22.35 5.19
N LEU F 81 -63.13 21.22 4.66
CA LEU F 81 -64.39 21.24 3.93
C LEU F 81 -65.57 21.44 4.87
N GLU F 82 -65.59 20.71 5.99
CA GLU F 82 -66.70 20.82 6.91
C GLU F 82 -66.83 22.23 7.48
N LYS F 83 -65.69 22.92 7.67
CA LYS F 83 -65.74 24.32 8.07
C LYS F 83 -66.46 25.16 7.01
N ALA F 84 -66.08 25.00 5.75
CA ALA F 84 -66.65 25.80 4.68
C ALA F 84 -68.15 25.53 4.54
N VAL F 85 -68.55 24.26 4.54
CA VAL F 85 -69.96 23.92 4.37
C VAL F 85 -70.78 24.49 5.52
N ALA F 86 -70.25 24.40 6.75
CA ALA F 86 -70.96 24.98 7.90
C ALA F 86 -71.15 26.48 7.73
N ALA F 87 -70.11 27.17 7.25
CA ALA F 87 -70.23 28.60 7.00
C ALA F 87 -71.31 28.89 5.96
N LEU F 88 -71.37 28.07 4.91
CA LEU F 88 -72.36 28.29 3.85
C LEU F 88 -73.77 27.99 4.32
N ASP F 89 -73.92 27.10 5.30
CA ASP F 89 -75.22 26.83 5.89
C ASP F 89 -75.62 27.84 6.96
N GLY F 90 -74.68 28.68 7.39
CA GLY F 90 -74.90 29.46 8.59
C GLY F 90 -74.87 28.61 9.84
N ALA F 91 -74.13 27.51 9.81
CA ALA F 91 -74.11 26.52 10.88
C ALA F 91 -72.81 26.60 11.67
N LYS F 92 -72.86 26.07 12.90
CA LYS F 92 -71.66 26.01 13.72
C LYS F 92 -70.82 24.79 13.38
N TYR F 93 -71.43 23.68 13.00
CA TYR F 93 -70.71 22.44 12.74
C TYR F 93 -71.25 21.77 11.48
N CYS F 94 -70.39 20.96 10.85
CA CYS F 94 -70.76 20.18 9.68
C CYS F 94 -69.96 18.89 9.67
N LEU F 95 -70.59 17.82 9.17
CA LEU F 95 -69.96 16.51 9.07
C LEU F 95 -70.12 15.95 7.67
N ALA F 96 -69.01 15.51 7.09
CA ALA F 96 -69.03 14.94 5.74
C ALA F 96 -69.12 13.42 5.79
N PHE F 97 -69.70 12.85 4.73
CA PHE F 97 -69.96 11.41 4.69
C PHE F 97 -69.67 10.87 3.30
N ALA F 98 -69.58 9.53 3.23
CA ALA F 98 -69.26 8.86 1.97
C ALA F 98 -70.32 9.09 0.90
N SER F 99 -71.54 9.48 1.29
CA SER F 99 -72.63 9.70 0.36
C SER F 99 -73.77 10.37 1.11
N GLY F 100 -74.64 11.02 0.35
CA GLY F 100 -75.87 11.52 0.95
C GLY F 100 -76.68 10.42 1.61
N MET F 101 -76.68 9.23 1.01
CA MET F 101 -77.31 8.07 1.62
C MET F 101 -76.65 7.72 2.95
N ALA F 102 -75.32 7.75 2.99
CA ALA F 102 -74.61 7.49 4.24
C ALA F 102 -74.97 8.52 5.29
N ALA F 103 -75.12 9.78 4.89
CA ALA F 103 -75.51 10.84 5.83
C ALA F 103 -76.86 10.52 6.46
N THR F 104 -77.84 10.14 5.64
CA THR F 104 -79.17 9.82 6.14
C THR F 104 -79.11 8.69 7.17
N VAL F 105 -78.38 7.62 6.84
CA VAL F 105 -78.33 6.46 7.74
C VAL F 105 -77.66 6.83 9.06
N THR F 106 -76.60 7.65 9.00
CA THR F 106 -75.94 8.07 10.23
C THR F 106 -76.88 8.89 11.11
N ILE F 107 -77.71 9.74 10.50
CA ILE F 107 -78.62 10.58 11.27
C ILE F 107 -79.67 9.71 11.97
N THR F 108 -80.20 8.70 11.27
CA THR F 108 -81.18 7.81 11.87
C THR F 108 -80.58 6.99 13.01
N HIS F 109 -79.26 6.81 13.03
CA HIS F 109 -78.61 6.10 14.13
C HIS F 109 -78.63 6.89 15.43
N LEU F 110 -79.01 8.18 15.39
CA LEU F 110 -79.17 8.94 16.62
C LEU F 110 -80.33 8.46 17.47
N LEU F 111 -81.18 7.59 16.94
CA LEU F 111 -82.42 7.21 17.60
C LEU F 111 -82.22 5.91 18.39
N LYS F 112 -83.32 5.28 18.77
CA LYS F 112 -83.30 4.05 19.54
C LYS F 112 -84.43 3.17 19.03
N ALA F 113 -84.38 1.88 19.38
CA ALA F 113 -85.50 1.00 19.07
C ALA F 113 -86.74 1.48 19.80
N GLY F 114 -87.86 1.56 19.07
CA GLY F 114 -89.10 2.05 19.60
C GLY F 114 -89.49 3.44 19.14
N ASP F 115 -88.55 4.20 18.57
CA ASP F 115 -88.84 5.54 18.09
C ASP F 115 -89.63 5.49 16.78
N GLN F 116 -90.19 6.64 16.42
CA GLN F 116 -90.98 6.76 15.20
C GLN F 116 -90.45 7.90 14.35
N ILE F 117 -90.34 7.66 13.05
CA ILE F 117 -89.85 8.63 12.08
C ILE F 117 -91.01 9.02 11.18
N ILE F 118 -91.16 10.33 10.94
CA ILE F 118 -92.10 10.84 9.95
C ILE F 118 -91.31 11.29 8.73
N CYS F 119 -91.73 10.83 7.56
CA CYS F 119 -91.01 11.12 6.32
C CYS F 119 -91.97 11.75 5.32
N MET F 120 -91.45 12.70 4.54
CA MET F 120 -92.22 13.29 3.46
C MET F 120 -92.68 12.23 2.48
N ASP F 121 -93.93 12.35 2.00
CA ASP F 121 -94.49 11.31 1.14
C ASP F 121 -93.82 11.28 -0.23
N ASP F 122 -93.42 12.43 -0.76
CA ASP F 122 -92.64 12.50 -1.98
C ASP F 122 -91.19 12.79 -1.58
N VAL F 123 -90.33 11.79 -1.73
CA VAL F 123 -88.94 11.87 -1.29
C VAL F 123 -88.07 11.17 -2.32
N TYR F 124 -86.75 11.25 -2.13
CA TYR F 124 -85.82 10.52 -2.97
C TYR F 124 -86.02 9.01 -2.80
N GLY F 125 -85.90 8.28 -3.91
CA GLY F 125 -86.23 6.85 -3.89
C GLY F 125 -85.45 6.08 -2.85
N GLY F 126 -84.17 6.40 -2.70
CA GLY F 126 -83.34 5.70 -1.73
C GLY F 126 -83.70 6.02 -0.29
N THR F 127 -84.09 7.27 -0.02
CA THR F 127 -84.52 7.64 1.33
C THR F 127 -85.77 6.86 1.73
N ASN F 128 -86.76 6.84 0.84
CA ASN F 128 -87.95 6.01 1.04
C ASN F 128 -87.56 4.56 1.26
N ALA F 129 -86.68 4.03 0.40
CA ALA F 129 -86.34 2.62 0.47
C ALA F 129 -85.65 2.27 1.78
N TYR F 130 -84.75 3.14 2.24
CA TYR F 130 -83.98 2.83 3.46
C TYR F 130 -84.91 2.71 4.67
N PHE F 131 -85.78 3.71 4.87
CA PHE F 131 -86.72 3.66 5.99
C PHE F 131 -87.61 2.42 5.89
N ARG F 132 -88.22 2.21 4.73
CA ARG F 132 -89.26 1.20 4.60
C ARG F 132 -88.69 -0.21 4.64
N GLN F 133 -87.50 -0.43 4.09
CA GLN F 133 -86.97 -1.78 3.97
C GLN F 133 -85.90 -2.14 4.98
N VAL F 134 -85.22 -1.16 5.57
CA VAL F 134 -84.12 -1.46 6.50
C VAL F 134 -84.41 -0.95 7.89
N ALA F 135 -84.70 0.34 8.01
CA ALA F 135 -84.87 0.95 9.34
C ALA F 135 -85.99 0.28 10.13
N SER F 136 -87.05 -0.16 9.45
CA SER F 136 -88.17 -0.80 10.12
C SER F 136 -87.80 -2.13 10.74
N GLU F 137 -86.72 -2.76 10.29
CA GLU F 137 -86.32 -4.06 10.82
C GLU F 137 -85.62 -3.96 12.16
N PHE F 138 -85.44 -2.76 12.71
CA PHE F 138 -84.70 -2.57 13.95
C PHE F 138 -85.53 -1.81 14.99
N GLY F 139 -86.83 -2.05 15.02
CA GLY F 139 -87.68 -1.46 16.03
C GLY F 139 -88.06 -0.02 15.79
N LEU F 140 -87.98 0.46 14.56
CA LEU F 140 -88.31 1.84 14.22
C LEU F 140 -89.59 1.84 13.38
N LYS F 141 -90.61 2.57 13.86
CA LYS F 141 -91.83 2.76 13.09
C LYS F 141 -91.67 3.97 12.18
N ILE F 142 -92.11 3.81 10.93
CA ILE F 142 -91.98 4.84 9.90
C ILE F 142 -93.37 5.12 9.32
N SER F 143 -93.72 6.40 9.22
CA SER F 143 -95.00 6.82 8.65
C SER F 143 -94.75 7.94 7.65
N PHE F 144 -95.18 7.74 6.41
CA PHE F 144 -95.04 8.72 5.35
C PHE F 144 -96.25 9.65 5.35
N VAL F 145 -96.00 10.95 5.52
CA VAL F 145 -97.08 11.93 5.69
C VAL F 145 -96.88 13.09 4.73
N ASP F 146 -97.97 13.52 4.10
CA ASP F 146 -97.94 14.72 3.25
C ASP F 146 -97.74 15.95 4.12
N CYS F 147 -96.48 16.32 4.34
CA CYS F 147 -96.16 17.49 5.16
C CYS F 147 -96.33 18.80 4.40
N SER F 148 -96.64 18.74 3.10
CA SER F 148 -97.01 19.95 2.38
C SER F 148 -98.29 20.55 2.95
N LYS F 149 -99.24 19.71 3.37
CA LYS F 149 -100.39 20.17 4.13
C LYS F 149 -100.05 20.00 5.60
N ILE F 150 -99.86 21.14 6.28
CA ILE F 150 -99.11 21.18 7.52
C ILE F 150 -99.90 20.64 8.71
N LYS F 151 -101.23 20.55 8.60
CA LYS F 151 -102.02 19.97 9.68
C LYS F 151 -102.27 18.48 9.52
N LEU F 152 -101.76 17.87 8.46
CA LEU F 152 -101.66 16.42 8.41
C LEU F 152 -100.52 15.91 9.31
N LEU F 153 -99.61 16.80 9.67
CA LEU F 153 -98.44 16.44 10.46
C LEU F 153 -98.79 16.20 11.93
N GLU F 154 -99.65 17.03 12.52
CA GLU F 154 -99.94 16.87 13.94
C GLU F 154 -100.69 15.58 14.24
N ALA F 155 -101.49 15.09 13.30
CA ALA F 155 -102.14 13.82 13.51
C ALA F 155 -101.13 12.69 13.56
N ALA F 156 -99.99 12.86 12.87
CA ALA F 156 -98.98 11.82 12.82
C ALA F 156 -98.04 11.86 14.03
N ILE F 157 -97.85 13.02 14.63
CA ILE F 157 -96.90 13.15 15.73
C ILE F 157 -97.46 12.42 16.96
N THR F 158 -96.62 11.60 17.57
CA THR F 158 -96.94 10.82 18.76
C THR F 158 -95.90 11.10 19.83
N PRO F 159 -96.12 10.64 21.06
CA PRO F 159 -95.08 10.79 22.10
C PRO F 159 -93.79 10.03 21.81
N GLU F 160 -93.75 9.17 20.79
CA GLU F 160 -92.54 8.45 20.43
C GLU F 160 -91.91 8.98 19.15
N THR F 161 -92.38 10.12 18.65
CA THR F 161 -91.78 10.73 17.47
C THR F 161 -90.50 11.44 17.86
N LYS F 162 -89.36 11.02 17.29
CA LYS F 162 -88.08 11.66 17.55
C LYS F 162 -87.45 12.28 16.32
N LEU F 163 -87.87 11.90 15.11
CA LEU F 163 -87.26 12.37 13.88
C LEU F 163 -88.35 12.66 12.86
N VAL F 164 -88.29 13.85 12.26
CA VAL F 164 -89.14 14.22 11.14
C VAL F 164 -88.23 14.54 9.97
N TRP F 165 -88.37 13.79 8.88
CA TRP F 165 -87.52 13.94 7.71
C TRP F 165 -88.34 14.54 6.57
N ILE F 166 -88.09 15.81 6.27
CA ILE F 166 -88.74 16.49 5.16
C ILE F 166 -87.70 16.83 4.10
N GLU F 167 -88.19 17.21 2.94
CA GLU F 167 -87.35 17.48 1.78
C GLU F 167 -88.11 18.44 0.89
N THR F 168 -87.54 19.62 0.64
CA THR F 168 -88.25 20.66 -0.09
C THR F 168 -87.29 21.43 -0.99
N PRO F 169 -87.57 21.54 -2.30
CA PRO F 169 -88.70 20.91 -2.98
C PRO F 169 -88.54 19.39 -3.07
N THR F 170 -89.66 18.67 -3.10
CA THR F 170 -89.59 17.22 -3.12
C THR F 170 -89.03 16.72 -4.44
N ASN F 171 -88.71 15.44 -4.47
CA ASN F 171 -88.09 14.78 -5.62
C ASN F 171 -89.02 13.67 -6.08
N PRO F 172 -89.60 13.74 -7.29
CA PRO F 172 -89.36 14.75 -8.33
C PRO F 172 -90.51 15.73 -8.58
N THR F 173 -91.62 15.61 -7.86
CA THR F 173 -92.78 16.46 -8.12
C THR F 173 -92.61 17.87 -7.57
N GLN F 174 -91.63 18.09 -6.68
CA GLN F 174 -91.20 19.42 -6.28
C GLN F 174 -92.30 20.19 -5.55
N LYS F 175 -92.92 19.54 -4.57
CA LYS F 175 -93.78 20.25 -3.64
C LYS F 175 -92.92 20.97 -2.60
N VAL F 176 -93.36 22.17 -2.22
CA VAL F 176 -92.61 23.01 -1.29
C VAL F 176 -93.24 22.94 0.09
N ILE F 177 -92.40 22.82 1.11
CA ILE F 177 -92.82 22.71 2.50
C ILE F 177 -92.38 23.96 3.25
N ASP F 178 -93.27 24.51 4.06
CA ASP F 178 -92.91 25.63 4.94
C ASP F 178 -92.02 25.10 6.05
N ILE F 179 -90.73 25.40 5.99
CA ILE F 179 -89.80 24.89 7.00
C ILE F 179 -90.02 25.59 8.33
N GLU F 180 -90.08 26.92 8.32
CA GLU F 180 -90.31 27.66 9.56
C GLU F 180 -91.60 27.24 10.23
N GLY F 181 -92.67 27.16 9.46
CA GLY F 181 -93.93 26.64 9.97
C GLY F 181 -93.74 25.25 10.52
N CYS F 182 -93.26 24.33 9.69
CA CYS F 182 -93.11 22.93 10.09
C CYS F 182 -92.21 22.79 11.31
N ALA F 183 -91.15 23.59 11.40
CA ALA F 183 -90.27 23.53 12.55
C ALA F 183 -90.99 23.97 13.82
N HIS F 184 -91.87 24.97 13.70
CA HIS F 184 -92.61 25.45 14.87
C HIS F 184 -93.51 24.36 15.43
N ILE F 185 -94.22 23.63 14.56
CA ILE F 185 -95.03 22.50 15.01
C ILE F 185 -94.17 21.49 15.74
N VAL F 186 -93.03 21.13 15.13
CA VAL F 186 -92.23 20.00 15.61
C VAL F 186 -91.63 20.31 16.98
N HIS F 187 -91.21 21.55 17.21
CA HIS F 187 -90.48 21.89 18.42
C HIS F 187 -91.39 22.22 19.60
N LYS F 188 -92.71 22.16 19.41
CA LYS F 188 -93.66 22.27 20.51
C LYS F 188 -93.75 21.00 21.34
N HIS F 189 -93.23 19.87 20.84
CA HIS F 189 -93.45 18.56 21.42
C HIS F 189 -92.28 18.06 22.24
N GLY F 190 -91.36 18.95 22.60
CA GLY F 190 -90.18 18.53 23.34
C GLY F 190 -89.06 18.04 22.44
N ASP F 191 -88.67 16.77 22.62
CA ASP F 191 -87.43 16.25 22.06
C ASP F 191 -87.70 15.63 20.68
N ILE F 192 -87.69 16.48 19.65
CA ILE F 192 -87.88 16.02 18.28
C ILE F 192 -86.87 16.72 17.36
N ILE F 193 -86.34 15.97 16.39
CA ILE F 193 -85.35 16.46 15.44
C ILE F 193 -86.03 16.68 14.09
N LEU F 194 -85.84 17.87 13.52
CA LEU F 194 -86.33 18.18 12.19
C LEU F 194 -85.15 18.27 11.23
N VAL F 195 -85.14 17.39 10.22
CA VAL F 195 -84.09 17.35 9.21
C VAL F 195 -84.68 17.86 7.89
N VAL F 196 -83.94 18.73 7.21
CA VAL F 196 -84.32 19.21 5.89
C VAL F 196 -83.25 18.78 4.90
N ASP F 197 -83.65 17.97 3.92
CA ASP F 197 -82.79 17.58 2.80
C ASP F 197 -82.78 18.74 1.80
N ASN F 198 -81.71 19.52 1.83
CA ASN F 198 -81.59 20.74 1.03
C ASN F 198 -80.89 20.50 -0.31
N THR F 199 -81.01 19.30 -0.86
CA THR F 199 -80.22 18.93 -2.04
C THR F 199 -80.64 19.74 -3.28
N PHE F 200 -81.94 19.92 -3.49
CA PHE F 200 -82.41 20.56 -4.72
C PHE F 200 -82.07 22.04 -4.77
N MET F 201 -81.89 22.68 -3.61
CA MET F 201 -81.72 24.13 -3.55
C MET F 201 -80.28 24.57 -3.34
N SER F 202 -79.54 23.88 -2.45
CA SER F 202 -78.19 24.22 -1.99
C SER F 202 -78.26 25.39 -1.01
N PRO F 203 -77.28 25.55 -0.11
CA PRO F 203 -77.38 26.64 0.89
C PRO F 203 -77.27 28.02 0.28
N TYR F 204 -76.96 28.13 -1.01
CA TYR F 204 -76.94 29.43 -1.67
C TYR F 204 -78.35 29.98 -1.86
N PHE F 205 -79.35 29.10 -1.97
CA PHE F 205 -80.73 29.50 -2.22
C PHE F 205 -81.67 29.22 -1.06
N GLN F 206 -81.28 28.38 -0.10
CA GLN F 206 -82.15 28.04 1.02
C GLN F 206 -81.28 27.63 2.20
N ARG F 207 -81.52 28.24 3.37
CA ARG F 207 -80.78 27.94 4.60
C ARG F 207 -81.76 27.37 5.62
N PRO F 208 -81.93 26.04 5.64
CA PRO F 208 -82.92 25.45 6.56
C PRO F 208 -82.65 25.71 8.03
N LEU F 209 -81.39 25.88 8.43
CA LEU F 209 -81.12 26.14 9.84
C LEU F 209 -81.64 27.51 10.25
N ALA F 210 -81.44 28.53 9.42
CA ALA F 210 -81.97 29.85 9.71
C ALA F 210 -83.49 29.86 9.73
N LEU F 211 -84.13 28.84 9.18
CA LEU F 211 -85.59 28.72 9.19
C LEU F 211 -86.10 27.83 10.31
N GLY F 212 -85.23 27.35 11.18
CA GLY F 212 -85.65 26.63 12.36
C GLY F 212 -85.46 25.13 12.34
N ALA F 213 -84.93 24.58 11.26
CA ALA F 213 -84.64 23.15 11.24
C ALA F 213 -83.45 22.84 12.14
N ASP F 214 -83.40 21.61 12.64
CA ASP F 214 -82.29 21.21 13.49
C ASP F 214 -81.09 20.71 12.68
N ILE F 215 -81.35 20.11 11.52
CA ILE F 215 -80.30 19.51 10.70
C ILE F 215 -80.53 19.91 9.24
N SER F 216 -79.49 20.44 8.60
CA SER F 216 -79.51 20.71 7.16
C SER F 216 -78.61 19.67 6.49
N MET F 217 -79.22 18.78 5.71
CA MET F 217 -78.51 17.65 5.11
C MET F 217 -78.49 17.76 3.60
N TYR F 218 -77.38 17.36 3.00
CA TYR F 218 -77.22 17.40 1.54
C TYR F 218 -76.76 16.06 1.01
N SER F 219 -77.15 15.78 -0.22
CA SER F 219 -76.42 14.85 -1.08
C SER F 219 -75.46 15.71 -1.89
N ALA F 220 -74.25 15.92 -1.35
CA ALA F 220 -73.26 16.75 -2.02
C ALA F 220 -72.89 16.23 -3.39
N THR F 221 -73.27 14.99 -3.71
CA THR F 221 -73.12 14.41 -5.03
C THR F 221 -73.73 15.28 -6.13
N1 LLP F 222 -81.29 12.76 -1.41
C2 LLP F 222 -81.76 13.49 -2.44
C2' LLP F 222 -82.91 14.51 -2.21
C3 LLP F 222 -81.21 13.31 -3.75
O3 LLP F 222 -81.71 14.07 -4.83
C4 LLP F 222 -80.20 12.40 -3.95
C4' LLP F 222 -79.56 12.21 -5.44
C5 LLP F 222 -79.72 11.67 -2.91
C6 LLP F 222 -80.26 11.84 -1.62
C5' LLP F 222 -78.58 10.64 -3.16
OP4 LLP F 222 -77.61 10.71 -2.14
P LLP F 222 -76.25 10.04 -2.46
OP1 LLP F 222 -76.06 8.85 -1.51
OP2 LLP F 222 -75.15 11.00 -2.33
OP3 LLP F 222 -76.30 9.53 -3.86
N LLP F 222 -74.73 16.07 -5.77
CA LLP F 222 -75.47 16.89 -6.76
CB LLP F 222 -76.93 16.95 -6.40
CG LLP F 222 -77.49 15.57 -6.06
CD LLP F 222 -77.19 14.53 -7.16
CE LLP F 222 -78.13 13.31 -7.01
NZ LLP F 222 -78.50 13.15 -5.59
C LLP F 222 -74.90 18.27 -6.89
O LLP F 222 -73.79 18.44 -7.38
N TYR F 223 -75.64 19.28 -6.44
CA TYR F 223 -75.26 20.68 -6.63
C TYR F 223 -73.99 21.12 -5.89
N MET F 224 -73.83 20.64 -4.66
CA MET F 224 -72.72 21.07 -3.80
C MET F 224 -71.39 20.95 -4.53
N ASN F 225 -71.00 19.73 -4.88
CA ASN F 225 -69.82 19.53 -5.71
C ASN F 225 -70.11 20.00 -7.15
N GLY F 226 -71.27 19.63 -7.68
CA GLY F 226 -71.74 20.15 -8.94
C GLY F 226 -70.99 19.71 -10.18
N HIS F 227 -70.04 18.79 -10.06
CA HIS F 227 -69.23 18.40 -11.21
C HIS F 227 -69.36 16.92 -11.57
N SER F 228 -70.35 16.22 -11.01
CA SER F 228 -70.72 14.87 -11.43
C SER F 228 -69.57 13.88 -11.29
N ASP F 229 -68.67 14.12 -10.33
CA ASP F 229 -67.50 13.26 -10.19
C ASP F 229 -67.15 12.98 -8.72
N VAL F 230 -68.10 13.18 -7.81
CA VAL F 230 -67.89 12.96 -6.38
C VAL F 230 -69.22 12.51 -5.78
N VAL F 231 -69.18 11.40 -5.03
CA VAL F 231 -70.32 10.95 -4.24
C VAL F 231 -70.03 11.33 -2.79
N MET F 232 -70.93 12.08 -2.17
CA MET F 232 -70.63 12.63 -0.86
C MET F 232 -71.89 13.11 -0.17
N GLY F 233 -71.94 12.96 1.15
CA GLY F 233 -72.97 13.55 1.97
C GLY F 233 -72.47 14.63 2.90
N LEU F 234 -73.35 15.53 3.31
CA LEU F 234 -73.01 16.60 4.24
C LEU F 234 -74.20 16.84 5.16
N VAL F 235 -73.94 16.98 6.46
CA VAL F 235 -74.97 17.40 7.39
C VAL F 235 -74.40 18.53 8.25
N SER F 236 -75.15 19.62 8.35
CA SER F 236 -74.75 20.79 9.12
C SER F 236 -75.72 20.97 10.27
N VAL F 237 -75.19 21.34 11.44
CA VAL F 237 -75.96 21.39 12.68
C VAL F 237 -75.46 22.53 13.55
N ASN F 238 -76.34 23.01 14.42
CA ASN F 238 -76.01 24.04 15.41
C ASN F 238 -75.96 23.48 16.83
N CYS F 239 -76.97 22.70 17.20
CA CYS F 239 -77.13 22.23 18.58
C CYS F 239 -75.91 21.44 19.04
N GLU F 240 -75.49 21.70 20.27
CA GLU F 240 -74.25 21.12 20.79
C GLU F 240 -74.39 19.62 21.01
N SER F 241 -75.42 19.20 21.75
CA SER F 241 -75.61 17.78 21.98
C SER F 241 -75.87 17.05 20.66
N LEU F 242 -76.66 17.67 19.77
CA LEU F 242 -76.93 17.06 18.47
C LEU F 242 -75.64 16.85 17.68
N HIS F 243 -74.69 17.77 17.79
CA HIS F 243 -73.42 17.61 17.09
C HIS F 243 -72.54 16.57 17.77
N ASN F 244 -72.50 16.57 19.10
CA ASN F 244 -71.69 15.60 19.84
C ASN F 244 -72.14 14.18 19.54
N ARG F 245 -73.45 13.95 19.43
CA ARG F 245 -73.93 12.63 19.06
C ARG F 245 -73.59 12.30 17.61
N LEU F 246 -73.74 13.27 16.71
CA LEU F 246 -73.44 13.02 15.30
C LEU F 246 -71.95 12.81 15.09
N ARG F 247 -71.11 13.63 15.74
CA ARG F 247 -69.66 13.45 15.60
C ARG F 247 -69.21 12.09 16.11
N PHE F 248 -69.84 11.61 17.18
CA PHE F 248 -69.54 10.26 17.68
C PHE F 248 -69.84 9.23 16.61
N LEU F 249 -71.01 9.30 15.98
CA LEU F 249 -71.42 8.30 15.01
C LEU F 249 -70.60 8.40 13.72
N GLN F 250 -70.07 9.58 13.41
CA GLN F 250 -69.18 9.69 12.25
C GLN F 250 -67.95 8.82 12.43
N ASN F 251 -67.32 8.91 13.60
CA ASN F 251 -66.15 8.08 13.89
C ASN F 251 -66.53 6.63 14.19
N SER F 252 -67.75 6.38 14.68
CA SER F 252 -68.13 5.03 15.11
C SER F 252 -68.75 4.19 14.00
N LEU F 253 -69.47 4.81 13.06
CA LEU F 253 -69.97 4.05 11.92
C LEU F 253 -68.99 4.08 10.75
N GLY F 254 -68.22 5.15 10.61
CA GLY F 254 -67.12 5.19 9.67
C GLY F 254 -67.48 5.43 8.23
N ALA F 255 -68.71 5.84 7.94
CA ALA F 255 -69.12 6.15 6.57
C ALA F 255 -68.55 7.49 6.12
N VAL F 256 -67.21 7.54 6.07
CA VAL F 256 -66.49 8.79 5.87
C VAL F 256 -66.02 8.91 4.42
N PRO F 257 -65.90 10.12 3.89
CA PRO F 257 -65.46 10.30 2.50
C PRO F 257 -63.94 10.30 2.38
N SER F 258 -63.49 10.16 1.14
CA SER F 258 -62.06 10.21 0.87
C SER F 258 -61.55 11.64 0.99
N PRO F 259 -60.36 11.84 1.53
CA PRO F 259 -59.75 13.18 1.49
C PRO F 259 -59.66 13.77 0.10
N ILE F 260 -59.51 12.94 -0.94
CA ILE F 260 -59.46 13.46 -2.30
C ILE F 260 -60.84 13.89 -2.76
N ASP F 261 -61.87 13.09 -2.43
CA ASP F 261 -63.23 13.50 -2.71
C ASP F 261 -63.58 14.77 -1.93
N CYS F 262 -63.04 14.89 -0.71
CA CYS F 262 -63.23 16.11 0.06
C CYS F 262 -62.59 17.30 -0.63
N TYR F 263 -61.36 17.13 -1.15
CA TYR F 263 -60.72 18.21 -1.86
C TYR F 263 -61.51 18.60 -3.11
N LEU F 264 -61.99 17.60 -3.85
CA LEU F 264 -62.74 17.88 -5.07
C LEU F 264 -64.05 18.59 -4.76
N CYS F 265 -64.76 18.14 -3.73
CA CYS F 265 -66.01 18.79 -3.37
C CYS F 265 -65.76 20.23 -2.93
N ASN F 266 -64.69 20.46 -2.17
CA ASN F 266 -64.37 21.82 -1.74
C ASN F 266 -63.97 22.68 -2.93
N ARG F 267 -63.31 22.10 -3.92
CA ARG F 267 -62.97 22.82 -5.14
C ARG F 267 -64.23 23.24 -5.89
N GLY F 268 -65.20 22.32 -6.03
CA GLY F 268 -66.45 22.68 -6.63
C GLY F 268 -67.22 23.73 -5.84
N LEU F 269 -66.97 23.80 -4.53
CA LEU F 269 -67.64 24.79 -3.69
C LEU F 269 -67.24 26.21 -4.08
N LYS F 270 -66.01 26.40 -4.53
CA LYS F 270 -65.52 27.74 -4.85
C LYS F 270 -66.30 28.37 -6.01
N THR F 271 -67.05 27.58 -6.78
CA THR F 271 -67.87 28.10 -7.86
C THR F 271 -69.36 27.86 -7.62
N LEU F 272 -69.76 27.48 -6.40
CA LEU F 272 -71.16 27.17 -6.15
C LEU F 272 -72.06 28.36 -6.43
N HIS F 273 -71.61 29.56 -6.05
CA HIS F 273 -72.46 30.74 -6.22
C HIS F 273 -72.66 31.08 -7.70
N VAL F 274 -71.56 31.10 -8.48
CA VAL F 274 -71.72 31.42 -9.91
C VAL F 274 -72.44 30.30 -10.63
N ARG F 275 -72.28 29.05 -10.19
CA ARG F 275 -73.00 27.95 -10.82
C ARG F 275 -74.50 28.04 -10.51
N MET F 276 -74.86 28.26 -9.25
CA MET F 276 -76.26 28.25 -8.87
C MET F 276 -77.04 29.39 -9.54
N GLU F 277 -76.42 30.54 -9.70
CA GLU F 277 -77.11 31.64 -10.36
C GLU F 277 -77.35 31.34 -11.83
N ARG F 278 -76.41 30.64 -12.47
CA ARG F 278 -76.64 30.22 -13.85
C ARG F 278 -77.65 29.08 -13.94
N HIS F 279 -77.65 28.17 -12.97
CA HIS F 279 -78.71 27.17 -12.88
C HIS F 279 -80.06 27.86 -12.73
N PHE F 280 -80.11 28.95 -11.97
CA PHE F 280 -81.34 29.73 -11.82
C PHE F 280 -81.76 30.34 -13.16
N LYS F 281 -80.83 31.03 -13.82
CA LYS F 281 -81.14 31.70 -15.08
C LYS F 281 -81.57 30.70 -16.14
N ASN F 282 -80.79 29.62 -16.32
CA ASN F 282 -81.12 28.62 -17.32
C ASN F 282 -82.41 27.89 -16.98
N GLY F 283 -82.62 27.59 -15.69
CA GLY F 283 -83.81 26.86 -15.30
C GLY F 283 -85.09 27.64 -15.56
N MET F 284 -85.09 28.91 -15.19
CA MET F 284 -86.25 29.77 -15.43
C MET F 284 -86.59 29.83 -16.92
N ALA F 285 -85.56 30.03 -17.75
CA ALA F 285 -85.79 30.10 -19.20
C ALA F 285 -86.37 28.79 -19.74
N VAL F 286 -85.86 27.66 -19.25
CA VAL F 286 -86.38 26.36 -19.69
C VAL F 286 -87.82 26.20 -19.22
N ALA F 287 -88.09 26.55 -17.96
CA ALA F 287 -89.45 26.39 -17.43
C ALA F 287 -90.44 27.28 -18.16
N GLN F 288 -90.04 28.50 -18.49
CA GLN F 288 -90.91 29.39 -19.25
C GLN F 288 -91.13 28.86 -20.66
N PHE F 289 -90.07 28.39 -21.31
CA PHE F 289 -90.22 27.82 -22.66
C PHE F 289 -91.17 26.64 -22.63
N LEU F 290 -91.01 25.75 -21.65
CA LEU F 290 -91.84 24.55 -21.60
C LEU F 290 -93.30 24.88 -21.34
N GLU F 291 -93.56 25.90 -20.50
CA GLU F 291 -94.94 26.19 -20.13
C GLU F 291 -95.74 26.73 -21.31
N SER F 292 -95.11 27.54 -22.17
CA SER F 292 -95.78 28.09 -23.33
C SER F 292 -95.71 27.18 -24.55
N ASN F 293 -95.20 25.96 -24.38
CA ASN F 293 -95.07 25.03 -25.51
C ASN F 293 -96.34 24.20 -25.65
N PRO F 294 -96.89 24.08 -26.86
CA PRO F 294 -98.18 23.39 -27.03
C PRO F 294 -98.16 21.92 -26.68
N TRP F 295 -96.99 21.31 -26.54
CA TRP F 295 -96.90 19.87 -26.28
C TRP F 295 -96.58 19.56 -24.84
N VAL F 296 -96.68 20.54 -23.94
CA VAL F 296 -96.41 20.36 -22.53
C VAL F 296 -97.71 20.58 -21.77
N GLU F 297 -98.12 19.55 -21.02
CA GLU F 297 -99.37 19.62 -20.26
C GLU F 297 -99.22 20.56 -19.06
N LYS F 298 -98.10 20.47 -18.35
CA LYS F 298 -97.95 21.16 -17.07
C LYS F 298 -96.48 21.23 -16.74
N VAL F 299 -96.05 22.35 -16.17
CA VAL F 299 -94.68 22.55 -15.72
C VAL F 299 -94.70 22.78 -14.22
N ILE F 300 -93.73 22.20 -13.51
CA ILE F 300 -93.56 22.38 -12.08
C ILE F 300 -92.18 23.01 -11.87
N TYR F 301 -92.16 24.31 -11.58
CA TYR F 301 -90.90 24.96 -11.27
C TYR F 301 -91.12 26.02 -10.19
N PRO F 302 -90.44 25.90 -9.06
CA PRO F 302 -90.66 26.85 -7.95
C PRO F 302 -90.50 28.31 -8.33
N GLY F 303 -89.70 28.62 -9.35
CA GLY F 303 -89.55 29.99 -9.79
C GLY F 303 -90.72 30.54 -10.59
N LEU F 304 -91.64 29.68 -11.02
CA LEU F 304 -92.77 30.08 -11.87
C LEU F 304 -93.97 30.48 -11.01
N PRO F 305 -94.63 31.58 -11.36
CA PRO F 305 -95.86 31.96 -10.65
C PRO F 305 -96.91 30.87 -10.63
N SER F 306 -96.93 30.00 -11.65
CA SER F 306 -97.89 28.90 -11.70
C SER F 306 -97.62 27.84 -10.65
N HIS F 307 -96.50 27.91 -9.93
CA HIS F 307 -96.20 26.90 -8.93
C HIS F 307 -97.13 27.08 -7.73
N PRO F 308 -97.76 26.01 -7.24
CA PRO F 308 -98.73 26.16 -6.15
C PRO F 308 -98.19 26.82 -4.89
N GLN F 309 -96.89 26.68 -4.60
CA GLN F 309 -96.27 27.28 -3.43
C GLN F 309 -95.24 28.35 -3.79
N HIS F 310 -95.47 29.05 -4.91
CA HIS F 310 -94.48 30.00 -5.41
C HIS F 310 -94.27 31.15 -4.44
N GLU F 311 -95.32 31.59 -3.75
CA GLU F 311 -95.15 32.68 -2.79
C GLU F 311 -94.44 32.19 -1.53
N LEU F 312 -94.69 30.95 -1.12
CA LEU F 312 -93.92 30.36 -0.04
C LEU F 312 -92.44 30.24 -0.42
N VAL F 313 -92.15 29.99 -1.70
CA VAL F 313 -90.77 29.88 -2.16
C VAL F 313 -90.04 31.20 -1.96
N LYS F 314 -90.65 32.30 -2.42
CA LYS F 314 -89.98 33.60 -2.33
C LYS F 314 -89.86 34.09 -0.89
N ARG F 315 -90.77 33.67 -0.02
CA ARG F 315 -90.69 34.00 1.40
C ARG F 315 -89.59 33.21 2.09
N GLN F 316 -89.10 32.15 1.45
CA GLN F 316 -88.24 31.16 2.07
C GLN F 316 -86.89 30.98 1.37
N CYS F 317 -86.75 31.40 0.12
CA CYS F 317 -85.56 31.15 -0.67
C CYS F 317 -85.09 32.44 -1.32
N THR F 318 -83.81 32.45 -1.73
CA THR F 318 -83.21 33.59 -2.42
C THR F 318 -83.22 33.40 -3.94
N GLY F 319 -83.86 32.35 -4.42
CA GLY F 319 -83.80 31.97 -5.82
C GLY F 319 -84.13 30.50 -5.94
N CYS F 320 -83.78 29.93 -7.10
CA CYS F 320 -84.17 28.57 -7.38
C CYS F 320 -83.11 27.86 -8.20
N GLY F 321 -83.10 26.54 -8.10
CA GLY F 321 -82.14 25.72 -8.82
C GLY F 321 -82.56 25.44 -10.25
N GLY F 322 -81.80 24.56 -10.89
CA GLY F 322 -82.03 24.18 -12.27
C GLY F 322 -82.94 22.99 -12.48
N MET F 323 -83.56 22.48 -11.43
CA MET F 323 -84.42 21.31 -11.52
C MET F 323 -85.80 21.73 -12.02
N VAL F 324 -86.15 21.31 -13.23
CA VAL F 324 -87.42 21.66 -13.87
C VAL F 324 -88.16 20.36 -14.15
N THR F 325 -89.37 20.24 -13.61
CA THR F 325 -90.22 19.08 -13.81
C THR F 325 -91.41 19.47 -14.68
N PHE F 326 -91.80 18.58 -15.58
CA PHE F 326 -92.92 18.90 -16.47
C PHE F 326 -93.56 17.60 -16.98
N TYR F 327 -94.80 17.74 -17.45
CA TYR F 327 -95.55 16.63 -18.01
C TYR F 327 -95.62 16.78 -19.52
N ILE F 328 -95.20 15.73 -20.22
CA ILE F 328 -95.29 15.70 -21.68
C ILE F 328 -96.72 15.39 -22.09
N LYS F 329 -97.19 16.04 -23.15
CA LYS F 329 -98.48 15.68 -23.72
C LYS F 329 -98.41 14.26 -24.31
N GLY F 330 -99.48 13.50 -24.11
CA GLY F 330 -99.56 12.18 -24.69
C GLY F 330 -99.32 11.06 -23.69
N THR F 331 -98.69 9.99 -24.14
CA THR F 331 -98.48 8.78 -23.35
C THR F 331 -96.99 8.54 -23.15
N LEU F 332 -96.67 7.39 -22.55
CA LEU F 332 -95.28 7.02 -22.32
C LEU F 332 -94.50 6.96 -23.63
N GLN F 333 -95.16 6.59 -24.72
CA GLN F 333 -94.50 6.54 -26.03
C GLN F 333 -93.90 7.89 -26.39
N HIS F 334 -94.62 8.98 -26.10
CA HIS F 334 -94.10 10.30 -26.41
C HIS F 334 -92.95 10.68 -25.48
N ALA F 335 -93.06 10.32 -24.20
CA ALA F 335 -91.98 10.57 -23.26
C ALA F 335 -90.69 9.92 -23.74
N GLU F 336 -90.77 8.68 -24.21
CA GLU F 336 -89.58 7.99 -24.69
C GLU F 336 -89.03 8.64 -25.97
N ILE F 337 -89.91 8.91 -26.94
CA ILE F 337 -89.47 9.56 -28.18
C ILE F 337 -88.81 10.90 -27.88
N PHE F 338 -89.37 11.64 -26.92
CA PHE F 338 -88.77 12.92 -26.54
C PHE F 338 -87.39 12.72 -25.95
N LEU F 339 -87.27 11.81 -24.98
CA LEU F 339 -86.01 11.64 -24.26
C LEU F 339 -84.90 11.13 -25.18
N LYS F 340 -85.23 10.18 -26.06
CA LYS F 340 -84.21 9.58 -26.90
C LYS F 340 -83.77 10.50 -28.03
N ASN F 341 -84.54 11.54 -28.32
CA ASN F 341 -84.18 12.50 -29.35
C ASN F 341 -83.43 13.71 -28.81
N LEU F 342 -83.32 13.84 -27.50
CA LEU F 342 -82.48 14.90 -26.94
C LEU F 342 -81.02 14.65 -27.31
N LYS F 343 -80.35 15.70 -27.79
CA LYS F 343 -78.95 15.61 -28.16
C LYS F 343 -78.03 16.37 -27.22
N LEU F 344 -78.57 17.27 -26.41
CA LEU F 344 -77.80 18.04 -25.45
C LEU F 344 -78.08 17.60 -24.01
N PHE F 345 -79.35 17.53 -23.61
CA PHE F 345 -79.70 16.84 -22.38
C PHE F 345 -79.31 15.38 -22.51
N THR F 346 -78.59 14.87 -21.51
CA THR F 346 -78.18 13.47 -21.51
C THR F 346 -79.19 12.65 -20.72
N LEU F 347 -79.68 11.57 -21.33
CA LEU F 347 -80.58 10.64 -20.66
C LEU F 347 -79.78 9.91 -19.60
N ALA F 348 -79.91 10.34 -18.36
CA ALA F 348 -79.12 9.76 -17.28
C ALA F 348 -79.76 10.11 -15.95
N VAL F 349 -79.28 9.45 -14.91
CA VAL F 349 -79.77 9.58 -13.54
C VAL F 349 -78.99 10.69 -12.85
N SER F 350 -79.39 11.04 -11.63
CA SER F 350 -78.75 12.08 -10.83
C SER F 350 -79.01 13.48 -11.39
N LEU F 351 -78.43 14.50 -10.76
CA LEU F 351 -78.79 15.90 -11.03
C LEU F 351 -77.72 16.83 -10.46
N GLY F 352 -77.83 18.10 -10.82
CA GLY F 352 -77.08 19.15 -10.16
C GLY F 352 -75.70 19.42 -10.70
N GLY F 353 -75.29 18.77 -11.79
CA GLY F 353 -74.00 19.02 -12.39
C GLY F 353 -74.05 20.15 -13.40
N PHE F 354 -72.89 20.44 -13.98
CA PHE F 354 -72.80 21.47 -15.01
C PHE F 354 -73.46 21.04 -16.31
N GLU F 355 -73.64 19.74 -16.52
CA GLU F 355 -74.30 19.23 -17.71
C GLU F 355 -75.81 19.09 -17.47
N SER F 356 -76.58 19.27 -18.52
CA SER F 356 -78.02 19.08 -18.45
C SER F 356 -78.36 17.59 -18.55
N LEU F 357 -79.25 17.14 -17.67
CA LEU F 357 -79.66 15.74 -17.63
C LEU F 357 -81.17 15.64 -17.74
N ALA F 358 -81.63 14.52 -18.31
CA ALA F 358 -83.05 14.23 -18.43
C ALA F 358 -83.31 12.82 -17.93
N GLU F 359 -84.54 12.57 -17.50
CA GLU F 359 -84.86 11.33 -16.82
C GLU F 359 -86.38 11.17 -16.75
N LEU F 360 -86.83 9.91 -16.73
CA LEU F 360 -88.23 9.57 -16.56
C LEU F 360 -88.42 8.85 -15.23
N PRO F 361 -88.74 9.56 -14.15
CA PRO F 361 -88.70 8.96 -12.81
C PRO F 361 -89.52 7.70 -12.64
N ALA F 362 -90.62 7.53 -13.39
CA ALA F 362 -91.41 6.31 -13.26
C ALA F 362 -90.62 5.09 -13.72
N SER F 363 -89.71 5.26 -14.68
CA SER F 363 -88.90 4.17 -15.18
C SER F 363 -87.51 4.11 -14.56
N MET F 364 -87.02 5.20 -13.95
CA MET F 364 -85.62 5.24 -13.55
C MET F 364 -85.44 5.43 -12.04
N THR F 365 -85.43 6.67 -11.52
CA THR F 365 -85.13 6.85 -10.10
C THR F 365 -86.23 6.39 -9.17
N HIS F 366 -87.49 6.47 -9.59
CA HIS F 366 -88.59 6.12 -8.70
C HIS F 366 -89.34 4.89 -9.20
N ALA F 367 -88.62 3.99 -9.87
CA ALA F 367 -89.10 2.63 -10.03
C ALA F 367 -88.95 1.83 -8.75
N SER F 368 -88.15 2.33 -7.80
CA SER F 368 -88.06 1.72 -6.48
C SER F 368 -89.27 2.05 -5.61
N VAL F 369 -89.99 3.12 -5.94
CA VAL F 369 -91.24 3.46 -5.24
C VAL F 369 -92.38 2.66 -5.86
N LEU F 370 -93.32 2.25 -5.02
CA LEU F 370 -94.42 1.40 -5.46
C LEU F 370 -95.28 2.10 -6.52
N LYS F 371 -96.03 1.29 -7.25
CA LYS F 371 -96.74 1.78 -8.44
C LYS F 371 -97.74 2.87 -8.08
N ASN F 372 -98.66 2.56 -7.18
CA ASN F 372 -99.73 3.50 -6.87
C ASN F 372 -99.40 4.42 -5.71
N ASP F 373 -98.23 4.25 -5.08
CA ASP F 373 -97.67 5.38 -4.37
C ASP F 373 -97.17 6.43 -5.35
N ARG F 374 -96.90 6.04 -6.60
CA ARG F 374 -96.50 6.99 -7.64
C ARG F 374 -97.69 7.68 -8.29
N ASP F 375 -98.81 6.98 -8.47
CA ASP F 375 -99.97 7.59 -9.08
C ASP F 375 -100.73 8.50 -8.14
N VAL F 376 -100.51 8.34 -6.82
CA VAL F 376 -101.03 9.32 -5.87
C VAL F 376 -100.11 10.54 -5.81
N LEU F 377 -98.80 10.32 -5.88
CA LEU F 377 -97.86 11.43 -5.96
C LEU F 377 -97.93 12.16 -7.30
N GLY F 378 -98.45 11.50 -8.34
CA GLY F 378 -98.45 12.07 -9.67
C GLY F 378 -97.25 11.72 -10.50
N ILE F 379 -96.48 10.71 -10.11
CA ILE F 379 -95.34 10.24 -10.88
C ILE F 379 -95.86 9.32 -11.98
N SER F 380 -96.48 9.91 -13.00
CA SER F 380 -97.09 9.15 -14.07
C SER F 380 -96.05 8.79 -15.12
N ASP F 381 -96.50 8.11 -16.18
CA ASP F 381 -95.61 7.74 -17.27
C ASP F 381 -95.22 8.93 -18.14
N THR F 382 -95.80 10.10 -17.91
CA THR F 382 -95.49 11.30 -18.68
C THR F 382 -94.73 12.35 -17.88
N LEU F 383 -94.45 12.09 -16.61
CA LEU F 383 -93.68 13.03 -15.81
C LEU F 383 -92.20 12.91 -16.15
N ILE F 384 -91.59 14.02 -16.54
CA ILE F 384 -90.18 14.06 -16.92
C ILE F 384 -89.48 15.05 -16.00
N ARG F 385 -88.34 14.64 -15.44
CA ARG F 385 -87.53 15.49 -14.59
C ARG F 385 -86.29 15.94 -15.35
N LEU F 386 -86.03 17.24 -15.35
CA LEU F 386 -84.90 17.84 -16.05
C LEU F 386 -83.96 18.49 -15.04
N SER F 387 -82.68 18.21 -15.17
CA SER F 387 -81.64 18.94 -14.44
C SER F 387 -80.98 19.87 -15.46
N VAL F 388 -81.37 21.14 -15.44
CA VAL F 388 -80.86 22.10 -16.40
C VAL F 388 -79.44 22.49 -16.02
N GLY F 389 -78.50 22.32 -16.93
CA GLY F 389 -77.10 22.58 -16.70
C GLY F 389 -76.69 24.00 -17.06
N LEU F 390 -75.39 24.18 -17.22
CA LEU F 390 -74.80 25.49 -17.46
C LEU F 390 -74.44 25.72 -18.93
N GLU F 391 -75.10 25.01 -19.84
CA GLU F 391 -74.87 25.23 -21.26
C GLU F 391 -75.53 26.53 -21.70
N ASP F 392 -75.37 26.86 -22.98
CA ASP F 392 -75.96 28.08 -23.51
C ASP F 392 -77.47 27.94 -23.57
N GLU F 393 -78.18 28.97 -23.08
CA GLU F 393 -79.62 28.91 -22.89
C GLU F 393 -80.34 28.53 -24.18
N GLU F 394 -79.96 29.15 -25.29
CA GLU F 394 -80.66 28.89 -26.56
C GLU F 394 -80.37 27.48 -27.08
N ASP F 395 -79.15 26.98 -26.86
CA ASP F 395 -78.86 25.61 -27.22
C ASP F 395 -79.75 24.64 -26.45
N LEU F 396 -79.97 24.91 -25.16
CA LEU F 396 -80.87 24.07 -24.38
C LEU F 396 -82.28 24.12 -24.92
N LEU F 397 -82.78 25.33 -25.19
CA LEU F 397 -84.15 25.47 -25.68
C LEU F 397 -84.32 24.81 -27.04
N GLU F 398 -83.36 24.99 -27.94
CA GLU F 398 -83.43 24.35 -29.25
C GLU F 398 -83.42 22.83 -29.11
N ASP F 399 -82.69 22.30 -28.12
CA ASP F 399 -82.70 20.86 -27.90
C ASP F 399 -84.07 20.39 -27.45
N LEU F 400 -84.67 21.08 -26.47
CA LEU F 400 -86.01 20.72 -26.01
C LEU F 400 -87.03 20.89 -27.11
N ASP F 401 -86.94 21.99 -27.86
CA ASP F 401 -87.86 22.24 -28.97
C ASP F 401 -87.82 21.11 -29.99
N GLN F 402 -86.62 20.78 -30.47
CA GLN F 402 -86.47 19.73 -31.48
C GLN F 402 -86.98 18.40 -30.97
N ALA F 403 -86.76 18.10 -29.68
CA ALA F 403 -87.14 16.80 -29.15
C ALA F 403 -88.64 16.67 -28.96
N LEU F 404 -89.31 17.75 -28.57
CA LEU F 404 -90.77 17.74 -28.51
C LEU F 404 -91.37 17.59 -29.90
N LYS F 405 -90.78 18.25 -30.90
CA LYS F 405 -91.26 18.11 -32.27
C LYS F 405 -91.13 16.67 -32.74
N ALA F 406 -90.05 15.99 -32.36
CA ALA F 406 -89.89 14.59 -32.74
C ALA F 406 -91.02 13.75 -32.18
N ALA F 407 -91.42 14.00 -30.92
CA ALA F 407 -92.52 13.26 -30.32
C ALA F 407 -93.87 13.71 -30.85
N HIS F 408 -94.00 15.01 -31.13
CA HIS F 408 -95.26 15.58 -31.60
C HIS F 408 -94.96 16.41 -32.84
N PRO F 409 -94.80 15.77 -33.99
CA PRO F 409 -94.42 16.49 -35.20
C PRO F 409 -95.61 17.25 -35.79
N PRO F 410 -95.35 18.40 -36.41
CA PRO F 410 -96.38 19.16 -37.14
C PRO F 410 -96.96 18.34 -38.29
N GLY G 20 -70.38 48.36 -25.58
CA GLY G 20 -70.49 47.67 -26.86
C GLY G 20 -69.28 46.81 -27.19
N PHE G 21 -69.07 45.76 -26.39
CA PHE G 21 -68.03 44.79 -26.69
C PHE G 21 -68.48 43.88 -27.83
N LEU G 22 -67.53 43.13 -28.37
CA LEU G 22 -67.85 42.12 -29.36
C LEU G 22 -68.91 41.17 -28.81
N PRO G 23 -69.85 40.70 -29.64
CA PRO G 23 -70.85 39.75 -29.14
C PRO G 23 -70.19 38.47 -28.65
N HIS G 24 -70.76 37.92 -27.56
CA HIS G 24 -70.18 36.74 -26.94
C HIS G 24 -70.13 35.58 -27.93
N PHE G 25 -69.05 34.80 -27.84
CA PHE G 25 -68.84 33.69 -28.76
C PHE G 25 -69.96 32.66 -28.63
N GLN G 26 -70.52 32.24 -29.76
CA GLN G 26 -71.67 31.37 -29.79
C GLN G 26 -71.28 29.94 -29.42
N HIS G 27 -72.14 29.30 -28.62
CA HIS G 27 -72.02 27.91 -28.16
C HIS G 27 -70.84 27.68 -27.22
N PHE G 28 -70.23 28.74 -26.69
CA PHE G 28 -69.02 28.56 -25.89
C PHE G 28 -69.28 27.66 -24.67
N ALA G 29 -70.33 27.98 -23.91
CA ALA G 29 -70.63 27.18 -22.72
C ALA G 29 -71.03 25.76 -23.10
N THR G 30 -71.80 25.60 -24.18
CA THR G 30 -72.19 24.28 -24.65
C THR G 30 -70.96 23.46 -25.02
N GLN G 31 -70.01 24.07 -25.73
CA GLN G 31 -68.85 23.33 -26.18
C GLN G 31 -67.87 23.08 -25.05
N ALA G 32 -67.78 24.02 -24.10
CA ALA G 32 -66.91 23.81 -22.94
C ALA G 32 -67.37 22.63 -22.10
N ILE G 33 -68.66 22.30 -22.16
CA ILE G 33 -69.19 21.22 -21.34
C ILE G 33 -69.23 19.88 -22.08
N HIS G 34 -69.39 19.89 -23.39
CA HIS G 34 -69.70 18.67 -24.13
C HIS G 34 -68.62 18.22 -25.11
N VAL G 35 -67.78 19.13 -25.63
CA VAL G 35 -66.78 18.74 -26.61
C VAL G 35 -65.74 17.84 -25.96
N GLY G 36 -65.54 16.66 -26.56
CA GLY G 36 -64.65 15.67 -26.01
C GLY G 36 -65.21 14.87 -24.85
N GLN G 37 -66.39 15.23 -24.37
CA GLN G 37 -67.01 14.60 -23.21
C GLN G 37 -68.10 13.60 -23.60
N ASP G 38 -68.12 13.18 -24.86
CA ASP G 38 -69.15 12.30 -25.37
C ASP G 38 -69.13 10.96 -24.64
N PRO G 39 -70.23 10.56 -23.99
CA PRO G 39 -70.24 9.30 -23.24
C PRO G 39 -69.98 8.07 -24.10
N GLU G 40 -70.27 8.12 -25.41
CA GLU G 40 -70.11 6.94 -26.25
C GLU G 40 -68.66 6.48 -26.38
N GLN G 41 -67.70 7.32 -25.99
CA GLN G 41 -66.29 6.93 -26.06
C GLN G 41 -65.95 5.81 -25.10
N TRP G 42 -66.74 5.60 -24.06
CA TRP G 42 -66.43 4.65 -23.00
C TRP G 42 -67.45 3.54 -22.99
N THR G 43 -66.99 2.32 -22.68
CA THR G 43 -67.88 1.18 -22.54
C THR G 43 -68.96 1.44 -21.49
N SER G 44 -68.63 2.23 -20.45
CA SER G 44 -69.57 2.54 -19.40
C SER G 44 -70.59 3.60 -19.80
N ARG G 45 -70.31 4.37 -20.85
CA ARG G 45 -71.09 5.55 -21.20
C ARG G 45 -71.13 6.54 -20.04
N ALA G 46 -69.99 6.67 -19.35
CA ALA G 46 -69.84 7.65 -18.28
C ALA G 46 -70.01 9.05 -18.84
N VAL G 47 -70.71 9.91 -18.09
CA VAL G 47 -70.94 11.27 -18.55
C VAL G 47 -69.71 12.14 -18.35
N VAL G 48 -68.81 11.74 -17.47
CA VAL G 48 -67.52 12.39 -17.26
C VAL G 48 -66.43 11.44 -17.75
N PRO G 49 -65.50 11.89 -18.58
CA PRO G 49 -64.45 11.00 -19.08
C PRO G 49 -63.59 10.48 -17.94
N PRO G 50 -63.31 9.19 -17.91
CA PRO G 50 -62.45 8.64 -16.85
C PRO G 50 -61.02 9.15 -16.99
N ILE G 51 -60.33 9.20 -15.85
CA ILE G 51 -58.92 9.58 -15.83
C ILE G 51 -58.09 8.35 -16.16
N SER G 52 -57.45 8.35 -17.32
CA SER G 52 -56.69 7.19 -17.79
C SER G 52 -55.21 7.42 -17.47
N LEU G 53 -54.76 6.84 -16.35
CA LEU G 53 -53.36 6.95 -15.94
C LEU G 53 -52.45 6.01 -16.70
N SER G 54 -53.01 4.98 -17.34
CA SER G 54 -52.21 3.92 -17.94
C SER G 54 -51.16 4.47 -18.89
N THR G 55 -49.91 4.03 -18.68
CA THR G 55 -48.81 4.46 -19.54
C THR G 55 -48.81 3.75 -20.88
N THR G 56 -49.27 2.50 -20.93
CA THR G 56 -49.21 1.71 -22.15
C THR G 56 -50.56 1.04 -22.40
N PHE G 57 -50.69 0.47 -23.59
CA PHE G 57 -51.96 -0.06 -24.07
C PHE G 57 -51.73 -1.39 -24.78
N LYS G 58 -52.66 -2.32 -24.59
CA LYS G 58 -52.56 -3.63 -25.24
C LYS G 58 -52.80 -3.49 -26.74
N GLN G 59 -52.03 -4.23 -27.53
CA GLN G 59 -52.13 -4.20 -28.98
C GLN G 59 -52.52 -5.58 -29.51
N GLY G 60 -53.33 -5.58 -30.58
CA GLY G 60 -53.71 -6.83 -31.21
C GLY G 60 -52.62 -7.49 -32.01
N ALA G 61 -51.65 -6.72 -32.47
CA ALA G 61 -50.53 -7.23 -33.26
C ALA G 61 -49.48 -6.13 -33.36
N PRO G 62 -48.20 -6.49 -33.59
CA PRO G 62 -47.14 -5.50 -33.81
C PRO G 62 -47.48 -4.49 -34.91
N SER G 66 -56.71 0.06 -31.53
CA SER G 66 -57.01 0.83 -30.33
C SER G 66 -56.98 2.33 -30.61
N GLY G 67 -55.85 2.79 -31.16
CA GLY G 67 -55.62 4.20 -31.33
C GLY G 67 -54.72 4.82 -30.29
N PHE G 68 -54.31 4.06 -29.29
CA PHE G 68 -53.41 4.54 -28.24
C PHE G 68 -52.26 3.54 -28.10
N ILE G 69 -51.04 4.06 -28.12
CA ILE G 69 -49.83 3.24 -28.02
C ILE G 69 -49.10 3.50 -26.72
N TYR G 70 -48.80 4.76 -26.43
CA TYR G 70 -47.99 5.14 -25.29
C TYR G 70 -48.50 6.47 -24.77
N SER G 71 -48.53 6.61 -23.43
CA SER G 71 -49.22 7.74 -22.82
C SER G 71 -48.67 9.08 -23.31
N ARG G 72 -47.35 9.21 -23.41
CA ARG G 72 -46.76 10.46 -23.88
C ARG G 72 -47.23 10.81 -25.27
N LEU G 73 -47.27 9.82 -26.17
CA LEU G 73 -47.68 10.05 -27.54
C LEU G 73 -49.16 10.45 -27.62
N GLY G 74 -49.97 9.99 -26.68
CA GLY G 74 -51.38 10.29 -26.67
C GLY G 74 -52.12 9.39 -25.72
N ASN G 75 -53.07 9.96 -24.97
CA ASN G 75 -53.85 9.21 -24.00
C ASN G 75 -55.25 9.80 -23.97
N PRO G 76 -56.27 9.00 -23.61
CA PRO G 76 -57.65 9.48 -23.71
C PRO G 76 -57.93 10.79 -22.98
N THR G 77 -57.53 10.90 -21.71
CA THR G 77 -57.90 12.07 -20.93
C THR G 77 -57.32 13.36 -21.52
N ARG G 78 -56.04 13.34 -21.91
CA ARG G 78 -55.46 14.51 -22.54
C ARG G 78 -56.15 14.83 -23.86
N ASN G 79 -56.45 13.80 -24.67
CA ASN G 79 -57.07 14.03 -25.96
C ASN G 79 -58.45 14.67 -25.81
N CYS G 80 -59.20 14.26 -24.79
CA CYS G 80 -60.50 14.89 -24.55
C CYS G 80 -60.34 16.35 -24.18
N LEU G 81 -59.34 16.66 -23.35
CA LEU G 81 -59.08 18.05 -22.99
C LEU G 81 -58.69 18.87 -24.20
N GLU G 82 -57.79 18.34 -25.03
CA GLU G 82 -57.31 19.07 -26.21
C GLU G 82 -58.46 19.38 -27.15
N LYS G 83 -59.34 18.42 -27.39
CA LYS G 83 -60.51 18.67 -28.23
C LYS G 83 -61.33 19.84 -27.70
N ALA G 84 -61.51 19.90 -26.37
CA ALA G 84 -62.35 20.94 -25.78
C ALA G 84 -61.72 22.32 -25.94
N VAL G 85 -60.43 22.45 -25.60
CA VAL G 85 -59.78 23.75 -25.71
C VAL G 85 -59.77 24.23 -27.15
N ALA G 86 -59.56 23.32 -28.11
CA ALA G 86 -59.56 23.69 -29.52
C ALA G 86 -60.90 24.29 -29.93
N ALA G 87 -62.00 23.69 -29.48
CA ALA G 87 -63.31 24.23 -29.79
C ALA G 87 -63.51 25.61 -29.17
N LEU G 88 -63.09 25.78 -27.92
CA LEU G 88 -63.23 27.06 -27.24
C LEU G 88 -62.43 28.15 -27.93
N ASP G 89 -61.27 27.80 -28.49
CA ASP G 89 -60.45 28.74 -29.24
C ASP G 89 -60.93 28.93 -30.68
N GLY G 90 -61.98 28.24 -31.10
CA GLY G 90 -62.38 28.23 -32.49
C GLY G 90 -61.30 27.61 -33.37
N ALA G 91 -60.50 26.72 -32.81
CA ALA G 91 -59.37 26.12 -33.48
C ALA G 91 -59.68 24.71 -33.96
N LYS G 92 -58.87 24.24 -34.91
CA LYS G 92 -58.96 22.86 -35.35
C LYS G 92 -58.18 21.91 -34.43
N TYR G 93 -57.06 22.37 -33.88
CA TYR G 93 -56.22 21.53 -33.05
C TYR G 93 -55.76 22.29 -31.81
N CYS G 94 -55.43 21.53 -30.78
CA CYS G 94 -54.86 22.07 -29.55
C CYS G 94 -53.93 21.02 -28.95
N LEU G 95 -52.85 21.49 -28.32
CA LEU G 95 -51.88 20.61 -27.68
C LEU G 95 -51.66 21.05 -26.25
N ALA G 96 -51.68 20.11 -25.32
CA ALA G 96 -51.49 20.39 -23.90
C ALA G 96 -50.04 20.14 -23.50
N PHE G 97 -49.57 20.86 -22.49
CA PHE G 97 -48.18 20.77 -22.07
C PHE G 97 -48.09 20.89 -20.55
N ALA G 98 -46.92 20.50 -20.03
CA ALA G 98 -46.72 20.44 -18.58
C ALA G 98 -46.78 21.81 -17.92
N SER G 99 -46.64 22.90 -18.67
CA SER G 99 -46.72 24.24 -18.13
C SER G 99 -46.80 25.22 -19.30
N GLY G 100 -47.23 26.45 -18.99
CA GLY G 100 -47.21 27.50 -19.99
C GLY G 100 -45.80 27.77 -20.48
N MET G 101 -44.82 27.75 -19.57
CA MET G 101 -43.43 27.89 -19.96
C MET G 101 -43.01 26.81 -20.95
N ALA G 102 -43.35 25.54 -20.64
CA ALA G 102 -43.03 24.45 -21.55
C ALA G 102 -43.72 24.63 -22.90
N ALA G 103 -44.94 25.20 -22.90
CA ALA G 103 -45.60 25.51 -24.15
C ALA G 103 -44.77 26.49 -24.98
N THR G 104 -44.24 27.53 -24.33
CA THR G 104 -43.43 28.51 -25.04
C THR G 104 -42.15 27.88 -25.58
N VAL G 105 -41.51 27.03 -24.79
CA VAL G 105 -40.28 26.37 -25.24
C VAL G 105 -40.56 25.47 -26.44
N THR G 106 -41.70 24.77 -26.42
CA THR G 106 -42.02 23.84 -27.50
C THR G 106 -42.29 24.58 -28.80
N ILE G 107 -42.99 25.72 -28.72
CA ILE G 107 -43.21 26.54 -29.90
C ILE G 107 -41.88 27.02 -30.47
N THR G 108 -40.94 27.37 -29.58
CA THR G 108 -39.64 27.88 -30.02
C THR G 108 -38.85 26.80 -30.75
N HIS G 109 -39.04 25.53 -30.40
CA HIS G 109 -38.35 24.45 -31.09
C HIS G 109 -38.82 24.26 -32.52
N LEU G 110 -39.85 24.99 -32.96
CA LEU G 110 -40.22 24.96 -34.38
C LEU G 110 -39.17 25.61 -35.26
N LEU G 111 -38.29 26.41 -34.68
CA LEU G 111 -37.31 27.17 -35.43
C LEU G 111 -36.04 26.35 -35.60
N LYS G 112 -34.95 27.03 -35.99
CA LYS G 112 -33.65 26.40 -36.11
C LYS G 112 -32.59 27.48 -35.92
N ALA G 113 -31.33 27.07 -35.89
CA ALA G 113 -30.25 28.00 -35.67
C ALA G 113 -30.17 29.03 -36.79
N GLY G 114 -30.12 30.31 -36.42
CA GLY G 114 -30.01 31.40 -37.34
C GLY G 114 -31.26 32.25 -37.47
N ASP G 115 -32.40 31.75 -37.02
CA ASP G 115 -33.66 32.48 -37.13
C ASP G 115 -33.72 33.61 -36.10
N GLN G 116 -34.67 34.51 -36.30
CA GLN G 116 -34.85 35.67 -35.43
C GLN G 116 -36.26 35.66 -34.84
N ILE G 117 -36.35 35.99 -33.55
CA ILE G 117 -37.61 36.06 -32.83
C ILE G 117 -37.87 37.50 -32.43
N ILE G 118 -39.09 37.98 -32.66
CA ILE G 118 -39.53 39.28 -32.19
C ILE G 118 -40.48 39.06 -31.03
N CYS G 119 -40.19 39.71 -29.89
CA CYS G 119 -41.00 39.55 -28.69
C CYS G 119 -41.41 40.91 -28.15
N MET G 120 -42.66 40.99 -27.68
CA MET G 120 -43.18 42.22 -27.10
C MET G 120 -42.38 42.59 -25.87
N ASP G 121 -42.25 43.90 -25.64
CA ASP G 121 -41.35 44.39 -24.59
C ASP G 121 -41.86 44.06 -23.19
N ASP G 122 -43.17 44.12 -22.97
CA ASP G 122 -43.76 43.82 -21.67
C ASP G 122 -44.32 42.40 -21.73
N VAL G 123 -43.57 41.44 -21.24
CA VAL G 123 -44.03 40.04 -21.25
C VAL G 123 -44.08 39.52 -19.82
N TYR G 124 -44.48 38.26 -19.67
CA TYR G 124 -44.25 37.55 -18.42
C TYR G 124 -42.75 37.38 -18.21
N GLY G 125 -42.32 37.57 -16.96
CA GLY G 125 -40.89 37.57 -16.67
C GLY G 125 -40.20 36.30 -17.11
N GLY G 126 -40.87 35.15 -16.94
CA GLY G 126 -40.27 33.89 -17.35
C GLY G 126 -40.11 33.78 -18.85
N THR G 127 -41.09 34.30 -19.61
CA THR G 127 -40.99 34.31 -21.07
C THR G 127 -39.76 35.10 -21.51
N ASN G 128 -39.58 36.30 -20.95
CA ASN G 128 -38.43 37.12 -21.29
C ASN G 128 -37.13 36.40 -21.00
N ALA G 129 -37.02 35.82 -19.80
CA ALA G 129 -35.76 35.19 -19.37
C ALA G 129 -35.40 34.00 -20.26
N TYR G 130 -36.39 33.25 -20.75
CA TYR G 130 -36.09 32.09 -21.58
C TYR G 130 -35.42 32.50 -22.88
N PHE G 131 -36.00 33.49 -23.58
CA PHE G 131 -35.41 33.97 -24.81
C PHE G 131 -34.02 34.54 -24.57
N ARG G 132 -33.87 35.36 -23.52
CA ARG G 132 -32.62 36.04 -23.27
C ARG G 132 -31.51 35.06 -22.89
N GLN G 133 -31.80 34.13 -21.99
CA GLN G 133 -30.75 33.34 -21.35
C GLN G 133 -30.61 31.94 -21.92
N VAL G 134 -31.60 31.42 -22.64
CA VAL G 134 -31.55 30.04 -23.10
C VAL G 134 -31.63 29.97 -24.62
N ALA G 135 -32.71 30.51 -25.19
CA ALA G 135 -32.90 30.43 -26.64
C ALA G 135 -31.75 31.09 -27.40
N SER G 136 -31.20 32.18 -26.87
CA SER G 136 -30.11 32.88 -27.54
C SER G 136 -28.83 32.05 -27.58
N GLU G 137 -28.70 31.05 -26.71
CA GLU G 137 -27.50 30.22 -26.68
C GLU G 137 -27.46 29.19 -27.80
N PHE G 138 -28.53 29.08 -28.59
CA PHE G 138 -28.63 28.05 -29.62
C PHE G 138 -28.88 28.66 -30.99
N GLY G 139 -28.17 29.75 -31.28
CA GLY G 139 -28.23 30.35 -32.60
C GLY G 139 -29.53 31.04 -32.92
N LEU G 140 -30.23 31.56 -31.93
CA LEU G 140 -31.50 32.26 -32.13
C LEU G 140 -31.32 33.73 -31.79
N LYS G 141 -31.62 34.60 -32.76
CA LYS G 141 -31.62 36.05 -32.56
C LYS G 141 -32.97 36.46 -32.00
N ILE G 142 -32.98 37.23 -30.92
CA ILE G 142 -34.25 37.66 -30.33
C ILE G 142 -34.22 39.16 -30.11
N SER G 143 -35.25 39.84 -30.62
CA SER G 143 -35.36 41.29 -30.53
C SER G 143 -36.61 41.65 -29.74
N PHE G 144 -36.46 42.58 -28.80
CA PHE G 144 -37.58 43.05 -27.98
C PHE G 144 -38.04 44.40 -28.51
N VAL G 145 -39.28 44.44 -28.98
CA VAL G 145 -39.82 45.56 -29.74
C VAL G 145 -41.19 45.91 -29.20
N ASP G 146 -41.47 47.21 -29.09
CA ASP G 146 -42.81 47.68 -28.73
C ASP G 146 -43.77 47.44 -29.89
N CYS G 147 -44.44 46.29 -29.89
CA CYS G 147 -45.38 45.97 -30.97
C CYS G 147 -46.71 46.70 -30.84
N SER G 148 -46.91 47.50 -29.80
CA SER G 148 -48.12 48.31 -29.73
C SER G 148 -48.09 49.44 -30.74
N LYS G 149 -46.90 49.95 -31.05
CA LYS G 149 -46.70 50.94 -32.10
C LYS G 149 -46.13 50.18 -33.30
N ILE G 150 -46.96 49.95 -34.30
CA ILE G 150 -46.86 48.75 -35.13
C ILE G 150 -45.80 48.84 -36.23
N LYS G 151 -45.07 49.96 -36.36
CA LYS G 151 -43.96 49.96 -37.31
C LYS G 151 -42.64 50.30 -36.61
N LEU G 152 -42.58 50.15 -35.29
CA LEU G 152 -41.32 49.71 -34.72
C LEU G 152 -41.14 48.23 -34.99
N LEU G 153 -42.23 47.56 -35.36
CA LEU G 153 -42.25 46.15 -35.71
C LEU G 153 -41.73 45.92 -37.13
N GLU G 154 -42.25 46.69 -38.10
CA GLU G 154 -41.80 46.50 -39.48
C GLU G 154 -40.33 46.86 -39.66
N ALA G 155 -39.82 47.80 -38.86
CA ALA G 155 -38.39 48.09 -38.86
C ALA G 155 -37.58 46.94 -38.27
N ALA G 156 -38.17 46.13 -37.41
CA ALA G 156 -37.49 44.99 -36.81
C ALA G 156 -37.56 43.73 -37.67
N ILE G 157 -38.55 43.64 -38.58
CA ILE G 157 -38.70 42.45 -39.39
C ILE G 157 -37.56 42.33 -40.37
N THR G 158 -37.00 41.13 -40.48
CA THR G 158 -35.90 40.78 -41.35
C THR G 158 -36.26 39.50 -42.08
N PRO G 159 -35.71 39.26 -43.28
CA PRO G 159 -35.92 37.97 -43.96
C PRO G 159 -35.64 36.73 -43.11
N GLU G 160 -34.98 36.88 -41.95
CA GLU G 160 -34.71 35.75 -41.08
C GLU G 160 -35.62 35.71 -39.85
N THR G 161 -36.66 36.53 -39.81
CA THR G 161 -37.62 36.49 -38.71
C THR G 161 -38.64 35.38 -38.98
N LYS G 162 -38.76 34.43 -38.07
CA LYS G 162 -39.64 33.30 -38.26
C LYS G 162 -40.78 33.24 -37.25
N LEU G 163 -40.77 34.09 -36.24
CA LEU G 163 -41.68 33.98 -35.12
C LEU G 163 -41.85 35.35 -34.48
N VAL G 164 -43.09 35.75 -34.28
CA VAL G 164 -43.42 36.98 -33.57
C VAL G 164 -44.27 36.59 -32.37
N TRP G 165 -43.77 36.87 -31.17
CA TRP G 165 -44.41 36.45 -29.93
C TRP G 165 -44.97 37.70 -29.22
N ILE G 166 -46.28 37.87 -29.28
CA ILE G 166 -46.94 38.98 -28.61
C ILE G 166 -47.81 38.44 -27.47
N GLU G 167 -48.34 39.36 -26.68
CA GLU G 167 -49.11 39.03 -25.49
C GLU G 167 -49.98 40.25 -25.16
N THR G 168 -51.30 40.08 -25.18
CA THR G 168 -52.20 41.21 -24.97
C THR G 168 -53.42 40.82 -24.15
N PRO G 169 -53.75 41.56 -23.09
CA PRO G 169 -52.92 42.64 -22.54
C PRO G 169 -51.60 42.12 -22.00
N THR G 170 -50.62 43.02 -21.86
CA THR G 170 -49.31 42.65 -21.39
C THR G 170 -49.31 42.47 -19.87
N ASN G 171 -48.27 41.79 -19.37
CA ASN G 171 -48.11 41.63 -17.94
C ASN G 171 -46.84 42.36 -17.50
N PRO G 172 -46.94 43.36 -16.59
CA PRO G 172 -48.21 43.70 -15.94
C PRO G 172 -48.80 45.06 -16.30
N THR G 173 -48.23 45.78 -17.27
CA THR G 173 -48.70 47.12 -17.56
C THR G 173 -49.97 47.14 -18.39
N GLN G 174 -50.31 46.02 -19.04
CA GLN G 174 -51.60 45.79 -19.70
C GLN G 174 -51.80 46.71 -20.91
N LYS G 175 -50.76 46.78 -21.75
CA LYS G 175 -50.88 47.43 -23.05
C LYS G 175 -51.57 46.48 -24.03
N VAL G 176 -52.50 47.02 -24.80
CA VAL G 176 -53.31 46.23 -25.73
C VAL G 176 -52.74 46.37 -27.14
N ILE G 177 -52.70 45.25 -27.86
CA ILE G 177 -52.19 45.21 -29.23
C ILE G 177 -53.35 44.83 -30.14
N ASP G 178 -53.51 45.57 -31.23
CA ASP G 178 -54.51 45.17 -32.23
C ASP G 178 -53.98 43.93 -32.95
N ILE G 179 -54.58 42.78 -32.66
CA ILE G 179 -54.07 41.51 -33.16
C ILE G 179 -54.24 41.42 -34.66
N GLU G 180 -55.42 41.76 -35.17
CA GLU G 180 -55.65 41.69 -36.61
C GLU G 180 -54.81 42.71 -37.36
N GLY G 181 -54.67 43.92 -36.80
CA GLY G 181 -53.72 44.86 -37.35
C GLY G 181 -52.31 44.32 -37.34
N CYS G 182 -51.90 43.74 -36.22
CA CYS G 182 -50.55 43.19 -36.11
C CYS G 182 -50.37 41.97 -37.01
N ALA G 183 -51.39 41.11 -37.09
CA ALA G 183 -51.31 39.94 -37.95
C ALA G 183 -51.21 40.32 -39.42
N HIS G 184 -51.99 41.33 -39.83
CA HIS G 184 -51.93 41.83 -41.19
C HIS G 184 -50.49 42.13 -41.61
N ILE G 185 -49.71 42.72 -40.71
CA ILE G 185 -48.38 43.23 -41.08
C ILE G 185 -47.36 42.11 -41.11
N VAL G 186 -47.39 41.20 -40.13
CA VAL G 186 -46.38 40.14 -40.08
C VAL G 186 -46.61 39.13 -41.20
N HIS G 187 -47.84 38.97 -41.66
CA HIS G 187 -48.15 37.98 -42.68
C HIS G 187 -47.78 38.41 -44.10
N LYS G 188 -47.16 39.58 -44.27
CA LYS G 188 -46.82 40.02 -45.63
C LYS G 188 -45.42 39.58 -46.04
N HIS G 189 -44.59 39.18 -45.09
CA HIS G 189 -43.20 38.82 -45.35
C HIS G 189 -43.02 37.32 -45.14
N GLY G 190 -43.65 36.52 -45.99
CA GLY G 190 -43.35 35.09 -46.00
C GLY G 190 -43.92 34.37 -44.80
N ASP G 191 -43.27 33.27 -44.41
CA ASP G 191 -43.80 32.39 -43.36
C ASP G 191 -43.25 32.84 -42.00
N ILE G 192 -44.05 33.64 -41.30
CA ILE G 192 -43.74 34.06 -39.94
C ILE G 192 -44.88 33.60 -39.04
N ILE G 193 -44.54 32.94 -37.94
CA ILE G 193 -45.52 32.49 -36.98
C ILE G 193 -45.85 33.65 -36.04
N LEU G 194 -47.11 34.08 -36.03
CA LEU G 194 -47.58 35.02 -35.03
C LEU G 194 -48.22 34.25 -33.89
N VAL G 195 -47.68 34.43 -32.69
CA VAL G 195 -48.19 33.78 -31.48
C VAL G 195 -48.78 34.85 -30.58
N VAL G 196 -49.99 34.60 -30.08
CA VAL G 196 -50.64 35.47 -29.10
C VAL G 196 -50.80 34.69 -27.81
N ASP G 197 -50.07 35.10 -26.78
CA ASP G 197 -50.26 34.60 -25.42
C ASP G 197 -51.56 35.19 -24.89
N ASN G 198 -52.62 34.39 -24.88
CA ASN G 198 -53.96 34.86 -24.53
C ASN G 198 -54.31 34.55 -23.07
N THR G 199 -53.30 34.55 -22.19
CA THR G 199 -53.50 34.12 -20.81
C THR G 199 -54.45 35.05 -20.06
N PHE G 200 -54.30 36.36 -20.25
CA PHE G 200 -55.02 37.32 -19.41
C PHE G 200 -56.50 37.42 -19.76
N MET G 201 -56.90 37.02 -20.97
CA MET G 201 -58.27 37.18 -21.41
C MET G 201 -59.05 35.87 -21.43
N SER G 202 -58.40 34.75 -21.75
CA SER G 202 -59.00 33.44 -21.96
C SER G 202 -59.82 33.45 -23.25
N PRO G 203 -60.01 32.31 -23.92
CA PRO G 203 -60.78 32.32 -25.17
C PRO G 203 -62.23 32.73 -24.98
N TYR G 204 -62.71 32.81 -23.74
CA TYR G 204 -64.05 33.30 -23.51
C TYR G 204 -64.18 34.77 -23.89
N PHE G 205 -63.11 35.54 -23.73
CA PHE G 205 -63.15 36.97 -24.01
C PHE G 205 -62.41 37.38 -25.28
N GLN G 206 -61.50 36.56 -25.80
CA GLN G 206 -60.66 36.95 -26.92
C GLN G 206 -60.24 35.72 -27.70
N ARG G 207 -60.40 35.75 -29.03
CA ARG G 207 -60.08 34.63 -29.90
C ARG G 207 -59.01 35.05 -30.91
N PRO G 208 -57.73 34.91 -30.57
CA PRO G 208 -56.67 35.40 -31.48
C PRO G 208 -56.70 34.79 -32.87
N LEU G 209 -56.96 33.49 -32.99
CA LEU G 209 -56.97 32.87 -34.32
C LEU G 209 -58.07 33.44 -35.20
N ALA G 210 -59.18 33.90 -34.59
CA ALA G 210 -60.21 34.59 -35.36
C ALA G 210 -59.76 35.98 -35.79
N LEU G 211 -58.69 36.49 -35.20
CA LEU G 211 -58.16 37.80 -35.54
C LEU G 211 -56.90 37.72 -36.42
N GLY G 212 -56.47 36.52 -36.78
CA GLY G 212 -55.37 36.36 -37.73
C GLY G 212 -54.11 35.76 -37.17
N ALA G 213 -54.03 35.54 -35.85
CA ALA G 213 -52.85 34.89 -35.30
C ALA G 213 -52.77 33.44 -35.76
N ASP G 214 -51.55 32.89 -35.74
CA ASP G 214 -51.34 31.51 -36.15
C ASP G 214 -51.39 30.53 -34.99
N ILE G 215 -51.13 31.00 -33.77
CA ILE G 215 -51.13 30.14 -32.59
C ILE G 215 -51.76 30.93 -31.44
N SER G 216 -52.72 30.31 -30.75
CA SER G 216 -53.30 30.86 -29.53
C SER G 216 -52.77 30.05 -28.36
N MET G 217 -51.96 30.68 -27.53
CA MET G 217 -51.20 30.01 -26.47
C MET G 217 -51.65 30.51 -25.11
N TYR G 218 -51.70 29.61 -24.13
CA TYR G 218 -52.14 29.95 -22.79
C TYR G 218 -51.22 29.35 -21.74
N SER G 219 -51.12 30.05 -20.61
CA SER G 219 -50.73 29.44 -19.34
C SER G 219 -52.03 28.98 -18.70
N ALA G 220 -52.40 27.73 -18.96
CA ALA G 220 -53.62 27.17 -18.37
C ALA G 220 -53.58 27.21 -16.85
N THR G 221 -52.40 27.35 -16.27
CA THR G 221 -52.22 27.56 -14.84
C THR G 221 -53.08 28.70 -14.29
N1 LLP G 222 -47.36 33.54 -19.76
C2 LLP G 222 -48.17 34.42 -19.16
C2' LLP G 222 -48.82 35.59 -19.94
C3 LLP G 222 -48.44 34.31 -17.76
O3 LLP G 222 -49.29 35.24 -17.15
C4 LLP G 222 -47.87 33.29 -17.04
C4' LLP G 222 -48.19 33.15 -15.45
C5 LLP G 222 -47.06 32.39 -17.64
C6 LLP G 222 -46.78 32.49 -19.02
C5' LLP G 222 -46.42 31.25 -16.78
OP4 LLP G 222 -46.40 30.02 -17.47
P LLP G 222 -46.50 28.76 -16.58
OP1 LLP G 222 -45.40 27.77 -16.98
OP2 LLP G 222 -47.83 28.13 -16.77
OP3 LLP G 222 -46.35 29.15 -15.15
N LLP G 222 -53.35 29.69 -15.13
CA LLP G 222 -54.06 30.89 -14.67
CB LLP G 222 -53.60 32.11 -15.44
CG LLP G 222 -52.09 32.40 -15.35
CD LLP G 222 -51.44 31.95 -14.03
CE LLP G 222 -49.96 32.42 -13.99
NZ LLP G 222 -49.34 32.30 -15.32
C LLP G 222 -55.55 30.73 -14.80
O LLP G 222 -56.14 29.98 -14.03
N TYR G 223 -56.16 31.41 -15.76
CA TYR G 223 -57.62 31.46 -15.87
C TYR G 223 -58.30 30.17 -16.35
N MET G 224 -57.69 29.50 -17.33
CA MET G 224 -58.27 28.31 -17.96
C MET G 224 -58.72 27.29 -16.92
N ASN G 225 -57.76 26.65 -16.25
CA ASN G 225 -58.12 25.77 -15.13
C ASN G 225 -58.78 26.57 -14.01
N GLY G 226 -58.20 27.71 -13.66
CA GLY G 226 -58.85 28.69 -12.81
C GLY G 226 -59.01 28.33 -11.34
N HIS G 227 -58.52 27.17 -10.91
CA HIS G 227 -58.69 26.74 -9.52
C HIS G 227 -57.37 26.66 -8.77
N SER G 228 -56.31 27.29 -9.30
CA SER G 228 -55.04 27.46 -8.60
C SER G 228 -54.46 26.14 -8.12
N ASP G 229 -54.65 25.08 -8.91
CA ASP G 229 -54.18 23.75 -8.51
C ASP G 229 -53.65 22.94 -9.68
N VAL G 230 -53.40 23.56 -10.83
CA VAL G 230 -52.86 22.87 -12.00
C VAL G 230 -51.88 23.81 -12.69
N VAL G 231 -50.68 23.30 -12.95
CA VAL G 231 -49.71 23.97 -13.82
C VAL G 231 -49.79 23.29 -15.18
N MET G 232 -49.99 24.07 -16.24
CA MET G 232 -50.27 23.49 -17.54
C MET G 232 -50.19 24.57 -18.62
N GLY G 233 -49.83 24.14 -19.83
CA GLY G 233 -49.84 25.01 -20.98
C GLY G 233 -50.73 24.44 -22.08
N LEU G 234 -51.31 25.35 -22.87
CA LEU G 234 -52.16 24.99 -24.00
C LEU G 234 -51.77 25.81 -25.22
N VAL G 235 -51.69 25.15 -26.38
CA VAL G 235 -51.44 25.83 -27.64
C VAL G 235 -52.49 25.37 -28.64
N SER G 236 -53.20 26.32 -29.24
CA SER G 236 -54.21 26.06 -30.25
C SER G 236 -53.72 26.55 -31.60
N VAL G 237 -54.08 25.83 -32.65
CA VAL G 237 -53.54 26.11 -33.98
C VAL G 237 -54.51 25.62 -35.03
N ASN G 238 -54.54 26.30 -36.18
CA ASN G 238 -55.36 25.96 -37.33
C ASN G 238 -54.55 25.36 -38.48
N CYS G 239 -53.37 25.91 -38.74
CA CYS G 239 -52.57 25.49 -39.89
C CYS G 239 -52.23 24.01 -39.78
N GLU G 240 -52.35 23.29 -40.91
CA GLU G 240 -52.13 21.85 -40.89
C GLU G 240 -50.67 21.49 -40.66
N SER G 241 -49.77 22.06 -41.47
CA SER G 241 -48.35 21.73 -41.32
C SER G 241 -47.79 22.25 -40.01
N LEU G 242 -48.28 23.40 -39.53
CA LEU G 242 -47.87 23.89 -38.22
C LEU G 242 -48.26 22.90 -37.13
N HIS G 243 -49.47 22.35 -37.20
CA HIS G 243 -49.93 21.40 -36.18
C HIS G 243 -49.08 20.14 -36.19
N ASN G 244 -48.81 19.59 -37.38
CA ASN G 244 -47.98 18.39 -37.46
C ASN G 244 -46.60 18.63 -36.86
N ARG G 245 -46.02 19.81 -37.10
CA ARG G 245 -44.74 20.12 -36.50
C ARG G 245 -44.87 20.26 -34.98
N LEU G 246 -45.93 20.92 -34.51
CA LEU G 246 -46.15 21.03 -33.08
C LEU G 246 -46.37 19.65 -32.45
N ARG G 247 -47.22 18.83 -33.09
CA ARG G 247 -47.52 17.51 -32.54
C ARG G 247 -46.27 16.65 -32.47
N PHE G 248 -45.43 16.70 -33.50
CA PHE G 248 -44.19 15.93 -33.49
C PHE G 248 -43.35 16.29 -32.28
N LEU G 249 -43.20 17.59 -32.00
CA LEU G 249 -42.34 18.01 -30.90
C LEU G 249 -43.00 17.75 -29.55
N GLN G 250 -44.32 17.70 -29.50
CA GLN G 250 -44.98 17.29 -28.27
C GLN G 250 -44.54 15.89 -27.87
N ASN G 251 -44.52 14.96 -28.84
CA ASN G 251 -44.06 13.61 -28.57
C ASN G 251 -42.54 13.55 -28.44
N SER G 252 -41.82 14.39 -29.20
CA SER G 252 -40.36 14.29 -29.23
C SER G 252 -39.72 14.93 -28.00
N LEU G 253 -40.26 16.06 -27.53
CA LEU G 253 -39.70 16.71 -26.34
C LEU G 253 -40.30 16.19 -25.05
N GLY G 254 -41.56 15.74 -25.07
CA GLY G 254 -42.15 15.12 -23.90
C GLY G 254 -42.51 16.04 -22.77
N ALA G 255 -42.73 17.33 -23.06
CA ALA G 255 -43.16 18.28 -22.03
C ALA G 255 -44.67 18.19 -21.82
N VAL G 256 -45.11 16.98 -21.52
CA VAL G 256 -46.54 16.62 -21.55
C VAL G 256 -47.14 16.74 -20.15
N PRO G 257 -48.44 17.02 -20.04
CA PRO G 257 -49.07 17.13 -18.73
C PRO G 257 -49.60 15.79 -18.23
N SER G 258 -49.78 15.71 -16.92
CA SER G 258 -50.33 14.51 -16.32
C SER G 258 -51.80 14.34 -16.71
N PRO G 259 -52.27 13.11 -16.94
CA PRO G 259 -53.70 12.90 -17.17
C PRO G 259 -54.59 13.46 -16.07
N ILE G 260 -54.18 13.32 -14.80
CA ILE G 260 -54.97 13.90 -13.71
C ILE G 260 -55.02 15.40 -13.85
N ASP G 261 -53.90 16.02 -14.21
CA ASP G 261 -53.89 17.46 -14.45
C ASP G 261 -54.80 17.81 -15.62
N CYS G 262 -54.73 17.04 -16.70
CA CYS G 262 -55.65 17.22 -17.81
C CYS G 262 -57.09 17.13 -17.34
N TYR G 263 -57.41 16.09 -16.57
CA TYR G 263 -58.77 15.96 -16.05
C TYR G 263 -59.18 17.18 -15.25
N LEU G 264 -58.30 17.63 -14.34
CA LEU G 264 -58.65 18.75 -13.48
C LEU G 264 -58.84 20.04 -14.28
N CYS G 265 -58.01 20.25 -15.30
CA CYS G 265 -58.13 21.46 -16.10
C CYS G 265 -59.43 21.46 -16.91
N ASN G 266 -59.80 20.30 -17.45
CA ASN G 266 -61.09 20.18 -18.13
C ASN G 266 -62.24 20.36 -17.16
N ARG G 267 -62.04 19.96 -15.90
CA ARG G 267 -63.05 20.22 -14.87
C ARG G 267 -63.21 21.72 -14.64
N GLY G 268 -62.10 22.45 -14.61
CA GLY G 268 -62.19 23.90 -14.51
C GLY G 268 -62.86 24.52 -15.73
N LEU G 269 -62.57 23.99 -16.91
CA LEU G 269 -63.13 24.51 -18.16
C LEU G 269 -64.65 24.55 -18.12
N LYS G 270 -65.28 23.62 -17.41
CA LYS G 270 -66.73 23.55 -17.38
C LYS G 270 -67.36 24.77 -16.72
N THR G 271 -66.61 25.52 -15.92
CA THR G 271 -67.11 26.74 -15.29
C THR G 271 -66.40 27.99 -15.78
N LEU G 272 -65.63 27.90 -16.86
CA LEU G 272 -64.87 29.05 -17.35
C LEU G 272 -65.79 30.23 -17.66
N HIS G 273 -66.93 29.96 -18.32
CA HIS G 273 -67.79 31.05 -18.76
C HIS G 273 -68.39 31.80 -17.58
N VAL G 274 -68.79 31.09 -16.53
CA VAL G 274 -69.40 31.78 -15.39
C VAL G 274 -68.35 32.37 -14.45
N ARG G 275 -67.11 31.87 -14.48
CA ARG G 275 -66.07 32.49 -13.66
C ARG G 275 -65.55 33.77 -14.32
N MET G 276 -65.31 33.73 -15.63
CA MET G 276 -64.83 34.93 -16.33
C MET G 276 -65.87 36.05 -16.27
N GLU G 277 -67.15 35.71 -16.29
CA GLU G 277 -68.20 36.72 -16.16
C GLU G 277 -68.08 37.44 -14.82
N ARG G 278 -67.91 36.67 -13.74
CA ARG G 278 -67.79 37.27 -12.41
C ARG G 278 -66.45 37.98 -12.24
N HIS G 279 -65.38 37.46 -12.86
CA HIS G 279 -64.12 38.18 -12.86
C HIS G 279 -64.27 39.57 -13.49
N PHE G 280 -65.00 39.64 -14.62
CA PHE G 280 -65.27 40.91 -15.26
C PHE G 280 -66.07 41.83 -14.35
N LYS G 281 -67.13 41.30 -13.73
CA LYS G 281 -68.01 42.13 -12.91
C LYS G 281 -67.28 42.60 -11.65
N ASN G 282 -66.47 41.74 -11.04
CA ASN G 282 -65.71 42.15 -9.86
C ASN G 282 -64.54 43.04 -10.24
N GLY G 283 -63.81 42.68 -11.30
CA GLY G 283 -62.68 43.49 -11.72
C GLY G 283 -63.07 44.90 -12.09
N MET G 284 -64.21 45.04 -12.79
CA MET G 284 -64.75 46.36 -13.07
C MET G 284 -64.97 47.16 -11.80
N ALA G 285 -65.62 46.55 -10.81
CA ALA G 285 -65.90 47.24 -9.55
C ALA G 285 -64.62 47.63 -8.83
N VAL G 286 -63.61 46.75 -8.85
CA VAL G 286 -62.35 47.07 -8.21
C VAL G 286 -61.64 48.20 -8.94
N ALA G 287 -61.64 48.14 -10.28
CA ALA G 287 -60.99 49.20 -11.06
C ALA G 287 -61.67 50.55 -10.84
N GLN G 288 -63.00 50.54 -10.75
CA GLN G 288 -63.72 51.81 -10.56
C GLN G 288 -63.51 52.36 -9.15
N PHE G 289 -63.49 51.48 -8.13
CA PHE G 289 -63.27 51.93 -6.77
C PHE G 289 -61.90 52.58 -6.62
N LEU G 290 -60.87 51.94 -7.17
CA LEU G 290 -59.52 52.45 -7.03
C LEU G 290 -59.34 53.78 -7.76
N GLU G 291 -60.03 53.97 -8.89
CA GLU G 291 -59.84 55.18 -9.67
C GLU G 291 -60.31 56.42 -8.92
N SER G 292 -61.48 56.35 -8.29
CA SER G 292 -62.00 57.48 -7.52
C SER G 292 -61.42 57.55 -6.11
N ASN G 293 -60.38 56.78 -5.82
CA ASN G 293 -59.84 56.73 -4.47
C ASN G 293 -58.70 57.74 -4.32
N PRO G 294 -58.70 58.53 -3.25
CA PRO G 294 -57.70 59.61 -3.11
C PRO G 294 -56.26 59.12 -2.96
N TRP G 295 -56.04 57.83 -2.75
CA TRP G 295 -54.69 57.32 -2.55
C TRP G 295 -54.22 56.45 -3.70
N VAL G 296 -54.83 56.56 -4.87
CA VAL G 296 -54.41 55.86 -6.07
C VAL G 296 -54.12 56.91 -7.14
N GLU G 297 -52.92 56.86 -7.71
CA GLU G 297 -52.54 57.85 -8.71
C GLU G 297 -53.09 57.51 -10.09
N LYS G 298 -53.08 56.23 -10.47
CA LYS G 298 -53.50 55.84 -11.81
C LYS G 298 -53.95 54.39 -11.81
N VAL G 299 -54.98 54.10 -12.60
CA VAL G 299 -55.53 52.75 -12.73
C VAL G 299 -55.39 52.33 -14.19
N ILE G 300 -55.01 51.07 -14.41
CA ILE G 300 -54.89 50.51 -15.74
C ILE G 300 -55.79 49.27 -15.80
N TYR G 301 -56.98 49.42 -16.39
CA TYR G 301 -57.91 48.30 -16.55
C TYR G 301 -58.59 48.40 -17.91
N PRO G 302 -58.36 47.44 -18.81
CA PRO G 302 -58.95 47.50 -20.16
C PRO G 302 -60.46 47.68 -20.20
N GLY G 303 -61.15 47.36 -19.10
CA GLY G 303 -62.57 47.57 -19.05
C GLY G 303 -62.99 49.00 -18.74
N LEU G 304 -62.07 49.81 -18.22
CA LEU G 304 -62.36 51.21 -17.88
C LEU G 304 -62.21 52.10 -19.11
N PRO G 305 -63.09 53.08 -19.29
CA PRO G 305 -62.92 54.03 -20.42
C PRO G 305 -61.62 54.80 -20.35
N SER G 306 -61.03 54.93 -19.16
CA SER G 306 -59.75 55.63 -19.02
C SER G 306 -58.57 54.83 -19.52
N HIS G 307 -58.74 53.55 -19.87
CA HIS G 307 -57.66 52.84 -20.52
C HIS G 307 -57.40 53.42 -21.91
N PRO G 308 -56.15 53.68 -22.27
CA PRO G 308 -55.89 54.36 -23.55
C PRO G 308 -56.38 53.58 -24.76
N GLN G 309 -56.36 52.25 -24.71
CA GLN G 309 -56.84 51.43 -25.81
C GLN G 309 -58.19 50.74 -25.48
N HIS G 310 -58.97 51.33 -24.57
CA HIS G 310 -60.27 50.77 -24.23
C HIS G 310 -61.16 50.52 -25.45
N GLU G 311 -61.05 51.38 -26.47
CA GLU G 311 -61.87 51.22 -27.66
C GLU G 311 -61.42 50.03 -28.49
N LEU G 312 -60.11 49.85 -28.65
CA LEU G 312 -59.61 48.68 -29.37
C LEU G 312 -59.99 47.40 -28.64
N VAL G 313 -60.03 47.44 -27.31
CA VAL G 313 -60.43 46.28 -26.53
C VAL G 313 -61.83 45.82 -26.93
N LYS G 314 -62.77 46.76 -27.02
CA LYS G 314 -64.17 46.41 -27.28
C LYS G 314 -64.40 45.96 -28.71
N ARG G 315 -63.54 46.36 -29.65
CA ARG G 315 -63.63 45.81 -30.99
C ARG G 315 -62.99 44.43 -31.07
N GLN G 316 -62.15 44.09 -30.09
CA GLN G 316 -61.31 42.91 -30.13
C GLN G 316 -61.70 41.85 -29.09
N CYS G 317 -62.61 42.16 -28.17
CA CYS G 317 -62.91 41.24 -27.08
C CYS G 317 -64.40 41.34 -26.73
N THR G 318 -64.92 40.26 -26.15
CA THR G 318 -66.28 40.23 -25.67
C THR G 318 -66.41 40.76 -24.24
N GLY G 319 -65.30 41.10 -23.61
CA GLY G 319 -65.30 41.51 -22.22
C GLY G 319 -63.88 41.59 -21.72
N CYS G 320 -63.71 41.48 -20.40
CA CYS G 320 -62.39 41.62 -19.83
C CYS G 320 -62.26 40.78 -18.56
N GLY G 321 -61.03 40.34 -18.29
CA GLY G 321 -60.75 39.54 -17.12
C GLY G 321 -60.71 40.37 -15.85
N GLY G 322 -60.13 39.77 -14.81
CA GLY G 322 -60.05 40.38 -13.50
C GLY G 322 -58.71 40.99 -13.14
N MET G 323 -57.78 41.10 -14.08
CA MET G 323 -56.47 41.67 -13.80
C MET G 323 -56.56 43.19 -13.77
N VAL G 324 -56.31 43.78 -12.60
CA VAL G 324 -56.33 45.22 -12.43
C VAL G 324 -54.94 45.68 -11.98
N THR G 325 -54.33 46.56 -12.76
CA THR G 325 -53.06 47.19 -12.41
C THR G 325 -53.29 48.65 -12.03
N PHE G 326 -52.58 49.11 -11.01
CA PHE G 326 -52.71 50.50 -10.59
C PHE G 326 -51.40 50.97 -9.96
N TYR G 327 -51.25 52.29 -9.88
CA TYR G 327 -50.13 52.94 -9.21
C TYR G 327 -50.60 53.56 -7.91
N ILE G 328 -49.90 53.28 -6.82
CA ILE G 328 -50.29 53.82 -5.52
C ILE G 328 -49.55 55.13 -5.28
N LYS G 329 -50.21 56.07 -4.61
CA LYS G 329 -49.58 57.33 -4.24
C LYS G 329 -48.35 57.07 -3.40
N GLY G 330 -47.27 57.79 -3.70
CA GLY G 330 -46.12 57.83 -2.84
C GLY G 330 -44.95 57.00 -3.35
N THR G 331 -44.43 56.12 -2.49
CA THR G 331 -43.22 55.38 -2.76
C THR G 331 -43.42 53.89 -2.46
N LEU G 332 -42.32 53.16 -2.58
CA LEU G 332 -42.32 51.72 -2.32
C LEU G 332 -42.82 51.41 -0.92
N GLN G 333 -42.52 52.28 0.05
CA GLN G 333 -42.96 52.04 1.43
C GLN G 333 -44.45 51.95 1.56
N HIS G 334 -45.18 52.72 0.76
CA HIS G 334 -46.63 52.69 0.83
C HIS G 334 -47.23 51.49 0.10
N ALA G 335 -46.59 51.04 -0.97
CA ALA G 335 -47.06 49.83 -1.62
C ALA G 335 -46.85 48.61 -0.73
N GLU G 336 -45.75 48.59 0.04
CA GLU G 336 -45.48 47.47 0.92
C GLU G 336 -46.46 47.46 2.10
N ILE G 337 -46.72 48.61 2.70
CA ILE G 337 -47.69 48.67 3.81
C ILE G 337 -49.07 48.27 3.31
N PHE G 338 -49.42 48.72 2.10
CA PHE G 338 -50.69 48.33 1.50
C PHE G 338 -50.80 46.81 1.36
N LEU G 339 -49.76 46.18 0.81
CA LEU G 339 -49.82 44.75 0.49
C LEU G 339 -49.90 43.89 1.75
N LYS G 340 -49.16 44.26 2.80
CA LYS G 340 -49.15 43.46 4.01
C LYS G 340 -50.43 43.62 4.83
N ASN G 341 -51.19 44.68 4.60
CA ASN G 341 -52.40 44.92 5.39
C ASN G 341 -53.66 44.36 4.76
N LEU G 342 -53.57 43.84 3.53
CA LEU G 342 -54.72 43.18 2.93
C LEU G 342 -55.09 41.95 3.74
N LYS G 343 -56.39 41.78 3.95
CA LYS G 343 -56.91 40.65 4.72
C LYS G 343 -57.62 39.62 3.85
N LEU G 344 -58.04 40.00 2.64
CA LEU G 344 -58.77 39.13 1.73
C LEU G 344 -57.94 38.78 0.51
N PHE G 345 -57.44 39.80 -0.21
CA PHE G 345 -56.40 39.56 -1.19
C PHE G 345 -55.21 38.90 -0.50
N THR G 346 -54.66 37.88 -1.14
CA THR G 346 -53.47 37.22 -0.63
C THR G 346 -52.26 37.77 -1.37
N LEU G 347 -51.28 38.25 -0.61
CA LEU G 347 -50.00 38.63 -1.20
C LEU G 347 -49.34 37.39 -1.76
N ALA G 348 -49.38 37.23 -3.08
CA ALA G 348 -48.88 36.02 -3.71
C ALA G 348 -48.65 36.28 -5.19
N VAL G 349 -47.89 35.37 -5.80
CA VAL G 349 -47.58 35.43 -7.22
C VAL G 349 -48.66 34.66 -7.96
N SER G 350 -48.73 34.81 -9.29
CA SER G 350 -49.69 34.15 -10.18
C SER G 350 -51.04 34.84 -10.18
N LEU G 351 -52.02 34.27 -10.88
CA LEU G 351 -53.27 34.97 -11.17
C LEU G 351 -54.28 34.00 -11.75
N GLY G 352 -55.51 34.48 -11.92
CA GLY G 352 -56.52 33.75 -12.64
C GLY G 352 -57.33 32.75 -11.84
N GLY G 353 -57.20 32.76 -10.51
CA GLY G 353 -57.92 31.84 -9.66
C GLY G 353 -59.18 32.46 -9.08
N PHE G 354 -59.88 31.64 -8.29
CA PHE G 354 -61.09 32.09 -7.63
C PHE G 354 -60.81 32.99 -6.43
N GLU G 355 -59.59 32.97 -5.90
CA GLU G 355 -59.20 33.80 -4.78
C GLU G 355 -58.47 35.04 -5.28
N SER G 356 -58.71 36.17 -4.61
CA SER G 356 -58.09 37.42 -5.02
C SER G 356 -56.62 37.44 -4.63
N LEU G 357 -55.77 37.92 -5.55
CA LEU G 357 -54.34 37.98 -5.34
C LEU G 357 -53.84 39.41 -5.54
N ALA G 358 -52.74 39.72 -4.86
CA ALA G 358 -52.11 41.03 -4.92
C ALA G 358 -50.60 40.83 -4.96
N GLU G 359 -49.90 41.77 -5.58
CA GLU G 359 -48.51 41.49 -5.89
C GLU G 359 -47.80 42.76 -6.35
N LEU G 360 -46.50 42.84 -6.04
CA LEU G 360 -45.64 43.94 -6.46
C LEU G 360 -44.72 43.47 -7.57
N PRO G 361 -45.00 43.78 -8.83
CA PRO G 361 -44.23 43.18 -9.94
C PRO G 361 -42.77 43.54 -9.96
N ALA G 362 -42.37 44.70 -9.43
CA ALA G 362 -40.96 45.06 -9.44
C ALA G 362 -40.14 44.14 -8.55
N SER G 363 -40.75 43.58 -7.51
CA SER G 363 -40.05 42.74 -6.56
C SER G 363 -40.38 41.26 -6.70
N MET G 364 -41.39 40.90 -7.49
CA MET G 364 -41.88 39.52 -7.46
C MET G 364 -41.89 38.87 -8.85
N THR G 365 -42.91 39.12 -9.68
CA THR G 365 -42.98 38.38 -10.94
C THR G 365 -42.04 38.95 -12.00
N HIS G 366 -41.80 40.26 -12.01
CA HIS G 366 -40.86 40.86 -12.95
C HIS G 366 -39.60 41.37 -12.26
N ALA G 367 -39.23 40.72 -11.16
CA ALA G 367 -37.87 40.83 -10.64
C ALA G 367 -36.89 40.01 -11.47
N SER G 368 -37.37 39.20 -12.42
CA SER G 368 -36.50 38.53 -13.37
C SER G 368 -36.03 39.47 -14.46
N VAL G 369 -36.90 40.37 -14.91
CA VAL G 369 -36.47 41.52 -15.68
C VAL G 369 -35.84 42.51 -14.72
N LEU G 370 -34.76 43.18 -15.15
CA LEU G 370 -34.05 44.07 -14.24
C LEU G 370 -34.25 45.54 -14.65
N LYS G 371 -33.57 46.44 -13.93
CA LYS G 371 -34.22 47.61 -13.35
C LYS G 371 -34.65 48.68 -14.36
N ASN G 372 -33.78 49.10 -15.30
CA ASN G 372 -34.14 50.24 -16.14
C ASN G 372 -34.62 49.86 -17.54
N ASP G 373 -34.91 48.60 -17.79
CA ASP G 373 -36.00 48.35 -18.70
C ASP G 373 -37.33 48.34 -17.96
N ARG G 374 -37.30 48.16 -16.64
CA ARG G 374 -38.53 48.27 -15.86
C ARG G 374 -39.07 49.68 -15.81
N ASP G 375 -38.19 50.70 -15.76
CA ASP G 375 -38.69 52.06 -15.78
C ASP G 375 -38.97 52.55 -17.20
N VAL G 376 -38.59 51.78 -18.22
CA VAL G 376 -39.07 52.05 -19.57
C VAL G 376 -40.48 51.53 -19.75
N LEU G 377 -40.77 50.35 -19.20
CA LEU G 377 -42.11 49.78 -19.26
C LEU G 377 -43.08 50.43 -18.28
N GLY G 378 -42.59 51.18 -17.30
CA GLY G 378 -43.44 51.78 -16.30
C GLY G 378 -43.60 50.96 -15.04
N ILE G 379 -42.83 49.88 -14.88
CA ILE G 379 -42.93 49.01 -13.72
C ILE G 379 -42.16 49.61 -12.54
N SER G 380 -42.69 50.68 -11.98
CA SER G 380 -42.04 51.34 -10.86
C SER G 380 -42.30 50.56 -9.57
N ASP G 381 -41.76 51.05 -8.46
CA ASP G 381 -41.98 50.44 -7.16
C ASP G 381 -43.34 50.80 -6.57
N THR G 382 -44.17 51.53 -7.29
CA THR G 382 -45.53 51.83 -6.87
C THR G 382 -46.57 51.17 -7.76
N LEU G 383 -46.14 50.43 -8.78
CA LEU G 383 -47.05 49.70 -9.65
C LEU G 383 -47.46 48.39 -8.97
N ILE G 384 -48.77 48.19 -8.81
CA ILE G 384 -49.31 47.02 -8.12
C ILE G 384 -50.27 46.31 -9.06
N ARG G 385 -50.23 44.98 -9.07
CA ARG G 385 -51.09 44.15 -9.92
C ARG G 385 -52.05 43.35 -9.05
N LEU G 386 -53.35 43.50 -9.32
CA LEU G 386 -54.37 42.75 -8.62
C LEU G 386 -54.95 41.67 -9.54
N SER G 387 -55.17 40.49 -8.97
CA SER G 387 -55.89 39.40 -9.64
C SER G 387 -57.20 39.24 -8.88
N VAL G 388 -58.25 39.92 -9.36
CA VAL G 388 -59.52 39.95 -8.64
C VAL G 388 -60.19 38.60 -8.75
N GLY G 389 -60.54 38.03 -7.60
CA GLY G 389 -61.21 36.74 -7.53
C GLY G 389 -62.71 36.85 -7.65
N LEU G 390 -63.40 35.81 -7.19
CA LEU G 390 -64.85 35.72 -7.26
C LEU G 390 -65.53 35.92 -5.91
N GLU G 391 -64.84 36.55 -4.96
CA GLU G 391 -65.47 36.86 -3.68
C GLU G 391 -66.46 38.00 -3.84
N ASP G 392 -67.23 38.25 -2.78
CA ASP G 392 -68.23 39.32 -2.83
C ASP G 392 -67.58 40.67 -3.08
N GLU G 393 -68.24 41.48 -3.91
CA GLU G 393 -67.67 42.75 -4.35
C GLU G 393 -67.40 43.69 -3.16
N GLU G 394 -68.33 43.74 -2.20
CA GLU G 394 -68.15 44.62 -1.05
C GLU G 394 -66.93 44.22 -0.24
N ASP G 395 -66.81 42.92 0.07
CA ASP G 395 -65.68 42.45 0.86
C ASP G 395 -64.35 42.74 0.19
N LEU G 396 -64.31 42.69 -1.15
CA LEU G 396 -63.09 43.03 -1.87
C LEU G 396 -62.80 44.51 -1.76
N LEU G 397 -63.81 45.36 -1.97
CA LEU G 397 -63.62 46.80 -1.92
C LEU G 397 -63.31 47.27 -0.49
N GLU G 398 -64.00 46.69 0.50
CA GLU G 398 -63.71 46.98 1.90
C GLU G 398 -62.26 46.65 2.23
N ASP G 399 -61.77 45.51 1.71
CA ASP G 399 -60.39 45.10 1.97
C ASP G 399 -59.41 46.10 1.35
N LEU G 400 -59.66 46.51 0.11
CA LEU G 400 -58.80 47.50 -0.53
C LEU G 400 -58.85 48.83 0.21
N ASP G 401 -60.04 49.21 0.69
CA ASP G 401 -60.20 50.47 1.41
C ASP G 401 -59.35 50.50 2.67
N GLN G 402 -59.51 49.48 3.53
CA GLN G 402 -58.78 49.46 4.80
C GLN G 402 -57.27 49.42 4.56
N ALA G 403 -56.83 48.71 3.52
CA ALA G 403 -55.40 48.55 3.28
C ALA G 403 -54.76 49.81 2.72
N LEU G 404 -55.49 50.58 1.91
CA LEU G 404 -54.97 51.87 1.48
C LEU G 404 -54.92 52.84 2.66
N LYS G 405 -55.92 52.80 3.53
CA LYS G 405 -55.93 53.69 4.69
C LYS G 405 -54.84 53.34 5.69
N ALA G 406 -54.46 52.07 5.78
CA ALA G 406 -53.32 51.72 6.62
C ALA G 406 -52.03 52.33 6.08
N ALA G 407 -51.88 52.39 4.76
CA ALA G 407 -50.71 52.99 4.15
C ALA G 407 -50.78 54.51 4.12
N HIS G 408 -51.98 55.08 4.17
CA HIS G 408 -52.16 56.53 4.18
C HIS G 408 -53.21 56.85 5.24
N PRO G 409 -52.81 56.87 6.51
CA PRO G 409 -53.80 56.95 7.60
C PRO G 409 -54.31 58.35 7.78
N PRO G 410 -55.54 58.50 8.33
CA PRO G 410 -56.18 59.79 8.64
C PRO G 410 -55.32 60.69 9.52
N GLY H 20 -19.52 -13.08 -7.66
CA GLY H 20 -20.54 -12.40 -6.87
C GLY H 20 -20.77 -10.96 -7.30
N PHE H 21 -22.03 -10.53 -7.20
CA PHE H 21 -22.39 -9.14 -7.49
C PHE H 21 -21.85 -8.23 -6.39
N LEU H 22 -21.94 -6.94 -6.61
CA LEU H 22 -21.58 -5.98 -5.55
C LEU H 22 -22.58 -6.09 -4.41
N PRO H 23 -22.11 -5.93 -3.17
CA PRO H 23 -23.04 -5.95 -2.03
C PRO H 23 -24.14 -4.92 -2.22
N HIS H 24 -25.31 -5.24 -1.67
CA HIS H 24 -26.48 -4.39 -1.86
C HIS H 24 -26.28 -3.05 -1.15
N PHE H 25 -26.61 -1.97 -1.85
CA PHE H 25 -26.58 -0.64 -1.26
C PHE H 25 -27.40 -0.63 0.02
N GLN H 26 -26.83 -0.06 1.08
CA GLN H 26 -27.38 -0.25 2.40
C GLN H 26 -28.24 0.94 2.83
N HIS H 27 -29.17 0.66 3.73
CA HIS H 27 -30.25 1.56 4.15
C HIS H 27 -31.20 1.91 3.00
N PHE H 28 -31.09 1.21 1.87
CA PHE H 28 -31.90 1.54 0.69
C PHE H 28 -33.39 1.50 1.02
N ALA H 29 -33.84 0.42 1.67
CA ALA H 29 -35.25 0.33 2.05
C ALA H 29 -35.62 1.41 3.06
N THR H 30 -34.76 1.64 4.06
CA THR H 30 -35.02 2.68 5.04
C THR H 30 -35.09 4.06 4.37
N GLN H 31 -34.14 4.34 3.49
CA GLN H 31 -34.10 5.65 2.84
C GLN H 31 -35.26 5.82 1.88
N ALA H 32 -35.60 4.77 1.11
CA ALA H 32 -36.71 4.86 0.18
C ALA H 32 -38.03 5.14 0.90
N ILE H 33 -38.14 4.75 2.16
CA ILE H 33 -39.39 4.89 2.89
C ILE H 33 -39.44 6.20 3.68
N HIS H 34 -38.30 6.73 4.11
CA HIS H 34 -38.28 7.83 5.08
C HIS H 34 -37.68 9.12 4.56
N VAL H 35 -36.73 9.07 3.63
CA VAL H 35 -36.06 10.28 3.16
C VAL H 35 -37.07 11.22 2.52
N GLY H 36 -37.15 12.45 3.04
CA GLY H 36 -38.14 13.41 2.59
C GLY H 36 -39.53 13.18 3.14
N GLN H 37 -39.75 12.12 3.90
CA GLN H 37 -41.06 11.72 4.36
C GLN H 37 -41.31 12.06 5.83
N ASP H 38 -40.43 12.85 6.42
CA ASP H 38 -40.46 13.05 7.87
C ASP H 38 -41.70 13.86 8.26
N PRO H 39 -42.54 13.35 9.17
CA PRO H 39 -43.80 14.03 9.49
C PRO H 39 -43.62 15.40 10.15
N GLU H 40 -42.42 15.75 10.60
CA GLU H 40 -42.20 17.06 11.21
C GLU H 40 -42.34 18.20 10.20
N GLN H 41 -42.42 17.89 8.90
CA GLN H 41 -42.55 18.92 7.88
C GLN H 41 -43.92 19.59 7.88
N TRP H 42 -44.94 18.92 8.40
CA TRP H 42 -46.31 19.37 8.27
C TRP H 42 -46.92 19.65 9.64
N THR H 43 -47.66 20.75 9.72
CA THR H 43 -48.48 21.02 10.90
C THR H 43 -49.39 19.84 11.22
N SER H 44 -49.82 19.12 10.18
CA SER H 44 -50.79 18.04 10.33
C SER H 44 -50.17 16.74 10.84
N ARG H 45 -48.84 16.65 10.92
CA ARG H 45 -48.13 15.49 11.47
C ARG H 45 -48.30 14.23 10.63
N ALA H 46 -48.63 14.38 9.35
CA ALA H 46 -48.97 13.24 8.51
C ALA H 46 -47.78 12.32 8.31
N VAL H 47 -47.99 11.01 8.50
CA VAL H 47 -46.90 10.05 8.27
C VAL H 47 -46.61 9.92 6.78
N VAL H 48 -47.58 10.25 5.94
CA VAL H 48 -47.39 10.32 4.49
C VAL H 48 -47.50 11.78 4.08
N PRO H 49 -46.54 12.32 3.33
CA PRO H 49 -46.59 13.72 2.91
C PRO H 49 -47.86 14.03 2.13
N PRO H 50 -48.53 15.12 2.46
CA PRO H 50 -49.74 15.51 1.71
C PRO H 50 -49.41 15.87 0.27
N ILE H 51 -50.44 15.85 -0.56
CA ILE H 51 -50.32 16.25 -1.97
C ILE H 51 -50.70 17.73 -2.06
N SER H 52 -49.72 18.56 -2.42
CA SER H 52 -49.90 20.01 -2.49
C SER H 52 -50.09 20.41 -3.95
N LEU H 53 -51.35 20.65 -4.33
CA LEU H 53 -51.66 21.06 -5.70
C LEU H 53 -51.46 22.53 -5.92
N SER H 54 -51.53 23.32 -4.84
CA SER H 54 -51.57 24.78 -4.93
C SER H 54 -50.46 25.33 -5.80
N THR H 55 -50.84 26.17 -6.78
CA THR H 55 -49.86 26.75 -7.68
C THR H 55 -49.04 27.84 -6.99
N THR H 56 -49.60 28.50 -5.98
CA THR H 56 -49.01 29.70 -5.43
C THR H 56 -49.01 29.64 -3.90
N PHE H 57 -48.19 30.48 -3.29
CA PHE H 57 -47.97 30.43 -1.84
C PHE H 57 -47.92 31.83 -1.26
N LYS H 58 -48.55 32.00 -0.11
CA LYS H 58 -48.60 33.30 0.57
C LYS H 58 -47.20 33.76 0.95
N GLN H 59 -46.91 35.03 0.67
CA GLN H 59 -45.61 35.63 0.95
C GLN H 59 -45.77 36.80 1.91
N GLY H 60 -44.62 37.31 2.36
CA GLY H 60 -44.60 38.55 3.11
C GLY H 60 -45.25 38.47 4.47
N ALA H 61 -45.03 37.40 5.19
CA ALA H 61 -45.44 37.29 6.58
C ALA H 61 -44.22 37.34 7.49
N PRO H 62 -44.40 37.74 8.74
CA PRO H 62 -43.26 37.75 9.68
C PRO H 62 -42.69 36.34 9.86
N GLY H 63 -41.38 36.23 9.68
CA GLY H 63 -40.69 34.96 9.84
C GLY H 63 -39.82 34.60 8.65
N SER H 66 -41.28 29.40 4.64
CA SER H 66 -40.95 30.64 3.93
C SER H 66 -40.20 30.32 2.62
N GLY H 67 -40.28 29.07 2.19
CA GLY H 67 -39.48 28.61 1.07
C GLY H 67 -40.19 28.34 -0.23
N PHE H 68 -41.43 28.80 -0.41
CA PHE H 68 -42.18 28.47 -1.61
C PHE H 68 -42.77 29.72 -2.24
N ILE H 69 -42.59 29.84 -3.55
CA ILE H 69 -43.06 30.98 -4.32
C ILE H 69 -44.10 30.51 -5.32
N TYR H 70 -43.68 29.65 -6.25
CA TYR H 70 -44.50 29.25 -7.38
C TYR H 70 -44.27 27.78 -7.65
N SER H 71 -45.37 27.06 -7.91
CA SER H 71 -45.33 25.60 -8.01
C SER H 71 -44.28 25.11 -8.99
N ARG H 72 -44.15 25.79 -10.12
CA ARG H 72 -43.23 25.34 -11.17
C ARG H 72 -41.79 25.32 -10.67
N LEU H 73 -41.35 26.39 -10.02
CA LEU H 73 -39.99 26.41 -9.49
C LEU H 73 -39.81 25.36 -8.39
N GLY H 74 -40.82 25.19 -7.53
CA GLY H 74 -40.74 24.20 -6.48
C GLY H 74 -42.00 24.11 -5.64
N ASN H 75 -42.29 22.92 -5.13
CA ASN H 75 -43.45 22.68 -4.29
C ASN H 75 -43.13 21.52 -3.36
N PRO H 76 -43.82 21.41 -2.22
CA PRO H 76 -43.44 20.40 -1.22
C PRO H 76 -43.39 18.97 -1.75
N THR H 77 -44.46 18.51 -2.41
CA THR H 77 -44.54 17.10 -2.81
C THR H 77 -43.44 16.74 -3.81
N ARG H 78 -43.22 17.61 -4.80
CA ARG H 78 -42.14 17.34 -5.75
C ARG H 78 -40.78 17.33 -5.06
N ASN H 79 -40.58 18.23 -4.10
CA ASN H 79 -39.31 18.30 -3.40
C ASN H 79 -39.05 17.02 -2.61
N CYS H 80 -40.06 16.54 -1.88
CA CYS H 80 -39.92 15.30 -1.12
C CYS H 80 -39.51 14.14 -2.00
N LEU H 81 -40.07 14.05 -3.20
CA LEU H 81 -39.66 12.99 -4.13
C LEU H 81 -38.22 13.19 -4.59
N GLU H 82 -37.82 14.44 -4.83
CA GLU H 82 -36.45 14.70 -5.25
C GLU H 82 -35.46 14.40 -4.13
N LYS H 83 -35.82 14.72 -2.88
CA LYS H 83 -34.99 14.30 -1.75
C LYS H 83 -34.83 12.79 -1.71
N ALA H 84 -35.92 12.06 -1.97
CA ALA H 84 -35.91 10.61 -1.83
C ALA H 84 -35.10 9.95 -2.94
N VAL H 85 -35.33 10.38 -4.19
CA VAL H 85 -34.63 9.77 -5.32
C VAL H 85 -33.13 9.98 -5.19
N ALA H 86 -32.72 11.20 -4.79
CA ALA H 86 -31.31 11.50 -4.63
C ALA H 86 -30.65 10.54 -3.64
N ALA H 87 -31.29 10.35 -2.47
CA ALA H 87 -30.75 9.42 -1.49
C ALA H 87 -30.62 8.02 -2.07
N LEU H 88 -31.58 7.61 -2.91
CA LEU H 88 -31.51 6.28 -3.52
C LEU H 88 -30.41 6.20 -4.57
N ASP H 89 -30.09 7.32 -5.21
CA ASP H 89 -28.97 7.36 -6.15
C ASP H 89 -27.64 7.58 -5.47
N GLY H 90 -27.62 7.77 -4.15
CA GLY H 90 -26.42 8.23 -3.50
C GLY H 90 -25.99 9.60 -3.98
N ALA H 91 -26.94 10.45 -4.36
CA ALA H 91 -26.68 11.77 -4.90
C ALA H 91 -26.96 12.85 -3.85
N LYS H 92 -26.43 14.04 -4.13
CA LYS H 92 -26.72 15.20 -3.29
C LYS H 92 -28.00 15.90 -3.70
N TYR H 93 -28.31 15.92 -5.00
CA TYR H 93 -29.48 16.62 -5.53
C TYR H 93 -30.19 15.74 -6.55
N CYS H 94 -31.47 16.04 -6.76
CA CYS H 94 -32.26 15.36 -7.78
C CYS H 94 -33.35 16.31 -8.30
N LEU H 95 -33.67 16.18 -9.59
CA LEU H 95 -34.70 16.99 -10.22
C LEU H 95 -35.70 16.09 -10.93
N ALA H 96 -36.99 16.32 -10.70
CA ALA H 96 -38.05 15.58 -11.35
C ALA H 96 -38.58 16.35 -12.56
N PHE H 97 -39.03 15.62 -13.58
CA PHE H 97 -39.49 16.23 -14.81
C PHE H 97 -40.73 15.49 -15.32
N ALA H 98 -41.41 16.13 -16.27
CA ALA H 98 -42.70 15.63 -16.77
C ALA H 98 -42.58 14.28 -17.46
N SER H 99 -41.38 13.88 -17.86
CA SER H 99 -41.15 12.61 -18.54
C SER H 99 -39.65 12.42 -18.65
N GLY H 100 -39.25 11.16 -18.86
CA GLY H 100 -37.84 10.89 -19.13
C GLY H 100 -37.36 11.62 -20.37
N MET H 101 -38.22 11.69 -21.39
CA MET H 101 -37.90 12.49 -22.57
C MET H 101 -37.70 13.96 -22.20
N ALA H 102 -38.54 14.48 -21.31
CA ALA H 102 -38.40 15.87 -20.87
C ALA H 102 -37.09 16.07 -20.13
N ALA H 103 -36.69 15.09 -19.31
CA ALA H 103 -35.40 15.18 -18.62
C ALA H 103 -34.26 15.22 -19.62
N THR H 104 -34.31 14.38 -20.65
CA THR H 104 -33.26 14.35 -21.66
C THR H 104 -33.13 15.71 -22.35
N VAL H 105 -34.26 16.28 -22.78
CA VAL H 105 -34.24 17.58 -23.42
C VAL H 105 -33.65 18.63 -22.49
N THR H 106 -34.02 18.59 -21.21
CA THR H 106 -33.50 19.56 -20.26
C THR H 106 -32.00 19.41 -20.07
N ILE H 107 -31.49 18.17 -20.07
CA ILE H 107 -30.06 17.95 -19.92
C ILE H 107 -29.30 18.52 -21.12
N THR H 108 -29.83 18.31 -22.32
CA THR H 108 -29.17 18.83 -23.52
C THR H 108 -29.15 20.35 -23.54
N HIS H 109 -30.12 20.99 -22.88
CA HIS H 109 -30.13 22.45 -22.80
C HIS H 109 -28.98 23.00 -21.97
N LEU H 110 -28.19 22.13 -21.33
CA LEU H 110 -27.01 22.58 -20.60
C LEU H 110 -25.94 23.14 -21.55
N LEU H 111 -26.03 22.84 -22.83
CA LEU H 111 -24.98 23.12 -23.80
C LEU H 111 -25.26 24.45 -24.51
N LYS H 112 -24.65 24.64 -25.68
CA LYS H 112 -24.84 25.83 -26.49
C LYS H 112 -24.53 25.48 -27.94
N ALA H 113 -24.77 26.44 -28.83
CA ALA H 113 -24.47 26.26 -30.24
C ALA H 113 -22.96 26.23 -30.46
N GLY H 114 -22.46 25.11 -30.99
CA GLY H 114 -21.05 24.84 -31.13
C GLY H 114 -20.60 23.52 -30.51
N ASP H 115 -21.36 22.98 -29.56
CA ASP H 115 -20.94 21.77 -28.84
C ASP H 115 -21.32 20.53 -29.62
N GLN H 116 -20.66 19.42 -29.28
CA GLN H 116 -20.90 18.12 -29.90
C GLN H 116 -21.34 17.13 -28.84
N ILE H 117 -22.26 16.23 -29.23
CA ILE H 117 -22.82 15.22 -28.33
C ILE H 117 -22.40 13.84 -28.83
N ILE H 118 -21.88 13.02 -27.92
CA ILE H 118 -21.57 11.63 -28.20
C ILE H 118 -22.64 10.77 -27.54
N CYS H 119 -23.29 9.91 -28.33
CA CYS H 119 -24.39 9.10 -27.85
C CYS H 119 -24.14 7.64 -28.18
N MET H 120 -24.47 6.76 -27.23
CA MET H 120 -24.33 5.32 -27.43
C MET H 120 -25.07 4.87 -28.69
N ASP H 121 -24.48 3.91 -29.39
CA ASP H 121 -25.04 3.50 -30.68
C ASP H 121 -26.40 2.84 -30.52
N ASP H 122 -26.59 2.07 -29.44
CA ASP H 122 -27.87 1.42 -29.16
C ASP H 122 -28.54 2.19 -28.03
N VAL H 123 -29.56 2.98 -28.38
CA VAL H 123 -30.29 3.78 -27.42
C VAL H 123 -31.79 3.57 -27.65
N TYR H 124 -32.59 4.12 -26.73
CA TYR H 124 -34.02 4.14 -26.91
C TYR H 124 -34.39 5.07 -28.06
N GLY H 125 -35.43 4.68 -28.81
CA GLY H 125 -35.75 5.39 -30.05
C GLY H 125 -36.06 6.86 -29.86
N GLY H 126 -36.55 7.24 -28.68
CA GLY H 126 -36.83 8.64 -28.41
C GLY H 126 -35.58 9.45 -28.19
N THR H 127 -34.62 8.88 -27.45
CA THR H 127 -33.31 9.50 -27.30
C THR H 127 -32.64 9.68 -28.65
N ASN H 128 -32.69 8.64 -29.49
CA ASN H 128 -32.11 8.70 -30.82
C ASN H 128 -32.79 9.77 -31.67
N ALA H 129 -34.11 9.85 -31.62
CA ALA H 129 -34.85 10.74 -32.52
C ALA H 129 -34.72 12.19 -32.10
N TYR H 130 -34.59 12.48 -30.80
CA TYR H 130 -34.44 13.86 -30.37
C TYR H 130 -33.09 14.44 -30.79
N PHE H 131 -32.02 13.66 -30.60
CA PHE H 131 -30.70 14.12 -31.02
C PHE H 131 -30.61 14.29 -32.52
N ARG H 132 -31.11 13.29 -33.27
CA ARG H 132 -30.92 13.28 -34.72
C ARG H 132 -31.85 14.28 -35.43
N GLN H 133 -33.07 14.46 -34.93
CA GLN H 133 -34.07 15.23 -35.65
C GLN H 133 -34.31 16.63 -35.09
N VAL H 134 -34.00 16.89 -33.82
CA VAL H 134 -34.35 18.16 -33.20
C VAL H 134 -33.11 18.92 -32.77
N ALA H 135 -32.32 18.33 -31.88
CA ALA H 135 -31.14 19.02 -31.34
C ALA H 135 -30.16 19.39 -32.44
N SER H 136 -30.07 18.58 -33.50
CA SER H 136 -29.13 18.84 -34.58
C SER H 136 -29.48 20.10 -35.37
N GLU H 137 -30.73 20.57 -35.28
CA GLU H 137 -31.13 21.81 -35.96
C GLU H 137 -30.71 23.05 -35.20
N PHE H 138 -30.01 22.92 -34.09
CA PHE H 138 -29.66 24.04 -33.23
C PHE H 138 -28.17 24.08 -32.97
N GLY H 139 -27.37 23.81 -34.01
CA GLY H 139 -25.93 23.91 -33.90
C GLY H 139 -25.27 22.91 -32.98
N LEU H 140 -25.90 21.76 -32.77
CA LEU H 140 -25.30 20.68 -31.99
C LEU H 140 -24.95 19.53 -32.91
N LYS H 141 -23.69 19.08 -32.82
CA LYS H 141 -23.18 18.00 -33.65
C LYS H 141 -23.40 16.69 -32.91
N ILE H 142 -24.03 15.73 -33.58
CA ILE H 142 -24.44 14.48 -32.95
C ILE H 142 -23.69 13.32 -33.59
N SER H 143 -22.93 12.59 -32.78
CA SER H 143 -22.16 11.43 -33.21
C SER H 143 -22.56 10.23 -32.36
N PHE H 144 -23.01 9.17 -33.02
CA PHE H 144 -23.35 7.92 -32.35
C PHE H 144 -22.20 6.94 -32.47
N VAL H 145 -21.68 6.52 -31.32
CA VAL H 145 -20.43 5.77 -31.23
C VAL H 145 -20.66 4.51 -30.41
N ASP H 146 -20.02 3.42 -30.82
CA ASP H 146 -20.07 2.16 -30.08
C ASP H 146 -19.20 2.31 -28.84
N CYS H 147 -19.78 2.92 -27.79
CA CYS H 147 -19.01 3.12 -26.56
C CYS H 147 -18.86 1.85 -25.75
N SER H 148 -19.40 0.72 -26.20
CA SER H 148 -19.06 -0.55 -25.58
C SER H 148 -17.58 -0.85 -25.75
N LYS H 149 -17.01 -0.49 -26.90
CA LYS H 149 -15.58 -0.62 -27.15
C LYS H 149 -14.96 0.76 -27.28
N ILE H 150 -13.91 0.99 -26.50
CA ILE H 150 -13.60 2.34 -26.01
C ILE H 150 -12.77 3.16 -26.99
N LYS H 151 -11.77 2.58 -27.66
CA LYS H 151 -11.02 3.45 -28.58
C LYS H 151 -11.88 3.92 -29.74
N LEU H 152 -13.03 3.29 -29.99
CA LEU H 152 -14.06 3.93 -30.82
C LEU H 152 -14.58 5.21 -30.17
N LEU H 153 -14.67 5.22 -28.83
CA LEU H 153 -15.05 6.42 -28.10
C LEU H 153 -13.94 7.46 -28.09
N GLU H 154 -12.73 7.07 -27.68
CA GLU H 154 -11.60 8.01 -27.61
C GLU H 154 -11.29 8.59 -28.98
N ALA H 155 -11.49 7.82 -30.05
CA ALA H 155 -11.28 8.33 -31.40
C ALA H 155 -12.34 9.35 -31.81
N ALA H 156 -13.54 9.26 -31.23
CA ALA H 156 -14.61 10.17 -31.58
C ALA H 156 -14.57 11.46 -30.80
N ILE H 157 -13.94 11.50 -29.62
CA ILE H 157 -13.99 12.69 -28.79
C ILE H 157 -13.18 13.79 -29.46
N THR H 158 -13.78 14.98 -29.55
CA THR H 158 -13.17 16.17 -30.12
C THR H 158 -13.22 17.29 -29.10
N PRO H 159 -12.46 18.37 -29.31
CA PRO H 159 -12.57 19.52 -28.39
C PRO H 159 -13.95 20.16 -28.37
N GLU H 160 -14.84 19.79 -29.27
CA GLU H 160 -16.21 20.30 -29.29
C GLU H 160 -17.18 19.42 -28.52
N THR H 161 -16.72 18.34 -27.92
CA THR H 161 -17.58 17.39 -27.22
C THR H 161 -17.80 17.84 -25.78
N LYS H 162 -19.06 18.07 -25.42
CA LYS H 162 -19.41 18.50 -24.08
C LYS H 162 -20.37 17.56 -23.36
N LEU H 163 -20.89 16.55 -24.03
CA LEU H 163 -21.83 15.61 -23.43
C LEU H 163 -21.62 14.23 -23.99
N VAL H 164 -21.53 13.23 -23.11
CA VAL H 164 -21.50 11.83 -23.50
C VAL H 164 -22.71 11.17 -22.85
N TRP H 165 -23.62 10.66 -23.69
CA TRP H 165 -24.87 10.05 -23.23
C TRP H 165 -24.80 8.56 -23.46
N ILE H 166 -24.67 7.78 -22.38
CA ILE H 166 -24.60 6.34 -22.49
C ILE H 166 -25.75 5.73 -21.69
N GLU H 167 -26.06 4.48 -22.05
CA GLU H 167 -27.27 3.79 -21.59
C GLU H 167 -26.89 2.34 -21.35
N THR H 168 -26.85 1.92 -20.09
CA THR H 168 -26.42 0.54 -19.80
C THR H 168 -27.33 -0.14 -18.79
N PRO H 169 -27.88 -1.33 -19.11
CA PRO H 169 -27.71 -1.93 -20.44
C PRO H 169 -28.52 -1.21 -21.52
N THR H 170 -28.18 -1.46 -22.78
CA THR H 170 -28.79 -0.73 -23.89
C THR H 170 -30.20 -1.25 -24.18
N ASN H 171 -30.97 -0.43 -24.88
CA ASN H 171 -32.35 -0.76 -25.22
C ASN H 171 -32.46 -0.96 -26.73
N PRO H 172 -32.76 -2.19 -27.20
CA PRO H 172 -33.06 -3.37 -26.40
C PRO H 172 -32.00 -4.48 -26.42
N THR H 173 -30.92 -4.31 -27.19
CA THR H 173 -29.90 -5.34 -27.30
C THR H 173 -29.21 -5.62 -25.96
N GLN H 174 -29.27 -4.69 -25.00
CA GLN H 174 -28.73 -4.89 -23.65
C GLN H 174 -27.23 -5.16 -23.69
N LYS H 175 -26.51 -4.34 -24.43
CA LYS H 175 -25.07 -4.27 -24.31
C LYS H 175 -24.73 -3.49 -23.05
N VAL H 176 -23.75 -3.96 -22.30
CA VAL H 176 -23.42 -3.41 -20.99
C VAL H 176 -22.13 -2.62 -21.12
N ILE H 177 -22.09 -1.44 -20.51
CA ILE H 177 -20.95 -0.54 -20.61
C ILE H 177 -20.25 -0.44 -19.25
N ASP H 178 -18.92 -0.46 -19.29
CA ASP H 178 -18.11 -0.15 -18.12
C ASP H 178 -18.33 1.33 -17.76
N ILE H 179 -19.11 1.60 -16.70
CA ILE H 179 -19.35 2.98 -16.31
C ILE H 179 -18.09 3.61 -15.71
N GLU H 180 -17.38 2.87 -14.87
CA GLU H 180 -16.14 3.38 -14.29
C GLU H 180 -15.06 3.54 -15.35
N GLY H 181 -14.90 2.55 -16.23
CA GLY H 181 -13.91 2.67 -17.29
C GLY H 181 -14.21 3.85 -18.20
N CYS H 182 -15.44 3.93 -18.71
CA CYS H 182 -15.83 5.04 -19.58
C CYS H 182 -15.64 6.37 -18.87
N ALA H 183 -16.13 6.49 -17.63
CA ALA H 183 -16.06 7.76 -16.91
C ALA H 183 -14.61 8.26 -16.80
N HIS H 184 -13.70 7.37 -16.39
CA HIS H 184 -12.29 7.74 -16.29
C HIS H 184 -11.76 8.23 -17.64
N ILE H 185 -12.25 7.67 -18.73
CA ILE H 185 -11.75 8.02 -20.06
C ILE H 185 -12.37 9.33 -20.54
N VAL H 186 -13.63 9.60 -20.20
CA VAL H 186 -14.29 10.80 -20.67
C VAL H 186 -13.79 12.03 -19.89
N HIS H 187 -13.49 11.87 -18.61
CA HIS H 187 -13.21 13.00 -17.72
C HIS H 187 -11.74 13.43 -17.73
N LYS H 188 -10.90 12.83 -18.56
CA LYS H 188 -9.52 13.28 -18.71
C LYS H 188 -9.40 14.47 -19.65
N HIS H 189 -10.47 14.77 -20.41
CA HIS H 189 -10.48 15.79 -21.46
C HIS H 189 -10.89 17.16 -20.94
N GLY H 190 -10.67 17.47 -19.67
CA GLY H 190 -11.17 18.72 -19.15
C GLY H 190 -12.64 18.62 -18.81
N ASP H 191 -13.45 19.58 -19.28
CA ASP H 191 -14.84 19.75 -18.85
C ASP H 191 -15.77 19.04 -19.83
N ILE H 192 -16.17 17.81 -19.51
CA ILE H 192 -17.13 17.05 -20.29
C ILE H 192 -18.09 16.33 -19.33
N ILE H 193 -19.36 16.29 -19.69
CA ILE H 193 -20.41 15.71 -18.84
C ILE H 193 -20.71 14.29 -19.30
N LEU H 194 -20.68 13.34 -18.36
CA LEU H 194 -21.08 11.97 -18.62
C LEU H 194 -22.46 11.72 -18.02
N VAL H 195 -23.40 11.28 -18.83
CA VAL H 195 -24.74 10.94 -18.41
C VAL H 195 -24.96 9.45 -18.60
N VAL H 196 -25.49 8.79 -17.59
CA VAL H 196 -25.90 7.40 -17.67
C VAL H 196 -27.41 7.33 -17.50
N ASP H 197 -28.09 6.83 -18.53
CA ASP H 197 -29.51 6.50 -18.44
C ASP H 197 -29.64 5.17 -17.71
N ASN H 198 -30.05 5.23 -16.45
CA ASN H 198 -30.10 4.07 -15.57
C ASN H 198 -31.52 3.48 -15.47
N THR H 199 -32.30 3.61 -16.53
CA THR H 199 -33.69 3.16 -16.48
C THR H 199 -33.80 1.65 -16.28
N PHE H 200 -33.01 0.88 -17.03
CA PHE H 200 -33.16 -0.57 -17.03
C PHE H 200 -32.76 -1.22 -15.71
N MET H 201 -32.00 -0.53 -14.87
CA MET H 201 -31.47 -1.15 -13.65
C MET H 201 -32.11 -0.63 -12.37
N SER H 202 -32.38 0.69 -12.30
CA SER H 202 -32.86 1.39 -11.11
C SER H 202 -31.73 1.51 -10.09
N PRO H 203 -31.74 2.52 -9.23
CA PRO H 203 -30.64 2.70 -8.27
C PRO H 203 -30.52 1.56 -7.27
N TYR H 204 -31.46 0.62 -7.26
CA TYR H 204 -31.32 -0.55 -6.41
C TYR H 204 -30.28 -1.53 -6.94
N PHE H 205 -30.03 -1.52 -8.24
CA PHE H 205 -29.10 -2.46 -8.85
C PHE H 205 -27.86 -1.81 -9.45
N GLN H 206 -27.87 -0.49 -9.67
CA GLN H 206 -26.74 0.17 -10.30
C GLN H 206 -26.76 1.65 -9.93
N ARG H 207 -25.62 2.15 -9.45
CA ARG H 207 -25.47 3.56 -9.05
C ARG H 207 -24.41 4.22 -9.92
N PRO H 208 -24.79 4.82 -11.04
CA PRO H 208 -23.80 5.42 -11.94
C PRO H 208 -22.96 6.52 -11.29
N LEU H 209 -23.53 7.30 -10.36
CA LEU H 209 -22.75 8.35 -9.73
C LEU H 209 -21.62 7.80 -8.88
N ALA H 210 -21.83 6.63 -8.25
CA ALA H 210 -20.77 5.98 -7.50
C ALA H 210 -19.69 5.39 -8.40
N LEU H 211 -19.98 5.26 -9.70
CA LEU H 211 -19.03 4.70 -10.65
C LEU H 211 -18.31 5.78 -11.46
N GLY H 212 -18.55 7.05 -11.18
CA GLY H 212 -17.86 8.14 -11.84
C GLY H 212 -18.71 8.95 -12.79
N ALA H 213 -19.95 8.56 -13.03
CA ALA H 213 -20.82 9.31 -13.91
C ALA H 213 -21.14 10.67 -13.31
N ASP H 214 -21.42 11.64 -14.18
CA ASP H 214 -21.79 12.97 -13.71
C ASP H 214 -23.28 13.05 -13.40
N ILE H 215 -24.11 12.37 -14.18
CA ILE H 215 -25.55 12.44 -14.05
C ILE H 215 -26.13 11.03 -14.14
N SER H 216 -26.97 10.67 -13.18
CA SER H 216 -27.79 9.47 -13.23
C SER H 216 -29.19 9.88 -13.64
N MET H 217 -29.65 9.37 -14.78
CA MET H 217 -30.93 9.76 -15.36
C MET H 217 -31.85 8.54 -15.48
N TYR H 218 -33.13 8.75 -15.21
CA TYR H 218 -34.13 7.71 -15.29
C TYR H 218 -35.33 8.16 -16.10
N SER H 219 -35.94 7.20 -16.78
CA SER H 219 -37.33 7.32 -17.21
C SER H 219 -38.16 6.74 -16.07
N ALA H 220 -38.61 7.60 -15.15
CA ALA H 220 -39.35 7.13 -13.98
C ALA H 220 -40.61 6.39 -14.37
N THR H 221 -41.13 6.62 -15.57
CA THR H 221 -42.28 5.93 -16.12
C THR H 221 -42.21 4.41 -15.97
N1 LLP H 222 -35.20 6.17 -21.64
C2 LLP H 222 -35.24 4.83 -21.60
C2' LLP H 222 -33.92 4.03 -21.36
C3 LLP H 222 -36.47 4.14 -21.77
O3 LLP H 222 -36.50 2.74 -21.73
C4 LLP H 222 -37.64 4.85 -22.00
C4' LLP H 222 -39.05 4.06 -22.19
C5 LLP H 222 -37.60 6.20 -22.03
C6 LLP H 222 -36.39 6.89 -21.86
C5' LLP H 222 -38.92 7.01 -22.27
OP4 LLP H 222 -38.90 8.20 -21.51
P LLP H 222 -40.24 8.70 -20.93
OP1 LLP H 222 -40.50 10.12 -21.43
OP2 LLP H 222 -40.19 8.69 -19.45
OP3 LLP H 222 -41.34 7.80 -21.38
N LLP H 222 -41.00 3.88 -15.86
CA LLP H 222 -40.78 2.43 -15.83
CB LLP H 222 -39.60 2.10 -16.71
CG LLP H 222 -40.03 2.22 -18.17
CD LLP H 222 -39.76 3.62 -18.74
CE LLP H 222 -40.27 3.70 -20.19
NZ LLP H 222 -39.25 3.16 -21.11
C LLP H 222 -40.59 1.94 -14.43
O LLP H 222 -41.48 2.09 -13.61
N TYR H 223 -39.41 1.36 -14.15
CA TYR H 223 -39.16 0.68 -12.88
C TYR H 223 -39.35 1.55 -11.64
N MET H 224 -38.93 2.83 -11.73
CA MET H 224 -38.93 3.73 -10.59
C MET H 224 -40.32 3.78 -9.96
N ASN H 225 -41.29 4.32 -10.69
CA ASN H 225 -42.67 4.30 -10.23
C ASN H 225 -43.19 2.86 -10.18
N GLY H 226 -42.91 2.08 -11.22
CA GLY H 226 -43.18 0.66 -11.24
C GLY H 226 -44.63 0.26 -11.32
N HIS H 227 -45.54 1.19 -11.60
CA HIS H 227 -46.97 0.87 -11.56
C HIS H 227 -47.70 1.28 -12.84
N SER H 228 -46.95 1.53 -13.92
CA SER H 228 -47.51 1.76 -15.26
C SER H 228 -48.54 2.87 -15.29
N ASP H 229 -48.50 3.81 -14.35
CA ASP H 229 -49.53 4.83 -14.26
C ASP H 229 -48.98 6.25 -14.14
N VAL H 230 -47.67 6.44 -14.36
CA VAL H 230 -47.05 7.75 -14.21
C VAL H 230 -45.98 7.91 -15.27
N VAL H 231 -46.01 9.02 -15.99
CA VAL H 231 -44.93 9.41 -16.90
C VAL H 231 -44.11 10.49 -16.21
N MET H 232 -42.80 10.28 -16.12
CA MET H 232 -41.95 11.14 -15.31
C MET H 232 -40.50 10.86 -15.62
N GLY H 233 -39.67 11.90 -15.51
CA GLY H 233 -38.23 11.77 -15.65
C GLY H 233 -37.48 12.18 -14.40
N LEU H 234 -36.28 11.64 -14.21
CA LEU H 234 -35.50 11.91 -13.01
C LEU H 234 -34.04 12.12 -13.39
N VAL H 235 -33.40 13.09 -12.75
CA VAL H 235 -32.01 13.42 -12.99
C VAL H 235 -31.33 13.64 -11.63
N SER H 236 -30.36 12.79 -11.29
CA SER H 236 -29.59 12.91 -10.07
C SER H 236 -28.19 13.38 -10.42
N VAL H 237 -27.61 14.22 -9.56
CA VAL H 237 -26.34 14.87 -9.86
C VAL H 237 -25.60 15.17 -8.56
N ASN H 238 -24.28 15.23 -8.65
CA ASN H 238 -23.40 15.59 -7.54
C ASN H 238 -22.78 16.97 -7.72
N CYS H 239 -22.28 17.27 -8.92
CA CYS H 239 -21.54 18.49 -9.17
C CYS H 239 -22.39 19.72 -8.88
N GLU H 240 -21.83 20.66 -8.11
CA GLU H 240 -22.61 21.80 -7.63
C GLU H 240 -22.95 22.76 -8.76
N SER H 241 -21.99 23.05 -9.65
CA SER H 241 -22.29 23.93 -10.78
C SER H 241 -23.23 23.26 -11.76
N LEU H 242 -23.07 21.95 -11.97
CA LEU H 242 -23.97 21.20 -12.83
C LEU H 242 -25.41 21.25 -12.32
N HIS H 243 -25.59 21.17 -11.00
CA HIS H 243 -26.92 21.22 -10.43
C HIS H 243 -27.55 22.60 -10.60
N ASN H 244 -26.77 23.67 -10.35
CA ASN H 244 -27.31 25.02 -10.46
C ASN H 244 -27.77 25.32 -11.88
N ARG H 245 -26.98 24.90 -12.88
CA ARG H 245 -27.42 25.05 -14.26
C ARG H 245 -28.67 24.25 -14.53
N LEU H 246 -28.73 23.02 -14.03
CA LEU H 246 -29.89 22.16 -14.26
C LEU H 246 -31.13 22.70 -13.54
N ARG H 247 -30.96 23.14 -12.29
CA ARG H 247 -32.08 23.68 -11.54
C ARG H 247 -32.66 24.91 -12.24
N PHE H 248 -31.80 25.72 -12.86
CA PHE H 248 -32.29 26.88 -13.61
C PHE H 248 -33.09 26.43 -14.83
N LEU H 249 -32.54 25.49 -15.60
CA LEU H 249 -33.24 25.01 -16.79
C LEU H 249 -34.58 24.36 -16.44
N GLN H 250 -34.66 23.72 -15.26
CA GLN H 250 -35.92 23.13 -14.84
C GLN H 250 -37.03 24.17 -14.79
N ASN H 251 -36.75 25.35 -14.23
CA ASN H 251 -37.74 26.41 -14.20
C ASN H 251 -37.87 27.09 -15.56
N SER H 252 -36.75 27.35 -16.24
CA SER H 252 -36.81 28.12 -17.48
C SER H 252 -37.56 27.36 -18.58
N LEU H 253 -37.40 26.04 -18.64
CA LEU H 253 -38.09 25.26 -19.66
C LEU H 253 -39.44 24.73 -19.18
N GLY H 254 -39.59 24.49 -17.89
CA GLY H 254 -40.90 24.20 -17.31
C GLY H 254 -41.45 22.82 -17.53
N ALA H 255 -40.64 21.86 -17.99
CA ALA H 255 -41.11 20.48 -18.18
C ALA H 255 -41.23 19.77 -16.83
N VAL H 256 -42.11 20.32 -16.00
CA VAL H 256 -42.21 19.97 -14.58
C VAL H 256 -43.30 18.93 -14.39
N PRO H 257 -43.14 17.98 -13.47
CA PRO H 257 -44.17 16.96 -13.25
C PRO H 257 -45.29 17.46 -12.35
N SER H 258 -46.43 16.80 -12.46
CA SER H 258 -47.55 17.12 -11.59
C SER H 258 -47.24 16.67 -10.17
N PRO H 259 -47.64 17.44 -9.16
CA PRO H 259 -47.49 16.97 -7.77
C PRO H 259 -48.19 15.65 -7.49
N ILE H 260 -49.34 15.39 -8.13
CA ILE H 260 -50.02 14.11 -7.91
C ILE H 260 -49.18 12.96 -8.43
N ASP H 261 -48.56 13.14 -9.60
CA ASP H 261 -47.66 12.12 -10.12
C ASP H 261 -46.38 12.03 -9.32
N CYS H 262 -45.89 13.18 -8.84
CA CYS H 262 -44.79 13.17 -7.88
C CYS H 262 -45.15 12.31 -6.68
N TYR H 263 -46.37 12.49 -6.14
CA TYR H 263 -46.81 11.66 -5.02
C TYR H 263 -46.88 10.19 -5.41
N LEU H 264 -47.45 9.91 -6.58
CA LEU H 264 -47.60 8.52 -7.00
C LEU H 264 -46.26 7.85 -7.21
N CYS H 265 -45.28 8.59 -7.75
CA CYS H 265 -43.96 8.02 -7.96
C CYS H 265 -43.24 7.80 -6.63
N ASN H 266 -43.38 8.73 -5.69
CA ASN H 266 -42.84 8.52 -4.35
C ASN H 266 -43.53 7.34 -3.68
N ARG H 267 -44.80 7.11 -4.01
CA ARG H 267 -45.52 5.95 -3.48
C ARG H 267 -44.95 4.65 -4.01
N GLY H 268 -44.66 4.60 -5.32
CA GLY H 268 -44.07 3.40 -5.90
C GLY H 268 -42.65 3.15 -5.44
N LEU H 269 -41.94 4.21 -5.04
CA LEU H 269 -40.58 4.03 -4.54
C LEU H 269 -40.56 3.24 -3.24
N LYS H 270 -41.61 3.40 -2.42
CA LYS H 270 -41.69 2.70 -1.14
C LYS H 270 -41.63 1.19 -1.30
N THR H 271 -41.94 0.67 -2.48
CA THR H 271 -41.84 -0.76 -2.76
C THR H 271 -40.80 -1.06 -3.83
N LEU H 272 -39.92 -0.11 -4.15
CA LEU H 272 -38.96 -0.33 -5.23
C LEU H 272 -38.02 -1.49 -4.92
N HIS H 273 -37.63 -1.65 -3.65
CA HIS H 273 -36.67 -2.70 -3.32
C HIS H 273 -37.31 -4.08 -3.44
N VAL H 274 -38.50 -4.26 -2.86
CA VAL H 274 -39.15 -5.57 -2.93
C VAL H 274 -39.58 -5.89 -4.35
N ARG H 275 -39.89 -4.87 -5.16
CA ARG H 275 -40.25 -5.13 -6.55
C ARG H 275 -39.04 -5.51 -7.38
N MET H 276 -37.94 -4.75 -7.27
CA MET H 276 -36.74 -5.04 -8.05
C MET H 276 -36.17 -6.40 -7.72
N GLU H 277 -36.27 -6.82 -6.45
CA GLU H 277 -35.73 -8.12 -6.06
C GLU H 277 -36.49 -9.25 -6.72
N ARG H 278 -37.81 -9.12 -6.84
CA ARG H 278 -38.59 -10.15 -7.52
C ARG H 278 -38.47 -10.05 -9.03
N HIS H 279 -38.31 -8.83 -9.56
CA HIS H 279 -37.97 -8.67 -10.97
C HIS H 279 -36.69 -9.45 -11.29
N PHE H 280 -35.73 -9.44 -10.36
CA PHE H 280 -34.51 -10.22 -10.52
C PHE H 280 -34.82 -11.71 -10.57
N LYS H 281 -35.54 -12.21 -9.55
CA LYS H 281 -35.81 -13.64 -9.45
C LYS H 281 -36.64 -14.14 -10.64
N ASN H 282 -37.70 -13.40 -10.99
CA ASN H 282 -38.52 -13.79 -12.13
C ASN H 282 -37.74 -13.66 -13.43
N GLY H 283 -36.99 -12.57 -13.58
CA GLY H 283 -36.24 -12.37 -14.81
C GLY H 283 -35.15 -13.41 -15.01
N MET H 284 -34.49 -13.80 -13.91
CA MET H 284 -33.49 -14.86 -13.99
C MET H 284 -34.11 -16.16 -14.49
N ALA H 285 -35.19 -16.61 -13.83
CA ALA H 285 -35.84 -17.86 -14.22
C ALA H 285 -36.32 -17.81 -15.66
N VAL H 286 -36.93 -16.69 -16.07
CA VAL H 286 -37.39 -16.55 -17.46
C VAL H 286 -36.21 -16.68 -18.42
N ALA H 287 -35.09 -16.03 -18.09
CA ALA H 287 -33.91 -16.11 -18.94
C ALA H 287 -33.35 -17.52 -18.97
N GLN H 288 -33.28 -18.19 -17.81
CA GLN H 288 -32.76 -19.55 -17.76
C GLN H 288 -33.65 -20.50 -18.56
N PHE H 289 -34.97 -20.35 -18.42
CA PHE H 289 -35.90 -21.19 -19.19
C PHE H 289 -35.68 -21.04 -20.69
N LEU H 290 -35.52 -19.79 -21.15
CA LEU H 290 -35.42 -19.53 -22.58
C LEU H 290 -34.15 -20.10 -23.18
N GLU H 291 -33.05 -20.12 -22.42
CA GLU H 291 -31.77 -20.57 -22.98
C GLU H 291 -31.80 -22.06 -23.28
N SER H 292 -32.45 -22.85 -22.42
CA SER H 292 -32.55 -24.29 -22.63
C SER H 292 -33.71 -24.68 -23.52
N ASN H 293 -34.39 -23.71 -24.15
CA ASN H 293 -35.59 -24.07 -24.89
C ASN H 293 -35.23 -24.38 -26.35
N PRO H 294 -35.80 -25.46 -26.89
CA PRO H 294 -35.45 -25.88 -28.26
C PRO H 294 -35.86 -24.92 -29.35
N TRP H 295 -36.68 -23.90 -29.06
CA TRP H 295 -37.16 -22.98 -30.09
C TRP H 295 -36.66 -21.56 -29.87
N VAL H 296 -35.62 -21.38 -29.06
CA VAL H 296 -35.01 -20.08 -28.82
C VAL H 296 -33.59 -20.13 -29.35
N GLU H 297 -33.24 -19.18 -30.22
CA GLU H 297 -31.91 -19.18 -30.83
C GLU H 297 -30.85 -18.61 -29.90
N LYS H 298 -31.16 -17.53 -29.19
CA LYS H 298 -30.17 -16.87 -28.36
C LYS H 298 -30.88 -15.99 -27.33
N VAL H 299 -30.29 -15.91 -26.14
CA VAL H 299 -30.84 -15.14 -25.02
C VAL H 299 -29.82 -14.09 -24.61
N ILE H 300 -30.31 -12.86 -24.38
CA ILE H 300 -29.48 -11.77 -23.87
C ILE H 300 -30.05 -11.35 -22.53
N TYR H 301 -29.35 -11.69 -21.46
CA TYR H 301 -29.73 -11.24 -20.12
C TYR H 301 -28.48 -11.06 -19.28
N PRO H 302 -28.25 -9.86 -18.75
CA PRO H 302 -27.00 -9.59 -18.01
C PRO H 302 -26.72 -10.57 -16.88
N GLY H 303 -27.75 -11.12 -16.25
CA GLY H 303 -27.56 -12.08 -15.18
C GLY H 303 -27.15 -13.46 -15.61
N LEU H 304 -27.19 -13.74 -16.92
CA LEU H 304 -26.77 -15.05 -17.40
C LEU H 304 -25.26 -15.05 -17.68
N PRO H 305 -24.55 -16.13 -17.33
CA PRO H 305 -23.14 -16.23 -17.72
C PRO H 305 -22.94 -16.22 -19.22
N SER H 306 -24.00 -16.47 -20.00
CA SER H 306 -23.94 -16.36 -21.45
C SER H 306 -23.76 -14.94 -21.94
N HIS H 307 -23.92 -13.94 -21.06
CA HIS H 307 -23.86 -12.55 -21.51
C HIS H 307 -22.42 -12.16 -21.80
N PRO H 308 -22.18 -11.47 -22.93
CA PRO H 308 -20.82 -11.06 -23.28
C PRO H 308 -20.13 -10.23 -22.21
N GLN H 309 -20.87 -9.41 -21.46
CA GLN H 309 -20.32 -8.60 -20.39
C GLN H 309 -20.77 -9.08 -19.01
N HIS H 310 -21.11 -10.36 -18.89
CA HIS H 310 -21.74 -10.86 -17.67
C HIS H 310 -20.90 -10.56 -16.44
N GLU H 311 -19.58 -10.68 -16.55
CA GLU H 311 -18.72 -10.40 -15.41
C GLU H 311 -18.53 -8.90 -15.19
N LEU H 312 -18.71 -8.09 -16.24
CA LEU H 312 -18.72 -6.64 -16.03
C LEU H 312 -19.97 -6.21 -15.27
N VAL H 313 -21.11 -6.82 -15.57
CA VAL H 313 -22.32 -6.51 -14.82
C VAL H 313 -22.12 -6.81 -13.34
N LYS H 314 -21.41 -7.90 -13.03
CA LYS H 314 -21.20 -8.28 -11.64
C LYS H 314 -20.18 -7.41 -10.91
N ARG H 315 -19.34 -6.67 -11.63
CA ARG H 315 -18.40 -5.77 -10.99
C ARG H 315 -18.89 -4.33 -10.93
N GLN H 316 -20.07 -4.03 -11.48
CA GLN H 316 -20.67 -2.72 -11.34
C GLN H 316 -22.13 -2.74 -10.86
N CYS H 317 -22.76 -3.90 -10.73
CA CYS H 317 -24.15 -3.98 -10.33
C CYS H 317 -24.32 -4.93 -9.14
N THR H 318 -25.36 -4.68 -8.35
CA THR H 318 -25.74 -5.56 -7.25
C THR H 318 -26.74 -6.63 -7.68
N GLY H 319 -27.13 -6.63 -8.95
CA GLY H 319 -28.14 -7.55 -9.44
C GLY H 319 -28.58 -7.13 -10.83
N CYS H 320 -29.75 -7.62 -11.24
CA CYS H 320 -30.29 -7.29 -12.54
C CYS H 320 -31.80 -7.17 -12.45
N GLY H 321 -32.36 -6.41 -13.39
CA GLY H 321 -33.79 -6.21 -13.46
C GLY H 321 -34.49 -7.35 -14.18
N GLY H 322 -35.77 -7.11 -14.48
CA GLY H 322 -36.58 -8.09 -15.16
C GLY H 322 -36.59 -7.99 -16.67
N MET H 323 -35.70 -7.20 -17.26
CA MET H 323 -35.67 -7.06 -18.72
C MET H 323 -34.90 -8.22 -19.32
N VAL H 324 -35.58 -9.02 -20.14
CA VAL H 324 -34.99 -10.16 -20.82
C VAL H 324 -35.30 -10.04 -22.31
N THR H 325 -34.27 -10.06 -23.14
CA THR H 325 -34.44 -10.04 -24.59
C THR H 325 -33.84 -11.30 -25.17
N PHE H 326 -34.47 -11.80 -26.25
CA PHE H 326 -34.05 -13.06 -26.82
C PHE H 326 -34.41 -13.09 -28.31
N TYR H 327 -33.78 -14.01 -29.01
CA TYR H 327 -34.06 -14.27 -30.42
C TYR H 327 -34.84 -15.58 -30.53
N ILE H 328 -35.99 -15.53 -31.18
CA ILE H 328 -36.77 -16.74 -31.47
C ILE H 328 -36.22 -17.36 -32.75
N LYS H 329 -36.17 -18.69 -32.80
CA LYS H 329 -35.71 -19.33 -34.02
C LYS H 329 -36.83 -19.32 -35.06
N GLY H 330 -36.46 -19.00 -36.30
CA GLY H 330 -37.40 -18.94 -37.40
C GLY H 330 -37.36 -17.56 -38.05
N THR H 331 -38.55 -17.10 -38.44
CA THR H 331 -38.67 -15.85 -39.16
C THR H 331 -39.55 -14.87 -38.39
N LEU H 332 -40.02 -13.81 -39.04
CA LEU H 332 -41.02 -12.95 -38.41
C LEU H 332 -42.33 -13.69 -38.20
N GLN H 333 -42.65 -14.65 -39.07
CA GLN H 333 -43.87 -15.43 -38.94
C GLN H 333 -43.95 -16.10 -37.57
N HIS H 334 -42.82 -16.59 -37.05
CA HIS H 334 -42.85 -17.32 -35.78
C HIS H 334 -42.84 -16.38 -34.59
N ALA H 335 -42.07 -15.29 -34.68
CA ALA H 335 -42.11 -14.27 -33.64
C ALA H 335 -43.53 -13.74 -33.45
N GLU H 336 -44.30 -13.65 -34.53
CA GLU H 336 -45.67 -13.16 -34.43
C GLU H 336 -46.56 -14.18 -33.72
N ILE H 337 -46.64 -15.40 -34.25
CA ILE H 337 -47.47 -16.44 -33.63
C ILE H 337 -47.18 -16.56 -32.14
N PHE H 338 -45.89 -16.48 -31.77
CA PHE H 338 -45.52 -16.53 -30.36
C PHE H 338 -46.16 -15.37 -29.59
N LEU H 339 -46.07 -14.15 -30.13
CA LEU H 339 -46.60 -12.99 -29.41
C LEU H 339 -48.13 -13.01 -29.34
N LYS H 340 -48.79 -13.63 -30.32
CA LYS H 340 -50.24 -13.70 -30.30
C LYS H 340 -50.75 -14.72 -29.30
N ASN H 341 -49.95 -15.76 -29.00
CA ASN H 341 -50.38 -16.83 -28.12
C ASN H 341 -50.06 -16.58 -26.65
N LEU H 342 -49.33 -15.51 -26.35
CA LEU H 342 -49.12 -15.13 -24.95
C LEU H 342 -50.45 -14.76 -24.32
N LYS H 343 -50.73 -15.33 -23.15
CA LYS H 343 -51.95 -15.04 -22.42
C LYS H 343 -51.70 -14.23 -21.15
N LEU H 344 -50.48 -14.25 -20.63
CA LEU H 344 -50.08 -13.48 -19.46
C LEU H 344 -49.23 -12.27 -19.82
N PHE H 345 -48.16 -12.48 -20.57
CA PHE H 345 -47.41 -11.37 -21.14
C PHE H 345 -48.31 -10.57 -22.07
N THR H 346 -48.44 -9.27 -21.81
CA THR H 346 -49.26 -8.40 -22.64
C THR H 346 -48.42 -7.83 -23.77
N LEU H 347 -48.90 -7.98 -25.00
CA LEU H 347 -48.25 -7.36 -26.14
C LEU H 347 -48.47 -5.86 -26.07
N ALA H 348 -47.43 -5.12 -25.68
CA ALA H 348 -47.55 -3.69 -25.44
C ALA H 348 -46.16 -3.08 -25.32
N VAL H 349 -46.13 -1.75 -25.41
CA VAL H 349 -44.91 -0.96 -25.38
C VAL H 349 -44.62 -0.67 -23.90
N SER H 350 -43.46 -0.06 -23.60
CA SER H 350 -43.04 0.33 -22.25
C SER H 350 -42.58 -0.88 -21.45
N LEU H 351 -42.12 -0.66 -20.22
CA LEU H 351 -41.46 -1.71 -19.45
C LEU H 351 -41.43 -1.30 -17.97
N GLY H 352 -40.92 -2.20 -17.14
CA GLY H 352 -40.64 -1.89 -15.75
C GLY H 352 -41.83 -1.89 -14.81
N GLY H 353 -42.98 -2.43 -15.24
CA GLY H 353 -44.16 -2.47 -14.41
C GLY H 353 -44.32 -3.81 -13.71
N PHE H 354 -45.33 -3.86 -12.83
CA PHE H 354 -45.63 -5.12 -12.14
C PHE H 354 -46.20 -6.17 -13.09
N GLU H 355 -46.75 -5.76 -14.23
CA GLU H 355 -47.31 -6.67 -15.21
C GLU H 355 -46.26 -7.00 -16.25
N SER H 356 -46.27 -8.25 -16.71
CA SER H 356 -45.32 -8.69 -17.72
C SER H 356 -45.73 -8.17 -19.09
N LEU H 357 -44.79 -7.57 -19.80
CA LEU H 357 -45.03 -7.03 -21.13
C LEU H 357 -44.11 -7.71 -22.14
N ALA H 358 -44.59 -7.78 -23.38
CA ALA H 358 -43.81 -8.37 -24.47
C ALA H 358 -44.01 -7.52 -25.70
N GLU H 359 -42.99 -7.51 -26.57
CA GLU H 359 -42.99 -6.62 -27.71
C GLU H 359 -41.93 -7.10 -28.69
N LEU H 360 -42.14 -6.79 -29.98
CA LEU H 360 -41.10 -7.00 -30.99
C LEU H 360 -40.59 -5.65 -31.44
N PRO H 361 -39.39 -5.24 -30.99
CA PRO H 361 -38.97 -3.84 -31.20
C PRO H 361 -38.79 -3.42 -32.65
N ALA H 362 -38.55 -4.36 -33.57
CA ALA H 362 -38.40 -3.99 -34.97
C ALA H 362 -39.66 -3.35 -35.53
N SER H 363 -40.82 -3.67 -34.96
CA SER H 363 -42.08 -3.15 -35.43
C SER H 363 -42.71 -2.12 -34.49
N MET H 364 -42.21 -1.99 -33.26
CA MET H 364 -42.93 -1.24 -32.23
C MET H 364 -42.10 -0.11 -31.63
N THR H 365 -41.06 -0.41 -30.85
CA THR H 365 -40.34 0.67 -30.18
C THR H 365 -39.14 1.18 -30.98
N HIS H 366 -38.57 0.38 -31.88
CA HIS H 366 -37.47 0.81 -32.72
C HIS H 366 -37.84 0.77 -34.20
N ALA H 367 -39.11 1.04 -34.50
CA ALA H 367 -39.55 1.17 -35.89
C ALA H 367 -39.22 2.55 -36.45
N SER H 368 -38.95 3.52 -35.58
CA SER H 368 -38.57 4.86 -36.03
C SER H 368 -37.19 4.85 -36.66
N LEU H 370 -33.99 4.23 -38.36
CA LEU H 370 -33.49 3.80 -39.66
C LEU H 370 -33.20 2.30 -39.62
N LYS H 371 -33.38 1.63 -40.77
CA LYS H 371 -33.37 0.18 -40.81
C LYS H 371 -31.96 -0.41 -40.87
N ASN H 372 -31.02 0.28 -41.49
CA ASN H 372 -29.66 -0.24 -41.59
C ASN H 372 -28.83 0.01 -40.33
N ASP H 373 -29.39 0.68 -39.32
CA ASP H 373 -28.82 0.64 -37.98
C ASP H 373 -29.44 -0.46 -37.13
N ARG H 374 -30.53 -1.06 -37.59
CA ARG H 374 -31.16 -2.15 -36.85
C ARG H 374 -30.47 -3.49 -37.14
N ASP H 375 -29.87 -3.63 -38.32
CA ASP H 375 -29.12 -4.83 -38.66
C ASP H 375 -27.69 -4.79 -38.13
N VAL H 376 -27.16 -3.60 -37.84
CA VAL H 376 -25.82 -3.49 -37.31
C VAL H 376 -25.82 -3.71 -35.79
N LEU H 377 -26.83 -3.19 -35.11
CA LEU H 377 -26.94 -3.31 -33.66
C LEU H 377 -27.51 -4.66 -33.24
N GLY H 378 -28.06 -5.42 -34.17
CA GLY H 378 -28.62 -6.72 -33.86
C GLY H 378 -30.12 -6.76 -33.65
N ILE H 379 -30.81 -5.64 -33.89
CA ILE H 379 -32.27 -5.60 -33.72
C ILE H 379 -32.93 -6.23 -34.93
N SER H 380 -32.77 -7.54 -35.07
CA SER H 380 -33.27 -8.26 -36.24
C SER H 380 -34.79 -8.40 -36.14
N ASP H 381 -35.35 -9.29 -36.95
CA ASP H 381 -36.78 -9.52 -36.98
C ASP H 381 -37.23 -10.60 -36.00
N THR H 382 -36.28 -11.26 -35.33
CA THR H 382 -36.61 -12.25 -34.31
C THR H 382 -36.20 -11.79 -32.92
N LEU H 383 -35.74 -10.55 -32.78
CA LEU H 383 -35.38 -10.01 -31.47
C LEU H 383 -36.65 -9.59 -30.75
N ILE H 384 -36.94 -10.25 -29.63
CA ILE H 384 -38.11 -9.96 -28.83
C ILE H 384 -37.64 -9.46 -27.47
N ARG H 385 -38.26 -8.38 -27.00
CA ARG H 385 -37.96 -7.85 -25.67
C ARG H 385 -39.10 -8.22 -24.73
N LEU H 386 -38.75 -8.79 -23.58
CA LEU H 386 -39.70 -9.11 -22.53
C LEU H 386 -39.43 -8.22 -21.33
N SER H 387 -40.48 -7.66 -20.75
CA SER H 387 -40.42 -7.05 -19.43
C SER H 387 -41.07 -8.04 -18.48
N VAL H 388 -40.26 -8.68 -17.64
CA VAL H 388 -40.76 -9.73 -16.75
C VAL H 388 -41.36 -9.06 -15.50
N GLY H 389 -42.65 -9.26 -15.30
CA GLY H 389 -43.36 -8.65 -14.20
C GLY H 389 -43.22 -9.44 -12.90
N LEU H 390 -44.15 -9.17 -11.99
CA LEU H 390 -44.12 -9.76 -10.65
C LEU H 390 -45.12 -10.89 -10.48
N GLU H 391 -45.65 -11.43 -11.57
CA GLU H 391 -46.56 -12.56 -11.47
C GLU H 391 -45.81 -13.79 -10.95
N ASP H 392 -46.56 -14.88 -10.75
CA ASP H 392 -45.95 -16.13 -10.34
C ASP H 392 -45.02 -16.64 -11.44
N GLU H 393 -43.81 -17.03 -11.04
CA GLU H 393 -42.84 -17.56 -11.97
C GLU H 393 -43.40 -18.74 -12.76
N GLU H 394 -44.12 -19.63 -12.07
CA GLU H 394 -44.71 -20.80 -12.72
C GLU H 394 -45.62 -20.38 -13.87
N ASP H 395 -46.52 -19.43 -13.61
CA ASP H 395 -47.45 -18.99 -14.64
C ASP H 395 -46.73 -18.26 -15.77
N LEU H 396 -45.72 -17.46 -15.43
CA LEU H 396 -44.94 -16.78 -16.47
C LEU H 396 -44.19 -17.80 -17.33
N LEU H 397 -43.58 -18.80 -16.71
CA LEU H 397 -42.85 -19.82 -17.47
C LEU H 397 -43.79 -20.63 -18.33
N GLU H 398 -44.95 -21.02 -17.80
CA GLU H 398 -45.89 -21.81 -18.58
C GLU H 398 -46.46 -21.01 -19.75
N ASP H 399 -46.69 -19.71 -19.56
CA ASP H 399 -47.15 -18.87 -20.65
C ASP H 399 -46.15 -18.88 -21.80
N LEU H 400 -44.87 -18.70 -21.50
CA LEU H 400 -43.85 -18.71 -22.54
C LEU H 400 -43.73 -20.09 -23.19
N ASP H 401 -43.80 -21.15 -22.39
CA ASP H 401 -43.67 -22.50 -22.92
C ASP H 401 -44.82 -22.81 -23.88
N GLN H 402 -46.05 -22.53 -23.46
CA GLN H 402 -47.21 -22.77 -24.32
C GLN H 402 -47.12 -21.94 -25.61
N ALA H 403 -46.72 -20.67 -25.48
CA ALA H 403 -46.68 -19.79 -26.65
C ALA H 403 -45.58 -20.21 -27.63
N LEU H 404 -44.43 -20.68 -27.12
CA LEU H 404 -43.37 -21.12 -28.01
C LEU H 404 -43.77 -22.38 -28.76
N LYS H 405 -44.42 -23.33 -28.08
CA LYS H 405 -44.92 -24.52 -28.76
C LYS H 405 -45.95 -24.17 -29.82
N ALA H 406 -46.68 -23.06 -29.64
CA ALA H 406 -47.68 -22.67 -30.61
C ALA H 406 -47.05 -22.10 -31.88
N ALA H 407 -45.89 -21.45 -31.76
CA ALA H 407 -45.18 -20.95 -32.93
C ALA H 407 -44.48 -22.07 -33.70
N HIS H 408 -44.24 -23.21 -33.06
CA HIS H 408 -43.47 -24.30 -33.65
C HIS H 408 -44.16 -25.62 -33.34
N PRO H 409 -45.27 -25.91 -34.03
CA PRO H 409 -46.08 -27.11 -33.78
C PRO H 409 -45.56 -28.34 -34.51
S SO4 I . 58.99 -24.14 29.76
O1 SO4 I . 58.66 -25.06 30.84
O2 SO4 I . 59.18 -24.89 28.53
O3 SO4 I . 60.24 -23.44 30.05
O4 SO4 I . 57.91 -23.18 29.58
S SO4 J . 64.58 11.16 2.47
O1 SO4 J . 65.36 9.94 2.38
O2 SO4 J . 64.50 11.59 3.87
O3 SO4 J . 65.19 12.22 1.67
O4 SO4 J . 63.24 10.91 2.00
#